data_5G0R
#
_entry.id   5G0R
#
_cell.length_a   82.200
_cell.length_b   118.101
_cell.length_c   122.640
_cell.angle_alpha   90.00
_cell.angle_beta   92.03
_cell.angle_gamma   90.00
#
_symmetry.space_group_name_H-M   'P 1 21 1'
#
loop_
_entity.id
_entity.type
_entity.pdbx_description
1 polymer 'METHYL-COENZYME M REDUCTASE I SUBUNIT ALPHA'
2 polymer 'METHYL-COENZYME M REDUCTASE I SUBUNIT BETA'
3 polymer 'METHYL-COENZYME M REDUCTASE I SUBUNIT GAMMA'
4 non-polymer 'MAGNESIUM ION'
5 non-polymer 'FACTOR 430'
6 non-polymer 'Coenzyme B'
7 non-polymer 'SODIUM ION'
8 non-polymer 'POTASSIUM ION'
9 non-polymer 'CHLORIDE ION'
10 water water
#
loop_
_entity_poly.entity_id
_entity_poly.type
_entity_poly.pdbx_seq_one_letter_code
_entity_poly.pdbx_strand_id
1 'polypeptide(L)'
;MADKLFINALKKKFEESPEEKKTTFYTLGGWKQSERKTEFVNAGKEVAAKRGIPQYNPDIGTPLGQRVLMPYQVSTTDTY
VEGDDLHFVNNAAMQQMWDDIRRTVIVGLNHAHAVIEKRLGKEVTPETITHYLETVNHAMPGAAVVQEHMVETHPALVAD
SYVKVFTGNDEIADEIDPAFVIDINKQFPEDQAETLKAEVGDGIWQVVRIPTIVSRTCDGATTSRWSAMQIGMSMISAYK
QAAGEAATGDFAYAAK(MHS)AEVIHMGTYLPVR(AGM)ARGENEPGGVPFGYLADICQSSRVNYEDPVRVSLDVVATGA
MLYDQIWLGSYMSGGVGFTQYATAAYTDNILDDFTYFGKEYVEDKYGLCEAPNNMDTVLDVATEVTFYGLEQYEEYPALL
EDQFGGS(MGN)RAAVVAAAAGCSTAFATGNAQTGLSGWYLSMYLHKEQHSRLGFY(GL3)YDLQ(DYA)Q(SMC)GASN
VFSIRGDEGLPLELRGPNYPNYAMNVGHQGEYAGISQAPHAARGDAFVFNPLVKIAFADDNLVFDFTNVRGEFAKGALRE
FEPAGERALITPAK
;
A,D
2 'polypeptide(L)'
;MAKFEDKVDLYDDRGNLVEEQVPLEALSPLRNPAIKSIVQGIKRTVAVNLEGIENALKTAKVGGPACKIMGRELDLDIVG
NAESIAAAAKEMIQVTEDDDTNVELLGGGKRALVQVPSARFDVAAEYSAAPLVTATAFVQAIINEFDVSMYDANMVKAAV
LGRYPQSVEYMGANIATMLDIPQKLEGPGYALRNIMVNHVVAATLKNTLQAAALSTILEQTAMFEMGDAVGAFERMHLLG
LAYQGMNADNLVFDLVKANGKEGTVGSVIADLVERALEDGVIKVEKELTDYKVYGTDDLAMWNAYAAAGLMAATMVNQGA
ARAAQGVSSTLLYYNDLIEFETGLPSVDFGKVEGTAVGFSFFSHSIYGGGGPGIFNGNHIVTRHSKGFAIPCVAAAMALD
AGTQMFSPEATSGLIKEVFSQVDEFREPLKYVVEAAAEIKNEI
;
B,E
3 'polypeptide(L)'
;MAQYYPGTTKVAQNRRNFCNPEYELEKLREISDEDVVKILGHRAPGEEYPSVHPPLEEMDEPEDAIREMVEPIDGAKAGD
RVRYIQFTDSMYFAPAQPYVRSRAYLCRYRGADAGTLSGRQIIETRERDLEKISKELLETEFFDPARSGVRGKSVHGHSL
RLDEDGMMFDMLRRQIYNKDTGRVEMVKNQIGDELDEPVDLGEPLDEETLMEKTTIYRVDGEAYRDDVEAVEIMQRIHVL
RSQGGFNLE
;
C,F
#
loop_
_chem_comp.id
_chem_comp.type
_chem_comp.name
_chem_comp.formula
CL non-polymer 'CHLORIDE ION' 'Cl -1'
F43 non-polymer 'FACTOR 430' 'C42 H51 N6 Ni O13 1'
K non-polymer 'POTASSIUM ION' 'K 1'
MG non-polymer 'MAGNESIUM ION' 'Mg 2'
NA non-polymer 'SODIUM ION' 'Na 1'
TP7 non-polymer 'Coenzyme B' 'C11 H22 N O7 P S'
#
# COMPACT_ATOMS: atom_id res chain seq x y z
N ALA A 2 -43.87 24.39 16.79
CA ALA A 2 -42.61 24.96 17.25
C ALA A 2 -41.78 25.42 16.07
N ASP A 3 -40.85 26.33 16.31
CA ASP A 3 -39.90 26.72 15.29
C ASP A 3 -39.18 25.48 14.77
N LYS A 4 -38.94 25.43 13.47
CA LYS A 4 -37.97 24.49 12.92
C LYS A 4 -36.65 24.61 13.69
N LEU A 5 -35.87 23.54 13.75
CA LEU A 5 -34.72 23.52 14.66
C LEU A 5 -33.59 24.42 14.19
N PHE A 6 -33.64 24.81 12.91
CA PHE A 6 -32.59 25.63 12.33
C PHE A 6 -32.89 27.14 12.41
N ILE A 7 -34.05 27.52 12.92
CA ILE A 7 -34.44 28.94 12.90
C ILE A 7 -33.50 29.81 13.74
N ASN A 8 -33.10 29.35 14.93
CA ASN A 8 -32.22 30.15 15.76
C ASN A 8 -30.92 30.44 15.02
N ALA A 9 -30.36 29.44 14.35
CA ALA A 9 -29.12 29.65 13.64
C ALA A 9 -29.28 30.63 12.48
N LEU A 10 -30.36 30.53 11.74
CA LEU A 10 -30.58 31.46 10.62
C LEU A 10 -30.75 32.90 11.12
N LYS A 11 -31.44 33.07 12.25
CA LYS A 11 -31.61 34.41 12.83
C LYS A 11 -30.27 34.98 13.29
N LYS A 12 -29.36 34.13 13.77
CA LYS A 12 -28.02 34.59 14.17
C LYS A 12 -27.23 35.05 12.95
N LYS A 13 -27.37 34.37 11.81
CA LYS A 13 -26.54 34.67 10.65
C LYS A 13 -26.85 35.95 9.92
N PHE A 14 -28.14 36.26 9.83
CA PHE A 14 -28.61 37.32 8.94
C PHE A 14 -29.51 38.31 9.68
N GLU A 15 -29.51 39.54 9.21
CA GLU A 15 -30.38 40.55 9.81
C GLU A 15 -31.84 40.31 9.46
N GLU A 16 -32.08 39.78 8.25
CA GLU A 16 -33.44 39.49 7.82
C GLU A 16 -34.02 38.30 8.57
N SER A 17 -35.35 38.24 8.66
CA SER A 17 -36.00 37.03 9.12
CA SER A 17 -36.02 37.03 9.12
C SER A 17 -35.75 35.92 8.09
N PRO A 18 -35.80 34.65 8.53
CA PRO A 18 -35.35 33.57 7.63
C PRO A 18 -36.18 33.40 6.37
N GLU A 19 -37.42 33.88 6.42
CA GLU A 19 -38.34 33.77 5.32
C GLU A 19 -38.09 34.84 4.24
N GLU A 20 -37.35 35.89 4.58
CA GLU A 20 -37.22 37.01 3.64
C GLU A 20 -36.46 36.60 2.38
N LYS A 21 -36.97 37.04 1.26
CA LYS A 21 -36.48 36.63 -0.05
C LYS A 21 -35.32 37.46 -0.64
N LYS A 22 -35.16 38.68 -0.18
CA LYS A 22 -34.20 39.64 -0.76
C LYS A 22 -33.28 40.17 0.28
N THR A 23 -32.09 40.58 -0.17
CA THR A 23 -31.10 41.17 0.69
C THR A 23 -30.28 42.19 -0.08
N THR A 24 -29.24 42.70 0.55
CA THR A 24 -28.31 43.59 -0.13
CA THR A 24 -28.28 43.60 -0.10
C THR A 24 -26.90 43.05 0.09
N PHE A 25 -26.11 43.10 -0.96
CA PHE A 25 -24.76 42.56 -0.97
C PHE A 25 -23.77 43.70 -1.15
N TYR A 26 -22.49 43.38 -1.09
CA TYR A 26 -21.38 44.20 -1.58
C TYR A 26 -21.07 45.38 -0.67
N THR A 27 -21.65 45.42 0.51
CA THR A 27 -21.46 46.59 1.41
C THR A 27 -20.80 46.25 2.72
N LEU A 28 -20.16 45.08 2.82
CA LEU A 28 -19.63 44.61 4.08
C LEU A 28 -18.13 44.81 4.21
N GLY A 29 -17.50 45.37 3.21
CA GLY A 29 -16.05 45.56 3.22
C GLY A 29 -15.25 44.29 2.90
N GLY A 30 -15.86 43.31 2.24
CA GLY A 30 -15.12 42.12 1.88
C GLY A 30 -14.66 41.38 3.13
N TRP A 31 -13.38 41.03 3.17
CA TRP A 31 -12.83 40.26 4.29
C TRP A 31 -12.92 41.03 5.58
N LYS A 32 -13.00 42.37 5.50
CA LYS A 32 -12.94 43.20 6.69
C LYS A 32 -14.15 43.00 7.61
N GLN A 33 -15.20 42.37 7.11
CA GLN A 33 -16.36 42.06 7.95
C GLN A 33 -16.07 40.99 9.00
N SER A 34 -14.99 40.25 8.80
CA SER A 34 -14.75 39.01 9.53
C SER A 34 -13.60 39.14 10.51
N GLU A 35 -13.86 38.84 11.78
CA GLU A 35 -12.82 38.74 12.80
C GLU A 35 -11.74 37.77 12.38
N ARG A 36 -12.16 36.62 11.87
CA ARG A 36 -11.21 35.58 11.54
C ARG A 36 -10.36 35.94 10.31
N LYS A 37 -11.00 36.45 9.24
CA LYS A 37 -10.21 36.84 8.08
C LYS A 37 -9.23 37.94 8.46
N THR A 38 -9.66 38.86 9.33
CA THR A 38 -8.78 39.94 9.77
C THR A 38 -7.54 39.38 10.49
N GLU A 39 -7.77 38.40 11.38
CA GLU A 39 -6.68 37.69 12.05
C GLU A 39 -5.74 37.08 11.02
N PHE A 40 -6.32 36.48 9.97
CA PHE A 40 -5.51 35.80 8.96
C PHE A 40 -4.70 36.81 8.15
N VAL A 41 -5.30 37.93 7.78
CA VAL A 41 -4.57 38.96 7.03
C VAL A 41 -3.35 39.44 7.82
N ASN A 42 -3.58 39.74 9.10
CA ASN A 42 -2.51 40.21 9.93
C ASN A 42 -1.43 39.14 10.10
N ALA A 43 -1.83 37.89 10.29
CA ALA A 43 -0.86 36.82 10.45
C ALA A 43 -0.08 36.62 9.16
N GLY A 44 -0.74 36.71 8.03
CA GLY A 44 -0.03 36.54 6.78
C GLY A 44 1.07 37.57 6.56
N LYS A 45 0.79 38.81 6.95
CA LYS A 45 1.81 39.87 6.84
C LYS A 45 3.03 39.55 7.74
N GLU A 46 2.76 39.07 8.94
N GLU A 46 2.77 39.07 8.95
CA GLU A 46 3.82 38.72 9.90
CA GLU A 46 3.86 38.74 9.86
C GLU A 46 4.65 37.53 9.42
C GLU A 46 4.67 37.56 9.34
N VAL A 47 3.98 36.51 8.89
CA VAL A 47 4.64 35.33 8.37
C VAL A 47 5.52 35.69 7.18
N ALA A 48 4.99 36.45 6.25
CA ALA A 48 5.74 36.82 5.06
C ALA A 48 6.99 37.58 5.43
N ALA A 49 6.89 38.51 6.37
CA ALA A 49 8.02 39.29 6.75
C ALA A 49 9.05 38.41 7.45
N LYS A 50 8.58 37.54 8.31
CA LYS A 50 9.50 36.71 9.08
C LYS A 50 10.33 35.82 8.17
N ARG A 51 9.70 35.15 7.22
CA ARG A 51 10.38 34.13 6.42
C ARG A 51 10.92 34.67 5.09
N GLY A 52 10.53 35.88 4.68
CA GLY A 52 11.01 36.44 3.43
C GLY A 52 10.34 35.87 2.20
N ILE A 53 9.13 35.33 2.33
CA ILE A 53 8.36 34.82 1.18
C ILE A 53 6.92 35.23 1.39
N PRO A 54 6.32 35.93 0.40
CA PRO A 54 4.88 36.24 0.48
C PRO A 54 4.04 35.01 0.83
N GLN A 55 2.97 35.23 1.58
CA GLN A 55 2.08 34.14 1.98
C GLN A 55 0.64 34.61 1.87
N TYR A 56 -0.16 34.51 2.92
CA TYR A 56 -1.58 34.85 2.84
C TYR A 56 -1.72 36.33 2.49
N ASN A 57 -2.56 36.62 1.51
CA ASN A 57 -2.74 37.98 1.00
C ASN A 57 -4.16 38.10 0.49
N PRO A 58 -4.99 38.95 1.12
CA PRO A 58 -6.42 39.04 0.75
C PRO A 58 -6.64 39.63 -0.64
N ASP A 59 -5.60 40.18 -1.26
CA ASP A 59 -5.75 40.80 -2.58
C ASP A 59 -5.43 39.85 -3.74
N ILE A 60 -5.02 38.63 -3.41
CA ILE A 60 -4.81 37.62 -4.43
C ILE A 60 -6.13 37.01 -4.85
N GLY A 61 -6.31 36.83 -6.15
CA GLY A 61 -7.53 36.19 -6.64
C GLY A 61 -8.76 37.04 -6.35
N THR A 62 -9.90 36.40 -6.12
CA THR A 62 -11.15 37.11 -5.98
C THR A 62 -11.38 37.54 -4.54
N PRO A 63 -12.19 38.59 -4.34
CA PRO A 63 -12.31 39.20 -3.00
C PRO A 63 -13.42 38.55 -2.14
N LEU A 64 -13.04 37.69 -1.21
CA LEU A 64 -13.99 37.06 -0.32
C LEU A 64 -14.87 38.06 0.38
N GLY A 65 -16.08 37.64 0.65
CA GLY A 65 -16.97 38.42 1.48
C GLY A 65 -17.77 39.50 0.80
N GLN A 66 -18.15 39.24 -0.44
CA GLN A 66 -19.10 40.10 -1.13
C GLN A 66 -20.51 39.86 -0.60
N ARG A 67 -20.72 38.72 0.03
CA ARG A 67 -21.89 38.35 0.83
C ARG A 67 -21.49 38.22 2.28
N VAL A 68 -22.46 37.95 3.15
CA VAL A 68 -22.16 37.65 4.54
C VAL A 68 -21.32 36.39 4.63
N LEU A 69 -20.20 36.50 5.33
CA LEU A 69 -19.41 35.37 5.76
C LEU A 69 -20.00 34.91 7.10
N MET A 70 -20.67 33.77 7.07
CA MET A 70 -21.56 33.35 8.11
C MET A 70 -20.91 32.73 9.33
N PRO A 71 -21.50 32.94 10.50
CA PRO A 71 -21.26 32.01 11.60
C PRO A 71 -22.05 30.73 11.40
N TYR A 72 -21.56 29.66 12.01
CA TYR A 72 -22.26 28.36 12.04
C TYR A 72 -22.49 27.96 13.49
N GLN A 73 -23.70 27.49 13.79
CA GLN A 73 -24.01 26.87 15.06
C GLN A 73 -23.53 25.42 15.02
N VAL A 74 -22.71 24.95 15.95
CA VAL A 74 -22.43 23.52 15.98
C VAL A 74 -23.70 22.84 16.54
N SER A 75 -24.29 21.91 15.78
CA SER A 75 -25.57 21.35 16.17
C SER A 75 -25.47 20.66 17.52
N THR A 76 -26.54 20.82 18.30
CA THR A 76 -26.73 20.37 19.68
C THR A 76 -25.97 21.23 20.69
N THR A 77 -25.31 22.29 20.23
CA THR A 77 -24.63 23.24 21.10
C THR A 77 -25.19 24.63 20.93
N ASP A 78 -24.73 25.54 21.76
CA ASP A 78 -25.02 26.96 21.62
C ASP A 78 -23.79 27.73 21.17
N THR A 79 -22.86 27.02 20.54
CA THR A 79 -21.62 27.61 20.07
C THR A 79 -21.74 28.01 18.61
N TYR A 80 -21.47 29.28 18.35
CA TYR A 80 -21.49 29.86 17.02
C TYR A 80 -20.09 30.31 16.63
N VAL A 81 -19.57 29.81 15.51
CA VAL A 81 -18.23 30.14 15.06
C VAL A 81 -18.20 30.35 13.57
N GLU A 82 -17.30 31.20 13.10
CA GLU A 82 -17.01 31.22 11.68
C GLU A 82 -16.48 29.85 11.24
N GLY A 83 -16.72 29.51 9.98
CA GLY A 83 -16.42 28.18 9.48
C GLY A 83 -14.94 27.86 9.49
N ASP A 84 -14.07 28.87 9.47
CA ASP A 84 -12.64 28.61 9.51
C ASP A 84 -12.27 27.87 10.81
N ASP A 85 -13.04 28.07 11.89
CA ASP A 85 -12.75 27.43 13.16
C ASP A 85 -13.16 25.97 13.20
N LEU A 86 -13.81 25.51 12.13
CA LEU A 86 -14.17 24.11 11.92
C LEU A 86 -13.30 23.46 10.86
N HIS A 87 -12.32 24.17 10.32
CA HIS A 87 -11.32 23.55 9.43
C HIS A 87 -10.47 22.62 10.29
N PHE A 88 -10.17 21.42 9.82
CA PHE A 88 -9.43 20.52 10.70
C PHE A 88 -8.07 21.06 11.08
N VAL A 89 -7.45 21.86 10.23
CA VAL A 89 -6.13 22.41 10.54
C VAL A 89 -6.19 23.33 11.75
N ASN A 90 -7.32 24.02 11.88
CA ASN A 90 -7.50 25.07 12.88
C ASN A 90 -8.21 24.55 14.12
N ASN A 91 -8.42 23.25 14.20
CA ASN A 91 -9.26 22.69 15.25
C ASN A 91 -8.58 21.48 15.87
N ALA A 92 -8.03 21.65 17.06
CA ALA A 92 -7.25 20.61 17.67
C ALA A 92 -8.10 19.44 18.10
N ALA A 93 -9.38 19.67 18.38
CA ALA A 93 -10.28 18.56 18.72
C ALA A 93 -10.42 17.61 17.54
N MET A 94 -10.57 18.15 16.35
CA MET A 94 -10.69 17.32 15.15
C MET A 94 -9.42 16.51 14.91
N GLN A 95 -8.27 17.17 15.01
CA GLN A 95 -7.01 16.44 14.87
C GLN A 95 -6.90 15.34 15.93
N GLN A 96 -7.24 15.62 17.19
CA GLN A 96 -7.10 14.61 18.22
C GLN A 96 -8.09 13.48 18.04
N MET A 97 -9.28 13.75 17.50
CA MET A 97 -10.22 12.67 17.25
C MET A 97 -9.57 11.63 16.36
N TRP A 98 -8.96 12.09 15.27
CA TRP A 98 -8.28 11.20 14.35
C TRP A 98 -7.09 10.54 15.00
N ASP A 99 -6.26 11.27 15.73
CA ASP A 99 -5.12 10.63 16.40
C ASP A 99 -5.59 9.52 17.34
N ASP A 100 -6.66 9.74 18.09
CA ASP A 100 -7.11 8.76 19.06
C ASP A 100 -7.59 7.48 18.36
N ILE A 101 -8.16 7.59 17.15
CA ILE A 101 -8.50 6.39 16.38
C ILE A 101 -7.23 5.74 15.80
N ARG A 102 -6.40 6.55 15.15
CA ARG A 102 -5.22 6.07 14.44
C ARG A 102 -4.30 5.30 15.39
N ARG A 103 -4.15 5.79 16.63
CA ARG A 103 -3.20 5.26 17.58
C ARG A 103 -3.77 4.11 18.43
N THR A 104 -4.98 3.63 18.10
CA THR A 104 -5.61 2.54 18.83
C THR A 104 -5.61 1.24 18.01
N VAL A 105 -5.30 0.13 18.69
CA VAL A 105 -5.52 -1.21 18.19
CA VAL A 105 -5.66 -1.20 18.19
C VAL A 105 -6.14 -2.07 19.32
N ILE A 106 -6.86 -3.11 18.96
CA ILE A 106 -7.41 -4.04 19.91
C ILE A 106 -6.68 -5.36 19.74
N VAL A 107 -6.17 -5.94 20.83
CA VAL A 107 -5.26 -7.09 20.70
C VAL A 107 -5.64 -8.15 21.72
N GLY A 108 -6.05 -9.31 21.24
CA GLY A 108 -6.46 -10.36 22.16
C GLY A 108 -5.35 -10.87 23.03
N LEU A 109 -5.72 -11.46 24.17
CA LEU A 109 -4.80 -12.19 25.02
C LEU A 109 -5.07 -13.69 25.01
N ASN A 110 -5.94 -14.14 24.13
CA ASN A 110 -6.43 -15.49 24.22
C ASN A 110 -5.32 -16.46 23.71
N HIS A 111 -4.69 -16.18 22.57
CA HIS A 111 -3.52 -16.96 22.17
C HIS A 111 -2.33 -16.78 23.10
N ALA A 112 -2.07 -15.54 23.50
CA ALA A 112 -0.94 -15.28 24.40
C ALA A 112 -1.04 -16.10 25.68
N HIS A 113 -2.20 -16.09 26.31
CA HIS A 113 -2.38 -16.85 27.53
C HIS A 113 -2.26 -18.38 27.28
N ALA A 114 -2.71 -18.85 26.11
CA ALA A 114 -2.55 -20.26 25.75
C ALA A 114 -1.08 -20.59 25.54
N VAL A 115 -0.31 -19.71 24.91
CA VAL A 115 1.12 -19.96 24.73
C VAL A 115 1.74 -20.13 26.13
N ILE A 116 1.36 -19.24 27.03
CA ILE A 116 1.86 -19.28 28.40
C ILE A 116 1.47 -20.60 29.08
N GLU A 117 0.21 -20.98 28.98
CA GLU A 117 -0.27 -22.20 29.66
C GLU A 117 0.10 -23.48 28.90
N LYS A 118 0.12 -23.43 27.57
CA LYS A 118 0.29 -24.67 26.80
C LYS A 118 1.75 -24.92 26.40
N ARG A 119 2.41 -23.92 25.82
CA ARG A 119 3.77 -24.11 25.33
C ARG A 119 4.82 -23.96 26.42
N LEU A 120 4.62 -22.99 27.31
CA LEU A 120 5.50 -22.75 28.45
C LEU A 120 5.13 -23.54 29.69
N GLY A 121 3.85 -23.90 29.76
CA GLY A 121 3.31 -24.57 30.94
C GLY A 121 3.22 -23.77 32.24
N LYS A 122 2.80 -22.52 32.10
CA LYS A 122 2.63 -21.63 33.26
C LYS A 122 1.16 -21.20 33.41
N GLU A 123 0.77 -20.81 34.61
CA GLU A 123 -0.60 -20.40 34.95
C GLU A 123 -0.97 -18.94 34.61
N VAL A 124 -2.25 -18.64 34.27
CA VAL A 124 -2.74 -17.24 34.12
C VAL A 124 -3.98 -16.89 34.99
N THR A 125 -3.92 -15.85 35.81
CA THR A 125 -4.98 -15.47 36.76
C THR A 125 -5.21 -13.97 36.73
N PRO A 126 -6.27 -13.45 37.35
CA PRO A 126 -6.38 -11.99 37.43
C PRO A 126 -5.13 -11.34 38.05
N GLU A 127 -4.51 -12.02 39.01
CA GLU A 127 -3.30 -11.48 39.61
C GLU A 127 -2.14 -11.39 38.60
N THR A 128 -1.92 -12.44 37.83
CA THR A 128 -0.82 -12.37 36.84
C THR A 128 -1.17 -11.39 35.72
N ILE A 129 -2.44 -11.30 35.36
CA ILE A 129 -2.86 -10.34 34.34
C ILE A 129 -2.60 -8.92 34.87
N THR A 130 -2.92 -8.64 36.13
CA THR A 130 -2.66 -7.33 36.68
C THR A 130 -1.16 -7.00 36.65
N HIS A 131 -0.33 -7.96 37.03
CA HIS A 131 1.11 -7.76 37.01
C HIS A 131 1.59 -7.46 35.56
N TYR A 132 1.06 -8.21 34.60
CA TYR A 132 1.31 -7.96 33.19
C TYR A 132 0.87 -6.54 32.81
N LEU A 133 -0.28 -6.11 33.28
CA LEU A 133 -0.77 -4.78 32.91
C LEU A 133 0.05 -3.68 33.55
N GLU A 134 0.54 -3.86 34.77
CA GLU A 134 1.47 -2.90 35.34
C GLU A 134 2.72 -2.79 34.47
N THR A 135 3.20 -3.94 34.05
CA THR A 135 4.41 -4.01 33.24
C THR A 135 4.19 -3.30 31.88
N VAL A 136 3.11 -3.65 31.18
CA VAL A 136 2.92 -3.11 29.85
C VAL A 136 2.56 -1.63 29.92
N ASN A 137 2.00 -1.14 31.03
CA ASN A 137 1.77 0.28 31.13
C ASN A 137 3.02 1.09 31.43
N HIS A 138 4.06 0.44 31.95
CA HIS A 138 5.40 1.04 31.93
C HIS A 138 6.01 0.98 30.51
N ALA A 139 5.91 -0.18 29.87
CA ALA A 139 6.60 -0.40 28.61
C ALA A 139 5.97 0.31 27.40
N MET A 140 4.65 0.29 27.30
CA MET A 140 3.99 0.71 26.08
C MET A 140 4.36 2.13 25.64
N PRO A 141 4.47 3.10 26.56
CA PRO A 141 4.82 4.45 26.09
C PRO A 141 6.26 4.59 25.57
N GLY A 142 7.07 3.57 25.79
CA GLY A 142 8.44 3.49 25.28
C GLY A 142 9.51 3.42 26.35
N ALA A 143 9.30 2.53 27.34
CA ALA A 143 10.27 2.34 28.42
C ALA A 143 10.66 0.87 28.55
N ALA A 144 11.84 0.64 29.14
CA ALA A 144 12.51 -0.66 29.13
C ALA A 144 12.17 -1.55 30.31
N VAL A 145 12.24 -2.86 30.08
CA VAL A 145 12.02 -3.85 31.15
C VAL A 145 13.05 -4.95 31.24
N VAL A 146 13.92 -5.16 30.25
CA VAL A 146 14.89 -6.26 30.31
C VAL A 146 16.35 -5.85 30.18
N GLN A 147 16.68 -5.13 29.12
CA GLN A 147 18.09 -4.88 28.82
C GLN A 147 18.70 -3.80 29.67
N GLU A 148 20.02 -3.89 29.84
CA GLU A 148 20.81 -2.84 30.44
C GLU A 148 21.14 -1.77 29.37
N HIS A 149 21.30 -0.55 29.86
CA HIS A 149 21.68 0.63 29.08
C HIS A 149 20.69 0.94 27.97
N MET A 150 19.39 0.82 28.27
CA MET A 150 18.34 1.31 27.38
C MET A 150 18.07 2.78 27.60
N VAL A 151 17.73 3.46 26.52
CA VAL A 151 17.33 4.86 26.55
C VAL A 151 15.86 4.94 26.10
N GLU A 152 15.10 5.83 26.70
CA GLU A 152 13.65 5.72 26.78
C GLU A 152 12.94 7.01 26.39
N THR A 153 11.65 6.91 26.11
CA THR A 153 10.84 8.08 25.83
C THR A 153 10.59 8.84 27.14
N HIS A 154 10.46 10.15 27.00
CA HIS A 154 10.14 11.03 28.14
C HIS A 154 8.68 10.76 28.54
N PRO A 155 8.45 10.28 29.77
CA PRO A 155 7.08 9.94 30.15
C PRO A 155 6.04 11.03 29.92
N ALA A 156 6.41 12.29 30.10
CA ALA A 156 5.43 13.37 29.93
C ALA A 156 5.10 13.61 28.48
N LEU A 157 5.96 13.25 27.52
CA LEU A 157 5.64 13.38 26.11
C LEU A 157 4.66 12.32 25.63
N VAL A 158 4.55 11.23 26.39
CA VAL A 158 3.83 10.02 25.99
C VAL A 158 2.76 9.63 27.05
N ALA A 159 2.24 10.63 27.75
CA ALA A 159 1.32 10.44 28.86
C ALA A 159 -0.02 9.88 28.41
N ASP A 160 -0.32 10.02 27.11
CA ASP A 160 -1.55 9.56 26.53
C ASP A 160 -1.55 8.11 26.10
N SER A 161 -0.41 7.45 26.19
CA SER A 161 -0.28 6.05 25.78
C SER A 161 -0.51 5.14 26.98
N TYR A 162 -1.29 4.08 26.79
CA TYR A 162 -1.58 3.13 27.86
C TYR A 162 -2.26 1.90 27.26
N VAL A 163 -2.49 0.92 28.15
CA VAL A 163 -3.19 -0.31 27.81
C VAL A 163 -4.27 -0.59 28.86
N LYS A 164 -5.48 -0.81 28.40
CA LYS A 164 -6.56 -1.33 29.24
C LYS A 164 -7.02 -2.67 28.67
N VAL A 165 -7.85 -3.37 29.44
CA VAL A 165 -8.46 -4.61 29.00
C VAL A 165 -9.96 -4.59 29.25
N PHE A 166 -10.65 -5.45 28.54
CA PHE A 166 -12.05 -5.74 28.84
C PHE A 166 -12.31 -7.23 28.60
N THR A 167 -13.37 -7.71 29.23
CA THR A 167 -13.77 -9.10 29.08
C THR A 167 -15.26 -9.23 29.43
N GLY A 168 -15.92 -10.20 28.84
CA GLY A 168 -17.31 -10.47 29.18
C GLY A 168 -17.47 -11.24 30.48
N ASN A 169 -16.35 -11.72 31.02
CA ASN A 169 -16.34 -12.46 32.28
C ASN A 169 -16.27 -11.48 33.45
N ASP A 170 -17.41 -11.25 34.12
CA ASP A 170 -17.49 -10.24 35.17
C ASP A 170 -16.56 -10.53 36.32
N GLU A 171 -16.37 -11.80 36.61
CA GLU A 171 -15.56 -12.15 37.77
CA GLU A 171 -15.53 -12.21 37.74
C GLU A 171 -14.08 -11.83 37.51
N ILE A 172 -13.59 -12.07 36.30
CA ILE A 172 -12.22 -11.63 35.98
C ILE A 172 -12.14 -10.11 35.89
N ALA A 173 -13.10 -9.49 35.20
CA ALA A 173 -13.07 -8.03 35.08
C ALA A 173 -13.04 -7.34 36.43
N ASP A 174 -13.79 -7.86 37.40
CA ASP A 174 -13.88 -7.20 38.70
C ASP A 174 -12.65 -7.42 39.60
N GLU A 175 -11.87 -8.46 39.35
CA GLU A 175 -10.68 -8.71 40.16
C GLU A 175 -9.38 -8.14 39.62
N ILE A 176 -9.30 -7.87 38.31
CA ILE A 176 -8.15 -7.17 37.75
C ILE A 176 -8.18 -5.78 38.36
N ASP A 177 -7.03 -5.18 38.60
CA ASP A 177 -6.98 -3.83 39.16
C ASP A 177 -7.83 -2.91 38.27
N PRO A 178 -8.79 -2.16 38.83
CA PRO A 178 -9.73 -1.40 38.00
C PRO A 178 -9.10 -0.22 37.24
N ALA A 179 -7.90 0.20 37.59
CA ALA A 179 -7.20 1.20 36.78
C ALA A 179 -7.07 0.77 35.32
N PHE A 180 -6.98 -0.53 35.10
CA PHE A 180 -6.70 -1.10 33.79
C PHE A 180 -7.91 -1.62 33.04
N VAL A 181 -9.10 -1.55 33.62
CA VAL A 181 -10.27 -2.22 33.06
C VAL A 181 -11.27 -1.24 32.48
N ILE A 182 -11.70 -1.51 31.26
CA ILE A 182 -12.89 -0.86 30.74
C ILE A 182 -14.05 -1.69 31.24
N ASP A 183 -14.82 -1.13 32.16
CA ASP A 183 -15.88 -1.83 32.87
C ASP A 183 -17.16 -1.71 32.04
N ILE A 184 -17.54 -2.80 31.40
CA ILE A 184 -18.68 -2.81 30.49
C ILE A 184 -19.97 -2.48 31.25
N ASN A 185 -20.09 -2.99 32.48
CA ASN A 185 -21.27 -2.74 33.31
C ASN A 185 -21.40 -1.29 33.75
N LYS A 186 -20.29 -0.59 33.90
CA LYS A 186 -20.33 0.82 34.25
C LYS A 186 -20.62 1.72 33.05
N GLN A 187 -20.04 1.39 31.89
CA GLN A 187 -20.07 2.29 30.74
CA GLN A 187 -20.07 2.29 30.75
C GLN A 187 -21.31 2.15 29.88
N PHE A 188 -22.00 1.02 29.95
CA PHE A 188 -23.14 0.75 29.09
C PHE A 188 -24.40 0.52 29.89
N PRO A 189 -25.57 0.93 29.37
CA PRO A 189 -26.82 0.61 30.07
C PRO A 189 -27.03 -0.90 30.10
N GLU A 190 -27.85 -1.36 31.02
CA GLU A 190 -27.90 -2.79 31.31
C GLU A 190 -28.12 -3.71 30.09
N ASP A 191 -29.08 -3.38 29.24
CA ASP A 191 -29.38 -4.27 28.12
CA ASP A 191 -29.41 -4.17 28.06
C ASP A 191 -28.20 -4.29 27.12
N GLN A 192 -27.57 -3.15 26.88
CA GLN A 192 -26.41 -3.11 26.00
C GLN A 192 -25.25 -3.88 26.61
N ALA A 193 -25.04 -3.71 27.92
CA ALA A 193 -23.97 -4.42 28.59
C ALA A 193 -24.15 -5.93 28.45
N GLU A 194 -25.36 -6.41 28.62
CA GLU A 194 -25.57 -7.85 28.50
CA GLU A 194 -25.67 -7.83 28.47
C GLU A 194 -25.30 -8.32 27.07
N THR A 195 -25.72 -7.56 26.07
CA THR A 195 -25.39 -7.93 24.71
C THR A 195 -23.88 -7.99 24.50
N LEU A 196 -23.17 -6.95 24.95
CA LEU A 196 -21.75 -6.88 24.69
C LEU A 196 -20.98 -7.98 25.42
N LYS A 197 -21.33 -8.23 26.68
CA LYS A 197 -20.65 -9.27 27.44
C LYS A 197 -20.87 -10.63 26.76
N ALA A 198 -22.07 -10.88 26.23
CA ALA A 198 -22.33 -12.14 25.56
C ALA A 198 -21.50 -12.27 24.29
N GLU A 199 -21.29 -11.17 23.55
CA GLU A 199 -20.42 -11.22 22.38
C GLU A 199 -18.97 -11.53 22.75
N VAL A 200 -18.46 -10.90 23.79
CA VAL A 200 -17.06 -11.06 24.14
C VAL A 200 -16.85 -12.41 24.85
N GLY A 201 -17.81 -12.82 25.65
CA GLY A 201 -17.67 -14.03 26.42
C GLY A 201 -16.45 -13.99 27.32
N ASP A 202 -15.80 -15.13 27.45
CA ASP A 202 -14.62 -15.21 28.31
C ASP A 202 -13.37 -14.69 27.64
N GLY A 203 -13.48 -14.19 26.41
CA GLY A 203 -12.32 -13.56 25.79
C GLY A 203 -11.87 -12.38 26.60
N ILE A 204 -10.57 -12.12 26.56
CA ILE A 204 -9.94 -10.96 27.20
CA ILE A 204 -10.02 -10.93 27.17
C ILE A 204 -9.21 -10.22 26.10
N TRP A 205 -9.47 -8.92 25.99
CA TRP A 205 -8.93 -8.10 24.92
C TRP A 205 -8.24 -6.88 25.49
N GLN A 206 -7.09 -6.54 24.93
CA GLN A 206 -6.39 -5.31 25.25
C GLN A 206 -6.84 -4.22 24.30
N VAL A 207 -7.00 -3.02 24.85
CA VAL A 207 -7.13 -1.80 24.07
C VAL A 207 -5.83 -1.04 24.26
N VAL A 208 -5.07 -0.95 23.17
CA VAL A 208 -3.74 -0.39 23.22
C VAL A 208 -3.78 0.95 22.53
N ARG A 209 -3.27 1.99 23.19
CA ARG A 209 -3.16 3.31 22.58
C ARG A 209 -1.70 3.71 22.60
N ILE A 210 -1.11 3.91 21.42
CA ILE A 210 0.27 4.30 21.34
C ILE A 210 0.32 5.85 21.41
N PRO A 211 1.51 6.42 21.61
CA PRO A 211 1.55 7.87 21.83
C PRO A 211 1.13 8.67 20.62
N THR A 212 0.35 9.72 20.86
CA THR A 212 0.01 10.66 19.80
C THR A 212 1.24 11.21 19.09
N ILE A 213 2.28 11.57 19.84
CA ILE A 213 3.46 12.15 19.24
C ILE A 213 4.07 11.19 18.22
N VAL A 214 4.01 9.89 18.50
CA VAL A 214 4.51 8.87 17.57
C VAL A 214 3.63 8.72 16.37
N SER A 215 2.33 8.69 16.59
CA SER A 215 1.34 8.54 15.51
C SER A 215 1.49 9.70 14.50
N ARG A 216 1.73 10.92 15.02
CA ARG A 216 1.89 12.10 14.20
C ARG A 216 3.23 12.07 13.46
N THR A 217 4.29 11.64 14.14
CA THR A 217 5.58 11.50 13.47
C THR A 217 5.52 10.45 12.37
N CYS A 218 4.75 9.38 12.61
CA CYS A 218 4.75 8.18 11.75
C CYS A 218 3.41 8.04 11.03
N ASP A 219 2.77 6.89 11.10
CA ASP A 219 1.54 6.66 10.34
C ASP A 219 0.67 5.66 11.10
N GLY A 220 -0.49 5.36 10.55
CA GLY A 220 -1.40 4.43 11.20
C GLY A 220 -0.88 3.01 11.26
N ALA A 221 -0.09 2.62 10.27
CA ALA A 221 0.39 1.25 10.18
C ALA A 221 1.46 0.98 11.24
N THR A 222 1.93 2.04 11.90
CA THR A 222 2.83 1.91 13.06
C THR A 222 2.12 1.29 14.25
N THR A 223 0.82 1.55 14.41
CA THR A 223 0.13 1.27 15.68
C THR A 223 0.22 -0.19 16.09
N SER A 224 -0.18 -1.12 15.23
CA SER A 224 -0.18 -2.51 15.65
C SER A 224 1.23 -3.05 15.87
N ARG A 225 2.21 -2.52 15.17
CA ARG A 225 3.59 -2.95 15.36
C ARG A 225 4.10 -2.48 16.72
N TRP A 226 3.86 -1.21 17.03
CA TRP A 226 4.35 -0.62 18.28
C TRP A 226 3.71 -1.37 19.47
N SER A 227 2.40 -1.55 19.37
CA SER A 227 1.64 -2.35 20.30
C SER A 227 2.29 -3.72 20.54
N ALA A 228 2.53 -4.44 19.45
CA ALA A 228 3.04 -5.78 19.56
C ALA A 228 4.44 -5.84 20.16
N MET A 229 5.29 -4.86 19.89
CA MET A 229 6.64 -4.90 20.41
C MET A 229 6.58 -4.85 21.95
N GLN A 230 5.71 -3.98 22.47
CA GLN A 230 5.73 -3.73 23.92
C GLN A 230 4.88 -4.78 24.66
N ILE A 231 3.86 -5.33 24.00
CA ILE A 231 3.20 -6.54 24.49
C ILE A 231 4.24 -7.66 24.61
N GLY A 232 5.05 -7.84 23.57
CA GLY A 232 6.04 -8.91 23.61
C GLY A 232 7.05 -8.74 24.73
N MET A 233 7.58 -7.53 24.91
CA MET A 233 8.51 -7.28 26.01
C MET A 233 7.85 -7.51 27.35
N SER A 234 6.59 -7.12 27.46
CA SER A 234 5.89 -7.23 28.74
C SER A 234 5.54 -8.67 29.08
N MET A 235 5.24 -9.49 28.07
CA MET A 235 5.06 -10.92 28.30
C MET A 235 6.36 -11.52 28.81
N ILE A 236 7.48 -11.17 28.20
CA ILE A 236 8.77 -11.67 28.65
C ILE A 236 9.02 -11.30 30.11
N SER A 237 8.84 -10.04 30.43
CA SER A 237 9.15 -9.57 31.77
C SER A 237 8.16 -10.07 32.81
N ALA A 238 6.87 -9.92 32.54
CA ALA A 238 5.87 -10.20 33.56
C ALA A 238 5.76 -11.67 33.86
N TYR A 239 5.97 -12.54 32.88
CA TYR A 239 5.84 -13.98 33.07
C TYR A 239 7.20 -14.65 33.11
N LYS A 240 8.26 -13.86 33.29
CA LYS A 240 9.59 -14.41 33.59
C LYS A 240 10.02 -15.43 32.54
N GLN A 241 9.84 -15.05 31.28
CA GLN A 241 10.22 -15.87 30.15
C GLN A 241 11.67 -15.61 29.77
N ALA A 242 12.24 -16.58 29.07
CA ALA A 242 13.47 -16.37 28.31
C ALA A 242 13.30 -15.21 27.39
N ALA A 243 14.32 -14.37 27.31
CA ALA A 243 14.14 -13.11 26.58
C ALA A 243 14.54 -13.33 25.12
N GLY A 244 13.68 -14.08 24.44
CA GLY A 244 13.86 -14.43 23.03
C GLY A 244 14.16 -15.89 22.77
N GLU A 245 13.10 -16.71 22.81
CA GLU A 245 13.16 -18.12 22.49
CA GLU A 245 13.15 -18.14 22.50
C GLU A 245 12.10 -18.42 21.41
N ALA A 246 11.98 -19.67 20.97
CA ALA A 246 11.04 -19.94 19.88
C ALA A 246 9.61 -19.47 20.21
N ALA A 247 9.17 -19.64 21.43
CA ALA A 247 7.81 -19.27 21.80
C ALA A 247 7.55 -17.77 21.69
N THR A 248 8.59 -16.96 21.79
CA THR A 248 8.45 -15.51 21.65
C THR A 248 7.77 -15.17 20.33
N GLY A 249 8.06 -15.93 19.28
CA GLY A 249 7.48 -15.68 17.98
C GLY A 249 5.98 -15.94 17.92
N ASP A 250 5.47 -16.81 18.78
CA ASP A 250 4.04 -17.01 18.85
C ASP A 250 3.32 -15.78 19.43
N PHE A 251 3.91 -15.15 20.44
CA PHE A 251 3.33 -13.89 20.94
C PHE A 251 3.33 -12.84 19.85
N ALA A 252 4.39 -12.78 19.08
CA ALA A 252 4.50 -11.78 18.01
C ALA A 252 3.43 -12.01 16.94
N TYR A 253 3.31 -13.24 16.45
CA TYR A 253 2.36 -13.53 15.40
C TYR A 253 0.93 -13.29 15.88
N ALA A 254 0.65 -13.64 17.12
CA ALA A 254 -0.68 -13.42 17.67
C ALA A 254 -1.00 -11.92 17.80
N ALA A 255 -0.05 -11.14 18.30
CA ALA A 255 -0.30 -9.72 18.52
C ALA A 255 -0.30 -8.90 17.22
N LYS A 256 0.43 -9.37 16.21
CA LYS A 256 0.56 -8.62 14.96
C LYS A 256 -0.42 -9.07 13.90
N MHS A 257 -0.93 -10.30 14.02
CA MHS A 257 -1.74 -10.87 12.97
C MHS A 257 -2.96 -11.64 13.47
O MHS A 257 -4.11 -11.34 13.15
CB MHS A 257 -0.96 -11.81 12.01
CG MHS A 257 0.16 -11.08 11.40
ND1 MHS A 257 0.02 -10.21 10.32
CD2 MHS A 257 1.50 -11.07 11.78
CE1 MHS A 257 1.27 -9.69 10.06
NE2 MHS A 257 2.18 -10.20 10.91
CM MHS A 257 -1.19 -9.91 9.58
N ALA A 258 -2.76 -12.67 14.28
CA ALA A 258 -3.82 -13.63 14.54
C ALA A 258 -4.94 -13.11 15.45
N GLU A 259 -4.65 -12.18 16.34
CA GLU A 259 -5.60 -11.68 17.33
CA GLU A 259 -5.70 -11.66 17.23
C GLU A 259 -5.61 -10.14 17.42
N VAL A 260 -5.27 -9.45 16.34
CA VAL A 260 -5.34 -8.01 16.33
C VAL A 260 -6.53 -7.54 15.49
N ILE A 261 -7.20 -6.49 15.98
CA ILE A 261 -8.24 -5.78 15.23
C ILE A 261 -7.70 -4.40 14.91
N HIS A 262 -7.45 -4.13 13.63
CA HIS A 262 -7.11 -2.79 13.16
C HIS A 262 -8.37 -1.94 13.05
N MET A 263 -8.21 -0.63 13.22
CA MET A 263 -9.31 0.29 12.96
C MET A 263 -9.60 0.38 11.48
N GLY A 264 -8.56 0.33 10.63
CA GLY A 264 -8.71 0.35 9.21
C GLY A 264 -7.78 -0.65 8.54
N THR A 265 -8.26 -1.23 7.45
CA THR A 265 -7.48 -2.11 6.62
C THR A 265 -6.72 -1.36 5.53
N TYR A 266 -5.65 -1.95 4.99
CA TYR A 266 -4.82 -1.23 4.03
C TYR A 266 -5.56 -1.01 2.71
N LEU A 267 -5.02 -0.11 1.91
CA LEU A 267 -5.68 0.34 0.69
CA LEU A 267 -5.67 0.38 0.70
C LEU A 267 -4.91 -0.04 -0.55
N PRO A 268 -5.62 -0.11 -1.70
CA PRO A 268 -4.99 -0.41 -2.97
C PRO A 268 -4.03 0.71 -3.39
N VAL A 269 -3.13 0.38 -4.31
CA VAL A 269 -1.94 1.13 -4.66
CA VAL A 269 -2.00 1.26 -4.36
C VAL A 269 -2.23 2.56 -5.12
N ARG A 270 -3.29 2.76 -5.92
CA ARG A 270 -3.53 4.11 -6.41
C ARG A 270 -3.70 5.07 -5.25
N AGM A 271 -4.27 4.57 -4.14
CA AGM A 271 -4.43 5.34 -2.91
CB AGM A 271 -5.90 5.62 -2.57
CG AGM A 271 -6.80 4.38 -2.61
CD AGM A 271 -8.29 4.74 -2.77
CE2 AGM A 271 -8.91 5.41 -1.54
NE1 AGM A 271 -9.07 3.52 -3.11
CZ AGM A 271 -9.01 2.92 -4.29
NH1 AGM A 271 -8.35 3.43 -5.34
NH2 AGM A 271 -9.67 1.75 -4.44
C AGM A 271 -3.68 4.65 -1.76
O AGM A 271 -4.14 4.57 -0.63
N ALA A 272 -2.45 4.20 -2.06
CA ALA A 272 -1.68 3.36 -1.16
C ALA A 272 -1.57 3.98 0.22
N ARG A 273 -1.90 3.17 1.21
CA ARG A 273 -1.84 3.48 2.63
C ARG A 273 -1.82 2.17 3.37
N GLY A 274 -1.16 2.16 4.51
CA GLY A 274 -1.23 1.03 5.41
C GLY A 274 -2.48 1.04 6.26
N GLU A 275 -2.48 0.15 7.25
CA GLU A 275 -3.58 0.01 8.18
C GLU A 275 -3.77 1.27 9.03
N ASN A 276 -4.95 1.35 9.64
CA ASN A 276 -5.30 2.45 10.54
C ASN A 276 -5.17 3.83 9.87
N GLU A 277 -5.65 3.89 8.63
CA GLU A 277 -5.84 5.14 7.94
C GLU A 277 -7.32 5.31 7.66
N PRO A 278 -7.78 6.54 7.37
CA PRO A 278 -9.24 6.72 7.42
C PRO A 278 -9.96 5.89 6.36
N GLY A 279 -9.36 5.75 5.19
CA GLY A 279 -10.01 5.04 4.10
C GLY A 279 -10.30 3.58 4.38
N GLY A 280 -9.54 2.99 5.30
CA GLY A 280 -9.75 1.61 5.68
C GLY A 280 -10.79 1.38 6.75
N VAL A 281 -11.34 2.43 7.35
CA VAL A 281 -12.28 2.30 8.44
C VAL A 281 -13.67 2.08 7.88
N PRO A 282 -14.24 0.88 8.04
CA PRO A 282 -15.57 0.66 7.49
C PRO A 282 -16.64 1.47 8.21
N PHE A 283 -17.74 1.74 7.53
CA PHE A 283 -18.78 2.57 8.13
C PHE A 283 -19.30 2.02 9.45
N GLY A 284 -19.45 0.71 9.56
CA GLY A 284 -19.90 0.14 10.80
C GLY A 284 -18.92 0.36 11.95
N TYR A 285 -17.62 0.30 11.67
CA TYR A 285 -16.66 0.62 12.73
C TYR A 285 -16.79 2.07 13.16
N LEU A 286 -16.95 2.98 12.21
CA LEU A 286 -17.00 4.40 12.56
C LEU A 286 -18.19 4.65 13.50
N ALA A 287 -19.32 4.04 13.19
CA ALA A 287 -20.50 4.13 14.03
C ALA A 287 -20.22 3.56 15.42
N ASP A 288 -19.41 2.49 15.50
CA ASP A 288 -19.14 1.88 16.78
C ASP A 288 -18.09 2.68 17.60
N ILE A 289 -17.16 3.35 16.93
CA ILE A 289 -16.18 4.22 17.58
C ILE A 289 -16.95 5.34 18.29
N CYS A 290 -17.83 6.01 17.57
CA CYS A 290 -18.67 7.02 18.19
C CYS A 290 -19.42 6.42 19.37
N GLN A 291 -19.43 7.09 20.50
CA GLN A 291 -19.98 6.53 21.73
C GLN A 291 -21.36 7.08 22.07
N SER A 292 -21.98 7.81 21.13
CA SER A 292 -23.29 8.35 21.38
C SER A 292 -24.29 7.25 21.75
N SER A 293 -24.15 6.08 21.14
CA SER A 293 -25.08 4.99 21.34
C SER A 293 -25.28 4.59 22.80
N ARG A 294 -24.24 4.72 23.63
CA ARG A 294 -24.31 4.24 25.00
C ARG A 294 -24.78 5.32 25.97
N VAL A 295 -24.88 6.57 25.50
CA VAL A 295 -25.32 7.72 26.30
CA VAL A 295 -25.37 7.62 26.40
C VAL A 295 -26.72 8.19 25.93
N ASN A 296 -26.95 8.28 24.62
CA ASN A 296 -28.19 8.86 24.08
C ASN A 296 -29.13 7.80 23.51
N TYR A 297 -29.18 6.67 24.16
CA TYR A 297 -29.86 5.53 23.55
C TYR A 297 -31.36 5.68 23.50
N GLU A 298 -31.95 6.63 24.20
CA GLU A 298 -33.39 6.81 24.11
CA GLU A 298 -33.39 6.80 24.09
C GLU A 298 -33.75 7.72 22.94
N ASP A 299 -32.74 8.22 22.23
CA ASP A 299 -32.96 9.14 21.10
C ASP A 299 -32.15 8.67 19.90
N PRO A 300 -32.77 7.83 19.05
CA PRO A 300 -32.01 7.26 17.93
C PRO A 300 -31.58 8.31 16.90
N VAL A 301 -32.28 9.43 16.82
CA VAL A 301 -31.85 10.51 15.92
C VAL A 301 -30.53 11.11 16.39
N ARG A 302 -30.45 11.44 17.68
CA ARG A 302 -29.24 11.98 18.27
C ARG A 302 -28.06 11.03 18.04
N VAL A 303 -28.27 9.73 18.27
CA VAL A 303 -27.18 8.76 18.09
C VAL A 303 -26.72 8.75 16.64
N SER A 304 -27.68 8.65 15.72
CA SER A 304 -27.37 8.58 14.29
C SER A 304 -26.64 9.82 13.82
N LEU A 305 -27.08 10.99 14.26
CA LEU A 305 -26.48 12.23 13.79
C LEU A 305 -25.15 12.55 14.47
N ASP A 306 -24.91 12.03 15.67
CA ASP A 306 -23.56 12.10 16.25
C ASP A 306 -22.61 11.25 15.40
N VAL A 307 -23.06 10.09 14.92
CA VAL A 307 -22.23 9.31 14.01
C VAL A 307 -22.00 10.06 12.71
N VAL A 308 -23.04 10.68 12.14
CA VAL A 308 -22.83 11.49 10.93
C VAL A 308 -21.77 12.57 11.16
N ALA A 309 -21.79 13.26 12.29
CA ALA A 309 -20.80 14.31 12.56
C ALA A 309 -19.39 13.72 12.58
N THR A 310 -19.24 12.59 13.29
CA THR A 310 -17.98 11.91 13.40
C THR A 310 -17.42 11.63 12.02
N GLY A 311 -18.26 11.02 11.18
CA GLY A 311 -17.82 10.60 9.87
C GLY A 311 -17.69 11.70 8.86
N ALA A 312 -18.58 12.70 8.89
CA ALA A 312 -18.44 13.78 7.93
C ALA A 312 -17.11 14.50 8.15
N MET A 313 -16.77 14.77 9.40
CA MET A 313 -15.51 15.39 9.69
C MET A 313 -14.35 14.50 9.26
N LEU A 314 -14.29 13.28 9.78
CA LEU A 314 -13.14 12.43 9.47
C LEU A 314 -13.02 12.16 7.99
N TYR A 315 -14.11 11.68 7.42
CA TYR A 315 -14.08 11.21 6.04
C TYR A 315 -14.00 12.33 5.00
N ASP A 316 -14.75 13.44 5.19
CA ASP A 316 -14.68 14.51 4.19
C ASP A 316 -13.57 15.51 4.47
N GLN A 317 -13.36 15.91 5.72
CA GLN A 317 -12.40 16.98 5.99
C GLN A 317 -10.97 16.50 6.03
N ILE A 318 -10.70 15.45 6.80
CA ILE A 318 -9.34 14.94 6.95
C ILE A 318 -8.96 13.96 5.86
N TRP A 319 -9.83 12.99 5.56
CA TRP A 319 -9.53 11.96 4.58
C TRP A 319 -9.67 12.53 3.17
N LEU A 320 -10.88 12.81 2.70
CA LEU A 320 -10.97 13.27 1.33
C LEU A 320 -10.35 14.64 1.13
N GLY A 321 -10.46 15.51 2.12
CA GLY A 321 -10.00 16.89 2.03
C GLY A 321 -8.56 17.12 2.28
N SER A 322 -7.83 16.10 2.72
CA SER A 322 -6.39 16.25 2.92
C SER A 322 -5.64 15.02 2.41
N TYR A 323 -5.80 13.86 3.05
CA TYR A 323 -5.14 12.64 2.57
C TYR A 323 -5.32 12.43 1.08
N MET A 324 -6.53 12.68 0.57
CA MET A 324 -6.84 12.41 -0.83
C MET A 324 -6.88 13.67 -1.70
N SER A 325 -6.59 14.86 -1.15
CA SER A 325 -6.59 16.09 -1.96
C SER A 325 -5.73 17.11 -1.23
N GLY A 326 -6.34 17.97 -0.42
CA GLY A 326 -5.58 18.99 0.30
C GLY A 326 -5.88 20.40 -0.16
N GLY A 327 -5.25 21.36 0.50
CA GLY A 327 -5.51 22.76 0.24
C GLY A 327 -6.52 23.34 1.22
N VAL A 328 -7.27 24.31 0.74
CA VAL A 328 -8.41 24.80 1.49
C VAL A 328 -9.30 23.63 1.91
N GLY A 329 -9.55 22.70 1.01
CA GLY A 329 -10.25 21.47 1.35
C GLY A 329 -11.75 21.62 1.48
N PHE A 330 -12.33 20.81 2.38
CA PHE A 330 -13.74 20.45 2.33
C PHE A 330 -14.47 20.68 3.64
N THR A 331 -14.15 21.79 4.32
CA THR A 331 -14.79 22.05 5.60
C THR A 331 -16.31 22.07 5.52
N GLN A 332 -16.85 22.91 4.64
CA GLN A 332 -18.28 23.13 4.58
C GLN A 332 -19.07 22.01 3.86
N TYR A 333 -18.42 21.22 3.02
CA TYR A 333 -19.06 19.98 2.56
C TYR A 333 -19.43 19.13 3.77
N ALA A 334 -18.59 19.15 4.81
CA ALA A 334 -18.83 18.40 6.03
C ALA A 334 -19.70 19.16 7.03
N THR A 335 -19.41 20.45 7.25
CA THR A 335 -20.18 21.17 8.28
C THR A 335 -21.67 21.15 8.01
N ALA A 336 -22.08 21.06 6.74
CA ALA A 336 -23.51 21.02 6.43
C ALA A 336 -24.21 19.91 7.21
N ALA A 337 -23.48 18.84 7.53
CA ALA A 337 -24.07 17.69 8.19
C ALA A 337 -24.00 17.77 9.71
N TYR A 338 -23.36 18.81 10.30
CA TYR A 338 -23.27 18.88 11.76
C TYR A 338 -23.44 20.32 12.31
N THR A 339 -24.00 21.21 11.50
CA THR A 339 -24.25 22.57 11.95
C THR A 339 -25.69 23.03 11.70
N ASP A 340 -26.06 24.05 12.46
CA ASP A 340 -27.30 24.79 12.32
C ASP A 340 -28.56 23.97 12.57
N ASN A 341 -28.38 22.77 13.13
CA ASN A 341 -29.47 21.85 13.46
C ASN A 341 -30.35 21.54 12.24
N ILE A 342 -29.76 21.59 11.06
CA ILE A 342 -30.54 21.41 9.84
C ILE A 342 -30.83 19.93 9.58
N LEU A 343 -29.77 19.12 9.52
CA LEU A 343 -29.96 17.68 9.38
C LEU A 343 -30.85 17.16 10.53
N ASP A 344 -30.71 17.74 11.72
CA ASP A 344 -31.49 17.35 12.87
C ASP A 344 -32.99 17.61 12.62
N ASP A 345 -33.33 18.79 12.11
CA ASP A 345 -34.70 19.10 11.82
C ASP A 345 -35.29 18.05 10.87
N PHE A 346 -34.57 17.78 9.79
CA PHE A 346 -35.07 16.89 8.75
C PHE A 346 -35.23 15.46 9.28
N THR A 347 -34.28 15.02 10.09
CA THR A 347 -34.26 13.65 10.56
C THR A 347 -35.29 13.42 11.67
N TYR A 348 -35.49 14.39 12.58
CA TYR A 348 -36.59 14.28 13.53
C TYR A 348 -37.94 14.22 12.81
N PHE A 349 -38.09 14.98 11.73
CA PHE A 349 -39.32 14.93 10.95
C PHE A 349 -39.53 13.51 10.46
N GLY A 350 -38.51 12.91 9.86
CA GLY A 350 -38.67 11.57 9.34
C GLY A 350 -38.90 10.52 10.41
N LYS A 351 -38.24 10.67 11.55
CA LYS A 351 -38.42 9.70 12.62
C LYS A 351 -39.89 9.77 13.13
N GLU A 352 -40.43 10.98 13.28
CA GLU A 352 -41.81 11.14 13.69
CA GLU A 352 -41.82 11.12 13.69
C GLU A 352 -42.76 10.53 12.64
N TYR A 353 -42.49 10.79 11.36
CA TYR A 353 -43.32 10.24 10.29
C TYR A 353 -43.40 8.71 10.41
N VAL A 354 -42.23 8.10 10.57
CA VAL A 354 -42.13 6.67 10.67
C VAL A 354 -42.78 6.13 11.94
N GLU A 355 -42.46 6.73 13.07
CA GLU A 355 -43.04 6.31 14.35
C GLU A 355 -44.56 6.31 14.31
N ASP A 356 -45.12 7.33 13.71
CA ASP A 356 -46.57 7.48 13.67
C ASP A 356 -47.21 6.50 12.69
N LYS A 357 -46.57 6.29 11.54
CA LYS A 357 -47.19 5.49 10.49
C LYS A 357 -46.98 3.98 10.69
N TYR A 358 -45.75 3.59 11.05
CA TYR A 358 -45.37 2.19 11.14
C TYR A 358 -45.05 1.72 12.55
N GLY A 359 -44.45 2.62 13.33
CA GLY A 359 -43.68 2.22 14.50
C GLY A 359 -42.23 1.94 14.09
N LEU A 360 -41.27 2.35 14.92
CA LEU A 360 -39.87 2.09 14.61
C LEU A 360 -39.65 0.59 14.43
N CYS A 361 -38.93 0.27 13.35
CA CYS A 361 -38.54 -1.08 13.01
C CYS A 361 -39.67 -2.00 12.64
N GLU A 362 -40.87 -1.47 12.46
CA GLU A 362 -42.02 -2.33 12.20
CA GLU A 362 -42.04 -2.30 12.21
C GLU A 362 -42.52 -2.24 10.77
N ALA A 363 -41.90 -1.41 9.95
CA ALA A 363 -42.29 -1.39 8.53
C ALA A 363 -41.76 -2.61 7.81
N PRO A 364 -42.48 -3.09 6.79
CA PRO A 364 -41.91 -4.16 5.97
C PRO A 364 -40.55 -3.75 5.39
N ASN A 365 -39.61 -4.69 5.38
CA ASN A 365 -38.27 -4.41 4.84
C ASN A 365 -38.32 -4.61 3.33
N ASN A 366 -38.85 -3.63 2.61
CA ASN A 366 -39.02 -3.81 1.18
C ASN A 366 -39.10 -2.47 0.46
N MET A 367 -39.15 -2.55 -0.84
CA MET A 367 -39.12 -1.35 -1.68
C MET A 367 -40.33 -0.44 -1.46
N ASP A 368 -41.50 -0.99 -1.11
CA ASP A 368 -42.64 -0.15 -0.80
C ASP A 368 -42.30 0.82 0.33
N THR A 369 -41.65 0.32 1.39
CA THR A 369 -41.27 1.20 2.49
C THR A 369 -40.25 2.23 2.04
N VAL A 370 -39.28 1.81 1.25
CA VAL A 370 -38.28 2.74 0.72
C VAL A 370 -38.97 3.89 -0.05
N LEU A 371 -39.86 3.54 -0.96
CA LEU A 371 -40.53 4.55 -1.75
C LEU A 371 -41.32 5.48 -0.89
N ASP A 372 -42.03 4.95 0.10
CA ASP A 372 -42.85 5.78 0.95
C ASP A 372 -42.00 6.77 1.76
N VAL A 373 -41.12 6.23 2.59
CA VAL A 373 -40.43 7.07 3.57
C VAL A 373 -39.41 7.98 2.92
N ALA A 374 -38.59 7.46 2.03
CA ALA A 374 -37.52 8.27 1.47
C ALA A 374 -38.11 9.43 0.65
N THR A 375 -39.21 9.18 -0.05
CA THR A 375 -39.86 10.24 -0.83
C THR A 375 -40.40 11.31 0.09
N GLU A 376 -41.15 10.90 1.11
CA GLU A 376 -41.77 11.86 2.01
C GLU A 376 -40.72 12.75 2.69
N VAL A 377 -39.64 12.15 3.18
CA VAL A 377 -38.64 12.93 3.90
C VAL A 377 -37.88 13.83 2.91
N THR A 378 -37.60 13.33 1.71
CA THR A 378 -36.91 14.16 0.71
C THR A 378 -37.74 15.40 0.39
N PHE A 379 -39.03 15.24 0.19
CA PHE A 379 -39.87 16.39 -0.12
C PHE A 379 -39.93 17.36 1.05
N TYR A 380 -39.95 16.86 2.30
CA TYR A 380 -39.92 17.77 3.46
C TYR A 380 -38.64 18.59 3.47
N GLY A 381 -37.49 17.95 3.29
CA GLY A 381 -36.24 18.68 3.36
C GLY A 381 -36.12 19.73 2.26
N LEU A 382 -36.45 19.35 1.03
CA LEU A 382 -36.36 20.30 -0.07
C LEU A 382 -37.33 21.47 0.12
N GLU A 383 -38.53 21.21 0.65
CA GLU A 383 -39.50 22.27 0.92
CA GLU A 383 -39.46 22.28 0.88
C GLU A 383 -38.91 23.29 1.88
N GLN A 384 -38.07 22.86 2.82
CA GLN A 384 -37.51 23.82 3.78
C GLN A 384 -36.61 24.81 3.05
N TYR A 385 -35.80 24.34 2.11
CA TYR A 385 -34.94 25.27 1.35
C TYR A 385 -35.79 26.24 0.52
N GLU A 386 -36.95 25.78 0.07
CA GLU A 386 -37.84 26.64 -0.72
C GLU A 386 -38.57 27.65 0.14
N GLU A 387 -38.94 27.28 1.36
CA GLU A 387 -39.70 28.14 2.25
C GLU A 387 -38.84 29.11 3.03
N TYR A 388 -37.56 28.79 3.20
CA TYR A 388 -36.61 29.63 3.96
C TYR A 388 -35.42 30.00 3.08
N PRO A 389 -35.53 31.13 2.38
CA PRO A 389 -34.39 31.57 1.54
C PRO A 389 -33.08 31.69 2.34
N ALA A 390 -33.14 32.04 3.61
CA ALA A 390 -31.91 32.08 4.42
C ALA A 390 -31.28 30.69 4.55
N LEU A 391 -32.11 29.63 4.60
CA LEU A 391 -31.61 28.26 4.69
C LEU A 391 -30.87 27.86 3.41
N LEU A 392 -31.44 28.22 2.27
CA LEU A 392 -30.83 27.92 0.98
C LEU A 392 -29.52 28.68 0.78
N GLU A 393 -29.45 29.93 1.26
CA GLU A 393 -28.22 30.73 1.18
C GLU A 393 -27.15 30.22 2.15
N ASP A 394 -27.60 29.60 3.23
CA ASP A 394 -26.72 28.95 4.23
C ASP A 394 -26.05 27.71 3.62
N GLN A 395 -26.86 26.74 3.22
CA GLN A 395 -26.34 25.53 2.57
C GLN A 395 -26.36 25.76 1.08
N PHE A 396 -25.42 26.61 0.67
CA PHE A 396 -25.42 27.18 -0.67
C PHE A 396 -24.98 26.21 -1.76
N GLY A 397 -24.22 25.17 -1.41
CA GLY A 397 -23.76 24.24 -2.42
C GLY A 397 -24.75 23.11 -2.58
N GLY A 398 -25.10 22.74 -3.80
CA GLY A 398 -26.03 21.66 -4.01
C GLY A 398 -25.59 20.38 -3.32
N SER A 399 -24.30 20.10 -3.30
CA SER A 399 -23.82 18.87 -2.70
C SER A 399 -24.21 18.78 -1.26
N MGN A 400 -24.04 19.91 -0.55
CA MGN A 400 -24.33 19.96 0.88
CB1 MGN A 400 -24.20 21.43 1.41
CB2 MGN A 400 -23.36 19.04 1.69
CG MGN A 400 -22.81 22.00 1.29
CD MGN A 400 -22.80 23.44 1.76
OE1 MGN A 400 -23.54 24.28 1.19
NE2 MGN A 400 -22.04 23.76 2.81
C MGN A 400 -25.82 19.57 1.09
O MGN A 400 -26.19 18.76 1.94
N ARG A 401 -26.68 20.19 0.28
CA ARG A 401 -28.11 19.95 0.41
C ARG A 401 -28.44 18.49 0.07
N ALA A 402 -27.82 17.96 -0.98
CA ALA A 402 -28.06 16.57 -1.38
C ALA A 402 -27.73 15.62 -0.23
N ALA A 403 -26.56 15.83 0.38
CA ALA A 403 -26.13 14.97 1.45
C ALA A 403 -27.07 15.04 2.66
N VAL A 404 -27.48 16.24 3.02
CA VAL A 404 -28.31 16.43 4.18
C VAL A 404 -29.69 15.84 3.97
N VAL A 405 -30.32 16.17 2.85
CA VAL A 405 -31.65 15.65 2.57
C VAL A 405 -31.62 14.12 2.49
N ALA A 406 -30.64 13.57 1.77
CA ALA A 406 -30.60 12.13 1.60
C ALA A 406 -30.22 11.44 2.90
N ALA A 407 -29.40 12.06 3.73
CA ALA A 407 -29.08 11.44 5.02
C ALA A 407 -30.34 11.31 5.86
N ALA A 408 -31.17 12.34 5.89
CA ALA A 408 -32.42 12.28 6.62
C ALA A 408 -33.33 11.21 6.03
N ALA A 409 -33.41 11.15 4.70
CA ALA A 409 -34.27 10.16 4.04
C ALA A 409 -33.79 8.74 4.32
N GLY A 410 -32.49 8.51 4.20
CA GLY A 410 -31.95 7.18 4.42
C GLY A 410 -32.02 6.72 5.85
N CYS A 411 -31.66 7.60 6.77
CA CYS A 411 -31.79 7.26 8.18
C CYS A 411 -33.24 6.95 8.52
N SER A 412 -34.17 7.78 8.02
CA SER A 412 -35.58 7.58 8.34
C SER A 412 -36.07 6.25 7.78
N THR A 413 -35.64 5.89 6.57
CA THR A 413 -36.03 4.64 5.98
C THR A 413 -35.53 3.47 6.84
N ALA A 414 -34.29 3.55 7.28
CA ALA A 414 -33.74 2.52 8.16
C ALA A 414 -34.41 2.49 9.54
N PHE A 415 -34.85 3.64 10.06
CA PHE A 415 -35.62 3.65 11.28
C PHE A 415 -36.92 2.83 11.09
N ALA A 416 -37.48 2.87 9.90
CA ALA A 416 -38.72 2.14 9.62
C ALA A 416 -38.49 0.64 9.45
N THR A 417 -37.48 0.26 8.68
CA THR A 417 -37.27 -1.13 8.34
C THR A 417 -36.42 -1.88 9.34
N GLY A 418 -35.62 -1.19 10.13
CA GLY A 418 -34.64 -1.86 10.97
C GLY A 418 -33.49 -2.50 10.20
N ASN A 419 -33.28 -2.06 8.95
CA ASN A 419 -32.27 -2.68 8.09
C ASN A 419 -31.53 -1.60 7.29
N ALA A 420 -30.19 -1.60 7.35
CA ALA A 420 -29.43 -0.54 6.75
C ALA A 420 -29.49 -0.57 5.24
N GLN A 421 -29.74 -1.76 4.64
CA GLN A 421 -29.65 -1.83 3.19
C GLN A 421 -30.82 -1.10 2.53
N THR A 422 -32.03 -1.22 3.09
CA THR A 422 -33.14 -0.43 2.58
C THR A 422 -32.95 1.05 2.92
N GLY A 423 -32.32 1.37 4.05
CA GLY A 423 -31.92 2.74 4.30
C GLY A 423 -31.07 3.29 3.16
N LEU A 424 -30.08 2.50 2.73
CA LEU A 424 -29.21 2.91 1.63
C LEU A 424 -30.01 3.11 0.35
N SER A 425 -30.96 2.22 0.04
CA SER A 425 -31.79 2.41 -1.14
C SER A 425 -32.53 3.75 -1.09
N GLY A 426 -33.00 4.11 0.10
CA GLY A 426 -33.68 5.37 0.29
C GLY A 426 -32.80 6.59 0.08
N TRP A 427 -31.54 6.50 0.49
CA TRP A 427 -30.56 7.53 0.17
C TRP A 427 -30.46 7.77 -1.34
N TYR A 428 -30.35 6.72 -2.14
CA TYR A 428 -30.21 6.93 -3.58
C TYR A 428 -31.51 7.45 -4.18
N LEU A 429 -32.66 6.94 -3.75
CA LEU A 429 -33.93 7.47 -4.28
C LEU A 429 -34.04 8.96 -3.98
N SER A 430 -33.63 9.39 -2.79
CA SER A 430 -33.63 10.81 -2.45
C SER A 430 -32.86 11.63 -3.46
N MET A 431 -31.67 11.18 -3.82
CA MET A 431 -30.84 11.87 -4.83
C MET A 431 -31.59 11.99 -6.16
N TYR A 432 -32.23 10.93 -6.60
CA TYR A 432 -32.88 10.96 -7.90
C TYR A 432 -34.03 11.96 -7.90
N LEU A 433 -34.83 11.94 -6.83
CA LEU A 433 -35.95 12.87 -6.69
C LEU A 433 -35.47 14.31 -6.63
N HIS A 434 -34.44 14.57 -5.82
CA HIS A 434 -33.87 15.91 -5.65
C HIS A 434 -33.42 16.44 -6.99
N LYS A 435 -32.67 15.62 -7.73
CA LYS A 435 -32.15 16.01 -9.02
C LYS A 435 -33.27 16.46 -9.94
N GLU A 436 -34.37 15.72 -9.96
CA GLU A 436 -35.49 16.10 -10.83
C GLU A 436 -36.25 17.31 -10.32
N GLN A 437 -36.36 17.46 -9.01
CA GLN A 437 -37.12 18.57 -8.43
C GLN A 437 -36.45 19.92 -8.78
N HIS A 438 -35.16 20.02 -8.51
CA HIS A 438 -34.45 21.29 -8.68
C HIS A 438 -33.59 21.39 -9.93
N SER A 439 -33.57 20.33 -10.75
CA SER A 439 -32.77 20.30 -11.97
C SER A 439 -31.28 20.59 -11.66
N ARG A 440 -30.84 20.03 -10.54
CA ARG A 440 -29.45 20.11 -10.09
C ARG A 440 -29.32 19.14 -8.92
N LEU A 441 -28.08 18.80 -8.60
CA LEU A 441 -27.85 17.96 -7.44
C LEU A 441 -26.58 18.52 -6.79
N GLY A 442 -25.40 17.92 -7.03
CA GLY A 442 -24.16 18.36 -6.42
C GLY A 442 -23.14 18.92 -7.38
N PHE A 443 -21.87 18.84 -6.96
CA PHE A 443 -20.77 19.27 -7.77
C PHE A 443 -20.62 18.34 -8.99
N TYR A 444 -19.71 18.67 -9.89
CA TYR A 444 -19.61 18.00 -11.19
C TYR A 444 -19.61 16.47 -11.08
CA GL3 A 445 -18.75 14.54 -9.87
N GL3 A 445 -18.94 15.96 -10.05
C GL3 A 445 -19.48 13.90 -8.72
S GL3 A 445 -19.04 12.41 -8.22
N TYR A 446 -20.53 14.56 -8.21
CA TYR A 446 -21.17 14.19 -6.95
C TYR A 446 -21.90 12.84 -7.03
N ASP A 447 -22.66 12.61 -8.10
CA ASP A 447 -23.50 11.43 -8.17
C ASP A 447 -22.92 10.31 -9.05
N LEU A 448 -21.59 10.14 -9.06
CA LEU A 448 -21.01 8.89 -9.56
C LEU A 448 -21.61 7.73 -8.78
N GLN A 449 -21.45 7.75 -7.46
CA GLN A 449 -21.97 6.64 -6.71
C GLN A 449 -23.48 6.66 -6.71
N DYA A 450 -24.07 7.89 -6.81
CA DYA A 450 -25.48 8.06 -6.84
CB DYA A 450 -26.11 8.91 -6.02
CG DYA A 450 -25.35 9.53 -4.93
OD1 DYA A 450 -24.36 10.25 -5.24
OD2 DYA A 450 -25.63 9.26 -3.74
C DYA A 450 -26.13 7.32 -7.93
O DYA A 450 -27.20 6.70 -7.73
N GLN A 451 -25.55 7.37 -9.13
CA GLN A 451 -26.15 6.75 -10.30
C GLN A 451 -25.85 5.26 -10.37
N SMC A 452 -24.68 4.82 -9.90
CA SMC A 452 -24.46 3.40 -9.73
CB SMC A 452 -22.98 3.12 -9.40
SG SMC A 452 -21.95 3.42 -10.85
CS SMC A 452 -20.57 4.28 -10.19
C SMC A 452 -25.29 2.84 -8.57
O SMC A 452 -25.43 1.63 -8.38
N GLY A 453 -25.86 3.75 -7.76
CA GLY A 453 -26.29 3.45 -6.42
C GLY A 453 -27.42 2.45 -6.32
N ALA A 454 -28.55 2.72 -6.95
CA ALA A 454 -29.71 1.87 -6.82
C ALA A 454 -29.34 0.43 -7.20
N SER A 455 -28.66 0.26 -8.34
CA SER A 455 -28.31 -1.06 -8.85
C SER A 455 -27.33 -1.81 -7.93
N ASN A 456 -26.44 -1.08 -7.28
CA ASN A 456 -25.49 -1.72 -6.41
C ASN A 456 -25.94 -1.89 -4.97
N VAL A 457 -27.11 -1.40 -4.58
CA VAL A 457 -27.54 -1.60 -3.20
C VAL A 457 -27.70 -3.09 -2.88
N PHE A 458 -28.40 -3.81 -3.77
CA PHE A 458 -28.76 -5.21 -3.53
C PHE A 458 -28.00 -6.17 -4.41
N SER A 459 -27.01 -5.69 -5.15
CA SER A 459 -26.18 -6.57 -5.94
C SER A 459 -25.46 -7.58 -5.05
N ILE A 460 -25.14 -8.73 -5.62
CA ILE A 460 -24.33 -9.73 -4.92
C ILE A 460 -22.99 -9.99 -5.61
N ARG A 461 -22.62 -9.21 -6.63
CA ARG A 461 -21.42 -9.49 -7.40
C ARG A 461 -20.15 -9.06 -6.66
N GLY A 462 -19.04 -9.64 -7.07
CA GLY A 462 -17.77 -9.56 -6.37
C GLY A 462 -17.41 -8.23 -5.71
N ASP A 463 -17.30 -7.19 -6.54
CA ASP A 463 -16.92 -5.86 -6.03
CA ASP A 463 -16.90 -5.87 -6.06
C ASP A 463 -18.08 -4.91 -5.96
N GLU A 464 -19.30 -5.44 -6.00
CA GLU A 464 -20.54 -4.66 -5.89
C GLU A 464 -21.30 -4.97 -4.60
N GLY A 465 -21.45 -6.26 -4.29
CA GLY A 465 -22.34 -6.63 -3.21
C GLY A 465 -21.68 -6.65 -1.84
N LEU A 466 -22.30 -5.94 -0.91
CA LEU A 466 -21.85 -5.86 0.49
CA LEU A 466 -21.84 -5.86 0.45
C LEU A 466 -22.93 -5.20 1.30
N PRO A 467 -23.23 -5.74 2.48
CA PRO A 467 -24.09 -5.01 3.42
C PRO A 467 -23.45 -3.64 3.73
N LEU A 468 -24.27 -2.61 3.93
CA LEU A 468 -23.76 -1.25 4.14
C LEU A 468 -22.76 -1.19 5.28
N GLU A 469 -23.04 -1.91 6.38
CA GLU A 469 -22.15 -1.84 7.53
C GLU A 469 -20.70 -2.21 7.19
N LEU A 470 -20.52 -3.10 6.23
CA LEU A 470 -19.19 -3.55 5.79
C LEU A 470 -18.55 -2.64 4.76
N ARG A 471 -19.35 -1.80 4.09
CA ARG A 471 -18.79 -0.86 3.14
C ARG A 471 -17.99 0.20 3.89
N GLY A 472 -17.22 0.97 3.15
CA GLY A 472 -16.41 2.02 3.69
C GLY A 472 -15.90 2.87 2.56
N PRO A 473 -14.93 3.72 2.87
CA PRO A 473 -14.35 4.63 1.86
C PRO A 473 -13.60 3.95 0.75
N ASN A 474 -13.34 2.65 0.85
CA ASN A 474 -12.67 1.92 -0.21
C ASN A 474 -13.64 1.05 -1.04
N TYR A 475 -14.92 1.05 -0.68
CA TYR A 475 -15.93 0.46 -1.55
C TYR A 475 -15.81 1.21 -2.89
N PRO A 476 -15.71 0.52 -4.03
CA PRO A 476 -15.22 1.17 -5.24
C PRO A 476 -15.96 2.45 -5.60
N ASN A 477 -17.30 2.41 -5.61
CA ASN A 477 -18.10 3.55 -5.99
C ASN A 477 -17.88 4.74 -5.05
N TYR A 478 -17.46 4.48 -3.82
CA TYR A 478 -17.40 5.49 -2.75
C TYR A 478 -16.04 6.11 -2.61
N ALA A 479 -15.06 5.70 -3.41
CA ALA A 479 -13.67 5.97 -3.11
C ALA A 479 -13.21 7.40 -3.32
N MET A 480 -14.02 8.24 -3.98
CA MET A 480 -13.57 9.55 -4.43
C MET A 480 -14.27 10.77 -3.84
N ASN A 481 -15.54 10.69 -3.43
CA ASN A 481 -16.34 11.93 -3.42
C ASN A 481 -16.89 12.31 -2.06
N VAL A 482 -16.88 13.62 -1.81
CA VAL A 482 -17.44 14.21 -0.61
C VAL A 482 -18.94 14.02 -0.51
N GLY A 483 -19.47 14.28 0.68
CA GLY A 483 -20.90 14.35 0.88
C GLY A 483 -21.63 13.01 0.84
N HIS A 484 -20.89 11.93 1.16
CA HIS A 484 -21.52 10.61 1.23
C HIS A 484 -21.04 9.77 2.44
N GLN A 485 -19.72 9.67 2.66
CA GLN A 485 -19.20 8.64 3.55
C GLN A 485 -19.68 8.79 4.99
N GLY A 486 -19.60 9.99 5.55
CA GLY A 486 -20.08 10.15 6.90
C GLY A 486 -21.57 9.94 7.06
N GLU A 487 -22.32 10.33 6.04
CA GLU A 487 -23.73 10.12 6.02
C GLU A 487 -24.05 8.61 5.97
N TYR A 488 -23.27 7.84 5.19
CA TYR A 488 -23.44 6.39 5.20
C TYR A 488 -23.17 5.78 6.55
N ALA A 489 -22.17 6.31 7.27
CA ALA A 489 -21.97 5.83 8.62
C ALA A 489 -23.21 6.07 9.48
N GLY A 490 -23.84 7.23 9.31
CA GLY A 490 -25.08 7.51 10.01
C GLY A 490 -26.20 6.54 9.64
N ILE A 491 -26.36 6.25 8.36
CA ILE A 491 -27.38 5.29 7.92
C ILE A 491 -27.07 3.91 8.50
N SER A 492 -25.79 3.54 8.54
CA SER A 492 -25.41 2.27 9.17
C SER A 492 -25.84 2.23 10.64
N GLN A 493 -25.66 3.34 11.34
CA GLN A 493 -26.08 3.43 12.74
C GLN A 493 -27.60 3.41 12.91
N ALA A 494 -28.30 4.08 12.02
CA ALA A 494 -29.72 4.33 12.20
C ALA A 494 -30.57 3.12 12.60
N PRO A 495 -30.56 2.00 11.85
CA PRO A 495 -31.46 0.92 12.24
C PRO A 495 -31.06 0.30 13.56
N HIS A 496 -29.76 0.28 13.86
CA HIS A 496 -29.27 -0.27 15.12
C HIS A 496 -29.68 0.62 16.29
N ALA A 497 -29.63 1.94 16.10
CA ALA A 497 -30.12 2.85 17.14
C ALA A 497 -31.62 2.66 17.35
N ALA A 498 -32.39 2.56 16.28
CA ALA A 498 -33.82 2.34 16.43
C ALA A 498 -34.14 1.01 17.10
N ARG A 499 -33.35 -0.04 16.83
CA ARG A 499 -33.53 -1.36 17.43
C ARG A 499 -33.04 -1.41 18.87
N GLY A 500 -32.22 -0.45 19.30
CA GLY A 500 -31.59 -0.50 20.60
C GLY A 500 -30.35 -1.38 20.69
N ASP A 501 -29.77 -1.74 19.56
CA ASP A 501 -28.58 -2.58 19.51
C ASP A 501 -27.37 -1.88 20.12
N ALA A 502 -26.57 -2.63 20.86
CA ALA A 502 -25.39 -2.05 21.50
C ALA A 502 -24.30 -1.66 20.51
N PHE A 503 -24.28 -2.27 19.33
CA PHE A 503 -23.24 -2.04 18.34
C PHE A 503 -23.83 -2.27 16.97
N VAL A 504 -23.11 -1.77 15.97
CA VAL A 504 -23.46 -1.83 14.57
C VAL A 504 -22.75 -2.95 13.81
N PHE A 505 -21.47 -3.14 14.07
CA PHE A 505 -20.68 -4.08 13.27
C PHE A 505 -19.59 -4.81 14.08
N ASN A 506 -19.01 -4.19 15.11
CA ASN A 506 -17.98 -4.90 15.84
C ASN A 506 -18.06 -4.52 17.32
N PRO A 507 -18.45 -5.47 18.18
CA PRO A 507 -18.63 -5.17 19.60
C PRO A 507 -17.31 -4.82 20.29
N LEU A 508 -16.19 -5.35 19.79
CA LEU A 508 -14.92 -5.02 20.39
C LEU A 508 -14.58 -3.56 20.15
N VAL A 509 -14.84 -3.07 18.94
CA VAL A 509 -14.59 -1.67 18.62
C VAL A 509 -15.48 -0.76 19.50
N LYS A 510 -16.74 -1.14 19.67
CA LYS A 510 -17.65 -0.37 20.52
C LYS A 510 -17.08 -0.22 21.92
N ILE A 511 -16.67 -1.34 22.52
CA ILE A 511 -16.18 -1.29 23.89
C ILE A 511 -14.86 -0.52 23.97
N ALA A 512 -14.05 -0.64 22.93
CA ALA A 512 -12.68 -0.10 22.95
C ALA A 512 -12.65 1.42 23.06
N PHE A 513 -13.73 2.11 22.69
CA PHE A 513 -13.75 3.57 22.81
C PHE A 513 -14.61 4.06 23.97
N ALA A 514 -15.05 3.14 24.84
CA ALA A 514 -15.83 3.50 26.03
C ALA A 514 -14.92 3.81 27.19
N ASP A 515 -14.14 4.88 27.07
CA ASP A 515 -12.96 5.08 27.88
C ASP A 515 -12.67 6.55 28.06
N ASP A 516 -12.85 7.06 29.28
CA ASP A 516 -12.64 8.47 29.54
C ASP A 516 -11.17 8.85 29.65
N ASN A 517 -10.25 7.88 29.55
CA ASN A 517 -8.81 8.20 29.45
C ASN A 517 -8.39 8.57 28.03
N LEU A 518 -9.28 8.45 27.05
CA LEU A 518 -9.05 9.03 25.72
C LEU A 518 -8.89 10.55 25.85
N VAL A 519 -8.22 11.17 24.88
CA VAL A 519 -8.06 12.61 24.92
C VAL A 519 -9.32 13.29 24.43
N PHE A 520 -9.88 12.78 23.35
CA PHE A 520 -11.15 13.23 22.78
C PHE A 520 -12.30 12.49 23.48
N ASP A 521 -13.42 13.17 23.73
CA ASP A 521 -14.60 12.58 24.34
C ASP A 521 -15.55 12.07 23.28
N PHE A 522 -15.46 10.79 22.96
CA PHE A 522 -16.24 10.19 21.90
C PHE A 522 -17.74 10.08 22.23
N THR A 523 -18.14 10.36 23.47
CA THR A 523 -19.57 10.41 23.78
C THR A 523 -20.22 11.67 23.24
N ASN A 524 -19.45 12.73 22.98
CA ASN A 524 -20.03 14.02 22.60
C ASN A 524 -19.19 14.69 21.52
N VAL A 525 -19.19 14.06 20.36
CA VAL A 525 -18.40 14.48 19.23
C VAL A 525 -18.69 15.94 18.83
N ARG A 526 -19.96 16.32 18.72
CA ARG A 526 -20.26 17.67 18.27
C ARG A 526 -19.86 18.68 19.35
N GLY A 527 -20.05 18.35 20.64
CA GLY A 527 -19.55 19.21 21.69
C GLY A 527 -18.05 19.42 21.63
N GLU A 528 -17.31 18.36 21.31
CA GLU A 528 -15.87 18.47 21.20
C GLU A 528 -15.44 19.30 20.00
N PHE A 529 -16.12 19.18 18.87
CA PHE A 529 -15.78 20.00 17.74
C PHE A 529 -15.97 21.50 18.09
N ALA A 530 -17.03 21.81 18.83
CA ALA A 530 -17.25 23.19 19.29
C ALA A 530 -16.14 23.68 20.21
N LYS A 531 -15.72 22.83 21.14
N LYS A 531 -15.75 22.84 21.16
CA LYS A 531 -14.66 23.17 22.07
CA LYS A 531 -14.63 23.16 22.06
C LYS A 531 -13.35 23.43 21.32
C LYS A 531 -13.37 23.46 21.28
N GLY A 532 -13.06 22.61 20.32
CA GLY A 532 -11.89 22.82 19.49
C GLY A 532 -12.00 24.11 18.67
N ALA A 533 -13.20 24.42 18.21
CA ALA A 533 -13.39 25.62 17.40
C ALA A 533 -13.07 26.87 18.23
N LEU A 534 -13.47 26.84 19.50
CA LEU A 534 -13.25 27.91 20.47
C LEU A 534 -11.82 27.95 21.00
N ARG A 535 -10.97 27.03 20.55
CA ARG A 535 -9.56 26.98 20.94
C ARG A 535 -9.45 26.62 22.42
N GLU A 536 -10.36 25.77 22.89
CA GLU A 536 -10.41 25.35 24.29
C GLU A 536 -10.08 23.87 24.49
N PHE A 537 -9.78 23.14 23.42
CA PHE A 537 -9.43 21.73 23.52
C PHE A 537 -7.93 21.55 23.70
N GLU A 538 -7.56 20.63 24.57
CA GLU A 538 -6.16 20.35 24.87
C GLU A 538 -5.72 19.02 24.23
N PRO A 539 -4.98 19.07 23.13
CA PRO A 539 -4.54 17.82 22.50
C PRO A 539 -3.31 17.23 23.16
N ALA A 540 -3.05 15.97 22.83
CA ALA A 540 -1.82 15.29 23.17
C ALA A 540 -0.79 15.51 22.09
N GLY A 541 0.43 15.09 22.34
CA GLY A 541 1.45 15.04 21.33
C GLY A 541 2.30 16.27 21.13
N GLU A 542 2.07 17.35 21.89
CA GLU A 542 2.82 18.58 21.66
C GLU A 542 4.25 18.43 22.16
N ARG A 543 5.11 19.32 21.70
N ARG A 543 5.17 19.19 21.52
CA ARG A 543 6.51 19.18 22.02
CA ARG A 543 6.61 19.18 21.78
C ARG A 543 7.08 20.31 22.82
C ARG A 543 7.09 20.33 22.72
N ALA A 544 6.21 21.11 23.37
CA ALA A 544 6.64 22.26 24.17
C ALA A 544 7.68 21.90 25.21
N LEU A 545 7.55 20.72 25.82
N LEU A 545 7.56 20.72 25.81
CA LEU A 545 8.50 20.31 26.86
CA LEU A 545 8.50 20.34 26.88
C LEU A 545 9.94 20.17 26.37
C LEU A 545 9.94 20.30 26.35
N ILE A 546 10.12 19.92 25.09
CA ILE A 546 11.46 19.70 24.56
C ILE A 546 11.88 20.81 23.60
N THR A 547 11.25 21.97 23.68
CA THR A 547 11.63 23.11 22.85
C THR A 547 11.82 24.32 23.76
N PRO A 548 12.47 25.37 23.24
CA PRO A 548 12.73 26.55 24.09
C PRO A 548 11.49 27.24 24.60
N ALA A 549 11.66 28.00 25.68
CA ALA A 549 10.62 28.88 26.19
C ALA A 549 10.36 30.04 25.23
N LYS A 550 11.23 30.38 24.41
N ALA B 2 -25.32 -24.84 -27.03
CA ALA B 2 -25.33 -23.48 -26.48
C ALA B 2 -26.27 -23.37 -25.29
N LYS B 3 -25.88 -22.56 -24.32
CA LYS B 3 -26.70 -22.20 -23.17
C LYS B 3 -27.83 -21.24 -23.52
N PHE B 4 -27.57 -20.39 -24.51
CA PHE B 4 -28.48 -19.33 -24.89
C PHE B 4 -28.97 -19.54 -26.29
N GLU B 5 -30.17 -19.03 -26.58
CA GLU B 5 -30.78 -19.22 -27.88
C GLU B 5 -30.37 -18.19 -28.91
N ASP B 6 -29.76 -17.09 -28.47
CA ASP B 6 -29.53 -15.95 -29.36
C ASP B 6 -28.55 -16.23 -30.48
N LYS B 7 -28.82 -15.65 -31.64
CA LYS B 7 -27.91 -15.62 -32.77
C LYS B 7 -27.74 -14.18 -33.21
N VAL B 8 -26.58 -13.88 -33.76
CA VAL B 8 -26.30 -12.53 -34.25
C VAL B 8 -25.68 -12.60 -35.63
N ASP B 9 -25.90 -11.56 -36.42
CA ASP B 9 -25.24 -11.42 -37.70
C ASP B 9 -23.96 -10.63 -37.51
N LEU B 10 -22.87 -11.10 -38.12
CA LEU B 10 -21.56 -10.47 -37.95
C LEU B 10 -21.14 -9.76 -39.22
N TYR B 11 -20.58 -8.58 -39.01
CA TYR B 11 -20.18 -7.65 -40.03
C TYR B 11 -18.69 -7.27 -39.89
N ASP B 12 -18.12 -6.68 -40.95
CA ASP B 12 -16.75 -6.18 -40.87
C ASP B 12 -16.72 -4.69 -40.58
N ASP B 13 -15.52 -4.10 -40.52
CA ASP B 13 -15.44 -2.70 -40.10
C ASP B 13 -15.82 -1.72 -41.21
N ARG B 14 -16.30 -2.26 -42.32
N ARG B 14 -16.32 -2.24 -42.32
CA ARG B 14 -16.82 -1.46 -43.41
CA ARG B 14 -16.88 -1.39 -43.36
C ARG B 14 -18.35 -1.59 -43.46
C ARG B 14 -18.39 -1.55 -43.44
N GLY B 15 -18.95 -2.32 -42.52
CA GLY B 15 -20.40 -2.45 -42.48
C GLY B 15 -20.95 -3.49 -43.42
N ASN B 16 -20.09 -4.36 -43.92
CA ASN B 16 -20.47 -5.41 -44.87
C ASN B 16 -20.69 -6.74 -44.11
N LEU B 17 -21.76 -7.46 -44.43
CA LEU B 17 -22.02 -8.75 -43.81
C LEU B 17 -20.86 -9.76 -44.02
N VAL B 18 -20.47 -10.45 -42.94
CA VAL B 18 -19.49 -11.53 -43.02
C VAL B 18 -20.16 -12.90 -42.82
N GLU B 19 -20.96 -13.06 -41.78
CA GLU B 19 -21.58 -14.35 -41.47
C GLU B 19 -22.92 -14.13 -40.77
N GLU B 20 -23.97 -14.77 -41.25
CA GLU B 20 -25.31 -14.67 -40.66
C GLU B 20 -25.51 -15.65 -39.52
N GLN B 21 -26.35 -15.25 -38.56
CA GLN B 21 -26.94 -16.13 -37.54
C GLN B 21 -25.91 -17.02 -36.85
N VAL B 22 -24.95 -16.36 -36.23
CA VAL B 22 -23.92 -17.02 -35.45
C VAL B 22 -24.39 -17.10 -34.01
N PRO B 23 -24.30 -18.29 -33.37
CA PRO B 23 -24.67 -18.36 -31.96
C PRO B 23 -23.86 -17.36 -31.13
N LEU B 24 -24.54 -16.70 -30.21
CA LEU B 24 -23.94 -15.66 -29.36
C LEU B 24 -22.67 -16.15 -28.69
N GLU B 25 -22.65 -17.36 -28.18
CA GLU B 25 -21.50 -17.84 -27.45
C GLU B 25 -20.28 -18.10 -28.32
N ALA B 26 -20.44 -18.07 -29.64
CA ALA B 26 -19.25 -18.12 -30.50
C ALA B 26 -18.37 -16.89 -30.34
N LEU B 27 -18.92 -15.81 -29.76
CA LEU B 27 -18.17 -14.60 -29.45
C LEU B 27 -17.70 -14.58 -28.01
N SER B 28 -18.03 -15.60 -27.23
CA SER B 28 -17.61 -15.62 -25.83
C SER B 28 -16.10 -15.70 -25.67
N PRO B 29 -15.52 -14.91 -24.75
CA PRO B 29 -14.10 -15.12 -24.43
C PRO B 29 -13.79 -16.57 -24.05
N LEU B 30 -14.77 -17.29 -23.50
CA LEU B 30 -14.53 -18.67 -23.05
C LEU B 30 -14.48 -19.66 -24.19
N ARG B 31 -14.94 -19.27 -25.37
CA ARG B 31 -15.10 -20.18 -26.50
C ARG B 31 -14.35 -19.75 -27.75
N ASN B 32 -14.18 -18.46 -27.97
CA ASN B 32 -13.68 -17.95 -29.23
C ASN B 32 -12.15 -18.04 -29.31
N PRO B 33 -11.61 -18.81 -30.25
CA PRO B 33 -10.15 -18.99 -30.23
C PRO B 33 -9.35 -17.73 -30.53
N ALA B 34 -9.94 -16.78 -31.24
CA ALA B 34 -9.22 -15.52 -31.50
C ALA B 34 -9.16 -14.65 -30.24
N ILE B 35 -10.20 -14.64 -29.42
CA ILE B 35 -10.09 -13.93 -28.14
C ILE B 35 -9.03 -14.58 -27.26
N LYS B 36 -8.99 -15.89 -27.22
CA LYS B 36 -7.92 -16.57 -26.49
C LYS B 36 -6.55 -16.15 -26.99
N SER B 37 -6.38 -16.13 -28.31
N SER B 37 -6.40 -16.14 -28.31
CA SER B 37 -5.10 -15.77 -28.89
CA SER B 37 -5.16 -15.72 -28.94
C SER B 37 -4.73 -14.31 -28.61
C SER B 37 -4.76 -14.33 -28.50
N ILE B 38 -5.71 -13.41 -28.64
CA ILE B 38 -5.45 -12.01 -28.31
C ILE B 38 -5.04 -11.88 -26.83
N VAL B 39 -5.77 -12.53 -25.92
CA VAL B 39 -5.47 -12.40 -24.51
C VAL B 39 -4.12 -13.01 -24.19
N GLN B 40 -3.84 -14.20 -24.68
CA GLN B 40 -2.52 -14.81 -24.47
C GLN B 40 -1.42 -13.98 -25.12
N GLY B 41 -1.72 -13.37 -26.26
CA GLY B 41 -0.79 -12.46 -26.89
C GLY B 41 -0.48 -11.24 -26.03
N ILE B 42 -1.53 -10.63 -25.48
CA ILE B 42 -1.34 -9.48 -24.59
C ILE B 42 -0.54 -9.89 -23.35
N LYS B 43 -0.78 -11.07 -22.80
CA LYS B 43 0.02 -11.52 -21.67
C LYS B 43 1.49 -11.65 -22.03
N ARG B 44 1.82 -12.07 -23.26
CA ARG B 44 3.16 -12.54 -23.57
C ARG B 44 4.02 -11.56 -24.36
N THR B 45 3.46 -10.42 -24.75
CA THR B 45 4.17 -9.49 -25.64
C THR B 45 4.81 -8.36 -24.87
N VAL B 46 6.05 -8.04 -25.27
CA VAL B 46 6.85 -6.99 -24.65
C VAL B 46 7.50 -6.16 -25.76
N ALA B 47 7.51 -4.84 -25.57
CA ALA B 47 8.26 -3.92 -26.41
C ALA B 47 9.58 -3.61 -25.75
N VAL B 48 10.68 -3.83 -26.45
CA VAL B 48 12.01 -3.54 -25.92
C VAL B 48 12.58 -2.34 -26.66
N ASN B 49 12.97 -1.31 -25.92
CA ASN B 49 13.57 -0.12 -26.50
C ASN B 49 15.08 -0.20 -26.37
N LEU B 50 15.73 -0.80 -27.39
CA LEU B 50 17.17 -0.96 -27.41
C LEU B 50 17.87 0.40 -27.47
N GLU B 51 17.34 1.34 -28.25
CA GLU B 51 17.89 2.69 -28.27
C GLU B 51 17.85 3.30 -26.86
N GLY B 52 16.71 3.14 -26.18
CA GLY B 52 16.54 3.67 -24.83
C GLY B 52 17.51 3.08 -23.83
N ILE B 53 17.70 1.78 -23.91
CA ILE B 53 18.68 1.09 -23.07
C ILE B 53 20.08 1.66 -23.33
N GLU B 54 20.45 1.78 -24.60
CA GLU B 54 21.76 2.29 -24.96
C GLU B 54 21.99 3.71 -24.45
N ASN B 55 21.00 4.58 -24.62
CA ASN B 55 21.14 5.96 -24.17
C ASN B 55 21.19 6.06 -22.66
N ALA B 56 20.39 5.26 -21.97
CA ALA B 56 20.44 5.24 -20.51
C ALA B 56 21.83 4.84 -20.04
N LEU B 57 22.41 3.83 -20.68
CA LEU B 57 23.74 3.41 -20.30
C LEU B 57 24.79 4.47 -20.58
N LYS B 58 24.75 5.08 -21.76
CA LYS B 58 25.84 5.97 -22.07
CA LYS B 58 25.74 6.06 -22.19
C LYS B 58 25.80 7.27 -21.27
N THR B 59 24.63 7.60 -20.72
CA THR B 59 24.48 8.80 -19.89
C THR B 59 24.39 8.47 -18.38
N ALA B 60 24.34 7.17 -18.06
CA ALA B 60 24.07 6.69 -16.69
C ALA B 60 22.78 7.26 -16.11
N LYS B 61 21.83 7.56 -16.98
CA LYS B 61 20.50 8.01 -16.55
C LYS B 61 19.59 6.80 -16.38
N VAL B 62 19.62 6.26 -15.17
CA VAL B 62 18.87 5.08 -14.82
C VAL B 62 18.11 5.28 -13.52
N GLY B 63 17.02 4.55 -13.36
CA GLY B 63 16.33 4.54 -12.09
C GLY B 63 15.14 5.47 -11.93
N GLY B 64 14.76 6.17 -12.99
CA GLY B 64 13.58 7.01 -12.98
C GLY B 64 13.83 8.42 -13.39
N PRO B 65 12.78 9.21 -13.46
CA PRO B 65 12.91 10.58 -14.00
C PRO B 65 13.97 11.40 -13.29
N ALA B 66 14.81 12.01 -14.13
CA ALA B 66 15.89 12.92 -13.76
C ALA B 66 17.02 12.25 -12.98
N CYS B 67 16.98 10.95 -12.82
CA CYS B 67 18.01 10.25 -12.08
C CYS B 67 19.24 10.03 -12.95
N LYS B 68 20.40 10.01 -12.30
N LYS B 68 20.41 10.11 -12.33
CA LYS B 68 21.66 9.84 -12.98
CA LYS B 68 21.69 9.86 -12.99
C LYS B 68 22.74 9.50 -11.97
C LYS B 68 22.70 9.44 -11.94
N ILE B 69 23.63 8.56 -12.32
CA ILE B 69 24.75 8.24 -11.45
C ILE B 69 26.07 8.62 -12.16
N MET B 70 26.65 9.75 -11.76
CA MET B 70 27.90 10.19 -12.34
C MET B 70 28.99 9.17 -12.11
N GLY B 71 29.79 8.92 -13.17
CA GLY B 71 30.87 7.97 -13.11
C GLY B 71 30.51 6.57 -13.55
N ARG B 72 29.23 6.26 -13.74
CA ARG B 72 28.78 4.91 -14.10
C ARG B 72 28.53 4.73 -15.59
N GLU B 73 28.81 5.74 -16.40
CA GLU B 73 28.51 5.69 -17.82
C GLU B 73 29.20 4.49 -18.50
N LEU B 74 28.46 3.86 -19.43
CA LEU B 74 28.95 2.77 -20.26
C LEU B 74 28.50 3.02 -21.68
N ASP B 75 29.45 2.98 -22.62
CA ASP B 75 29.19 3.33 -24.00
C ASP B 75 29.24 2.04 -24.81
N LEU B 76 28.06 1.46 -25.06
CA LEU B 76 27.92 0.18 -25.75
C LEU B 76 27.11 0.36 -27.04
N ASP B 77 27.58 -0.25 -28.11
CA ASP B 77 26.91 -0.13 -29.39
C ASP B 77 25.81 -1.17 -29.54
N ILE B 78 24.78 -0.99 -28.73
CA ILE B 78 23.67 -1.94 -28.68
C ILE B 78 22.88 -1.96 -29.99
N VAL B 79 22.45 -0.80 -30.47
CA VAL B 79 21.64 -0.75 -31.66
C VAL B 79 22.41 -1.28 -32.88
N GLY B 80 23.69 -0.94 -32.98
CA GLY B 80 24.54 -1.44 -34.07
C GLY B 80 24.75 -2.96 -34.07
N ASN B 81 24.58 -3.59 -32.91
CA ASN B 81 24.69 -5.05 -32.77
C ASN B 81 23.37 -5.69 -32.40
N ALA B 82 22.28 -5.04 -32.79
CA ALA B 82 20.96 -5.47 -32.35
C ALA B 82 20.63 -6.89 -32.82
N GLU B 83 21.05 -7.24 -34.02
CA GLU B 83 20.73 -8.55 -34.55
C GLU B 83 21.29 -9.67 -33.68
N SER B 84 22.56 -9.57 -33.32
CA SER B 84 23.20 -10.56 -32.49
C SER B 84 22.58 -10.60 -31.10
N ILE B 85 22.35 -9.42 -30.53
CA ILE B 85 21.77 -9.35 -29.19
C ILE B 85 20.38 -9.98 -29.17
N ALA B 86 19.57 -9.64 -30.16
CA ALA B 86 18.22 -10.18 -30.23
C ALA B 86 18.23 -11.68 -30.41
N ALA B 87 19.14 -12.20 -31.22
CA ALA B 87 19.22 -13.64 -31.42
C ALA B 87 19.64 -14.34 -30.14
N ALA B 88 20.59 -13.74 -29.42
CA ALA B 88 21.05 -14.35 -28.17
C ALA B 88 19.92 -14.32 -27.13
N ALA B 89 19.19 -13.22 -27.08
CA ALA B 89 18.05 -13.11 -26.16
C ALA B 89 16.99 -14.15 -26.51
N LYS B 90 16.71 -14.30 -27.79
CA LYS B 90 15.71 -15.27 -28.21
C LYS B 90 16.04 -16.69 -27.78
N GLU B 91 17.31 -17.06 -27.82
CA GLU B 91 17.69 -18.40 -27.42
C GLU B 91 17.39 -18.65 -25.92
N MET B 92 17.48 -17.59 -25.12
CA MET B 92 17.16 -17.69 -23.69
C MET B 92 15.65 -17.63 -23.43
N ILE B 93 14.93 -16.87 -24.21
CA ILE B 93 13.50 -16.67 -24.02
C ILE B 93 12.71 -17.90 -24.45
N GLN B 94 13.10 -18.53 -25.54
CA GLN B 94 12.34 -19.66 -26.04
C GLN B 94 12.39 -20.83 -25.06
N VAL B 95 11.46 -21.77 -25.22
CA VAL B 95 11.55 -23.03 -24.50
C VAL B 95 12.22 -24.07 -25.38
N THR B 96 11.74 -24.19 -26.61
CA THR B 96 12.34 -25.06 -27.61
C THR B 96 12.49 -24.34 -28.91
N GLU B 97 13.35 -24.92 -29.74
CA GLU B 97 13.69 -24.34 -31.02
C GLU B 97 12.39 -24.38 -31.83
N ASP B 98 12.09 -23.32 -32.55
CA ASP B 98 10.90 -23.28 -33.40
C ASP B 98 9.55 -23.36 -32.64
N ASP B 99 9.53 -22.96 -31.37
CA ASP B 99 8.25 -22.81 -30.65
C ASP B 99 7.67 -21.42 -31.01
N ASP B 100 6.65 -20.94 -30.30
CA ASP B 100 5.97 -19.71 -30.73
C ASP B 100 6.62 -18.42 -30.16
N THR B 101 7.89 -18.51 -29.79
CA THR B 101 8.67 -17.32 -29.44
C THR B 101 8.90 -16.46 -30.69
N ASN B 102 8.69 -15.15 -30.55
CA ASN B 102 9.04 -14.21 -31.61
C ASN B 102 9.92 -13.13 -31.03
N VAL B 103 11.02 -12.82 -31.71
CA VAL B 103 11.85 -11.66 -31.40
C VAL B 103 12.17 -11.01 -32.74
N GLU B 104 11.61 -9.84 -32.96
N GLU B 104 11.59 -9.85 -32.97
CA GLU B 104 11.67 -9.16 -34.25
CA GLU B 104 11.66 -9.15 -34.25
C GLU B 104 12.13 -7.72 -34.08
C GLU B 104 12.17 -7.74 -34.03
N LEU B 105 13.22 -7.36 -34.74
CA LEU B 105 13.71 -6.00 -34.71
C LEU B 105 12.86 -5.06 -35.55
N LEU B 106 12.74 -3.83 -35.06
CA LEU B 106 11.97 -2.75 -35.68
C LEU B 106 12.80 -1.48 -35.66
N GLY B 107 12.53 -0.58 -36.59
CA GLY B 107 13.16 0.73 -36.55
C GLY B 107 14.67 0.68 -36.65
N GLY B 108 15.17 -0.18 -37.52
CA GLY B 108 16.60 -0.30 -37.75
C GLY B 108 17.37 -0.80 -36.54
N GLY B 109 16.71 -1.62 -35.74
CA GLY B 109 17.35 -2.17 -34.54
C GLY B 109 17.15 -1.36 -33.29
N LYS B 110 16.43 -0.26 -33.39
CA LYS B 110 16.17 0.58 -32.20
C LYS B 110 15.16 -0.05 -31.25
N ARG B 111 14.26 -0.87 -31.79
CA ARG B 111 13.19 -1.51 -31.01
C ARG B 111 13.15 -3.00 -31.31
N ALA B 112 12.60 -3.77 -30.37
CA ALA B 112 12.29 -5.15 -30.63
C ALA B 112 10.91 -5.51 -30.11
N LEU B 113 10.18 -6.22 -30.96
CA LEU B 113 8.97 -6.92 -30.59
CA LEU B 113 8.97 -6.91 -30.58
C LEU B 113 9.37 -8.27 -30.02
N VAL B 114 8.87 -8.59 -28.83
CA VAL B 114 9.15 -9.86 -28.19
C VAL B 114 7.85 -10.48 -27.79
N GLN B 115 7.67 -11.75 -28.18
CA GLN B 115 6.55 -12.52 -27.72
C GLN B 115 7.14 -13.76 -27.05
N VAL B 116 7.01 -13.77 -25.74
CA VAL B 116 7.52 -14.85 -24.89
C VAL B 116 6.66 -16.10 -25.13
N PRO B 117 7.28 -17.30 -25.16
CA PRO B 117 6.49 -18.48 -25.57
C PRO B 117 5.30 -18.75 -24.65
N SER B 118 4.17 -19.09 -25.26
CA SER B 118 2.94 -19.32 -24.52
C SER B 118 3.12 -20.40 -23.44
N ALA B 119 3.99 -21.38 -23.69
CA ALA B 119 4.20 -22.45 -22.70
C ALA B 119 4.68 -21.95 -21.36
N ARG B 120 5.41 -20.84 -21.32
CA ARG B 120 5.87 -20.32 -20.04
C ARG B 120 4.68 -19.89 -19.19
N PHE B 121 3.61 -19.42 -19.84
CA PHE B 121 2.45 -18.91 -19.10
C PHE B 121 1.55 -20.07 -18.67
N ASP B 122 1.61 -21.18 -19.36
CA ASP B 122 0.80 -22.34 -18.99
C ASP B 122 1.25 -22.94 -17.66
N VAL B 123 2.49 -22.66 -17.25
CA VAL B 123 3.00 -23.15 -15.99
CA VAL B 123 3.05 -23.14 -15.99
C VAL B 123 3.40 -21.97 -15.08
N ALA B 124 2.71 -20.85 -15.28
CA ALA B 124 2.87 -19.65 -14.48
C ALA B 124 1.54 -19.29 -13.81
N ALA B 125 1.59 -18.61 -12.68
CA ALA B 125 0.37 -18.12 -12.07
C ALA B 125 -0.24 -16.97 -12.83
N GLU B 126 0.61 -16.09 -13.38
CA GLU B 126 0.09 -14.84 -13.94
C GLU B 126 0.89 -14.47 -15.20
N TYR B 127 1.20 -13.20 -15.40
CA TYR B 127 1.69 -12.72 -16.70
C TYR B 127 3.06 -12.03 -16.61
N SER B 128 3.60 -11.87 -15.41
CA SER B 128 4.83 -11.13 -15.20
C SER B 128 6.05 -11.84 -15.79
N ALA B 129 5.93 -13.11 -16.14
CA ALA B 129 7.02 -13.78 -16.84
C ALA B 129 7.36 -13.01 -18.13
N ALA B 130 6.41 -12.32 -18.76
CA ALA B 130 6.74 -11.66 -20.03
C ALA B 130 7.81 -10.58 -19.84
N PRO B 131 7.55 -9.56 -18.99
CA PRO B 131 8.62 -8.57 -18.81
C PRO B 131 9.85 -9.18 -18.10
N LEU B 132 9.66 -10.09 -17.15
CA LEU B 132 10.82 -10.55 -16.37
C LEU B 132 11.74 -11.48 -17.17
N VAL B 133 11.16 -12.38 -17.96
CA VAL B 133 11.97 -13.23 -18.82
C VAL B 133 12.63 -12.39 -19.92
N THR B 134 11.86 -11.49 -20.53
CA THR B 134 12.41 -10.65 -21.57
C THR B 134 13.56 -9.80 -21.02
N ALA B 135 13.35 -9.18 -19.85
CA ALA B 135 14.34 -8.28 -19.30
C ALA B 135 15.63 -9.02 -19.05
N THR B 136 15.57 -10.18 -18.40
CA THR B 136 16.82 -10.83 -18.05
C THR B 136 17.52 -11.41 -19.29
N ALA B 137 16.74 -11.84 -20.27
CA ALA B 137 17.35 -12.33 -21.51
C ALA B 137 18.11 -11.19 -22.22
N PHE B 138 17.55 -9.98 -22.26
CA PHE B 138 18.26 -8.89 -22.89
C PHE B 138 19.40 -8.36 -22.04
N VAL B 139 19.25 -8.36 -20.72
CA VAL B 139 20.37 -7.98 -19.85
C VAL B 139 21.53 -8.94 -20.08
N GLN B 140 21.25 -10.23 -20.04
CA GLN B 140 22.31 -11.22 -20.25
C GLN B 140 22.89 -11.12 -21.67
N ALA B 141 22.04 -10.96 -22.67
CA ALA B 141 22.53 -10.88 -24.05
C ALA B 141 23.45 -9.66 -24.26
N ILE B 142 23.10 -8.53 -23.64
CA ILE B 142 23.95 -7.34 -23.75
C ILE B 142 25.27 -7.55 -23.03
N ILE B 143 25.23 -8.08 -21.81
CA ILE B 143 26.45 -8.36 -21.07
C ILE B 143 27.36 -9.27 -21.88
N ASN B 144 26.78 -10.32 -22.44
CA ASN B 144 27.59 -11.27 -23.18
C ASN B 144 28.09 -10.73 -24.51
N GLU B 145 27.31 -9.89 -25.17
CA GLU B 145 27.74 -9.30 -26.45
C GLU B 145 29.03 -8.49 -26.28
N PHE B 146 29.12 -7.72 -25.21
CA PHE B 146 30.22 -6.80 -25.02
C PHE B 146 31.19 -7.20 -23.92
N ASP B 147 30.99 -8.40 -23.35
CA ASP B 147 31.78 -8.86 -22.22
C ASP B 147 31.82 -7.81 -21.12
N VAL B 148 30.64 -7.30 -20.78
CA VAL B 148 30.52 -6.34 -19.70
C VAL B 148 30.98 -7.01 -18.39
N SER B 149 31.80 -6.33 -17.61
CA SER B 149 32.36 -6.92 -16.42
C SER B 149 31.33 -7.08 -15.30
N MET B 150 31.68 -7.95 -14.35
CA MET B 150 30.97 -8.13 -13.12
C MET B 150 30.72 -6.77 -12.44
N TYR B 151 31.68 -5.88 -12.52
CA TYR B 151 31.61 -4.61 -11.81
C TYR B 151 30.62 -3.64 -12.42
N ASP B 152 30.39 -3.76 -13.72
CA ASP B 152 29.56 -2.83 -14.45
C ASP B 152 28.18 -3.37 -14.83
N ALA B 153 27.99 -4.68 -14.79
CA ALA B 153 26.80 -5.28 -15.35
C ALA B 153 25.51 -4.80 -14.69
N ASN B 154 25.56 -4.46 -13.41
CA ASN B 154 24.39 -3.98 -12.68
C ASN B 154 23.82 -2.70 -13.32
N MET B 155 24.63 -1.94 -14.06
CA MET B 155 24.13 -0.78 -14.79
C MET B 155 23.26 -1.21 -15.97
N VAL B 156 23.62 -2.31 -16.63
CA VAL B 156 22.78 -2.84 -17.71
C VAL B 156 21.40 -3.23 -17.17
N LYS B 157 21.41 -3.94 -16.04
CA LYS B 157 20.18 -4.30 -15.35
C LYS B 157 19.35 -3.06 -15.04
N ALA B 158 19.96 -2.02 -14.48
CA ALA B 158 19.20 -0.82 -14.18
C ALA B 158 18.65 -0.14 -15.44
N ALA B 159 19.42 -0.14 -16.53
CA ALA B 159 18.98 0.48 -17.76
C ALA B 159 17.79 -0.28 -18.38
N VAL B 160 17.72 -1.59 -18.19
CA VAL B 160 16.62 -2.36 -18.76
C VAL B 160 15.35 -2.29 -17.89
N LEU B 161 15.47 -2.57 -16.59
CA LEU B 161 14.30 -2.74 -15.74
C LEU B 161 14.09 -1.65 -14.71
N GLY B 162 15.02 -0.71 -14.59
CA GLY B 162 14.82 0.45 -13.74
C GLY B 162 15.17 0.25 -12.29
N ARG B 163 14.38 0.87 -11.40
CA ARG B 163 14.66 0.90 -9.98
C ARG B 163 14.11 -0.33 -9.24
N TYR B 164 13.44 -1.23 -9.96
CA TYR B 164 12.95 -2.46 -9.36
C TYR B 164 14.17 -3.27 -8.83
N PRO B 165 14.13 -3.80 -7.59
CA PRO B 165 13.00 -3.97 -6.68
C PRO B 165 12.89 -2.95 -5.56
N GLN B 166 13.71 -1.91 -5.54
CA GLN B 166 13.49 -0.87 -4.54
C GLN B 166 12.11 -0.23 -4.76
N SER B 167 11.79 0.14 -6.00
CA SER B 167 10.42 0.47 -6.38
C SER B 167 9.66 -0.83 -6.65
N VAL B 168 8.35 -0.79 -6.42
CA VAL B 168 7.50 -1.92 -6.74
C VAL B 168 7.37 -2.10 -8.27
N GLU B 169 7.26 -0.98 -8.97
CA GLU B 169 7.19 -0.97 -10.43
C GLU B 169 8.58 -0.98 -11.07
N TYR B 170 8.60 -1.19 -12.39
CA TYR B 170 9.84 -1.18 -13.16
C TYR B 170 10.12 0.29 -13.51
N MET B 171 10.52 1.06 -12.48
CA MET B 171 10.58 2.50 -12.56
C MET B 171 11.82 2.97 -13.33
N GLY B 172 11.61 3.57 -14.50
CA GLY B 172 12.71 3.89 -15.38
C GLY B 172 13.05 2.81 -16.39
N ALA B 173 12.26 1.75 -16.46
CA ALA B 173 12.57 0.66 -17.40
C ALA B 173 12.51 1.15 -18.85
N ASN B 174 13.22 0.42 -19.69
CA ASN B 174 13.21 0.62 -21.13
C ASN B 174 12.62 -0.58 -21.88
N ILE B 175 11.66 -1.21 -21.21
CA ILE B 175 10.73 -2.15 -21.83
C ILE B 175 9.32 -1.67 -21.50
N ALA B 176 8.33 -2.12 -22.26
CA ALA B 176 6.95 -1.74 -22.03
C ALA B 176 6.02 -2.88 -22.36
N THR B 177 4.92 -2.94 -21.64
CA THR B 177 3.84 -3.88 -21.91
C THR B 177 2.51 -3.14 -21.87
N MET B 178 1.47 -3.70 -22.49
CA MET B 178 0.14 -3.13 -22.33
C MET B 178 -0.42 -3.35 -20.95
N LEU B 179 -0.10 -4.49 -20.36
CA LEU B 179 -0.47 -4.80 -18.97
C LEU B 179 0.47 -4.06 -18.02
N ASP B 180 0.04 -3.94 -16.76
CA ASP B 180 0.80 -3.33 -15.69
C ASP B 180 0.89 -4.33 -14.55
N ILE B 181 1.70 -4.05 -13.54
CA ILE B 181 2.08 -5.07 -12.57
C ILE B 181 0.88 -5.53 -11.74
N PRO B 182 0.94 -6.79 -11.27
CA PRO B 182 -0.23 -7.34 -10.56
C PRO B 182 -0.59 -6.59 -9.27
N GLN B 183 0.37 -5.91 -8.66
CA GLN B 183 0.12 -5.18 -7.43
C GLN B 183 -0.81 -3.98 -7.61
N LYS B 184 -0.89 -3.48 -8.84
CA LYS B 184 -1.67 -2.29 -9.12
C LYS B 184 -3.13 -2.57 -9.45
N LEU B 185 -3.54 -3.83 -9.45
CA LEU B 185 -4.94 -4.18 -9.63
C LEU B 185 -5.81 -3.60 -8.53
N GLU B 186 -6.91 -2.97 -8.90
N GLU B 186 -6.93 -2.96 -8.90
CA GLU B 186 -7.84 -2.48 -7.91
CA GLU B 186 -7.93 -2.48 -7.92
C GLU B 186 -8.47 -3.63 -7.14
C GLU B 186 -8.73 -3.60 -7.23
N GLY B 187 -8.71 -4.75 -7.84
CA GLY B 187 -9.30 -5.94 -7.25
C GLY B 187 -8.75 -7.14 -7.98
N PRO B 188 -8.83 -8.31 -7.37
CA PRO B 188 -8.45 -9.50 -8.09
C PRO B 188 -9.27 -9.62 -9.38
N GLY B 189 -8.64 -10.11 -10.44
CA GLY B 189 -9.32 -10.29 -11.73
C GLY B 189 -9.31 -9.05 -12.65
N TYR B 190 -8.67 -7.97 -12.20
CA TYR B 190 -8.69 -6.69 -12.92
C TYR B 190 -7.56 -6.51 -13.95
N ALA B 191 -6.67 -7.48 -14.17
CA ALA B 191 -5.50 -7.16 -14.95
C ALA B 191 -5.76 -6.72 -16.39
N LEU B 192 -6.72 -7.34 -17.06
CA LEU B 192 -7.02 -6.95 -18.43
C LEU B 192 -7.75 -5.62 -18.49
N ARG B 193 -8.10 -5.05 -17.34
CA ARG B 193 -8.68 -3.71 -17.29
C ARG B 193 -7.61 -2.62 -17.14
N ASN B 194 -6.41 -2.97 -16.69
CA ASN B 194 -5.39 -1.96 -16.45
C ASN B 194 -4.52 -1.80 -17.67
N ILE B 195 -5.19 -1.36 -18.73
CA ILE B 195 -4.62 -1.16 -20.06
C ILE B 195 -5.12 0.22 -20.50
N MET B 196 -4.20 1.17 -20.61
CA MET B 196 -4.54 2.53 -20.90
C MET B 196 -5.33 2.63 -22.19
N VAL B 197 -6.36 3.49 -22.23
CA VAL B 197 -7.10 3.70 -23.45
C VAL B 197 -6.17 4.08 -24.61
N ASN B 198 -5.20 4.95 -24.33
CA ASN B 198 -4.29 5.36 -25.38
C ASN B 198 -3.51 4.18 -25.97
N HIS B 199 -3.22 3.16 -25.16
CA HIS B 199 -2.52 1.99 -25.69
C HIS B 199 -3.38 1.24 -26.68
N VAL B 200 -4.67 1.12 -26.39
CA VAL B 200 -5.61 0.45 -27.27
C VAL B 200 -5.70 1.21 -28.59
N VAL B 201 -5.81 2.53 -28.49
CA VAL B 201 -5.96 3.38 -29.67
C VAL B 201 -4.69 3.30 -30.50
N ALA B 202 -3.53 3.31 -29.85
CA ALA B 202 -2.26 3.17 -30.55
C ALA B 202 -2.15 1.84 -31.30
N ALA B 203 -2.50 0.75 -30.63
CA ALA B 203 -2.34 -0.59 -31.23
C ALA B 203 -3.22 -0.77 -32.45
N THR B 204 -4.37 -0.10 -32.46
CA THR B 204 -5.34 -0.25 -33.54
C THR B 204 -5.26 0.90 -34.57
N LEU B 205 -4.22 1.73 -34.45
CA LEU B 205 -3.93 2.79 -35.45
C LEU B 205 -5.12 3.73 -35.62
N LYS B 206 -5.84 3.98 -34.53
CA LYS B 206 -6.96 4.93 -34.49
C LYS B 206 -8.12 4.55 -35.41
N ASN B 207 -8.22 3.28 -35.80
CA ASN B 207 -9.39 2.79 -36.51
C ASN B 207 -10.51 2.66 -35.46
N THR B 208 -11.55 3.47 -35.59
CA THR B 208 -12.52 3.63 -34.51
C THR B 208 -13.20 2.31 -34.12
N LEU B 209 -13.69 1.55 -35.10
CA LEU B 209 -14.36 0.29 -34.79
C LEU B 209 -13.39 -0.73 -34.23
N GLN B 210 -12.15 -0.77 -34.73
CA GLN B 210 -11.20 -1.73 -34.19
C GLN B 210 -10.80 -1.36 -32.76
N ALA B 211 -10.63 -0.07 -32.46
CA ALA B 211 -10.33 0.38 -31.09
C ALA B 211 -11.47 0.00 -30.15
N ALA B 212 -12.71 0.25 -30.56
CA ALA B 212 -13.87 -0.13 -29.77
C ALA B 212 -13.88 -1.64 -29.54
N ALA B 213 -13.55 -2.40 -30.59
CA ALA B 213 -13.58 -3.86 -30.48
C ALA B 213 -12.50 -4.35 -29.53
N LEU B 214 -11.27 -3.87 -29.67
CA LEU B 214 -10.20 -4.32 -28.79
C LEU B 214 -10.53 -4.00 -27.33
N SER B 215 -11.00 -2.78 -27.09
CA SER B 215 -11.35 -2.38 -25.74
C SER B 215 -12.48 -3.26 -25.17
N THR B 216 -13.50 -3.52 -25.98
CA THR B 216 -14.61 -4.33 -25.51
C THR B 216 -14.16 -5.75 -25.20
N ILE B 217 -13.32 -6.30 -26.05
CA ILE B 217 -12.80 -7.65 -25.84
C ILE B 217 -12.06 -7.70 -24.53
N LEU B 218 -11.20 -6.71 -24.27
CA LEU B 218 -10.42 -6.74 -23.03
C LEU B 218 -11.31 -6.54 -21.80
N GLU B 219 -12.22 -5.57 -21.85
CA GLU B 219 -13.14 -5.31 -20.76
C GLU B 219 -14.02 -6.51 -20.46
N GLN B 220 -14.66 -7.06 -21.48
CA GLN B 220 -15.61 -8.13 -21.23
C GLN B 220 -14.88 -9.44 -20.88
N THR B 221 -13.67 -9.65 -21.41
CA THR B 221 -12.90 -10.80 -20.95
C THR B 221 -12.57 -10.65 -19.44
N ALA B 222 -12.24 -9.45 -19.00
CA ALA B 222 -12.02 -9.22 -17.59
C ALA B 222 -13.28 -9.50 -16.78
N MET B 223 -14.46 -9.21 -17.33
CA MET B 223 -15.70 -9.49 -16.60
C MET B 223 -15.86 -11.00 -16.35
N PHE B 224 -15.36 -11.83 -17.25
CA PHE B 224 -15.34 -13.28 -16.97
C PHE B 224 -14.33 -13.61 -15.88
N GLU B 225 -13.13 -13.03 -15.91
CA GLU B 225 -12.10 -13.33 -14.92
C GLU B 225 -12.52 -12.88 -13.51
N MET B 226 -13.31 -11.80 -13.48
CA MET B 226 -13.82 -11.23 -12.22
C MET B 226 -15.02 -11.99 -11.66
N GLY B 227 -15.58 -12.90 -12.47
CA GLY B 227 -16.80 -13.58 -12.10
C GLY B 227 -18.08 -12.84 -12.37
N ASP B 228 -18.01 -11.62 -12.89
CA ASP B 228 -19.22 -10.83 -13.13
C ASP B 228 -20.09 -11.47 -14.22
N ALA B 229 -19.46 -12.13 -15.18
CA ALA B 229 -20.17 -12.75 -16.31
C ALA B 229 -20.42 -14.24 -16.06
N VAL B 230 -20.73 -14.60 -14.83
CA VAL B 230 -21.06 -15.96 -14.42
C VAL B 230 -22.53 -16.04 -14.04
N GLY B 231 -23.19 -17.09 -14.47
CA GLY B 231 -24.54 -17.33 -14.00
C GLY B 231 -25.52 -16.35 -14.59
N ALA B 232 -26.24 -15.67 -13.70
CA ALA B 232 -27.34 -14.82 -14.11
C ALA B 232 -26.98 -13.71 -15.06
N PHE B 233 -25.74 -13.25 -15.04
CA PHE B 233 -25.26 -12.10 -15.73
CA PHE B 233 -25.43 -12.06 -15.85
C PHE B 233 -24.55 -12.40 -17.05
N GLU B 234 -24.31 -13.67 -17.32
CA GLU B 234 -23.48 -14.04 -18.43
C GLU B 234 -24.03 -13.52 -19.77
N ARG B 235 -25.31 -13.78 -20.00
CA ARG B 235 -25.92 -13.38 -21.27
C ARG B 235 -25.86 -11.86 -21.47
N MET B 236 -26.09 -11.10 -20.41
CA MET B 236 -26.00 -9.63 -20.46
CA MET B 236 -26.03 -9.65 -20.52
CA MET B 236 -26.02 -9.64 -20.51
C MET B 236 -24.63 -9.18 -20.96
N HIS B 237 -23.60 -9.79 -20.41
CA HIS B 237 -22.23 -9.43 -20.79
C HIS B 237 -21.92 -9.85 -22.21
N LEU B 238 -22.35 -11.05 -22.63
CA LEU B 238 -22.13 -11.48 -24.00
C LEU B 238 -22.87 -10.61 -25.01
N LEU B 239 -24.13 -10.28 -24.72
CA LEU B 239 -24.88 -9.40 -25.61
C LEU B 239 -24.23 -8.02 -25.68
N GLY B 240 -23.65 -7.55 -24.57
CA GLY B 240 -22.97 -6.26 -24.58
C GLY B 240 -21.72 -6.32 -25.44
N LEU B 241 -20.92 -7.37 -25.28
CA LEU B 241 -19.76 -7.59 -26.15
C LEU B 241 -20.19 -7.54 -27.62
N ALA B 242 -21.22 -8.31 -27.95
CA ALA B 242 -21.64 -8.44 -29.34
C ALA B 242 -22.13 -7.10 -29.91
N TYR B 243 -23.09 -6.49 -29.25
CA TYR B 243 -23.77 -5.33 -29.81
C TYR B 243 -22.98 -4.03 -29.62
N GLN B 244 -22.27 -3.86 -28.51
CA GLN B 244 -21.54 -2.61 -28.29
C GLN B 244 -20.16 -2.65 -28.93
N GLY B 245 -19.50 -3.81 -28.91
CA GLY B 245 -18.12 -3.85 -29.36
C GLY B 245 -17.83 -4.62 -30.63
N MET B 246 -18.74 -5.47 -31.07
CA MET B 246 -18.52 -6.27 -32.28
C MET B 246 -19.47 -5.86 -33.42
N ASN B 247 -20.20 -4.77 -33.24
CA ASN B 247 -21.13 -4.30 -34.27
C ASN B 247 -22.10 -5.39 -34.73
N ALA B 248 -22.60 -6.16 -33.78
CA ALA B 248 -23.55 -7.20 -34.12
C ALA B 248 -24.77 -6.60 -34.80
N ASP B 249 -25.26 -7.32 -35.81
CA ASP B 249 -26.40 -6.92 -36.60
C ASP B 249 -26.21 -5.57 -37.28
N ASN B 250 -24.96 -5.09 -37.35
CA ASN B 250 -24.63 -3.79 -37.96
C ASN B 250 -25.34 -2.62 -37.25
N LEU B 251 -25.73 -2.81 -36.00
CA LEU B 251 -26.56 -1.80 -35.34
C LEU B 251 -25.79 -0.51 -35.02
N VAL B 252 -24.60 -0.61 -34.43
CA VAL B 252 -23.76 0.57 -34.23
C VAL B 252 -23.51 1.28 -35.56
N PHE B 253 -23.08 0.52 -36.56
CA PHE B 253 -22.75 1.10 -37.85
C PHE B 253 -23.93 1.85 -38.44
N ASP B 254 -25.10 1.22 -38.45
CA ASP B 254 -26.28 1.83 -39.05
C ASP B 254 -26.79 3.02 -38.27
N LEU B 255 -26.67 3.02 -36.95
CA LEU B 255 -27.04 4.20 -36.19
C LEU B 255 -26.11 5.37 -36.50
N VAL B 256 -24.83 5.09 -36.65
CA VAL B 256 -23.87 6.13 -37.01
C VAL B 256 -24.18 6.64 -38.41
N LYS B 257 -24.48 5.73 -39.35
CA LYS B 257 -24.75 6.17 -40.72
C LYS B 257 -25.93 7.12 -40.74
N ALA B 258 -26.98 6.78 -39.99
CA ALA B 258 -28.20 7.56 -40.01
C ALA B 258 -28.08 8.87 -39.27
N ASN B 259 -27.07 9.03 -38.43
CA ASN B 259 -26.94 10.22 -37.60
C ASN B 259 -25.67 10.99 -37.82
N GLY B 260 -24.82 10.54 -38.72
CA GLY B 260 -23.50 11.13 -38.83
C GLY B 260 -23.49 12.50 -39.49
N LYS B 261 -24.38 12.72 -40.44
CA LYS B 261 -24.36 14.00 -41.16
C LYS B 261 -24.78 15.20 -40.35
N GLU B 262 -25.86 15.06 -39.59
CA GLU B 262 -26.43 16.17 -38.82
C GLU B 262 -26.81 15.83 -37.40
N GLY B 263 -26.55 14.59 -36.97
CA GLY B 263 -27.11 14.11 -35.74
C GLY B 263 -26.40 14.56 -34.48
N THR B 264 -27.06 14.23 -33.38
CA THR B 264 -26.69 14.58 -32.02
C THR B 264 -26.86 13.33 -31.15
N VAL B 265 -26.50 13.42 -29.88
CA VAL B 265 -26.77 12.33 -28.94
C VAL B 265 -28.27 12.06 -28.92
N GLY B 266 -29.08 13.10 -28.86
CA GLY B 266 -30.52 12.95 -28.84
C GLY B 266 -31.09 12.27 -30.07
N SER B 267 -30.60 12.59 -31.26
CA SER B 267 -31.17 11.96 -32.45
C SER B 267 -30.78 10.48 -32.50
N VAL B 268 -29.60 10.11 -32.02
CA VAL B 268 -29.25 8.71 -31.91
C VAL B 268 -30.18 7.97 -30.94
N ILE B 269 -30.48 8.55 -29.79
CA ILE B 269 -31.41 7.96 -28.84
C ILE B 269 -32.75 7.68 -29.54
N ALA B 270 -33.27 8.66 -30.26
CA ALA B 270 -34.57 8.51 -30.89
C ALA B 270 -34.54 7.32 -31.83
N ASP B 271 -33.49 7.22 -32.62
CA ASP B 271 -33.39 6.13 -33.58
C ASP B 271 -33.23 4.78 -32.88
N LEU B 272 -32.49 4.73 -31.79
CA LEU B 272 -32.31 3.47 -31.07
C LEU B 272 -33.63 3.01 -30.46
N VAL B 273 -34.38 3.92 -29.84
CA VAL B 273 -35.67 3.54 -29.25
C VAL B 273 -36.62 3.01 -30.35
N GLU B 274 -36.63 3.67 -31.51
CA GLU B 274 -37.45 3.22 -32.63
CA GLU B 274 -37.44 3.24 -32.64
C GLU B 274 -37.05 1.82 -33.07
N ARG B 275 -35.75 1.56 -33.14
CA ARG B 275 -35.25 0.26 -33.57
C ARG B 275 -35.56 -0.83 -32.55
N ALA B 276 -35.45 -0.50 -31.28
CA ALA B 276 -35.79 -1.45 -30.20
C ALA B 276 -37.26 -1.81 -30.27
N LEU B 277 -38.12 -0.82 -30.54
CA LEU B 277 -39.55 -1.08 -30.66
C LEU B 277 -39.83 -1.96 -31.90
N GLU B 278 -39.22 -1.60 -33.02
CA GLU B 278 -39.43 -2.34 -34.26
C GLU B 278 -39.03 -3.80 -34.12
N ASP B 279 -37.97 -4.07 -33.36
CA ASP B 279 -37.42 -5.41 -33.24
C ASP B 279 -38.09 -6.18 -32.11
N GLY B 280 -39.03 -5.56 -31.42
CA GLY B 280 -39.77 -6.22 -30.35
C GLY B 280 -38.99 -6.34 -29.05
N VAL B 281 -37.89 -5.59 -28.91
CA VAL B 281 -37.11 -5.62 -27.67
C VAL B 281 -37.86 -4.89 -26.56
N ILE B 282 -38.55 -3.81 -26.91
CA ILE B 282 -39.36 -3.07 -25.93
C ILE B 282 -40.76 -2.91 -26.49
N LYS B 283 -41.68 -2.55 -25.62
CA LYS B 283 -43.09 -2.39 -25.98
C LYS B 283 -43.72 -1.39 -25.03
N VAL B 284 -44.78 -0.71 -25.46
CA VAL B 284 -45.46 0.21 -24.57
C VAL B 284 -46.16 -0.62 -23.50
N GLU B 285 -45.89 -0.28 -22.24
CA GLU B 285 -46.45 -0.98 -21.10
C GLU B 285 -47.69 -0.24 -20.66
N LYS B 286 -47.63 1.09 -20.69
CA LYS B 286 -48.80 1.86 -20.34
C LYS B 286 -48.67 3.31 -20.76
N GLU B 287 -49.80 4.00 -20.75
CA GLU B 287 -49.88 5.37 -21.20
C GLU B 287 -50.14 6.29 -20.03
N LEU B 288 -49.26 7.26 -19.86
CA LEU B 288 -49.51 8.39 -19.00
C LEU B 288 -50.06 9.53 -19.86
N THR B 289 -50.02 10.75 -19.37
CA THR B 289 -50.59 11.88 -20.15
C THR B 289 -49.57 12.29 -21.20
N ASP B 290 -49.89 12.01 -22.46
CA ASP B 290 -49.03 12.36 -23.58
C ASP B 290 -47.62 11.80 -23.38
N TYR B 291 -47.54 10.60 -22.81
CA TYR B 291 -46.26 9.98 -22.50
C TYR B 291 -46.44 8.47 -22.42
N LYS B 292 -45.66 7.75 -23.22
CA LYS B 292 -45.66 6.28 -23.24
C LYS B 292 -44.59 5.74 -22.34
N VAL B 293 -44.98 4.82 -21.46
CA VAL B 293 -44.04 4.13 -20.58
C VAL B 293 -43.69 2.82 -21.24
N TYR B 294 -42.43 2.61 -21.57
CA TYR B 294 -41.98 1.38 -22.20
C TYR B 294 -41.52 0.35 -21.17
N GLY B 295 -41.78 -0.91 -21.51
CA GLY B 295 -41.30 -2.04 -20.75
C GLY B 295 -40.58 -3.00 -21.66
N THR B 296 -39.95 -4.01 -21.06
CA THR B 296 -39.25 -5.04 -21.82
C THR B 296 -39.39 -6.37 -21.10
N ASP B 297 -39.48 -7.43 -21.88
CA ASP B 297 -39.44 -8.80 -21.35
C ASP B 297 -38.03 -9.37 -21.44
N ASP B 298 -37.06 -8.56 -21.86
CA ASP B 298 -35.69 -9.04 -22.03
C ASP B 298 -34.72 -7.90 -21.69
N LEU B 299 -34.53 -7.69 -20.42
CA LEU B 299 -33.69 -6.60 -19.97
C LEU B 299 -32.26 -6.66 -20.52
N ALA B 300 -31.69 -7.86 -20.66
CA ALA B 300 -30.34 -7.98 -21.17
C ALA B 300 -30.24 -7.53 -22.61
N MET B 301 -31.28 -7.82 -23.41
CA MET B 301 -31.27 -7.37 -24.78
C MET B 301 -31.55 -5.87 -24.91
N TRP B 302 -32.48 -5.35 -24.10
CA TRP B 302 -32.65 -3.89 -24.06
C TRP B 302 -31.32 -3.22 -23.69
N ASN B 303 -30.64 -3.76 -22.70
CA ASN B 303 -29.36 -3.20 -22.30
C ASN B 303 -28.36 -3.18 -23.46
N ALA B 304 -28.33 -4.26 -24.23
CA ALA B 304 -27.41 -4.39 -25.34
C ALA B 304 -27.74 -3.41 -26.45
N TYR B 305 -29.00 -3.29 -26.81
CA TYR B 305 -29.43 -2.29 -27.79
C TYR B 305 -29.05 -0.89 -27.30
N ALA B 306 -29.37 -0.61 -26.05
CA ALA B 306 -29.04 0.70 -25.51
C ALA B 306 -27.53 0.93 -25.54
N ALA B 307 -26.75 -0.10 -25.27
CA ALA B 307 -25.29 0.00 -25.32
C ALA B 307 -24.77 0.27 -26.74
N ALA B 308 -25.37 -0.38 -27.74
CA ALA B 308 -25.02 -0.08 -29.13
C ALA B 308 -25.31 1.39 -29.45
N GLY B 309 -26.45 1.89 -29.00
CA GLY B 309 -26.80 3.28 -29.23
C GLY B 309 -25.81 4.22 -28.54
N LEU B 310 -25.35 3.83 -27.36
CA LEU B 310 -24.37 4.60 -26.61
C LEU B 310 -23.06 4.75 -27.39
N MET B 311 -22.58 3.65 -27.94
CA MET B 311 -21.41 3.69 -28.77
C MET B 311 -21.63 4.58 -29.98
N ALA B 312 -22.75 4.38 -30.67
CA ALA B 312 -23.03 5.22 -31.83
C ALA B 312 -23.13 6.70 -31.45
N ALA B 313 -23.72 7.00 -30.29
CA ALA B 313 -23.85 8.40 -29.85
C ALA B 313 -22.47 9.00 -29.60
N THR B 314 -21.53 8.22 -29.07
CA THR B 314 -20.17 8.69 -28.86
C THR B 314 -19.53 8.97 -30.20
N MET B 315 -19.69 8.05 -31.13
CA MET B 315 -19.09 8.19 -32.45
C MET B 315 -19.66 9.46 -33.15
N VAL B 316 -20.96 9.68 -33.03
CA VAL B 316 -21.58 10.86 -33.63
C VAL B 316 -21.18 12.17 -32.91
N ASN B 317 -21.18 12.16 -31.59
CA ASN B 317 -20.93 13.40 -30.86
C ASN B 317 -19.44 13.76 -30.89
N GLN B 318 -18.59 12.81 -30.47
CA GLN B 318 -17.15 13.09 -30.48
C GLN B 318 -16.58 13.03 -31.90
N GLY B 319 -17.19 12.25 -32.78
CA GLY B 319 -16.80 12.29 -34.19
C GLY B 319 -17.07 13.63 -34.84
N ALA B 320 -18.19 14.26 -34.51
CA ALA B 320 -18.52 15.56 -35.08
C ALA B 320 -17.53 16.62 -34.57
N ALA B 321 -17.15 16.56 -33.31
CA ALA B 321 -16.19 17.52 -32.75
C ALA B 321 -14.75 17.21 -33.14
N ARG B 322 -14.54 15.96 -33.54
CA ARG B 322 -13.21 15.36 -33.69
CA ARG B 322 -13.22 15.36 -33.68
C ARG B 322 -12.36 15.70 -32.46
N ALA B 323 -12.99 15.63 -31.29
CA ALA B 323 -12.38 16.02 -30.02
C ALA B 323 -12.93 15.08 -28.98
N ALA B 324 -12.06 14.37 -28.26
CA ALA B 324 -12.52 13.30 -27.41
C ALA B 324 -13.17 13.73 -26.11
N GLN B 325 -12.88 14.94 -25.64
CA GLN B 325 -13.26 15.30 -24.25
C GLN B 325 -14.74 15.08 -23.91
N GLY B 326 -15.62 15.33 -24.87
CA GLY B 326 -17.04 15.22 -24.59
C GLY B 326 -17.58 13.81 -24.47
N VAL B 327 -16.72 12.80 -24.60
CA VAL B 327 -17.18 11.43 -24.35
C VAL B 327 -17.70 11.27 -22.90
N SER B 328 -17.15 12.01 -21.95
CA SER B 328 -17.65 11.91 -20.59
C SER B 328 -19.09 12.42 -20.52
N SER B 329 -19.40 13.46 -21.28
CA SER B 329 -20.74 14.02 -21.37
C SER B 329 -21.68 13.08 -22.09
N THR B 330 -21.24 12.52 -23.22
CA THR B 330 -22.09 11.55 -23.94
C THR B 330 -22.44 10.36 -23.07
N LEU B 331 -21.46 9.80 -22.39
CA LEU B 331 -21.69 8.66 -21.51
C LEU B 331 -22.71 8.98 -20.44
N LEU B 332 -22.73 10.22 -19.99
CA LEU B 332 -23.66 10.63 -18.95
C LEU B 332 -25.06 10.86 -19.55
N TYR B 333 -25.16 11.80 -20.50
CA TYR B 333 -26.49 12.26 -20.93
C TYR B 333 -27.18 11.34 -21.94
N TYR B 334 -26.45 10.49 -22.65
CA TYR B 334 -27.14 9.45 -23.42
C TYR B 334 -28.00 8.65 -22.47
N ASN B 335 -27.40 8.24 -21.36
CA ASN B 335 -28.09 7.42 -20.37
C ASN B 335 -29.16 8.17 -19.59
N ASP B 336 -28.86 9.39 -19.16
CA ASP B 336 -29.86 10.20 -18.48
C ASP B 336 -31.08 10.45 -19.38
N LEU B 337 -30.80 10.90 -20.60
CA LEU B 337 -31.88 11.18 -21.54
C LEU B 337 -32.70 9.92 -21.85
N ILE B 338 -32.06 8.78 -22.05
CA ILE B 338 -32.82 7.63 -22.54
C ILE B 338 -33.77 7.13 -21.46
N GLU B 339 -33.42 7.28 -20.18
CA GLU B 339 -34.33 6.90 -19.10
C GLU B 339 -35.59 7.77 -19.08
N PHE B 340 -35.44 9.09 -19.20
CA PHE B 340 -36.63 9.93 -19.18
C PHE B 340 -37.38 9.91 -20.52
N GLU B 341 -36.75 9.45 -21.58
CA GLU B 341 -37.42 9.21 -22.86
C GLU B 341 -38.31 7.97 -22.85
N THR B 342 -37.98 6.98 -22.02
CA THR B 342 -38.61 5.67 -22.11
C THR B 342 -39.26 5.12 -20.85
N GLY B 343 -38.73 5.48 -19.68
CA GLY B 343 -39.10 4.76 -18.46
C GLY B 343 -38.40 3.45 -18.24
N LEU B 344 -37.37 3.19 -19.04
CA LEU B 344 -36.51 2.01 -18.88
C LEU B 344 -35.16 2.38 -18.32
N PRO B 345 -34.48 1.44 -17.66
CA PRO B 345 -33.14 1.74 -17.11
C PRO B 345 -32.09 1.91 -18.18
N SER B 346 -31.13 2.77 -17.91
CA SER B 346 -30.04 3.03 -18.83
C SER B 346 -29.00 1.90 -18.83
N VAL B 347 -27.95 2.10 -19.63
CA VAL B 347 -26.97 1.04 -19.85
C VAL B 347 -26.29 0.67 -18.53
N ASP B 348 -26.25 -0.63 -18.25
CA ASP B 348 -25.62 -1.15 -17.03
C ASP B 348 -26.37 -0.62 -15.77
N PHE B 349 -27.66 -0.36 -15.95
CA PHE B 349 -28.59 -0.05 -14.87
CA PHE B 349 -28.63 -0.02 -14.91
C PHE B 349 -28.17 1.19 -14.07
N GLY B 350 -27.62 2.19 -14.78
CA GLY B 350 -27.16 3.41 -14.16
C GLY B 350 -25.65 3.47 -13.99
N LYS B 351 -24.94 2.33 -14.10
CA LYS B 351 -23.52 2.36 -13.81
CA LYS B 351 -23.51 2.31 -13.86
C LYS B 351 -22.70 3.05 -14.89
N VAL B 352 -23.17 3.08 -16.15
CA VAL B 352 -22.45 3.90 -17.12
C VAL B 352 -22.66 5.39 -16.76
N GLU B 353 -23.89 5.78 -16.47
CA GLU B 353 -24.15 7.16 -16.10
C GLU B 353 -23.28 7.57 -14.90
N GLY B 354 -23.21 6.71 -13.88
CA GLY B 354 -22.39 7.02 -12.71
C GLY B 354 -20.93 7.15 -13.06
N THR B 355 -20.40 6.18 -13.79
CA THR B 355 -19.02 6.27 -14.26
C THR B 355 -18.80 7.61 -14.95
N ALA B 356 -19.76 8.00 -15.79
CA ALA B 356 -19.65 9.21 -16.59
C ALA B 356 -19.65 10.47 -15.73
N VAL B 357 -20.43 10.48 -14.65
CA VAL B 357 -20.43 11.62 -13.73
C VAL B 357 -19.02 11.84 -13.19
N GLY B 358 -18.43 10.78 -12.63
CA GLY B 358 -17.10 10.93 -12.06
C GLY B 358 -16.02 11.18 -13.11
N PHE B 359 -16.14 10.51 -14.24
CA PHE B 359 -15.20 10.71 -15.36
C PHE B 359 -15.27 12.15 -15.89
N SER B 360 -16.47 12.72 -15.99
CA SER B 360 -16.59 14.11 -16.38
C SER B 360 -15.86 14.99 -15.38
N PHE B 361 -16.17 14.81 -14.11
CA PHE B 361 -15.50 15.56 -13.03
C PHE B 361 -13.99 15.42 -13.12
N PHE B 362 -13.51 14.19 -13.19
CA PHE B 362 -12.06 13.93 -13.18
C PHE B 362 -11.40 14.09 -14.54
N SER B 363 -12.08 14.71 -15.51
CA SER B 363 -11.41 15.13 -16.76
C SER B 363 -11.66 16.62 -17.00
N HIS B 364 -12.17 17.34 -16.01
CA HIS B 364 -12.39 18.78 -16.11
C HIS B 364 -12.14 19.48 -14.76
N SER B 365 -11.37 18.89 -13.85
CA SER B 365 -11.21 19.45 -12.52
CA SER B 365 -11.22 19.43 -12.51
C SER B 365 -9.77 19.35 -12.02
N ILE B 366 -9.52 19.93 -10.85
CA ILE B 366 -8.18 19.96 -10.31
C ILE B 366 -7.77 18.64 -9.62
N TYR B 367 -8.71 17.74 -9.35
CA TYR B 367 -8.46 16.76 -8.28
C TYR B 367 -7.71 15.50 -8.69
N GLY B 368 -7.69 15.20 -9.98
CA GLY B 368 -7.10 13.97 -10.46
C GLY B 368 -7.54 13.71 -11.87
N GLY B 369 -7.44 12.46 -12.30
CA GLY B 369 -7.79 12.10 -13.67
C GLY B 369 -6.84 12.68 -14.69
N GLY B 370 -7.41 13.28 -15.72
CA GLY B 370 -6.64 13.70 -16.87
C GLY B 370 -7.53 13.68 -18.09
N GLY B 371 -6.91 13.66 -19.26
CA GLY B 371 -7.66 13.53 -20.50
C GLY B 371 -8.18 12.13 -20.68
N PRO B 372 -9.13 11.94 -21.62
CA PRO B 372 -9.76 10.63 -21.79
C PRO B 372 -8.80 9.48 -21.98
N GLY B 373 -7.69 9.70 -22.69
CA GLY B 373 -6.80 8.63 -23.05
C GLY B 373 -6.04 8.00 -21.91
N ILE B 374 -5.94 8.64 -20.75
CA ILE B 374 -5.16 8.06 -19.66
C ILE B 374 -6.04 7.20 -18.74
N PHE B 375 -7.34 7.14 -19.01
CA PHE B 375 -8.20 6.26 -18.23
C PHE B 375 -8.11 4.80 -18.70
N ASN B 376 -8.74 3.91 -17.94
CA ASN B 376 -8.73 2.46 -18.20
C ASN B 376 -9.73 1.84 -17.24
N GLY B 377 -10.10 0.60 -17.49
CA GLY B 377 -11.06 -0.07 -16.65
C GLY B 377 -10.63 -0.35 -15.22
N ASN B 378 -9.33 -0.22 -14.96
CA ASN B 378 -8.81 -0.36 -13.59
C ASN B 378 -8.67 0.98 -12.87
N HIS B 379 -8.87 2.09 -13.56
CA HIS B 379 -8.72 3.40 -12.95
C HIS B 379 -9.85 3.55 -11.94
N ILE B 380 -9.57 4.13 -10.79
CA ILE B 380 -10.62 4.29 -9.79
C ILE B 380 -11.80 5.07 -10.31
N VAL B 381 -11.60 5.99 -11.25
CA VAL B 381 -12.69 6.81 -11.76
C VAL B 381 -13.62 6.00 -12.67
N THR B 382 -13.04 5.06 -13.43
CA THR B 382 -13.75 4.45 -14.55
C THR B 382 -13.86 2.93 -14.44
N ARG B 383 -13.77 2.38 -13.24
CA ARG B 383 -13.88 0.93 -13.04
C ARG B 383 -15.32 0.47 -12.84
N HIS B 384 -16.28 1.40 -12.66
CA HIS B 384 -17.56 1.05 -12.04
C HIS B 384 -18.51 0.32 -12.97
N SER B 385 -18.61 0.80 -14.21
CA SER B 385 -19.40 0.07 -15.23
C SER B 385 -18.62 -1.18 -15.63
N LYS B 386 -19.35 -2.27 -15.81
CA LYS B 386 -18.75 -3.59 -16.04
C LYS B 386 -18.62 -3.85 -17.53
N GLY B 387 -17.83 -2.96 -18.13
CA GLY B 387 -17.41 -3.10 -19.53
C GLY B 387 -18.06 -2.19 -20.53
N PHE B 388 -19.05 -1.40 -20.12
CA PHE B 388 -19.90 -0.67 -21.06
C PHE B 388 -19.52 0.78 -21.27
N ALA B 389 -18.48 1.28 -20.58
CA ALA B 389 -18.06 2.68 -20.67
C ALA B 389 -16.73 2.85 -21.41
N ILE B 390 -15.71 2.12 -21.00
CA ILE B 390 -14.37 2.33 -21.52
C ILE B 390 -14.27 2.14 -23.04
N PRO B 391 -15.01 1.19 -23.65
CA PRO B 391 -14.87 1.08 -25.11
C PRO B 391 -15.31 2.34 -25.85
N CYS B 392 -16.25 3.09 -25.30
CA CYS B 392 -16.66 4.35 -25.91
C CYS B 392 -15.54 5.39 -25.79
N VAL B 393 -14.79 5.34 -24.71
CA VAL B 393 -13.65 6.23 -24.53
C VAL B 393 -12.59 5.91 -25.58
N ALA B 394 -12.36 4.62 -25.84
CA ALA B 394 -11.45 4.23 -26.89
C ALA B 394 -11.91 4.75 -28.26
N ALA B 395 -13.20 4.61 -28.57
CA ALA B 395 -13.73 5.14 -29.83
C ALA B 395 -13.49 6.65 -29.93
N ALA B 396 -13.78 7.37 -28.85
CA ALA B 396 -13.64 8.82 -28.85
C ALA B 396 -12.19 9.24 -29.07
N MET B 397 -11.25 8.57 -28.39
CA MET B 397 -9.85 8.91 -28.58
C MET B 397 -9.37 8.55 -29.99
N ALA B 398 -9.89 7.48 -30.57
CA ALA B 398 -9.57 7.14 -31.95
C ALA B 398 -9.97 8.28 -32.89
N LEU B 399 -11.09 8.94 -32.58
CA LEU B 399 -11.65 10.02 -33.39
C LEU B 399 -11.07 11.39 -33.09
N ASP B 400 -10.19 11.50 -32.11
CA ASP B 400 -9.62 12.81 -31.76
C ASP B 400 -8.58 13.23 -32.81
N ALA B 401 -8.74 14.44 -33.35
CA ALA B 401 -7.88 14.90 -34.44
C ALA B 401 -6.62 15.63 -33.97
N GLY B 402 -6.42 15.75 -32.67
CA GLY B 402 -5.26 16.42 -32.12
C GLY B 402 -5.52 17.45 -31.05
N THR B 403 -6.48 17.20 -30.16
CA THR B 403 -6.85 18.18 -29.15
C THR B 403 -6.25 17.86 -27.77
N GLN B 404 -5.57 16.72 -27.64
CA GLN B 404 -5.12 16.19 -26.36
C GLN B 404 -3.64 16.35 -26.17
N MET B 405 -3.23 16.89 -25.02
CA MET B 405 -1.84 16.90 -24.66
CA MET B 405 -1.81 16.92 -24.68
C MET B 405 -1.30 15.50 -24.38
N PHE B 406 -2.04 14.75 -23.59
CA PHE B 406 -1.64 13.37 -23.26
C PHE B 406 -2.34 12.42 -24.23
N SER B 407 -1.89 12.52 -25.47
CA SER B 407 -2.35 11.76 -26.61
C SER B 407 -1.66 10.40 -26.68
N PRO B 408 -2.12 9.51 -27.56
CA PRO B 408 -1.40 8.26 -27.72
C PRO B 408 0.02 8.49 -28.24
N GLU B 409 0.22 9.56 -29.01
CA GLU B 409 1.55 9.87 -29.48
C GLU B 409 2.48 10.22 -28.31
N ALA B 410 1.92 10.84 -27.28
CA ALA B 410 2.70 11.24 -26.11
C ALA B 410 2.92 10.08 -25.13
N THR B 411 1.91 9.23 -24.93
CA THR B 411 1.95 8.24 -23.85
C THR B 411 2.28 6.82 -24.31
N SER B 412 2.15 6.54 -25.60
CA SER B 412 2.05 5.17 -26.05
C SER B 412 2.88 4.86 -27.30
N GLY B 413 3.90 5.67 -27.59
CA GLY B 413 4.67 5.49 -28.80
C GLY B 413 5.41 4.17 -28.92
N LEU B 414 5.97 3.70 -27.81
CA LEU B 414 6.70 2.45 -27.83
C LEU B 414 5.71 1.30 -28.03
N ILE B 415 4.59 1.38 -27.32
CA ILE B 415 3.49 0.44 -27.49
CA ILE B 415 3.56 0.38 -27.49
C ILE B 415 3.00 0.42 -28.93
N LYS B 416 2.79 1.59 -29.51
CA LYS B 416 2.31 1.66 -30.89
C LYS B 416 3.24 0.91 -31.83
N GLU B 417 4.53 1.22 -31.75
CA GLU B 417 5.47 0.69 -32.73
C GLU B 417 5.47 -0.82 -32.70
N VAL B 418 5.40 -1.40 -31.51
CA VAL B 418 5.50 -2.84 -31.36
C VAL B 418 4.16 -3.54 -31.47
N PHE B 419 3.18 -3.11 -30.69
CA PHE B 419 1.94 -3.87 -30.60
C PHE B 419 1.08 -3.74 -31.85
N SER B 420 1.18 -2.63 -32.59
CA SER B 420 0.39 -2.49 -33.82
C SER B 420 0.90 -3.42 -34.93
N GLN B 421 2.12 -3.97 -34.78
CA GLN B 421 2.63 -4.96 -35.73
C GLN B 421 1.81 -6.23 -35.71
N VAL B 422 1.17 -6.52 -34.57
CA VAL B 422 0.52 -7.81 -34.37
C VAL B 422 -0.90 -7.73 -34.97
N ASP B 423 -1.16 -8.50 -36.02
CA ASP B 423 -2.41 -8.36 -36.76
C ASP B 423 -3.62 -8.51 -35.88
N GLU B 424 -3.61 -9.49 -34.98
CA GLU B 424 -4.75 -9.74 -34.11
C GLU B 424 -5.01 -8.62 -33.11
N PHE B 425 -3.97 -7.92 -32.70
CA PHE B 425 -4.12 -6.75 -31.81
C PHE B 425 -4.66 -5.54 -32.59
N ARG B 426 -4.20 -5.42 -33.84
CA ARG B 426 -4.48 -4.24 -34.63
C ARG B 426 -5.89 -4.28 -35.24
N GLU B 427 -6.33 -5.47 -35.63
CA GLU B 427 -7.62 -5.65 -36.32
C GLU B 427 -8.41 -6.76 -35.65
N PRO B 428 -8.65 -6.64 -34.35
CA PRO B 428 -9.26 -7.76 -33.64
C PRO B 428 -10.65 -8.06 -34.13
N LEU B 429 -11.40 -7.08 -34.63
CA LEU B 429 -12.75 -7.34 -35.07
C LEU B 429 -12.74 -8.34 -36.23
N LYS B 430 -11.73 -8.23 -37.09
CA LYS B 430 -11.59 -9.18 -38.17
C LYS B 430 -11.39 -10.60 -37.65
N TYR B 431 -10.43 -10.78 -36.76
CA TYR B 431 -10.05 -12.13 -36.36
C TYR B 431 -11.08 -12.76 -35.44
N VAL B 432 -11.74 -11.97 -34.60
CA VAL B 432 -12.74 -12.53 -33.70
C VAL B 432 -13.98 -12.96 -34.48
N VAL B 433 -14.38 -12.16 -35.46
CA VAL B 433 -15.50 -12.55 -36.32
C VAL B 433 -15.16 -13.80 -37.12
N GLU B 434 -13.97 -13.85 -37.71
CA GLU B 434 -13.58 -15.05 -38.48
C GLU B 434 -13.57 -16.31 -37.61
N ALA B 435 -13.09 -16.21 -36.38
CA ALA B 435 -13.06 -17.35 -35.49
C ALA B 435 -14.46 -17.75 -35.08
N ALA B 436 -15.34 -16.78 -34.86
CA ALA B 436 -16.73 -17.08 -34.49
C ALA B 436 -17.42 -17.86 -35.61
N ALA B 437 -17.20 -17.41 -36.85
CA ALA B 437 -17.78 -18.10 -37.99
C ALA B 437 -17.23 -19.50 -38.09
N GLU B 438 -15.95 -19.67 -37.83
CA GLU B 438 -15.31 -20.98 -37.91
C GLU B 438 -15.87 -22.00 -36.90
N ILE B 439 -16.24 -21.53 -35.71
CA ILE B 439 -16.71 -22.44 -34.67
C ILE B 439 -18.22 -22.45 -34.54
N LYS B 440 -18.93 -21.81 -35.47
CA LYS B 440 -20.37 -21.57 -35.27
C LYS B 440 -21.18 -22.84 -35.11
N ASN B 441 -20.76 -23.93 -35.74
CA ASN B 441 -21.53 -25.17 -35.63
C ASN B 441 -21.03 -26.12 -34.54
N GLU B 442 -20.15 -25.62 -33.69
CA GLU B 442 -19.61 -26.33 -32.55
CA GLU B 442 -19.71 -26.40 -32.52
C GLU B 442 -20.19 -25.79 -31.21
N ILE B 443 -20.94 -24.71 -31.31
CA ILE B 443 -21.44 -24.01 -30.13
C ILE B 443 -22.86 -24.42 -29.84
N ALA C 2 -40.04 12.24 -30.42
CA ALA C 2 -39.48 11.93 -29.11
C ALA C 2 -40.38 12.51 -27.99
N GLN C 3 -40.27 11.94 -26.80
CA GLN C 3 -41.05 12.32 -25.62
C GLN C 3 -40.38 13.31 -24.65
N TYR C 4 -39.09 13.11 -24.49
CA TYR C 4 -38.18 13.90 -23.64
C TYR C 4 -38.41 13.84 -22.13
N TYR C 5 -39.63 14.07 -21.63
CA TYR C 5 -39.80 14.20 -20.17
C TYR C 5 -41.27 14.01 -19.81
N PRO C 6 -41.56 13.26 -18.73
CA PRO C 6 -42.95 13.08 -18.29
C PRO C 6 -43.45 14.27 -17.46
N GLY C 7 -44.75 14.39 -17.33
CA GLY C 7 -45.35 15.30 -16.37
C GLY C 7 -46.35 16.21 -17.05
N THR C 8 -47.20 16.82 -16.23
CA THR C 8 -48.33 17.56 -16.74
C THR C 8 -48.32 19.02 -16.30
N THR C 9 -47.23 19.47 -15.70
CA THR C 9 -47.07 20.85 -15.28
C THR C 9 -46.54 21.74 -16.38
N LYS C 10 -46.61 23.05 -16.18
CA LYS C 10 -45.87 23.96 -17.04
C LYS C 10 -44.37 23.68 -16.99
N VAL C 11 -43.85 23.39 -15.79
CA VAL C 11 -42.45 23.07 -15.64
C VAL C 11 -42.08 21.91 -16.59
N ALA C 12 -42.86 20.83 -16.55
CA ALA C 12 -42.53 19.66 -17.37
C ALA C 12 -42.59 20.02 -18.86
N GLN C 13 -43.60 20.78 -19.25
CA GLN C 13 -43.68 21.18 -20.65
C GLN C 13 -42.47 22.05 -21.07
N ASN C 14 -42.07 22.96 -20.20
CA ASN C 14 -40.89 23.81 -20.50
C ASN C 14 -39.62 22.98 -20.61
N ARG C 15 -39.49 21.94 -19.79
CA ARG C 15 -38.36 21.04 -19.87
C ARG C 15 -38.35 20.32 -21.22
N ARG C 16 -39.52 19.86 -21.65
CA ARG C 16 -39.63 19.23 -22.97
C ARG C 16 -39.28 20.22 -24.10
N ASN C 17 -39.82 21.44 -24.03
CA ASN C 17 -39.56 22.42 -25.07
C ASN C 17 -38.07 22.72 -25.22
N PHE C 18 -37.35 22.89 -24.11
CA PHE C 18 -35.94 23.16 -24.21
C PHE C 18 -35.21 22.00 -24.89
N CYS C 19 -35.63 20.77 -24.64
CA CYS C 19 -34.96 19.60 -25.25
C CYS C 19 -35.29 19.37 -26.70
N ASN C 20 -36.49 19.77 -27.09
CA ASN C 20 -37.01 19.42 -28.40
C ASN C 20 -36.42 20.33 -29.47
N PRO C 21 -35.59 19.80 -30.38
CA PRO C 21 -34.96 20.71 -31.33
C PRO C 21 -35.96 21.30 -32.32
N GLU C 22 -37.18 20.77 -32.36
CA GLU C 22 -38.21 21.34 -33.23
C GLU C 22 -39.01 22.45 -32.54
N TYR C 23 -38.81 22.63 -31.24
CA TYR C 23 -39.43 23.75 -30.53
C TYR C 23 -38.58 24.99 -30.79
N GLU C 24 -39.23 26.02 -31.33
CA GLU C 24 -38.55 27.27 -31.60
CA GLU C 24 -38.58 27.28 -31.60
C GLU C 24 -38.41 28.06 -30.31
N LEU C 25 -37.19 28.16 -29.85
CA LEU C 25 -36.86 28.93 -28.66
C LEU C 25 -37.31 30.39 -28.82
N GLU C 26 -38.00 30.96 -27.84
CA GLU C 26 -38.44 32.34 -28.00
C GLU C 26 -37.21 33.27 -27.93
N LYS C 27 -37.04 34.09 -28.95
CA LYS C 27 -35.96 35.07 -28.95
C LYS C 27 -36.43 36.33 -28.25
N LEU C 28 -35.68 36.77 -27.26
CA LEU C 28 -36.09 37.87 -26.38
C LEU C 28 -35.26 39.13 -26.54
N ARG C 29 -34.10 39.01 -27.17
CA ARG C 29 -33.19 40.15 -27.29
C ARG C 29 -32.26 39.94 -28.48
N GLU C 30 -31.73 41.02 -29.04
CA GLU C 30 -30.79 40.97 -30.14
C GLU C 30 -29.39 41.31 -29.62
N ILE C 31 -28.40 40.47 -29.95
CA ILE C 31 -27.03 40.73 -29.56
C ILE C 31 -26.17 40.62 -30.81
N SER C 32 -25.30 41.59 -31.01
CA SER C 32 -24.46 41.53 -32.20
C SER C 32 -23.43 40.42 -32.11
N ASP C 33 -22.93 39.97 -33.27
CA ASP C 33 -21.88 38.96 -33.29
C ASP C 33 -20.67 39.40 -32.48
N GLU C 34 -20.27 40.65 -32.65
CA GLU C 34 -19.12 41.20 -31.93
C GLU C 34 -19.32 41.16 -30.41
N ASP C 35 -20.51 41.49 -29.95
CA ASP C 35 -20.79 41.46 -28.53
C ASP C 35 -20.81 40.04 -27.97
N VAL C 36 -21.26 39.05 -28.75
CA VAL C 36 -21.16 37.66 -28.28
C VAL C 36 -19.68 37.30 -28.08
N VAL C 37 -18.84 37.68 -29.04
CA VAL C 37 -17.41 37.40 -28.93
C VAL C 37 -16.80 38.07 -27.69
N LYS C 38 -17.21 39.31 -27.42
CA LYS C 38 -16.75 40.03 -26.24
C LYS C 38 -17.19 39.36 -24.94
N ILE C 39 -18.44 38.92 -24.89
CA ILE C 39 -18.92 38.24 -23.70
C ILE C 39 -18.15 36.95 -23.45
N LEU C 40 -17.93 36.18 -24.51
CA LEU C 40 -17.18 34.93 -24.40
C LEU C 40 -15.77 35.16 -23.87
N GLY C 41 -15.09 36.19 -24.37
CA GLY C 41 -13.78 36.57 -23.86
C GLY C 41 -12.61 35.74 -24.31
N HIS C 42 -12.78 34.92 -25.34
CA HIS C 42 -11.71 34.06 -25.85
C HIS C 42 -10.84 34.68 -26.89
N ARG C 43 -11.40 35.56 -27.72
CA ARG C 43 -10.61 36.24 -28.72
C ARG C 43 -11.10 37.65 -28.90
N ALA C 44 -10.25 38.47 -29.50
CA ALA C 44 -10.58 39.87 -29.72
C ALA C 44 -11.33 40.01 -31.03
N PRO C 45 -12.21 41.00 -31.12
CA PRO C 45 -12.89 41.19 -32.41
C PRO C 45 -11.85 41.37 -33.50
N GLY C 46 -12.02 40.71 -34.62
CA GLY C 46 -11.06 40.82 -35.69
C GLY C 46 -9.89 39.86 -35.63
N GLU C 47 -9.72 39.17 -34.49
CA GLU C 47 -8.66 38.17 -34.34
C GLU C 47 -9.04 36.87 -35.05
N GLU C 48 -8.10 36.30 -35.82
CA GLU C 48 -8.36 35.01 -36.47
C GLU C 48 -8.54 33.92 -35.43
N TYR C 49 -9.34 32.91 -35.75
CA TYR C 49 -9.51 31.78 -34.84
C TYR C 49 -8.17 31.08 -34.64
N PRO C 50 -7.71 30.98 -33.38
CA PRO C 50 -6.49 30.20 -33.15
C PRO C 50 -6.74 28.75 -33.45
N SER C 51 -5.69 27.97 -33.64
CA SER C 51 -5.84 26.56 -33.91
C SER C 51 -5.17 25.69 -32.87
N VAL C 52 -5.72 24.50 -32.67
CA VAL C 52 -5.07 23.50 -31.83
C VAL C 52 -4.42 22.41 -32.69
N HIS C 53 -4.88 22.25 -33.93
CA HIS C 53 -4.25 21.34 -34.86
C HIS C 53 -4.53 21.81 -36.26
N PRO C 54 -3.82 21.26 -37.24
CA PRO C 54 -4.07 21.70 -38.62
C PRO C 54 -5.47 21.36 -39.10
N PRO C 55 -5.94 22.03 -40.16
CA PRO C 55 -7.24 21.68 -40.73
C PRO C 55 -7.28 20.21 -41.11
N LEU C 56 -8.44 19.58 -40.96
CA LEU C 56 -8.55 18.14 -41.23
C LEU C 56 -8.07 17.79 -42.64
N GLU C 57 -8.41 18.65 -43.60
CA GLU C 57 -8.01 18.44 -45.00
C GLU C 57 -6.49 18.34 -45.17
N GLU C 58 -5.75 19.04 -44.32
CA GLU C 58 -4.28 19.03 -44.42
C GLU C 58 -3.68 17.81 -43.75
N MET C 59 -4.47 17.13 -42.95
CA MET C 59 -4.00 15.93 -42.27
C MET C 59 -4.28 14.82 -43.26
N ASP C 60 -3.53 13.74 -43.21
CA ASP C 60 -3.79 12.66 -44.15
C ASP C 60 -4.20 11.46 -43.33
N GLU C 61 -5.48 11.44 -42.98
CA GLU C 61 -6.01 10.41 -42.12
C GLU C 61 -6.29 9.16 -42.93
N PRO C 62 -6.00 7.98 -42.37
CA PRO C 62 -6.27 6.72 -43.06
C PRO C 62 -7.76 6.44 -43.06
N GLU C 63 -8.16 5.52 -43.93
CA GLU C 63 -9.56 5.19 -44.06
C GLU C 63 -10.14 4.70 -42.74
N ASP C 64 -11.31 5.23 -42.46
CA ASP C 64 -12.05 4.89 -41.28
CA ASP C 64 -12.05 4.88 -41.26
C ASP C 64 -13.50 5.07 -41.58
N ALA C 65 -14.26 3.98 -41.60
CA ALA C 65 -15.64 4.09 -41.97
C ALA C 65 -16.42 5.02 -41.06
N ILE C 66 -16.09 5.07 -39.78
CA ILE C 66 -16.84 5.94 -38.91
C ILE C 66 -16.54 7.41 -39.22
N ARG C 67 -15.28 7.77 -39.38
CA ARG C 67 -14.94 9.14 -39.77
CA ARG C 67 -14.97 9.15 -39.75
C ARG C 67 -15.66 9.56 -41.03
N GLU C 68 -15.69 8.66 -41.99
CA GLU C 68 -16.30 8.93 -43.28
C GLU C 68 -17.77 9.24 -43.14
N MET C 69 -18.45 8.61 -42.19
CA MET C 69 -19.88 8.80 -42.03
C MET C 69 -20.28 9.97 -41.16
N VAL C 70 -19.37 10.44 -40.31
CA VAL C 70 -19.66 11.50 -39.37
C VAL C 70 -19.04 12.81 -39.87
N GLU C 71 -19.92 13.73 -40.27
CA GLU C 71 -19.53 15.05 -40.73
C GLU C 71 -18.97 15.88 -39.57
N PRO C 72 -17.72 16.33 -39.69
CA PRO C 72 -17.22 17.21 -38.63
C PRO C 72 -17.91 18.55 -38.65
N ILE C 73 -18.06 19.14 -37.47
CA ILE C 73 -18.56 20.50 -37.36
C ILE C 73 -17.52 21.45 -37.97
N ASP C 74 -17.97 22.63 -38.35
CA ASP C 74 -17.13 23.55 -39.10
C ASP C 74 -15.84 23.90 -38.38
N GLY C 75 -15.89 24.04 -37.05
CA GLY C 75 -14.71 24.40 -36.30
C GLY C 75 -13.74 23.24 -36.21
N ALA C 76 -14.24 22.01 -36.30
CA ALA C 76 -13.36 20.84 -36.34
C ALA C 76 -12.63 20.76 -37.67
N LYS C 77 -13.34 21.01 -38.77
CA LYS C 77 -12.71 21.07 -40.07
C LYS C 77 -11.53 22.03 -40.07
N ALA C 78 -11.72 23.19 -39.44
CA ALA C 78 -10.72 24.25 -39.41
C ALA C 78 -9.59 24.03 -38.41
N GLY C 79 -9.81 23.18 -37.41
CA GLY C 79 -8.82 22.98 -36.37
C GLY C 79 -8.92 23.94 -35.19
N ASP C 80 -10.09 24.56 -35.01
CA ASP C 80 -10.29 25.51 -33.91
C ASP C 80 -9.99 24.90 -32.54
N ARG C 81 -9.51 25.73 -31.63
CA ARG C 81 -9.51 25.35 -30.21
C ARG C 81 -10.90 25.06 -29.70
N VAL C 82 -10.97 24.25 -28.64
CA VAL C 82 -12.18 24.01 -27.91
C VAL C 82 -12.27 25.08 -26.82
N ARG C 83 -13.40 25.78 -26.79
CA ARG C 83 -13.69 26.83 -25.81
C ARG C 83 -15.07 26.64 -25.19
N TYR C 84 -15.44 27.50 -24.24
CA TYR C 84 -16.60 27.25 -23.40
C TYR C 84 -17.51 28.47 -23.27
N ILE C 85 -18.74 28.20 -22.88
CA ILE C 85 -19.60 29.23 -22.29
C ILE C 85 -20.31 28.55 -21.11
N GLN C 86 -20.42 29.28 -20.01
CA GLN C 86 -20.91 28.74 -18.76
C GLN C 86 -21.97 29.67 -18.16
N PHE C 87 -23.08 29.09 -17.71
CA PHE C 87 -24.19 29.83 -17.11
C PHE C 87 -24.52 29.34 -15.71
N THR C 88 -24.90 30.30 -14.87
CA THR C 88 -25.46 30.08 -13.56
C THR C 88 -26.93 30.51 -13.59
N ASP C 89 -27.82 29.69 -13.01
CA ASP C 89 -29.27 29.92 -13.03
C ASP C 89 -29.82 30.00 -11.60
N SER C 90 -30.50 31.09 -11.27
CA SER C 90 -31.08 31.25 -9.95
C SER C 90 -32.18 30.22 -9.70
N MET C 91 -32.19 29.71 -8.47
CA MET C 91 -33.29 28.87 -7.99
C MET C 91 -34.57 29.66 -7.78
N TYR C 92 -34.50 31.00 -7.85
CA TYR C 92 -35.69 31.83 -7.84
C TYR C 92 -36.16 31.99 -9.30
N PHE C 93 -36.59 30.86 -9.89
CA PHE C 93 -37.41 30.84 -11.10
C PHE C 93 -36.69 31.29 -12.36
N ALA C 94 -35.39 31.08 -12.47
CA ALA C 94 -34.76 31.26 -13.77
C ALA C 94 -35.38 30.32 -14.79
N PRO C 95 -35.40 30.74 -16.07
CA PRO C 95 -36.09 29.91 -17.07
C PRO C 95 -35.38 28.56 -17.32
N ALA C 96 -34.07 28.58 -17.50
CA ALA C 96 -33.30 27.37 -17.64
C ALA C 96 -32.67 27.02 -16.29
N GLN C 97 -32.26 25.75 -16.15
CA GLN C 97 -31.64 25.23 -14.94
C GLN C 97 -30.58 24.22 -15.37
N PRO C 98 -29.73 23.78 -14.44
CA PRO C 98 -28.53 23.04 -14.89
C PRO C 98 -28.79 21.74 -15.69
N TYR C 99 -29.57 20.78 -15.18
CA TYR C 99 -29.74 19.55 -15.98
C TYR C 99 -30.61 19.80 -17.20
N VAL C 100 -31.54 20.74 -17.11
CA VAL C 100 -32.31 21.15 -18.28
C VAL C 100 -31.37 21.54 -19.41
N ARG C 101 -30.34 22.33 -19.08
CA ARG C 101 -29.39 22.73 -20.10
C ARG C 101 -28.62 21.56 -20.68
N SER C 102 -28.03 20.71 -19.85
CA SER C 102 -27.18 19.68 -20.42
C SER C 102 -28.01 18.70 -21.25
N ARG C 103 -29.19 18.34 -20.76
CA ARG C 103 -30.09 17.50 -21.50
C ARG C 103 -30.43 18.14 -22.85
N ALA C 104 -30.82 19.41 -22.82
CA ALA C 104 -31.22 20.11 -24.03
C ALA C 104 -30.04 20.23 -24.99
N TYR C 105 -28.86 20.54 -24.46
CA TYR C 105 -27.72 20.77 -25.33
C TYR C 105 -27.39 19.55 -26.15
N LEU C 106 -27.50 18.35 -25.56
CA LEU C 106 -27.08 17.15 -26.27
C LEU C 106 -28.20 16.63 -27.17
N CYS C 107 -29.40 17.23 -27.10
CA CYS C 107 -30.43 17.03 -28.12
C CYS C 107 -30.27 18.02 -29.28
N ARG C 108 -29.96 19.27 -28.96
CA ARG C 108 -29.96 20.33 -29.96
C ARG C 108 -28.65 20.55 -30.70
N TYR C 109 -27.53 20.30 -30.04
CA TYR C 109 -26.24 20.74 -30.57
C TYR C 109 -25.30 19.56 -30.87
N ARG C 110 -24.58 19.67 -31.97
CA ARG C 110 -23.59 18.67 -32.37
C ARG C 110 -22.24 18.85 -31.67
N GLY C 111 -21.51 17.77 -31.45
CA GLY C 111 -20.13 17.92 -31.02
C GLY C 111 -19.95 18.63 -29.71
N ALA C 112 -20.81 18.32 -28.75
CA ALA C 112 -20.93 19.05 -27.50
C ALA C 112 -20.42 18.32 -26.28
N ASP C 113 -19.65 19.03 -25.46
CA ASP C 113 -19.18 18.51 -24.15
C ASP C 113 -19.92 19.35 -23.10
N ALA C 114 -21.01 18.82 -22.56
CA ALA C 114 -21.83 19.52 -21.56
C ALA C 114 -21.59 18.99 -20.18
N GLY C 115 -21.48 19.89 -19.20
CA GLY C 115 -21.32 19.51 -17.81
C GLY C 115 -22.28 20.24 -16.90
N THR C 116 -22.84 19.50 -15.93
CA THR C 116 -23.81 20.03 -14.98
C THR C 116 -23.26 20.04 -13.58
N LEU C 117 -23.44 21.17 -12.90
CA LEU C 117 -23.11 21.34 -11.51
C LEU C 117 -24.25 22.13 -10.86
N SER C 118 -24.30 22.22 -9.53
CA SER C 118 -25.45 22.93 -8.93
C SER C 118 -25.38 24.42 -9.24
N GLY C 119 -24.18 24.98 -9.26
CA GLY C 119 -24.01 26.41 -9.38
C GLY C 119 -23.55 26.91 -10.74
N ARG C 120 -23.42 26.02 -11.71
CA ARG C 120 -22.81 26.35 -12.99
C ARG C 120 -23.12 25.22 -13.98
N GLN C 121 -23.24 25.55 -15.24
CA GLN C 121 -23.45 24.57 -16.29
C GLN C 121 -22.67 25.04 -17.50
N ILE C 122 -21.98 24.12 -18.15
CA ILE C 122 -20.98 24.46 -19.13
C ILE C 122 -21.17 23.67 -20.42
N ILE C 123 -20.86 24.33 -21.55
CA ILE C 123 -20.61 23.61 -22.79
C ILE C 123 -19.26 24.00 -23.38
N GLU C 124 -18.52 22.97 -23.81
CA GLU C 124 -17.26 23.13 -24.51
C GLU C 124 -17.38 22.54 -25.90
N THR C 125 -17.02 23.33 -26.91
CA THR C 125 -16.99 22.86 -28.29
C THR C 125 -16.04 23.72 -29.10
N ARG C 126 -15.88 23.38 -30.37
CA ARG C 126 -14.99 24.12 -31.25
C ARG C 126 -15.40 25.60 -31.32
N GLU C 127 -14.42 26.49 -31.29
CA GLU C 127 -14.68 27.91 -31.07
C GLU C 127 -15.70 28.55 -32.02
N ARG C 128 -15.60 28.36 -33.33
CA ARG C 128 -16.54 29.11 -34.17
C ARG C 128 -17.96 28.55 -33.98
N ASP C 129 -18.08 27.26 -33.71
CA ASP C 129 -19.39 26.67 -33.49
C ASP C 129 -19.94 27.13 -32.13
N LEU C 130 -19.04 27.26 -31.15
CA LEU C 130 -19.42 27.82 -29.84
C LEU C 130 -20.03 29.23 -29.98
N GLU C 131 -19.46 30.06 -30.85
CA GLU C 131 -19.96 31.41 -31.03
C GLU C 131 -21.39 31.40 -31.55
N LYS C 132 -21.70 30.50 -32.49
CA LYS C 132 -23.06 30.38 -33.01
C LYS C 132 -24.04 29.89 -31.93
N ILE C 133 -23.64 28.85 -31.20
CA ILE C 133 -24.48 28.34 -30.13
C ILE C 133 -24.70 29.38 -29.04
N SER C 134 -23.64 30.10 -28.68
CA SER C 134 -23.71 31.08 -27.61
C SER C 134 -24.69 32.21 -27.92
N LYS C 135 -24.74 32.60 -29.18
CA LYS C 135 -25.72 33.63 -29.57
C LYS C 135 -27.14 33.17 -29.23
N GLU C 136 -27.45 31.94 -29.58
CA GLU C 136 -28.75 31.42 -29.26
C GLU C 136 -28.94 31.32 -27.73
N LEU C 137 -27.93 30.84 -27.01
CA LEU C 137 -28.08 30.74 -25.57
C LEU C 137 -28.29 32.09 -24.90
N LEU C 138 -27.76 33.17 -25.48
CA LEU C 138 -27.86 34.50 -24.90
C LEU C 138 -29.11 35.25 -25.36
N GLU C 139 -29.55 35.01 -26.60
CA GLU C 139 -30.65 35.78 -27.19
C GLU C 139 -32.02 35.23 -26.83
N THR C 140 -32.08 33.95 -26.47
CA THR C 140 -33.36 33.29 -26.28
C THR C 140 -33.74 33.11 -24.82
N GLU C 141 -34.88 32.47 -24.62
CA GLU C 141 -35.41 32.22 -23.29
C GLU C 141 -34.58 31.25 -22.43
N PHE C 142 -33.47 30.72 -22.95
CA PHE C 142 -32.48 30.11 -22.05
C PHE C 142 -31.98 31.11 -21.01
N PHE C 143 -32.01 32.41 -21.35
CA PHE C 143 -31.35 33.43 -20.56
C PHE C 143 -32.30 34.55 -20.13
N ASP C 144 -32.22 34.89 -18.85
CA ASP C 144 -32.78 36.11 -18.29
C ASP C 144 -31.65 36.90 -17.66
N PRO C 145 -31.55 38.20 -17.90
CA PRO C 145 -30.34 38.89 -17.44
C PRO C 145 -30.31 39.19 -15.94
N ALA C 146 -31.40 38.97 -15.23
CA ALA C 146 -31.42 39.11 -13.77
C ALA C 146 -31.22 37.76 -13.08
N ARG C 147 -31.89 36.72 -13.57
CA ARG C 147 -31.92 35.44 -12.87
C ARG C 147 -30.95 34.42 -13.45
N SER C 148 -30.22 34.81 -14.50
CA SER C 148 -29.16 33.96 -15.06
CA SER C 148 -29.18 33.98 -15.10
C SER C 148 -27.90 34.80 -15.20
N GLY C 149 -26.75 34.16 -15.21
CA GLY C 149 -25.48 34.84 -15.35
C GLY C 149 -24.50 34.08 -16.19
N VAL C 150 -23.74 34.77 -17.04
CA VAL C 150 -22.67 34.16 -17.81
C VAL C 150 -21.40 34.24 -16.97
N ARG C 151 -20.87 33.10 -16.52
CA ARG C 151 -19.79 33.11 -15.53
C ARG C 151 -18.82 31.94 -15.71
N GLY C 152 -17.57 32.25 -16.02
CA GLY C 152 -16.56 31.22 -16.17
C GLY C 152 -15.80 30.90 -14.90
N LYS C 153 -16.03 31.67 -13.84
CA LYS C 153 -15.40 31.49 -12.55
C LYS C 153 -16.21 32.26 -11.52
N SER C 154 -16.04 31.91 -10.26
CA SER C 154 -16.61 32.62 -9.11
C SER C 154 -18.11 32.69 -9.29
N VAL C 155 -18.71 31.51 -9.31
CA VAL C 155 -20.08 31.32 -9.79
C VAL C 155 -21.20 31.43 -8.76
N HIS C 156 -20.80 31.50 -7.48
CA HIS C 156 -21.71 31.59 -6.34
C HIS C 156 -22.91 32.46 -6.65
N GLY C 157 -24.11 31.99 -6.30
CA GLY C 157 -25.29 32.81 -6.44
C GLY C 157 -26.55 32.04 -6.77
N HIS C 158 -26.50 30.80 -7.31
CA HIS C 158 -27.70 30.12 -7.70
C HIS C 158 -28.68 29.97 -6.55
N SER C 159 -28.12 29.81 -5.36
CA SER C 159 -28.86 29.49 -4.15
C SER C 159 -29.00 30.70 -3.20
N LEU C 160 -28.56 31.89 -3.62
CA LEU C 160 -28.60 33.06 -2.77
C LEU C 160 -29.89 33.84 -2.94
N ARG C 161 -30.25 34.58 -1.91
CA ARG C 161 -31.32 35.56 -2.01
C ARG C 161 -30.98 36.55 -3.11
N LEU C 162 -32.02 37.04 -3.77
CA LEU C 162 -31.85 38.07 -4.79
C LEU C 162 -31.55 39.42 -4.13
N ASP C 163 -30.92 40.33 -4.86
CA ASP C 163 -30.76 41.67 -4.29
C ASP C 163 -32.03 42.49 -4.49
N GLU C 164 -32.02 43.74 -4.07
CA GLU C 164 -33.28 44.50 -4.04
C GLU C 164 -33.79 44.82 -5.43
N ASP C 165 -32.92 44.71 -6.43
CA ASP C 165 -33.34 44.89 -7.82
C ASP C 165 -33.84 43.61 -8.47
N GLY C 166 -33.81 42.48 -7.75
CA GLY C 166 -34.19 41.22 -8.37
C GLY C 166 -33.03 40.53 -9.08
N MET C 167 -31.82 41.05 -8.91
CA MET C 167 -30.62 40.47 -9.54
C MET C 167 -30.01 39.41 -8.67
N MET C 168 -29.56 38.34 -9.32
CA MET C 168 -28.74 37.33 -8.64
C MET C 168 -27.43 37.93 -8.19
N PHE C 169 -26.95 37.43 -7.05
CA PHE C 169 -25.63 37.74 -6.57
C PHE C 169 -24.56 37.39 -7.59
N ASP C 170 -23.53 38.23 -7.69
CA ASP C 170 -22.33 37.91 -8.46
C ASP C 170 -21.15 38.53 -7.75
N MET C 171 -20.27 37.67 -7.23
CA MET C 171 -19.06 38.13 -6.56
C MET C 171 -18.29 39.13 -7.39
N LEU C 172 -18.34 38.98 -8.71
CA LEU C 172 -17.58 39.81 -9.65
C LEU C 172 -18.44 40.84 -10.39
N ARG C 173 -19.74 40.89 -10.08
CA ARG C 173 -20.65 41.92 -10.63
C ARG C 173 -20.50 42.13 -12.14
N ARG C 174 -20.67 41.05 -12.89
CA ARG C 174 -20.52 41.10 -14.34
C ARG C 174 -21.74 41.71 -15.05
N GLN C 175 -22.91 41.63 -14.43
CA GLN C 175 -24.17 42.11 -15.00
C GLN C 175 -24.77 43.13 -14.06
N ILE C 176 -24.97 44.35 -14.57
CA ILE C 176 -25.41 45.45 -13.73
C ILE C 176 -26.78 45.96 -14.15
N TYR C 177 -27.69 45.96 -13.17
CA TYR C 177 -29.02 46.55 -13.33
C TYR C 177 -28.94 48.06 -13.14
N ASN C 178 -29.50 48.80 -14.06
CA ASN C 178 -29.50 50.25 -13.92
C ASN C 178 -30.86 50.67 -13.34
N LYS C 179 -30.89 51.15 -12.10
CA LYS C 179 -32.15 51.51 -11.42
C LYS C 179 -32.93 52.57 -12.18
N ASP C 180 -32.22 53.46 -12.86
CA ASP C 180 -32.89 54.53 -13.59
C ASP C 180 -33.57 54.03 -14.85
N THR C 181 -33.05 52.96 -15.46
CA THR C 181 -33.55 52.56 -16.79
C THR C 181 -34.33 51.24 -16.86
N GLY C 182 -34.13 50.38 -15.87
CA GLY C 182 -34.72 49.04 -15.85
C GLY C 182 -34.08 48.02 -16.78
N ARG C 183 -32.90 48.34 -17.31
CA ARG C 183 -32.21 47.43 -18.21
C ARG C 183 -30.92 46.90 -17.56
N VAL C 184 -30.49 45.71 -17.97
CA VAL C 184 -29.23 45.12 -17.49
C VAL C 184 -28.16 45.25 -18.55
N GLU C 185 -26.97 45.64 -18.12
CA GLU C 185 -25.79 45.67 -18.97
C GLU C 185 -24.73 44.71 -18.49
N MET C 186 -24.14 44.02 -19.46
CA MET C 186 -22.98 43.20 -19.19
C MET C 186 -21.74 44.10 -19.26
N VAL C 187 -21.05 44.27 -18.15
CA VAL C 187 -19.97 45.22 -18.04
C VAL C 187 -18.60 44.54 -18.02
N LYS C 188 -18.61 43.21 -17.88
CA LYS C 188 -17.41 42.39 -17.89
C LYS C 188 -17.68 41.16 -18.73
N ASN C 189 -16.63 40.52 -19.23
CA ASN C 189 -16.84 39.25 -19.90
C ASN C 189 -17.05 38.13 -18.88
N GLN C 190 -17.28 36.91 -19.37
CA GLN C 190 -17.70 35.84 -18.46
C GLN C 190 -16.60 35.48 -17.44
N ILE C 191 -15.33 35.78 -17.71
CA ILE C 191 -14.28 35.51 -16.73
C ILE C 191 -14.05 36.69 -15.80
N GLY C 192 -14.73 37.81 -16.04
CA GLY C 192 -14.64 38.95 -15.15
C GLY C 192 -13.77 40.12 -15.58
N ASP C 193 -13.30 40.13 -16.80
N ASP C 193 -13.22 40.05 -16.80
CA ASP C 193 -12.44 41.23 -17.22
CA ASP C 193 -12.46 41.17 -17.41
C ASP C 193 -13.33 42.32 -17.84
C ASP C 193 -13.42 42.32 -17.76
N GLU C 194 -13.07 43.57 -17.50
CA GLU C 194 -13.92 44.68 -17.91
C GLU C 194 -13.99 44.80 -19.42
N LEU C 195 -15.19 45.07 -19.92
CA LEU C 195 -15.40 45.37 -21.33
C LEU C 195 -15.19 46.85 -21.60
N ASP C 196 -14.62 47.20 -22.76
CA ASP C 196 -14.48 48.63 -23.08
C ASP C 196 -15.84 49.30 -23.23
N GLU C 197 -16.79 48.59 -23.83
CA GLU C 197 -18.16 49.08 -23.95
C GLU C 197 -19.10 47.98 -23.48
N PRO C 198 -20.01 48.32 -22.56
CA PRO C 198 -20.92 47.28 -22.08
C PRO C 198 -21.91 46.80 -23.14
N VAL C 199 -22.49 45.63 -22.88
CA VAL C 199 -23.47 45.03 -23.78
C VAL C 199 -24.84 45.08 -23.15
N ASP C 200 -25.80 45.72 -23.81
CA ASP C 200 -27.16 45.71 -23.31
C ASP C 200 -27.73 44.28 -23.38
N LEU C 201 -28.30 43.82 -22.27
CA LEU C 201 -28.95 42.51 -22.23
C LEU C 201 -30.46 42.60 -22.07
N GLY C 202 -31.03 43.80 -22.13
CA GLY C 202 -32.47 43.95 -22.06
C GLY C 202 -32.99 44.04 -20.64
N GLU C 203 -34.31 44.10 -20.56
CA GLU C 203 -35.02 44.11 -19.31
C GLU C 203 -35.14 42.71 -18.73
N PRO C 204 -35.04 42.60 -17.40
CA PRO C 204 -35.42 41.33 -16.75
C PRO C 204 -36.86 40.94 -17.04
N LEU C 205 -37.12 39.65 -17.17
CA LEU C 205 -38.49 39.18 -17.26
C LEU C 205 -39.24 39.51 -15.99
N ASP C 206 -40.54 39.83 -16.14
CA ASP C 206 -41.34 40.12 -14.97
C ASP C 206 -41.73 38.81 -14.29
N GLU C 207 -42.29 38.94 -13.10
CA GLU C 207 -42.55 37.76 -12.29
C GLU C 207 -43.48 36.79 -13.00
N GLU C 208 -44.53 37.30 -13.61
CA GLU C 208 -45.48 36.43 -14.30
C GLU C 208 -44.81 35.65 -15.41
N THR C 209 -43.94 36.29 -16.18
CA THR C 209 -43.35 35.65 -17.32
C THR C 209 -42.30 34.61 -16.82
N LEU C 210 -41.60 34.92 -15.73
CA LEU C 210 -40.67 33.93 -15.12
C LEU C 210 -41.43 32.68 -14.74
N MET C 211 -42.61 32.83 -14.18
CA MET C 211 -43.38 31.67 -13.76
C MET C 211 -43.87 30.86 -14.95
N GLU C 212 -44.21 31.53 -16.06
CA GLU C 212 -44.62 30.83 -17.28
C GLU C 212 -43.50 29.97 -17.82
N LYS C 213 -42.27 30.46 -17.70
CA LYS C 213 -41.15 29.90 -18.45
C LYS C 213 -40.25 28.98 -17.62
N THR C 214 -40.39 28.98 -16.29
CA THR C 214 -39.36 28.33 -15.46
C THR C 214 -39.43 26.82 -15.57
N THR C 215 -38.26 26.23 -15.33
CA THR C 215 -38.11 24.78 -15.32
C THR C 215 -37.73 24.23 -13.95
N ILE C 216 -37.75 25.05 -12.92
CA ILE C 216 -37.55 24.53 -11.56
C ILE C 216 -38.90 24.33 -10.90
N TYR C 217 -39.05 23.21 -10.21
CA TYR C 217 -40.20 22.94 -9.37
C TYR C 217 -39.98 23.52 -7.96
N ARG C 218 -40.95 24.28 -7.46
CA ARG C 218 -40.89 24.79 -6.10
C ARG C 218 -42.29 24.88 -5.51
N VAL C 219 -42.37 24.84 -4.19
CA VAL C 219 -43.65 24.87 -3.49
C VAL C 219 -44.43 26.15 -3.82
N ASP C 220 -43.72 27.25 -4.05
CA ASP C 220 -44.33 28.53 -4.37
C ASP C 220 -44.48 28.76 -5.88
N GLY C 221 -44.25 27.71 -6.65
CA GLY C 221 -44.54 27.65 -8.08
C GLY C 221 -45.42 26.42 -8.34
N GLU C 222 -44.91 25.48 -9.14
CA GLU C 222 -45.48 24.15 -9.24
C GLU C 222 -44.53 23.19 -8.51
N ALA C 223 -45.04 22.48 -7.51
CA ALA C 223 -44.21 21.56 -6.73
C ALA C 223 -44.04 20.24 -7.45
N TYR C 224 -42.83 19.67 -7.38
CA TYR C 224 -42.57 18.38 -8.01
C TYR C 224 -43.47 17.28 -7.47
N ARG C 225 -43.71 17.29 -6.15
CA ARG C 225 -44.50 16.23 -5.53
C ARG C 225 -45.93 16.22 -6.09
N ASP C 226 -46.40 17.33 -6.65
CA ASP C 226 -47.72 17.39 -7.24
C ASP C 226 -47.74 16.99 -8.70
N ASP C 227 -46.57 16.90 -9.34
CA ASP C 227 -46.51 16.43 -10.72
C ASP C 227 -46.36 14.90 -10.68
N VAL C 228 -47.44 14.25 -10.32
CA VAL C 228 -47.36 12.86 -9.89
C VAL C 228 -46.89 11.94 -11.00
N GLU C 229 -47.15 12.28 -12.26
CA GLU C 229 -46.67 11.41 -13.34
C GLU C 229 -45.14 11.51 -13.48
N ALA C 230 -44.58 12.70 -13.26
CA ALA C 230 -43.13 12.84 -13.29
C ALA C 230 -42.49 12.03 -12.15
N VAL C 231 -43.06 12.14 -10.96
CA VAL C 231 -42.56 11.38 -9.81
C VAL C 231 -42.65 9.88 -10.06
N GLU C 232 -43.75 9.45 -10.65
CA GLU C 232 -43.93 8.04 -10.94
C GLU C 232 -42.79 7.48 -11.80
N ILE C 233 -42.40 8.22 -12.84
CA ILE C 233 -41.33 7.74 -13.69
C ILE C 233 -39.99 7.71 -12.94
N MET C 234 -39.72 8.70 -12.11
CA MET C 234 -38.49 8.67 -11.34
C MET C 234 -38.45 7.44 -10.41
N GLN C 235 -39.55 7.19 -9.72
CA GLN C 235 -39.60 6.06 -8.83
C GLN C 235 -39.48 4.74 -9.61
N ARG C 236 -40.08 4.69 -10.78
CA ARG C 236 -39.97 3.52 -11.64
C ARG C 236 -38.52 3.21 -12.02
N ILE C 237 -37.78 4.23 -12.40
CA ILE C 237 -36.38 4.05 -12.76
CA ILE C 237 -36.38 4.05 -12.76
C ILE C 237 -35.60 3.52 -11.56
N HIS C 238 -35.85 4.09 -10.39
CA HIS C 238 -35.19 3.58 -9.17
C HIS C 238 -35.44 2.08 -8.97
N VAL C 239 -36.70 1.69 -9.06
CA VAL C 239 -37.06 0.29 -8.84
C VAL C 239 -36.47 -0.63 -9.91
N LEU C 240 -36.55 -0.24 -11.18
CA LEU C 240 -36.02 -1.09 -12.24
C LEU C 240 -34.51 -1.21 -12.21
N ARG C 241 -33.81 -0.13 -11.83
CA ARG C 241 -32.37 -0.22 -11.62
C ARG C 241 -32.03 -1.17 -10.47
N SER C 242 -32.78 -1.04 -9.38
CA SER C 242 -32.56 -1.84 -8.19
C SER C 242 -32.69 -3.33 -8.49
N GLN C 243 -33.77 -3.70 -9.17
CA GLN C 243 -34.03 -5.08 -9.51
CA GLN C 243 -34.03 -5.09 -9.47
C GLN C 243 -33.01 -5.61 -10.49
N GLY C 244 -32.68 -4.79 -11.50
CA GLY C 244 -31.72 -5.20 -12.50
C GLY C 244 -30.35 -5.52 -11.93
N GLY C 245 -29.88 -4.71 -11.00
CA GLY C 245 -28.57 -4.95 -10.41
C GLY C 245 -28.51 -6.19 -9.56
N PHE C 246 -29.64 -6.62 -9.04
CA PHE C 246 -29.70 -7.84 -8.24
C PHE C 246 -29.76 -9.06 -9.14
N ASN C 247 -30.75 -9.15 -10.04
CA ASN C 247 -30.84 -10.41 -10.77
C ASN C 247 -31.41 -10.32 -12.14
N LEU C 248 -31.34 -9.14 -12.73
CA LEU C 248 -31.61 -8.99 -14.15
C LEU C 248 -33.08 -9.16 -14.45
N GLU C 249 -33.89 -9.20 -13.39
CA GLU C 249 -35.33 -9.21 -13.55
C GLU C 249 -35.81 -7.78 -13.42
N ALA D 2 48.29 12.88 16.27
CA ALA D 2 47.20 13.39 17.11
C ALA D 2 46.44 12.23 17.72
N ASP D 3 45.77 12.49 18.85
CA ASP D 3 44.96 11.46 19.47
C ASP D 3 43.88 10.93 18.54
N LYS D 4 43.59 9.65 18.71
CA LYS D 4 42.40 9.03 18.12
CA LYS D 4 42.43 9.13 18.01
C LYS D 4 41.19 9.93 18.38
N LEU D 5 40.28 10.03 17.42
CA LEU D 5 39.25 11.05 17.54
C LEU D 5 38.22 10.78 18.61
N PHE D 6 38.14 9.52 19.07
CA PHE D 6 37.18 9.12 20.09
C PHE D 6 37.74 9.22 21.52
N ILE D 7 39.02 9.57 21.69
CA ILE D 7 39.60 9.54 23.03
C ILE D 7 38.94 10.54 23.97
N ASN D 8 38.66 11.75 23.50
CA ASN D 8 38.01 12.72 24.38
C ASN D 8 36.69 12.21 24.94
N ALA D 9 35.89 11.58 24.07
CA ALA D 9 34.59 11.07 24.47
C ALA D 9 34.76 9.96 25.49
N LEU D 10 35.72 9.07 25.29
CA LEU D 10 35.91 8.00 26.26
C LEU D 10 36.33 8.55 27.62
N LYS D 11 37.16 9.58 27.64
CA LYS D 11 37.59 10.16 28.91
C LYS D 11 36.42 10.84 29.61
N LYS D 12 35.49 11.39 28.85
CA LYS D 12 34.30 11.99 29.47
C LYS D 12 33.39 10.97 30.14
N LYS D 13 33.26 9.79 29.52
CA LYS D 13 32.33 8.77 29.98
C LYS D 13 32.72 8.06 31.23
N PHE D 14 34.02 7.79 31.38
CA PHE D 14 34.50 6.90 32.44
C PHE D 14 35.60 7.53 33.25
N GLU D 15 35.70 7.10 34.50
CA GLU D 15 36.76 7.60 35.37
C GLU D 15 38.11 7.00 34.99
N GLU D 16 38.10 5.76 34.52
CA GLU D 16 39.33 5.07 34.13
C GLU D 16 39.86 5.64 32.81
N SER D 17 41.15 5.45 32.57
CA SER D 17 41.70 5.79 31.28
C SER D 17 41.14 4.81 30.24
N PRO D 18 41.16 5.21 28.97
CA PRO D 18 40.48 4.39 27.98
C PRO D 18 41.06 3.00 27.77
N GLU D 19 42.33 2.82 28.11
CA GLU D 19 43.01 1.55 27.92
CA GLU D 19 42.99 1.54 27.90
C GLU D 19 42.81 0.58 29.07
N GLU D 20 42.28 1.07 30.18
CA GLU D 20 42.19 0.24 31.39
C GLU D 20 41.18 -0.89 31.22
N LYS D 21 41.57 -2.10 31.59
CA LYS D 21 40.76 -3.28 31.42
C LYS D 21 39.72 -3.57 32.51
N LYS D 22 39.90 -2.99 33.69
CA LYS D 22 39.05 -3.32 34.84
C LYS D 22 38.30 -2.13 35.37
N THR D 23 37.14 -2.39 35.94
CA THR D 23 36.34 -1.35 36.56
C THR D 23 35.58 -1.98 37.75
N THR D 24 34.71 -1.19 38.35
CA THR D 24 33.83 -1.70 39.38
CA THR D 24 33.80 -1.60 39.42
C THR D 24 32.39 -1.29 39.01
N PHE D 25 31.46 -2.20 39.23
CA PHE D 25 30.06 -2.02 38.88
C PHE D 25 29.20 -1.97 40.14
N TYR D 26 27.90 -1.74 39.98
CA TYR D 26 26.88 -1.99 40.99
C TYR D 26 26.87 -0.95 42.10
N THR D 27 27.62 0.13 41.98
CA THR D 27 27.76 1.11 43.07
C THR D 27 27.22 2.49 42.74
N LEU D 28 26.45 2.62 41.67
CA LEU D 28 26.05 3.93 41.16
C LEU D 28 24.64 4.32 41.52
N GLY D 29 23.93 3.47 42.24
CA GLY D 29 22.55 3.75 42.59
C GLY D 29 21.54 3.45 41.48
N GLY D 30 21.93 2.64 40.50
CA GLY D 30 20.99 2.32 39.43
C GLY D 30 20.61 3.56 38.64
N TRP D 31 19.30 3.76 38.47
CA TRP D 31 18.83 4.92 37.71
C TRP D 31 19.19 6.24 38.36
N LYS D 32 19.44 6.23 39.68
CA LYS D 32 19.68 7.47 40.41
C LYS D 32 20.95 8.18 39.99
N GLN D 33 21.85 7.49 39.28
CA GLN D 33 23.03 8.12 38.75
C GLN D 33 22.75 9.12 37.64
N SER D 34 21.57 9.05 37.04
CA SER D 34 21.25 9.73 35.80
C SER D 34 20.28 10.88 35.98
N GLU D 35 20.66 12.06 35.53
CA GLU D 35 19.76 13.21 35.54
CA GLU D 35 19.76 13.20 35.55
C GLU D 35 18.50 12.92 34.74
N ARG D 36 18.68 12.30 33.58
CA ARG D 36 17.56 12.07 32.71
C ARG D 36 16.62 10.99 33.27
N LYS D 37 17.18 9.87 33.76
CA LYS D 37 16.30 8.86 34.36
C LYS D 37 15.57 9.45 35.57
N THR D 38 16.22 10.31 36.34
CA THR D 38 15.58 10.95 37.46
C THR D 38 14.40 11.82 37.01
N GLU D 39 14.60 12.59 35.95
CA GLU D 39 13.52 13.36 35.36
C GLU D 39 12.35 12.45 34.97
N PHE D 40 12.68 11.31 34.37
CA PHE D 40 11.66 10.38 33.88
C PHE D 40 10.90 9.76 35.07
N VAL D 41 11.59 9.40 36.13
CA VAL D 41 10.93 8.81 37.29
C VAL D 41 9.89 9.79 37.82
N ASN D 42 10.30 11.03 38.00
CA ASN D 42 9.42 12.05 38.54
CA ASN D 42 9.40 12.02 38.55
C ASN D 42 8.23 12.29 37.60
N ALA D 43 8.52 12.36 36.32
CA ALA D 43 7.45 12.56 35.34
C ALA D 43 6.46 11.39 35.35
N GLY D 44 6.93 10.16 35.47
CA GLY D 44 6.04 9.02 35.53
C GLY D 44 5.12 9.08 36.72
N LYS D 45 5.63 9.53 37.85
CA LYS D 45 4.81 9.67 39.05
C LYS D 45 3.69 10.67 38.81
N GLU D 46 4.03 11.79 38.18
CA GLU D 46 3.05 12.82 37.91
CA GLU D 46 3.06 12.83 37.91
C GLU D 46 2.03 12.36 36.89
N VAL D 47 2.49 11.71 35.85
CA VAL D 47 1.57 11.22 34.83
C VAL D 47 0.58 10.23 35.42
N ALA D 48 1.08 9.27 36.18
CA ALA D 48 0.22 8.25 36.77
C ALA D 48 -0.78 8.87 37.73
N ALA D 49 -0.34 9.85 38.52
CA ALA D 49 -1.24 10.49 39.48
C ALA D 49 -2.36 11.24 38.77
N LYS D 50 -2.04 11.90 37.67
CA LYS D 50 -3.01 12.71 36.96
C LYS D 50 -4.03 11.86 36.25
N ARG D 51 -3.60 10.80 35.55
CA ARG D 51 -4.50 10.06 34.69
C ARG D 51 -5.13 8.84 35.36
N GLY D 52 -4.65 8.45 36.52
CA GLY D 52 -5.19 7.30 37.22
C GLY D 52 -4.82 5.96 36.66
N ILE D 53 -3.71 5.89 35.93
CA ILE D 53 -3.18 4.62 35.42
C ILE D 53 -1.68 4.66 35.61
N PRO D 54 -1.10 3.64 36.27
CA PRO D 54 0.35 3.56 36.37
C PRO D 54 1.05 3.70 35.00
N GLN D 55 2.22 4.28 34.99
CA GLN D 55 2.98 4.49 33.76
C GLN D 55 4.46 4.19 34.04
N TYR D 56 5.36 5.12 33.78
CA TYR D 56 6.79 4.85 33.93
C TYR D 56 7.06 4.57 35.41
N ASN D 57 7.80 3.49 35.67
CA ASN D 57 8.11 3.03 37.01
C ASN D 57 9.47 2.32 36.95
N PRO D 58 10.50 2.86 37.61
CA PRO D 58 11.82 2.26 37.52
C PRO D 58 11.93 0.87 38.16
N ASP D 59 10.94 0.47 38.94
CA ASP D 59 11.00 -0.82 39.60
C ASP D 59 10.37 -1.93 38.78
N ILE D 60 9.83 -1.63 37.62
CA ILE D 60 9.33 -2.66 36.73
C ILE D 60 10.54 -3.32 36.04
N GLY D 61 10.52 -4.65 35.96
CA GLY D 61 11.56 -5.35 35.23
C GLY D 61 12.90 -5.20 35.90
N THR D 62 13.97 -5.17 35.10
CA THR D 62 15.32 -5.18 35.64
C THR D 62 15.81 -3.75 35.93
N PRO D 63 16.80 -3.61 36.83
CA PRO D 63 17.18 -2.28 37.31
C PRO D 63 18.24 -1.63 36.45
N LEU D 64 17.86 -0.70 35.58
CA LEU D 64 18.84 0.01 34.76
C LEU D 64 19.95 0.63 35.58
N GLY D 65 21.13 0.69 34.99
CA GLY D 65 22.21 1.43 35.60
C GLY D 65 23.03 0.68 36.62
N GLN D 66 23.22 -0.62 36.43
CA GLN D 66 24.19 -1.39 37.22
C GLN D 66 25.61 -1.07 36.74
N ARG D 67 25.72 -0.57 35.51
CA ARG D 67 26.95 -0.03 34.94
C ARG D 67 26.75 1.48 34.76
N VAL D 68 27.76 2.19 34.28
CA VAL D 68 27.62 3.59 33.94
C VAL D 68 26.63 3.77 32.78
N LEU D 69 25.65 4.63 33.00
CA LEU D 69 24.75 5.10 31.94
C LEU D 69 25.44 6.30 31.31
N MET D 70 25.93 6.12 30.10
CA MET D 70 26.91 6.99 29.47
C MET D 70 26.33 8.25 28.84
N PRO D 71 27.09 9.33 28.86
CA PRO D 71 26.87 10.39 27.89
C PRO D 71 27.45 10.00 26.55
N TYR D 72 26.91 10.61 25.49
CA TYR D 72 27.42 10.49 24.14
C TYR D 72 27.78 11.86 23.59
N GLN D 73 28.94 11.96 22.95
CA GLN D 73 29.32 13.13 22.18
C GLN D 73 28.65 13.07 20.82
N VAL D 74 27.90 14.09 20.41
CA VAL D 74 27.42 14.07 19.02
C VAL D 74 28.64 14.39 18.15
N SER D 75 28.98 13.51 17.23
CA SER D 75 30.21 13.65 16.45
C SER D 75 30.20 14.95 15.65
N THR D 76 31.39 15.57 15.60
CA THR D 76 31.66 16.90 15.02
C THR D 76 31.16 18.05 15.89
N THR D 77 30.62 17.76 17.08
CA THR D 77 30.18 18.79 18.00
C THR D 77 30.90 18.63 19.33
N ASP D 78 30.67 19.59 20.21
CA ASP D 78 31.13 19.52 21.59
C ASP D 78 29.98 19.29 22.56
N THR D 79 28.91 18.73 22.04
CA THR D 79 27.73 18.45 22.84
C THR D 79 27.74 17.01 23.31
N TYR D 80 27.60 16.85 24.63
CA TYR D 80 27.52 15.56 25.30
C TYR D 80 26.16 15.43 25.95
N VAL D 81 25.41 14.38 25.60
CA VAL D 81 24.09 14.14 26.15
C VAL D 81 23.88 12.67 26.48
N GLU D 82 23.04 12.40 27.46
CA GLU D 82 22.57 11.03 27.65
C GLU D 82 21.82 10.59 26.40
N GLY D 83 21.85 9.31 26.12
CA GLY D 83 21.28 8.78 24.89
C GLY D 83 19.80 9.00 24.75
N ASP D 84 19.07 9.15 25.86
CA ASP D 84 17.65 9.39 25.79
C ASP D 84 17.37 10.67 25.01
N ASP D 85 18.31 11.63 25.04
CA ASP D 85 18.09 12.90 24.36
C ASP D 85 18.26 12.79 22.85
N LEU D 86 18.72 11.61 22.40
CA LEU D 86 18.86 11.29 20.99
C LEU D 86 17.76 10.32 20.52
N HIS D 87 16.84 9.96 21.41
CA HIS D 87 15.66 9.19 21.01
C HIS D 87 14.79 10.12 20.13
N PHE D 88 14.27 9.64 19.01
CA PHE D 88 13.52 10.55 18.13
C PHE D 88 12.31 11.14 18.81
N VAL D 89 11.69 10.44 19.78
CA VAL D 89 10.51 10.97 20.45
C VAL D 89 10.87 12.22 21.26
N ASN D 90 12.08 12.23 21.82
CA ASN D 90 12.54 13.27 22.73
C ASN D 90 13.32 14.37 22.01
N ASN D 91 13.38 14.34 20.69
CA ASN D 91 14.28 15.18 19.92
C ASN D 91 13.52 15.81 18.74
N ALA D 92 13.13 17.06 18.92
CA ALA D 92 12.29 17.74 17.95
C ALA D 92 13.02 18.00 16.64
N ALA D 93 14.36 18.10 16.68
CA ALA D 93 15.13 18.23 15.45
C ALA D 93 14.94 16.98 14.57
N MET D 94 15.05 15.80 15.19
CA MET D 94 14.87 14.56 14.47
C MET D 94 13.50 14.46 13.87
N GLN D 95 12.48 14.78 14.64
CA GLN D 95 11.12 14.76 14.12
C GLN D 95 10.97 15.74 12.93
N GLN D 96 11.52 16.93 13.07
CA GLN D 96 11.37 17.92 12.00
C GLN D 96 12.17 17.54 10.77
N MET D 97 13.31 16.86 10.94
CA MET D 97 14.04 16.42 9.76
C MET D 97 13.15 15.55 8.88
N TRP D 98 12.46 14.58 9.52
CA TRP D 98 11.56 13.72 8.77
C TRP D 98 10.40 14.52 8.21
N ASP D 99 9.77 15.39 9.01
CA ASP D 99 8.68 16.17 8.47
C ASP D 99 9.09 16.97 7.24
N ASP D 100 10.26 17.56 7.26
CA ASP D 100 10.69 18.38 6.13
C ASP D 100 10.87 17.54 4.87
N ILE D 101 11.29 16.28 5.00
CA ILE D 101 11.35 15.38 3.84
C ILE D 101 9.96 14.95 3.42
N ARG D 102 9.18 14.49 4.40
CA ARG D 102 7.86 13.94 4.12
C ARG D 102 6.95 14.96 3.39
N ARG D 103 7.05 16.21 3.80
CA ARG D 103 6.17 17.27 3.30
C ARG D 103 6.68 17.96 2.02
N THR D 104 7.74 17.44 1.41
CA THR D 104 8.30 18.00 0.19
C THR D 104 8.02 17.12 -1.00
N VAL D 105 7.66 17.78 -2.11
CA VAL D 105 7.73 17.13 -3.44
CA VAL D 105 7.65 17.14 -3.41
C VAL D 105 8.27 18.11 -4.44
N ILE D 106 8.81 17.59 -5.54
CA ILE D 106 9.35 18.39 -6.63
C ILE D 106 8.39 18.24 -7.77
N VAL D 107 7.95 19.36 -8.37
CA VAL D 107 6.89 19.31 -9.39
C VAL D 107 7.31 20.19 -10.56
N GLY D 108 7.48 19.61 -11.72
CA GLY D 108 7.85 20.35 -12.90
C GLY D 108 6.81 21.35 -13.31
N LEU D 109 7.25 22.38 -14.02
CA LEU D 109 6.38 23.32 -14.72
C LEU D 109 6.49 23.17 -16.22
N ASN D 110 7.19 22.14 -16.68
CA ASN D 110 7.53 22.04 -18.08
C ASN D 110 6.30 21.60 -18.86
N HIS D 111 5.63 20.53 -18.38
CA HIS D 111 4.37 20.18 -19.01
C HIS D 111 3.31 21.26 -18.77
N ALA D 112 3.20 21.81 -17.55
CA ALA D 112 2.18 22.84 -17.30
C ALA D 112 2.35 24.06 -18.23
N HIS D 113 3.56 24.56 -18.38
CA HIS D 113 3.77 25.69 -19.28
C HIS D 113 3.43 25.34 -20.73
N ALA D 114 3.68 24.08 -21.14
CA ALA D 114 3.30 23.64 -22.47
C ALA D 114 1.77 23.61 -22.55
N VAL D 115 1.12 23.16 -21.51
CA VAL D 115 -0.34 23.18 -21.53
C VAL D 115 -0.80 24.61 -21.73
N ILE D 116 -0.18 25.53 -20.99
CA ILE D 116 -0.54 26.94 -21.10
C ILE D 116 -0.32 27.52 -22.51
N GLU D 117 0.84 27.25 -23.11
CA GLU D 117 1.15 27.84 -24.41
C GLU D 117 0.46 27.14 -25.57
N LYS D 118 0.33 25.82 -25.47
CA LYS D 118 -0.14 25.05 -26.62
C LYS D 118 -1.66 24.85 -26.54
N ARG D 119 -2.18 24.49 -25.39
CA ARG D 119 -3.61 24.23 -25.26
C ARG D 119 -4.42 25.50 -24.96
N LEU D 120 -3.91 26.34 -24.07
CA LEU D 120 -4.56 27.63 -23.76
C LEU D 120 -4.17 28.74 -24.72
N GLY D 121 -3.02 28.58 -25.36
CA GLY D 121 -2.52 29.59 -26.28
C GLY D 121 -2.14 30.92 -25.63
N LYS D 122 -1.55 30.81 -24.43
CA LYS D 122 -1.10 32.00 -23.71
C LYS D 122 0.41 31.90 -23.45
N GLU D 123 1.09 33.04 -23.39
CA GLU D 123 2.53 33.14 -23.21
C GLU D 123 2.99 32.90 -21.77
N VAL D 124 4.18 32.31 -21.60
CA VAL D 124 4.83 32.18 -20.31
C VAL D 124 6.15 32.94 -20.29
N THR D 125 6.33 33.81 -19.28
CA THR D 125 7.54 34.62 -19.14
C THR D 125 7.94 34.62 -17.67
N PRO D 126 9.14 35.12 -17.35
CA PRO D 126 9.46 35.28 -15.94
C PRO D 126 8.44 36.10 -15.16
N GLU D 127 7.86 37.13 -15.79
CA GLU D 127 6.83 37.90 -15.13
C GLU D 127 5.57 37.07 -14.82
N THR D 128 5.10 36.27 -15.78
CA THR D 128 3.90 35.47 -15.50
C THR D 128 4.22 34.37 -14.46
N ILE D 129 5.46 33.87 -14.49
CA ILE D 129 5.86 32.85 -13.51
C ILE D 129 5.86 33.49 -12.11
N THR D 130 6.39 34.70 -12.00
CA THR D 130 6.36 35.39 -10.71
C THR D 130 4.94 35.60 -10.19
N HIS D 131 4.04 36.01 -11.09
CA HIS D 131 2.65 36.20 -10.69
C HIS D 131 2.04 34.87 -10.20
N TYR D 132 2.32 33.80 -10.92
CA TYR D 132 1.90 32.46 -10.51
C TYR D 132 2.49 32.10 -9.14
N LEU D 133 3.76 32.44 -8.89
CA LEU D 133 4.37 32.09 -7.62
C LEU D 133 3.83 32.92 -6.45
N GLU D 134 3.48 34.19 -6.68
CA GLU D 134 2.83 34.92 -5.61
CA GLU D 134 2.81 34.95 -5.62
C GLU D 134 1.46 34.30 -5.28
N THR D 135 0.76 33.86 -6.32
CA THR D 135 -0.54 33.23 -6.17
C THR D 135 -0.42 31.92 -5.40
N VAL D 136 0.50 31.05 -5.82
CA VAL D 136 0.59 29.73 -5.19
C VAL D 136 1.16 29.84 -3.79
N ASN D 137 1.93 30.88 -3.47
CA ASN D 137 2.36 31.05 -2.10
C ASN D 137 1.28 31.60 -1.17
N HIS D 138 0.24 32.22 -1.72
CA HIS D 138 -0.97 32.44 -0.93
C HIS D 138 -1.78 31.12 -0.78
N ALA D 139 -1.94 30.39 -1.88
CA ALA D 139 -2.86 29.23 -1.90
C ALA D 139 -2.28 28.01 -1.19
N MET D 140 -0.99 27.72 -1.39
CA MET D 140 -0.44 26.43 -0.94
C MET D 140 -0.68 26.13 0.53
N PRO D 141 -0.50 27.11 1.44
CA PRO D 141 -0.72 26.79 2.86
C PRO D 141 -2.17 26.48 3.22
N GLY D 142 -3.10 26.77 2.30
CA GLY D 142 -4.50 26.46 2.47
C GLY D 142 -5.44 27.66 2.47
N ALA D 143 -5.27 28.54 1.47
CA ALA D 143 -6.07 29.74 1.32
C ALA D 143 -6.63 29.83 -0.10
N ALA D 144 -7.74 30.56 -0.23
CA ALA D 144 -8.61 30.55 -1.42
C ALA D 144 -8.24 31.63 -2.43
N VAL D 145 -8.51 31.35 -3.69
CA VAL D 145 -8.29 32.31 -4.76
C VAL D 145 -9.45 32.49 -5.74
N VAL D 146 -10.46 31.59 -5.75
CA VAL D 146 -11.58 31.72 -6.69
C VAL D 146 -12.98 31.80 -6.07
N GLN D 147 -13.33 30.85 -5.22
CA GLN D 147 -14.72 30.79 -4.74
C GLN D 147 -15.05 31.77 -3.65
N GLU D 148 -16.33 32.13 -3.60
CA GLU D 148 -16.89 32.88 -2.51
C GLU D 148 -17.19 31.95 -1.31
N HIS D 149 -17.09 32.51 -0.12
CA HIS D 149 -17.41 31.85 1.14
C HIS D 149 -16.53 30.61 1.40
N MET D 150 -15.24 30.74 1.09
CA MET D 150 -14.23 29.76 1.50
C MET D 150 -13.75 30.04 2.90
N VAL D 151 -13.45 28.97 3.63
CA VAL D 151 -12.85 29.02 4.95
C VAL D 151 -11.47 28.39 4.84
N GLU D 152 -10.51 28.94 5.57
CA GLU D 152 -9.10 28.81 5.24
C GLU D 152 -8.26 28.42 6.45
N THR D 153 -7.06 27.92 6.18
CA THR D 153 -6.16 27.62 7.27
C THR D 153 -5.59 28.91 7.88
N HIS D 154 -5.31 28.84 9.18
CA HIS D 154 -4.70 29.96 9.89
C HIS D 154 -3.27 30.13 9.38
N PRO D 155 -2.93 31.26 8.78
CA PRO D 155 -1.59 31.43 8.21
C PRO D 155 -0.46 31.12 9.16
N ALA D 156 -0.59 31.41 10.45
CA ALA D 156 0.50 31.18 11.38
C ALA D 156 0.67 29.70 11.70
N LEU D 157 -0.36 28.88 11.54
CA LEU D 157 -0.22 27.43 11.77
C LEU D 157 0.51 26.76 10.62
N VAL D 158 0.53 27.40 9.45
CA VAL D 158 1.01 26.82 8.19
C VAL D 158 2.14 27.68 7.60
N ALA D 159 2.86 28.39 8.47
CA ALA D 159 3.88 29.34 8.04
C ALA D 159 5.07 28.70 7.35
N ASP D 160 5.21 27.38 7.57
CA ASP D 160 6.32 26.59 7.01
C ASP D 160 6.04 26.08 5.59
N SER D 161 4.84 26.29 5.08
CA SER D 161 4.46 25.84 3.74
C SER D 161 4.70 26.92 2.71
N TYR D 162 5.30 26.56 1.59
CA TYR D 162 5.61 27.51 0.53
C TYR D 162 6.04 26.76 -0.71
N VAL D 163 6.27 27.50 -1.80
CA VAL D 163 6.73 27.00 -3.08
C VAL D 163 7.88 27.88 -3.57
N LYS D 164 9.00 27.24 -3.91
CA LYS D 164 10.08 27.89 -4.64
C LYS D 164 10.29 27.21 -5.98
N VAL D 165 11.10 27.80 -6.83
CA VAL D 165 11.46 27.21 -8.10
C VAL D 165 12.96 27.26 -8.30
N PHE D 166 13.43 26.43 -9.22
CA PHE D 166 14.79 26.54 -9.72
C PHE D 166 14.84 26.19 -11.20
N THR D 167 15.91 26.62 -11.85
CA THR D 167 16.16 26.33 -13.23
C THR D 167 17.64 26.46 -13.52
N GLY D 168 18.13 25.71 -14.51
CA GLY D 168 19.52 25.81 -14.90
C GLY D 168 19.87 27.00 -15.76
N ASN D 169 18.85 27.70 -16.22
CA ASN D 169 19.05 28.88 -17.06
C ASN D 169 19.19 30.09 -16.16
N ASP D 170 20.40 30.60 -16.03
CA ASP D 170 20.67 31.67 -15.08
C ASP D 170 19.88 32.92 -15.35
N GLU D 171 19.72 33.24 -16.62
CA GLU D 171 19.11 34.52 -16.97
CA GLU D 171 19.13 34.51 -16.98
C GLU D 171 17.64 34.45 -16.68
N ILE D 172 17.04 33.28 -16.88
CA ILE D 172 15.65 33.08 -16.50
C ILE D 172 15.48 33.10 -14.96
N ALA D 173 16.32 32.36 -14.25
CA ALA D 173 16.29 32.37 -12.79
C ALA D 173 16.38 33.79 -12.21
N ASP D 174 17.24 34.61 -12.79
CA ASP D 174 17.49 35.94 -12.24
C ASP D 174 16.33 36.89 -12.50
N GLU D 175 15.47 36.58 -13.46
CA GLU D 175 14.31 37.43 -13.81
C GLU D 175 13.07 37.11 -12.97
N ILE D 176 12.98 35.90 -12.43
CA ILE D 176 11.89 35.58 -11.51
C ILE D 176 12.17 36.28 -10.19
N ASP D 177 11.13 36.70 -9.47
CA ASP D 177 11.35 37.39 -8.19
C ASP D 177 12.21 36.48 -7.28
N PRO D 178 13.35 36.99 -6.75
CA PRO D 178 14.27 36.12 -6.01
C PRO D 178 13.74 35.60 -4.68
N ALA D 179 12.63 36.12 -4.17
CA ALA D 179 12.03 35.51 -2.98
C ALA D 179 11.65 34.06 -3.22
N PHE D 180 11.33 33.74 -4.45
CA PHE D 180 10.81 32.42 -4.83
C PHE D 180 11.85 31.48 -5.40
N VAL D 181 13.10 31.88 -5.55
CA VAL D 181 14.07 31.13 -6.34
C VAL D 181 15.10 30.50 -5.43
N ILE D 182 15.37 29.23 -5.62
CA ILE D 182 16.56 28.58 -5.08
C ILE D 182 17.69 28.88 -6.07
N ASP D 183 18.62 29.72 -5.64
CA ASP D 183 19.68 30.24 -6.47
C ASP D 183 20.85 29.26 -6.45
N ILE D 184 20.99 28.52 -7.53
CA ILE D 184 21.99 27.45 -7.58
C ILE D 184 23.40 28.03 -7.45
N ASN D 185 23.63 29.20 -8.04
CA ASN D 185 24.96 29.80 -7.98
C ASN D 185 25.33 30.31 -6.58
N LYS D 186 24.33 30.67 -5.81
CA LYS D 186 24.55 31.09 -4.45
C LYS D 186 24.78 29.91 -3.52
N GLN D 187 24.06 28.81 -3.73
CA GLN D 187 24.05 27.72 -2.76
CA GLN D 187 24.05 27.73 -2.75
C GLN D 187 25.16 26.69 -2.98
N PHE D 188 25.68 26.62 -4.20
CA PHE D 188 26.66 25.57 -4.56
C PHE D 188 27.97 26.18 -5.00
N PRO D 189 29.08 25.51 -4.69
CA PRO D 189 30.38 25.98 -5.19
C PRO D 189 30.40 25.89 -6.71
N GLU D 190 31.29 26.64 -7.34
CA GLU D 190 31.25 26.86 -8.78
C GLU D 190 31.15 25.59 -9.62
N ASP D 191 32.01 24.60 -9.37
CA ASP D 191 32.00 23.40 -10.21
C ASP D 191 30.71 22.59 -10.02
N GLN D 192 30.24 22.49 -8.78
CA GLN D 192 28.97 21.81 -8.53
C GLN D 192 27.79 22.55 -9.18
N ALA D 193 27.79 23.87 -9.08
CA ALA D 193 26.74 24.68 -9.70
C ALA D 193 26.68 24.41 -11.20
N GLU D 194 27.82 24.36 -11.87
N GLU D 194 27.85 24.38 -11.84
CA GLU D 194 27.82 24.16 -13.30
CA GLU D 194 27.93 24.12 -13.27
C GLU D 194 27.31 22.75 -13.64
C GLU D 194 27.29 22.78 -13.59
N THR D 195 27.67 21.74 -12.85
CA THR D 195 27.11 20.42 -13.07
C THR D 195 25.59 20.44 -12.95
N LEU D 196 25.09 21.04 -11.87
CA LEU D 196 23.67 20.99 -11.58
C LEU D 196 22.88 21.77 -12.62
N LYS D 197 23.39 22.93 -13.02
CA LYS D 197 22.70 23.72 -14.03
C LYS D 197 22.65 22.97 -15.36
N ALA D 198 23.71 22.24 -15.70
CA ALA D 198 23.69 21.48 -16.95
C ALA D 198 22.68 20.33 -16.88
N GLU D 199 22.50 19.71 -15.71
CA GLU D 199 21.48 18.68 -15.57
C GLU D 199 20.08 19.20 -15.75
N VAL D 200 19.82 20.36 -15.15
CA VAL D 200 18.48 20.92 -15.19
C VAL D 200 18.20 21.57 -16.54
N GLY D 201 19.20 22.23 -17.12
CA GLY D 201 19.01 22.97 -18.37
C GLY D 201 17.91 24.02 -18.23
N ASP D 202 17.14 24.19 -19.30
CA ASP D 202 16.06 25.14 -19.31
C ASP D 202 14.81 24.65 -18.58
N GLY D 203 14.85 23.46 -18.00
CA GLY D 203 13.74 23.01 -17.20
C GLY D 203 13.52 23.93 -16.02
N ILE D 204 12.26 24.08 -15.64
N ILE D 204 12.27 24.06 -15.62
CA ILE D 204 11.86 24.84 -14.45
CA ILE D 204 11.95 24.81 -14.43
C ILE D 204 11.07 23.92 -13.52
C ILE D 204 11.12 23.90 -13.54
N TRP D 205 11.50 23.84 -12.28
CA TRP D 205 10.95 22.90 -11.29
C TRP D 205 10.53 23.65 -10.04
N GLN D 206 9.38 23.24 -9.49
CA GLN D 206 8.89 23.71 -8.21
C GLN D 206 9.35 22.80 -7.10
N VAL D 207 9.73 23.39 -5.98
CA VAL D 207 9.90 22.67 -4.73
C VAL D 207 8.74 23.10 -3.84
N VAL D 208 7.86 22.15 -3.56
CA VAL D 208 6.64 22.41 -2.82
C VAL D 208 6.74 21.81 -1.45
N ARG D 209 6.51 22.61 -0.42
CA ARG D 209 6.49 22.10 0.96
C ARG D 209 5.12 22.35 1.55
N ILE D 210 4.41 21.28 1.92
CA ILE D 210 3.11 21.41 2.51
C ILE D 210 3.29 21.60 4.04
N PRO D 211 2.22 21.99 4.74
CA PRO D 211 2.42 22.30 6.17
C PRO D 211 2.80 21.08 7.02
N THR D 212 3.74 21.27 7.92
CA THR D 212 4.08 20.24 8.91
C THR D 212 2.85 19.76 9.67
N ILE D 213 1.97 20.67 10.07
CA ILE D 213 0.80 20.27 10.85
C ILE D 213 -0.09 19.30 10.06
N VAL D 214 -0.15 19.47 8.75
CA VAL D 214 -0.89 18.60 7.88
C VAL D 214 -0.20 17.25 7.73
N SER D 215 1.10 17.27 7.50
CA SER D 215 1.89 16.05 7.33
C SER D 215 1.79 15.18 8.58
N ARG D 216 1.81 15.80 9.75
CA ARG D 216 1.68 15.06 11.02
C ARG D 216 0.28 14.51 11.21
N THR D 217 -0.75 15.30 10.89
CA THR D 217 -2.13 14.84 10.95
C THR D 217 -2.35 13.68 9.99
N CYS D 218 -1.70 13.73 8.82
CA CYS D 218 -2.00 12.81 7.71
C CYS D 218 -0.79 11.90 7.46
N ASP D 219 -0.33 11.81 6.22
CA ASP D 219 0.76 10.90 5.88
C ASP D 219 1.56 11.45 4.73
N GLY D 220 2.62 10.74 4.33
CA GLY D 220 3.44 11.20 3.24
C GLY D 220 2.74 11.22 1.90
N ALA D 221 1.77 10.34 1.68
CA ALA D 221 1.09 10.26 0.40
C ALA D 221 0.14 11.43 0.18
N THR D 222 -0.06 12.23 1.24
CA THR D 222 -0.80 13.47 1.15
C THR D 222 -0.04 14.50 0.35
N THR D 223 1.29 14.50 0.43
CA THR D 223 2.06 15.65 -0.05
C THR D 223 1.86 15.97 -1.51
N SER D 224 1.96 15.00 -2.42
CA SER D 224 1.86 15.33 -3.83
C SER D 224 0.43 15.72 -4.21
N ARG D 225 -0.55 15.20 -3.48
CA ARG D 225 -1.94 15.55 -3.73
C ARG D 225 -2.20 17.00 -3.32
N TRP D 226 -1.76 17.36 -2.12
CA TRP D 226 -2.00 18.69 -1.58
C TRP D 226 -1.32 19.73 -2.48
N SER D 227 -0.07 19.45 -2.82
CA SER D 227 0.69 20.20 -3.80
C SER D 227 -0.11 20.44 -5.08
N ALA D 228 -0.62 19.37 -5.66
CA ALA D 228 -1.29 19.47 -6.95
C ALA D 228 -2.57 20.26 -6.86
N MET D 229 -3.31 20.17 -5.75
CA MET D 229 -4.58 20.90 -5.66
C MET D 229 -4.30 22.37 -5.75
N GLN D 230 -3.28 22.83 -5.05
CA GLN D 230 -3.05 24.25 -4.94
C GLN D 230 -2.27 24.79 -6.12
N ILE D 231 -1.42 23.98 -6.75
CA ILE D 231 -0.90 24.32 -8.07
C ILE D 231 -2.06 24.52 -9.03
N GLY D 232 -3.00 23.58 -9.03
CA GLY D 232 -4.15 23.67 -9.94
C GLY D 232 -4.96 24.94 -9.74
N MET D 233 -5.27 25.26 -8.49
CA MET D 233 -6.02 26.49 -8.23
C MET D 233 -5.22 27.72 -8.66
N SER D 234 -3.92 27.68 -8.47
CA SER D 234 -3.07 28.84 -8.76
C SER D 234 -2.86 29.01 -10.27
N MET D 235 -2.83 27.92 -11.03
CA MET D 235 -2.83 28.03 -12.49
C MET D 235 -4.12 28.69 -12.95
N ILE D 236 -5.26 28.27 -12.37
CA ILE D 236 -6.53 28.87 -12.75
C ILE D 236 -6.52 30.37 -12.46
N SER D 237 -6.11 30.76 -11.27
CA SER D 237 -6.18 32.14 -10.89
C SER D 237 -5.16 33.00 -11.64
N ALA D 238 -3.90 32.55 -11.66
CA ALA D 238 -2.80 33.38 -12.18
C ALA D 238 -2.86 33.52 -13.67
N TYR D 239 -3.33 32.51 -14.40
CA TYR D 239 -3.38 32.58 -15.87
C TYR D 239 -4.80 32.78 -16.37
N LYS D 240 -5.70 33.18 -15.46
CA LYS D 240 -7.04 33.66 -15.83
C LYS D 240 -7.81 32.65 -16.65
N GLN D 241 -7.79 31.41 -16.18
CA GLN D 241 -8.48 30.33 -16.83
C GLN D 241 -9.91 30.22 -16.33
N ALA D 242 -10.75 29.56 -17.12
CA ALA D 242 -12.01 29.03 -16.65
C ALA D 242 -11.77 28.13 -15.47
N ALA D 243 -12.64 28.22 -14.48
CA ALA D 243 -12.34 27.55 -13.22
C ALA D 243 -12.94 26.16 -13.28
N GLY D 244 -12.27 25.30 -14.05
CA GLY D 244 -12.70 23.94 -14.28
C GLY D 244 -13.21 23.65 -15.69
N GLU D 245 -12.27 23.50 -16.62
N GLU D 245 -12.28 23.47 -16.61
CA GLU D 245 -12.56 23.08 -18.00
CA GLU D 245 -12.55 23.08 -17.99
C GLU D 245 -11.67 21.88 -18.35
C GLU D 245 -11.68 21.87 -18.35
N ALA D 246 -11.78 21.33 -19.56
CA ALA D 246 -11.05 20.10 -19.88
C ALA D 246 -9.54 20.26 -19.65
N ALA D 247 -8.96 21.41 -19.96
CA ALA D 247 -7.50 21.59 -19.80
C ALA D 247 -7.08 21.50 -18.33
N THR D 248 -8.01 21.76 -17.41
CA THR D 248 -7.71 21.69 -15.99
C THR D 248 -7.17 20.28 -15.63
N GLY D 249 -7.68 19.27 -16.29
CA GLY D 249 -7.22 17.91 -16.03
C GLY D 249 -5.80 17.64 -16.47
N ASP D 250 -5.30 18.37 -17.48
CA ASP D 250 -3.91 18.20 -17.86
C ASP D 250 -2.99 18.73 -16.78
N PHE D 251 -3.33 19.86 -16.16
CA PHE D 251 -2.52 20.35 -15.05
C PHE D 251 -2.51 19.35 -13.91
N ALA D 252 -3.66 18.74 -13.64
CA ALA D 252 -3.74 17.77 -12.55
C ALA D 252 -2.88 16.55 -12.84
N TYR D 253 -3.02 15.98 -14.04
CA TYR D 253 -2.23 14.79 -14.39
C TYR D 253 -0.72 15.10 -14.36
N ALA D 254 -0.35 16.29 -14.84
CA ALA D 254 1.06 16.67 -14.84
C ALA D 254 1.59 16.81 -13.40
N ALA D 255 0.83 17.48 -12.53
CA ALA D 255 1.32 17.77 -11.17
C ALA D 255 1.25 16.52 -10.29
N LYS D 256 0.33 15.60 -10.58
CA LYS D 256 0.16 14.42 -9.74
C LYS D 256 0.92 13.21 -10.22
N MHS D 257 1.29 13.18 -11.50
CA MHS D 257 1.84 11.99 -12.12
C MHS D 257 3.01 12.28 -13.04
O MHS D 257 4.12 11.82 -12.86
CB MHS D 257 0.82 11.11 -12.87
CG MHS D 257 -0.26 10.71 -11.97
ND1 MHS D 257 -0.17 9.66 -11.03
CD2 MHS D 257 -1.52 11.23 -11.77
CE1 MHS D 257 -1.32 9.60 -10.30
NE2 MHS D 257 -2.17 10.55 -10.75
CM MHS D 257 0.93 8.78 -10.85
N ALA D 258 2.78 13.05 -14.09
CA ALA D 258 3.73 13.10 -15.19
C ALA D 258 5.01 13.85 -14.89
N GLU D 259 4.98 14.86 -14.02
CA GLU D 259 6.21 15.59 -13.69
C GLU D 259 6.36 15.83 -12.19
N VAL D 260 5.94 14.89 -11.38
CA VAL D 260 6.21 14.93 -9.95
C VAL D 260 7.32 13.95 -9.58
N ILE D 261 8.19 14.38 -8.68
CA ILE D 261 9.22 13.57 -8.06
CA ILE D 261 9.17 13.51 -8.09
C ILE D 261 8.88 13.41 -6.60
N HIS D 262 8.52 12.19 -6.19
CA HIS D 262 8.29 11.89 -4.79
C HIS D 262 9.62 11.67 -4.12
N MET D 263 9.69 11.92 -2.82
CA MET D 263 10.86 11.56 -2.04
C MET D 263 10.98 10.05 -1.85
N GLY D 264 9.83 9.38 -1.68
CA GLY D 264 9.78 7.94 -1.57
C GLY D 264 8.67 7.34 -2.39
N THR D 265 8.92 6.16 -2.93
CA THR D 265 7.95 5.39 -3.66
C THR D 265 7.14 4.49 -2.69
N TYR D 266 5.95 4.08 -3.11
CA TYR D 266 5.09 3.30 -2.20
C TYR D 266 5.67 1.88 -1.98
N LEU D 267 5.18 1.25 -0.94
CA LEU D 267 5.71 -0.03 -0.48
CA LEU D 267 5.71 -0.02 -0.43
C LEU D 267 4.73 -1.17 -0.67
N PRO D 268 5.25 -2.39 -0.74
CA PRO D 268 4.38 -3.56 -0.89
C PRO D 268 3.56 -3.81 0.36
N VAL D 269 2.54 -4.63 0.21
CA VAL D 269 1.45 -4.78 1.16
C VAL D 269 1.87 -5.19 2.56
N ARG D 270 2.83 -6.11 2.70
CA ARG D 270 3.19 -6.54 4.06
C ARG D 270 3.65 -5.35 4.89
N AGM D 271 4.26 -4.36 4.22
CA AGM D 271 4.70 -3.14 4.88
CB AGM D 271 6.24 -3.00 4.92
CG AGM D 271 6.93 -3.21 3.59
CD AGM D 271 8.42 -3.58 3.77
CE2 AGM D 271 9.27 -2.40 4.24
NE1 AGM D 271 8.98 -4.06 2.50
CZ AGM D 271 8.68 -5.27 1.98
NH1 AGM D 271 9.16 -5.58 0.76
NH2 AGM D 271 7.97 -6.20 2.68
C AGM D 271 4.03 -1.94 4.20
O AGM D 271 4.63 -0.89 3.97
N ALA D 272 2.73 -2.09 3.95
CA ALA D 272 1.94 -1.15 3.14
C ALA D 272 2.13 0.28 3.64
N ARG D 273 2.46 1.16 2.73
CA ARG D 273 2.62 2.58 2.91
C ARG D 273 2.51 3.25 1.57
N GLY D 274 2.03 4.48 1.57
CA GLY D 274 2.03 5.30 0.39
C GLY D 274 3.38 5.94 0.16
N GLU D 275 3.39 6.85 -0.80
CA GLU D 275 4.58 7.62 -1.14
C GLU D 275 5.05 8.51 -0.02
N ASN D 276 6.29 8.94 -0.14
CA ASN D 276 6.89 9.86 0.83
C ASN D 276 6.85 9.29 2.25
N GLU D 277 7.19 8.02 2.36
CA GLU D 277 7.46 7.38 3.64
C GLU D 277 8.91 6.90 3.61
N PRO D 278 9.51 6.64 4.80
CA PRO D 278 10.97 6.46 4.78
C PRO D 278 11.44 5.27 3.99
N GLY D 279 10.67 4.21 3.99
CA GLY D 279 11.09 3.01 3.31
C GLY D 279 11.21 3.16 1.82
N GLY D 280 10.49 4.14 1.25
CA GLY D 280 10.54 4.38 -0.16
C GLY D 280 11.67 5.28 -0.63
N VAL D 281 12.43 5.86 0.28
CA VAL D 281 13.47 6.82 -0.07
C VAL D 281 14.75 6.05 -0.40
N PRO D 282 15.18 6.05 -1.66
CA PRO D 282 16.37 5.29 -2.02
C PRO D 282 17.60 5.90 -1.41
N PHE D 283 18.65 5.10 -1.24
CA PHE D 283 19.84 5.59 -0.59
C PHE D 283 20.44 6.79 -1.31
N GLY D 284 20.46 6.78 -2.65
CA GLY D 284 21.01 7.91 -3.36
C GLY D 284 20.22 9.19 -3.12
N TYR D 285 18.90 9.11 -2.97
CA TYR D 285 18.13 10.31 -2.63
C TYR D 285 18.48 10.79 -1.23
N LEU D 286 18.66 9.88 -0.28
CA LEU D 286 18.96 10.32 1.08
C LEU D 286 20.27 11.10 1.12
N ALA D 287 21.26 10.59 0.39
CA ALA D 287 22.54 11.29 0.26
C ALA D 287 22.38 12.66 -0.38
N ASP D 288 21.46 12.78 -1.32
CA ASP D 288 21.25 14.05 -2.00
C ASP D 288 20.43 15.04 -1.18
N ILE D 289 19.52 14.56 -0.32
CA ILE D 289 18.80 15.40 0.60
C ILE D 289 19.75 16.05 1.59
N CYS D 290 20.62 15.24 2.21
CA CYS D 290 21.66 15.79 3.05
C CYS D 290 22.48 16.81 2.25
N GLN D 291 22.75 17.99 2.84
CA GLN D 291 23.36 19.09 2.09
C GLN D 291 24.83 19.27 2.45
N SER D 292 25.41 18.31 3.17
CA SER D 292 26.82 18.39 3.51
C SER D 292 27.70 18.54 2.27
N SER D 293 27.31 17.87 1.20
CA SER D 293 28.09 17.90 -0.05
C SER D 293 28.44 19.29 -0.55
N ARG D 294 27.54 20.26 -0.36
CA ARG D 294 27.74 21.60 -0.93
C ARG D 294 28.47 22.54 0.01
N VAL D 295 28.68 22.14 1.27
N VAL D 295 28.66 22.13 1.26
CA VAL D 295 29.41 23.01 2.20
CA VAL D 295 29.37 22.94 2.25
C VAL D 295 30.70 22.41 2.76
C VAL D 295 30.77 22.38 2.52
N ASN D 296 30.84 21.09 2.75
CA ASN D 296 32.06 20.41 3.18
C ASN D 296 32.77 19.69 2.05
N TYR D 297 32.73 20.26 0.85
N TYR D 297 32.75 20.27 0.86
CA TYR D 297 33.16 19.55 -0.37
CA TYR D 297 33.15 19.49 -0.31
C TYR D 297 34.68 19.42 -0.56
C TYR D 297 34.63 19.11 -0.27
N GLU D 298 35.46 19.91 0.39
CA GLU D 298 36.88 19.58 0.45
C GLU D 298 37.19 18.40 1.40
N ASP D 299 36.18 17.88 2.09
CA ASP D 299 36.39 16.80 3.06
C ASP D 299 35.37 15.68 2.79
N PRO D 300 35.76 14.72 1.95
CA PRO D 300 34.77 13.69 1.58
C PRO D 300 34.36 12.81 2.74
N VAL D 301 35.19 12.67 3.78
CA VAL D 301 34.81 11.92 4.95
C VAL D 301 33.67 12.62 5.67
N ARG D 302 33.80 13.92 5.90
CA ARG D 302 32.74 14.68 6.55
C ARG D 302 31.43 14.58 5.78
N VAL D 303 31.50 14.71 4.46
CA VAL D 303 30.26 14.61 3.67
C VAL D 303 29.62 13.22 3.81
N SER D 304 30.43 12.19 3.66
CA SER D 304 29.92 10.82 3.74
C SER D 304 29.32 10.52 5.11
N LEU D 305 29.96 10.97 6.19
CA LEU D 305 29.50 10.65 7.53
C LEU D 305 28.32 11.51 7.95
N ASP D 306 28.17 12.70 7.37
CA ASP D 306 26.93 13.47 7.60
C ASP D 306 25.76 12.72 6.96
N VAL D 307 25.97 12.13 5.79
CA VAL D 307 24.93 11.28 5.17
C VAL D 307 24.65 10.07 6.04
N VAL D 308 25.67 9.41 6.58
CA VAL D 308 25.45 8.30 7.49
C VAL D 308 24.58 8.75 8.66
N ALA D 309 24.86 9.90 9.26
CA ALA D 309 24.07 10.35 10.38
C ALA D 309 22.61 10.54 9.99
N THR D 310 22.39 11.21 8.85
CA THR D 310 21.06 11.46 8.33
C THR D 310 20.28 10.15 8.23
N GLY D 311 20.94 9.17 7.62
CA GLY D 311 20.27 7.92 7.32
C GLY D 311 20.16 7.00 8.52
N ALA D 312 21.17 6.97 9.37
CA ALA D 312 21.09 6.10 10.55
C ALA D 312 19.89 6.56 11.41
N MET D 313 19.74 7.88 11.61
CA MET D 313 18.60 8.37 12.38
C MET D 313 17.30 8.03 11.67
N LEU D 314 17.15 8.50 10.43
CA LEU D 314 15.86 8.30 9.77
C LEU D 314 15.51 6.82 9.61
N TYR D 315 16.46 6.07 9.07
CA TYR D 315 16.15 4.68 8.71
C TYR D 315 16.10 3.75 9.93
N ASP D 316 17.01 3.90 10.89
CA ASP D 316 16.96 2.99 12.02
C ASP D 316 16.05 3.47 13.15
N GLN D 317 16.07 4.78 13.46
CA GLN D 317 15.32 5.24 14.63
C GLN D 317 13.84 5.44 14.33
N ILE D 318 13.54 6.20 13.27
CA ILE D 318 12.15 6.50 12.93
C ILE D 318 11.50 5.38 12.10
N TRP D 319 12.19 4.95 11.04
CA TRP D 319 11.63 3.96 10.16
C TRP D 319 11.64 2.56 10.80
N LEU D 320 12.80 1.95 10.96
CA LEU D 320 12.81 0.61 11.53
C LEU D 320 12.35 0.59 12.98
N GLY D 321 12.74 1.62 13.75
CA GLY D 321 12.44 1.69 15.15
C GLY D 321 11.07 2.16 15.57
N SER D 322 10.26 2.60 14.62
CA SER D 322 8.91 3.05 14.93
C SER D 322 7.94 2.58 13.85
N TYR D 323 8.02 3.11 12.63
CA TYR D 323 7.13 2.63 11.58
C TYR D 323 7.08 1.11 11.48
N MET D 324 8.25 0.46 11.58
CA MET D 324 8.33 -0.97 11.38
C MET D 324 8.44 -1.75 12.69
N SER D 325 8.40 -1.10 13.85
CA SER D 325 8.44 -1.81 15.12
C SER D 325 7.84 -0.93 16.21
N GLY D 326 8.64 -0.16 16.93
CA GLY D 326 8.16 0.71 17.97
C GLY D 326 8.60 0.30 19.36
N GLY D 327 8.20 1.09 20.34
CA GLY D 327 8.59 0.92 21.72
C GLY D 327 9.82 1.77 22.06
N VAL D 328 10.63 1.24 22.96
CA VAL D 328 11.93 1.85 23.24
C VAL D 328 12.70 2.05 21.92
N GLY D 329 12.66 1.08 21.03
CA GLY D 329 13.24 1.26 19.72
C GLY D 329 14.74 1.18 19.63
N PHE D 330 15.31 1.94 18.70
CA PHE D 330 16.64 1.66 18.17
C PHE D 330 17.57 2.86 18.22
N THR D 331 17.51 3.63 19.30
CA THR D 331 18.33 4.83 19.38
C THR D 331 19.81 4.53 19.22
N GLN D 332 20.33 3.62 20.02
CA GLN D 332 21.76 3.36 20.04
C GLN D 332 22.27 2.49 18.91
N TYR D 333 21.43 1.68 18.27
CA TYR D 333 21.84 1.09 17.02
C TYR D 333 22.24 2.17 16.02
N ALA D 334 21.53 3.32 16.07
CA ALA D 334 21.82 4.45 15.19
C ALA D 334 22.93 5.36 15.75
N THR D 335 22.87 5.70 17.06
CA THR D 335 23.84 6.64 17.60
C THR D 335 25.26 6.17 17.42
N ALA D 336 25.47 4.84 17.39
CA ALA D 336 26.81 4.33 17.18
C ALA D 336 27.46 4.92 15.94
N ALA D 337 26.66 5.28 14.96
CA ALA D 337 27.16 5.78 13.69
C ALA D 337 27.31 7.31 13.64
N TYR D 338 26.93 8.03 14.69
CA TYR D 338 27.03 9.49 14.69
C TYR D 338 27.45 10.08 16.02
N THR D 339 28.02 9.24 16.91
CA THR D 339 28.53 9.73 18.19
C THR D 339 29.97 9.29 18.47
N ASP D 340 30.56 10.07 19.38
CA ASP D 340 31.87 9.81 19.98
C ASP D 340 33.03 9.86 18.95
N ASN D 341 32.76 10.36 17.74
CA ASN D 341 33.74 10.48 16.67
C ASN D 341 34.39 9.12 16.34
N ILE D 342 33.68 8.02 16.56
CA ILE D 342 34.27 6.70 16.37
C ILE D 342 34.29 6.32 14.89
N LEU D 343 33.12 6.36 14.22
CA LEU D 343 33.10 6.11 12.80
C LEU D 343 34.04 7.09 12.07
N ASP D 344 34.14 8.30 12.58
CA ASP D 344 35.00 9.33 11.98
C ASP D 344 36.47 8.89 12.06
N ASP D 345 36.89 8.43 13.24
CA ASP D 345 38.26 7.95 13.38
C ASP D 345 38.55 6.86 12.37
N PHE D 346 37.68 5.86 12.28
CA PHE D 346 37.93 4.73 11.41
C PHE D 346 37.94 5.12 9.93
N THR D 347 37.07 6.05 9.56
CA THR D 347 36.91 6.41 8.16
C THR D 347 38.04 7.33 7.71
N TYR D 348 38.47 8.26 8.57
CA TYR D 348 39.68 9.03 8.22
C TYR D 348 40.90 8.13 8.07
N PHE D 349 41.01 7.09 8.92
CA PHE D 349 42.11 6.15 8.77
C PHE D 349 42.06 5.52 7.38
N GLY D 350 40.89 5.06 6.97
CA GLY D 350 40.76 4.44 5.67
C GLY D 350 40.98 5.38 4.50
N LYS D 351 40.49 6.60 4.61
CA LYS D 351 40.65 7.57 3.54
C LYS D 351 42.15 7.86 3.36
N GLU D 352 42.89 8.01 4.47
CA GLU D 352 44.31 8.29 4.39
C GLU D 352 45.08 7.08 3.81
N TYR D 353 44.70 5.89 4.20
CA TYR D 353 45.28 4.68 3.62
C TYR D 353 45.13 4.67 2.11
N VAL D 354 43.92 4.97 1.64
CA VAL D 354 43.64 4.99 0.22
C VAL D 354 44.39 6.11 -0.51
N GLU D 355 44.34 7.32 0.06
CA GLU D 355 45.07 8.46 -0.50
C GLU D 355 46.51 8.12 -0.76
N ASP D 356 47.12 7.49 0.23
CA ASP D 356 48.54 7.22 0.20
C ASP D 356 48.89 6.12 -0.77
N LYS D 357 48.06 5.09 -0.87
CA LYS D 357 48.40 3.94 -1.69
C LYS D 357 47.99 4.12 -3.15
N TYR D 358 46.77 4.61 -3.36
CA TYR D 358 46.20 4.69 -4.68
C TYR D 358 46.02 6.11 -5.19
N GLY D 359 45.67 7.03 -4.28
CA GLY D 359 45.06 8.27 -4.67
C GLY D 359 43.55 8.07 -4.71
N LEU D 360 42.78 9.04 -4.23
CA LEU D 360 41.32 8.92 -4.30
C LEU D 360 40.86 8.70 -5.73
N CYS D 361 39.98 7.74 -5.89
CA CYS D 361 39.34 7.41 -7.16
C CYS D 361 40.28 6.85 -8.20
N GLU D 362 41.48 6.47 -7.79
CA GLU D 362 42.49 6.00 -8.75
CA GLU D 362 42.50 6.01 -8.74
C GLU D 362 42.85 4.52 -8.60
N ALA D 363 42.21 3.82 -7.67
CA ALA D 363 42.41 2.39 -7.58
C ALA D 363 41.63 1.67 -8.67
N PRO D 364 42.14 0.54 -9.11
CA PRO D 364 41.34 -0.27 -10.02
C PRO D 364 40.00 -0.61 -9.40
N ASN D 365 38.95 -0.55 -10.22
CA ASN D 365 37.62 -0.86 -9.74
C ASN D 365 37.40 -2.37 -9.84
N ASN D 366 37.96 -3.12 -8.89
CA ASN D 366 37.90 -4.56 -8.96
C ASN D 366 38.05 -5.20 -7.59
N MET D 367 37.95 -6.53 -7.55
CA MET D 367 37.98 -7.26 -6.30
C MET D 367 39.31 -7.18 -5.57
N ASP D 368 40.42 -7.03 -6.31
CA ASP D 368 41.69 -6.82 -5.65
C ASP D 368 41.66 -5.59 -4.74
N THR D 369 41.10 -4.49 -5.22
CA THR D 369 41.02 -3.30 -4.39
C THR D 369 40.08 -3.53 -3.19
N VAL D 370 38.97 -4.21 -3.43
CA VAL D 370 38.03 -4.51 -2.35
C VAL D 370 38.75 -5.28 -1.25
N LEU D 371 39.44 -6.35 -1.63
CA LEU D 371 40.13 -7.16 -0.64
C LEU D 371 41.16 -6.36 0.14
N ASP D 372 41.91 -5.54 -0.56
CA ASP D 372 42.97 -4.78 0.13
CA ASP D 372 42.96 -4.75 0.06
C ASP D 372 42.38 -3.77 1.09
N VAL D 373 41.54 -2.88 0.60
CA VAL D 373 41.10 -1.77 1.42
C VAL D 373 40.15 -2.22 2.53
N ALA D 374 39.17 -3.04 2.19
CA ALA D 374 38.16 -3.37 3.20
C ALA D 374 38.79 -4.18 4.33
N THR D 375 39.75 -5.05 4.01
CA THR D 375 40.44 -5.84 5.01
C THR D 375 41.25 -4.94 5.93
N GLU D 376 42.06 -4.06 5.34
CA GLU D 376 42.92 -3.18 6.12
C GLU D 376 42.11 -2.34 7.08
N VAL D 377 41.02 -1.76 6.59
CA VAL D 377 40.24 -0.86 7.43
C VAL D 377 39.48 -1.65 8.50
N THR D 378 38.97 -2.83 8.14
CA THR D 378 38.28 -3.67 9.12
C THR D 378 39.22 -4.01 10.27
N PHE D 379 40.45 -4.41 9.97
CA PHE D 379 41.39 -4.76 11.04
C PHE D 379 41.73 -3.57 11.88
N TYR D 380 41.84 -2.38 11.29
CA TYR D 380 42.10 -1.19 12.10
C TYR D 380 40.97 -0.95 13.10
N GLY D 381 39.72 -0.98 12.61
CA GLY D 381 38.62 -0.68 13.50
C GLY D 381 38.51 -1.69 14.62
N LEU D 382 38.59 -2.97 14.30
CA LEU D 382 38.48 -3.99 15.34
C LEU D 382 39.63 -3.88 16.35
N GLU D 383 40.84 -3.56 15.90
CA GLU D 383 41.93 -3.36 16.82
CA GLU D 383 41.95 -3.31 16.80
C GLU D 383 41.65 -2.25 17.81
N GLN D 384 40.87 -1.22 17.42
CA GLN D 384 40.61 -0.16 18.37
C GLN D 384 39.75 -0.66 19.54
N TYR D 385 38.76 -1.51 19.25
CA TYR D 385 37.96 -2.08 20.33
C TYR D 385 38.82 -2.95 21.24
N GLU D 386 39.83 -3.61 20.67
CA GLU D 386 40.71 -4.49 21.46
C GLU D 386 41.69 -3.70 22.29
N GLU D 387 42.19 -2.58 21.76
CA GLU D 387 43.15 -1.71 22.43
CA GLU D 387 43.16 -1.79 22.48
C GLU D 387 42.53 -0.84 23.50
N TYR D 388 41.25 -0.49 23.31
CA TYR D 388 40.60 0.42 24.23
C TYR D 388 39.36 -0.23 24.83
N PRO D 389 39.49 -0.89 25.98
CA PRO D 389 38.32 -1.50 26.63
C PRO D 389 37.15 -0.51 26.82
N ALA D 390 37.45 0.77 27.04
CA ALA D 390 36.37 1.74 27.18
C ALA D 390 35.56 1.89 25.89
N LEU D 391 36.25 1.77 24.76
CA LEU D 391 35.57 1.85 23.45
C LEU D 391 34.61 0.68 23.23
N LEU D 392 35.04 -0.51 23.63
CA LEU D 392 34.25 -1.72 23.49
C LEU D 392 33.02 -1.68 24.41
N GLU D 393 33.19 -1.15 25.62
CA GLU D 393 32.10 -1.01 26.57
C GLU D 393 31.12 0.08 26.12
N ASP D 394 31.62 1.05 25.37
CA ASP D 394 30.81 2.11 24.79
C ASP D 394 29.91 1.55 23.71
N GLN D 395 30.53 0.99 22.67
CA GLN D 395 29.76 0.37 21.58
C GLN D 395 29.59 -1.11 21.90
N PHE D 396 28.73 -1.33 22.89
CA PHE D 396 28.64 -2.60 23.58
C PHE D 396 27.93 -3.67 22.76
N GLY D 397 27.08 -3.30 21.80
CA GLY D 397 26.35 -4.26 21.01
C GLY D 397 27.14 -4.61 19.77
N GLY D 398 27.27 -5.91 19.48
CA GLY D 398 28.01 -6.30 18.30
C GLY D 398 27.49 -5.66 17.03
N SER D 399 26.17 -5.49 16.91
CA SER D 399 25.62 -4.89 15.70
C SER D 399 26.17 -3.51 15.46
N MGN D 400 26.28 -2.72 16.54
CA MGN D 400 26.77 -1.35 16.45
CB1 MGN D 400 26.90 -0.76 17.87
CB2 MGN D 400 25.83 -0.49 15.56
CG MGN D 400 25.60 -0.57 18.64
CD MGN D 400 25.89 -0.03 20.02
OE1 MGN D 400 26.64 -0.66 20.82
NE2 MGN D 400 25.32 1.14 20.37
C MGN D 400 28.20 -1.37 15.87
O MGN D 400 28.56 -0.63 14.94
N ARG D 401 29.03 -2.25 16.42
CA ARG D 401 30.42 -2.38 15.98
C ARG D 401 30.49 -2.85 14.53
N ALA D 402 29.64 -3.81 14.15
CA ALA D 402 29.64 -4.30 12.78
C ALA D 402 29.34 -3.18 11.80
N ALA D 403 28.30 -2.39 12.11
CA ALA D 403 27.87 -1.30 11.23
C ALA D 403 28.96 -0.24 11.11
N VAL D 404 29.59 0.10 12.22
CA VAL D 404 30.60 1.15 12.22
C VAL D 404 31.84 0.71 11.46
N VAL D 405 32.36 -0.46 11.80
CA VAL D 405 33.56 -0.97 11.13
C VAL D 405 33.32 -1.15 9.65
N ALA D 406 32.19 -1.75 9.28
CA ALA D 406 31.93 -2.00 7.85
C ALA D 406 31.65 -0.71 7.10
N ALA D 407 31.03 0.30 7.77
CA ALA D 407 30.79 1.57 7.09
C ALA D 407 32.12 2.21 6.72
N ALA D 408 33.07 2.17 7.64
CA ALA D 408 34.40 2.71 7.37
C ALA D 408 35.06 1.94 6.25
N ALA D 409 34.96 0.61 6.30
CA ALA D 409 35.57 -0.19 5.25
C ALA D 409 34.94 0.03 3.88
N GLY D 410 33.61 0.08 3.82
CA GLY D 410 32.92 0.29 2.58
C GLY D 410 33.09 1.67 1.99
N CYS D 411 33.01 2.71 2.83
CA CYS D 411 33.26 4.06 2.35
C CYS D 411 34.70 4.17 1.84
N SER D 412 35.64 3.58 2.57
CA SER D 412 37.03 3.66 2.15
C SER D 412 37.27 2.97 0.83
N THR D 413 36.65 1.82 0.63
CA THR D 413 36.79 1.09 -0.61
C THR D 413 36.24 1.95 -1.76
N ALA D 414 35.09 2.59 -1.54
CA ALA D 414 34.51 3.48 -2.56
C ALA D 414 35.36 4.75 -2.78
N PHE D 415 36.03 5.25 -1.75
CA PHE D 415 36.96 6.36 -1.94
C PHE D 415 38.08 5.96 -2.90
N ALA D 416 38.49 4.70 -2.82
CA ALA D 416 39.53 4.19 -3.68
C ALA D 416 39.07 3.95 -5.12
N THR D 417 37.93 3.31 -5.33
CA THR D 417 37.48 2.96 -6.67
C THR D 417 36.69 4.02 -7.40
N GLY D 418 36.09 4.93 -6.65
CA GLY D 418 35.15 5.87 -7.21
C GLY D 418 33.85 5.24 -7.65
N ASN D 419 33.56 4.07 -7.11
CA ASN D 419 32.38 3.30 -7.51
C ASN D 419 31.69 2.69 -6.29
N ALA D 420 30.40 2.96 -6.13
CA ALA D 420 29.69 2.52 -4.92
C ALA D 420 29.54 1.00 -4.84
N GLN D 421 29.56 0.31 -5.98
CA GLN D 421 29.27 -1.12 -5.97
C GLN D 421 30.42 -1.89 -5.33
N THR D 422 31.67 -1.51 -5.65
CA THR D 422 32.79 -2.13 -4.99
C THR D 422 32.86 -1.67 -3.50
N GLY D 423 32.46 -0.44 -3.22
CA GLY D 423 32.27 -0.05 -1.81
C GLY D 423 31.38 -1.03 -1.06
N LEU D 424 30.25 -1.37 -1.68
CA LEU D 424 29.30 -2.31 -1.10
C LEU D 424 29.94 -3.69 -0.88
N SER D 425 30.70 -4.18 -1.86
CA SER D 425 31.39 -5.44 -1.68
C SER D 425 32.31 -5.41 -0.47
N GLY D 426 32.96 -4.28 -0.26
CA GLY D 426 33.83 -4.11 0.89
C GLY D 426 33.11 -4.14 2.22
N TRP D 427 31.92 -3.55 2.26
CA TRP D 427 31.06 -3.66 3.43
C TRP D 427 30.81 -5.14 3.79
N TYR D 428 30.42 -5.97 2.82
CA TYR D 428 30.14 -7.36 3.17
C TYR D 428 31.40 -8.11 3.59
N LEU D 429 32.53 -7.88 2.90
CA LEU D 429 33.78 -8.54 3.27
C LEU D 429 34.13 -8.20 4.72
N SER D 430 33.93 -6.94 5.11
CA SER D 430 34.19 -6.50 6.48
C SER D 430 33.40 -7.35 7.49
N MET D 431 32.12 -7.60 7.20
CA MET D 431 31.28 -8.40 8.07
C MET D 431 31.85 -9.80 8.22
N TYR D 432 32.26 -10.40 7.12
CA TYR D 432 32.75 -11.78 7.16
C TYR D 432 34.02 -11.88 8.00
N LEU D 433 34.94 -10.93 7.81
CA LEU D 433 36.17 -10.89 8.57
C LEU D 433 35.91 -10.68 10.06
N HIS D 434 35.05 -9.73 10.36
CA HIS D 434 34.67 -9.40 11.74
C HIS D 434 34.11 -10.64 12.44
N LYS D 435 33.19 -11.31 11.77
CA LYS D 435 32.55 -12.50 12.32
C LYS D 435 33.61 -13.54 12.68
N GLU D 436 34.59 -13.77 11.80
CA GLU D 436 35.63 -14.75 12.11
C GLU D 436 36.60 -14.28 13.16
N GLN D 437 36.89 -12.99 13.21
CA GLN D 437 37.86 -12.49 14.19
C GLN D 437 37.35 -12.65 15.64
N HIS D 438 36.12 -12.20 15.89
CA HIS D 438 35.59 -12.18 17.23
C HIS D 438 34.59 -13.30 17.52
N SER D 439 34.32 -14.17 16.53
CA SER D 439 33.35 -15.25 16.70
C SER D 439 31.97 -14.73 17.13
N ARG D 440 31.62 -13.58 16.57
CA ARG D 440 30.34 -12.92 16.79
C ARG D 440 30.23 -11.81 15.77
N LEU D 441 29.02 -11.34 15.57
CA LEU D 441 28.81 -10.19 14.69
C LEU D 441 27.72 -9.34 15.32
N GLY D 442 26.46 -9.47 14.90
CA GLY D 442 25.38 -8.64 15.42
C GLY D 442 24.33 -9.39 16.22
N PHE D 443 23.14 -8.82 16.27
CA PHE D 443 22.01 -9.43 16.90
C PHE D 443 21.59 -10.67 16.08
N TYR D 444 20.62 -11.41 16.57
CA TYR D 444 20.25 -12.72 16.04
C TYR D 444 20.09 -12.67 14.53
CA GL3 D 445 19.14 -11.49 12.62
N GL3 D 445 19.47 -11.60 14.04
C GL3 D 445 19.94 -10.51 11.83
S GL3 D 445 19.31 -10.02 10.36
N TYR D 446 21.09 -10.07 12.34
CA TYR D 446 21.82 -8.95 11.76
C TYR D 446 22.32 -9.24 10.33
N ASP D 447 22.91 -10.41 10.10
CA ASP D 447 23.54 -10.68 8.84
C ASP D 447 22.70 -11.53 7.88
N LEU D 448 21.37 -11.34 7.87
CA LEU D 448 20.57 -11.85 6.73
C LEU D 448 21.12 -11.23 5.45
N GLN D 449 21.12 -9.90 5.39
CA GLN D 449 21.60 -9.28 4.18
C GLN D 449 23.10 -9.50 4.01
N DYA D 450 23.83 -9.63 5.15
CA DYA D 450 25.21 -9.86 5.13
CB DYA D 450 26.08 -9.09 5.82
CG DYA D 450 25.55 -7.86 6.47
OD1 DYA D 450 25.93 -6.76 6.09
OD2 DYA D 450 24.63 -7.98 7.32
C DYA D 450 25.63 -11.07 4.41
O DYA D 450 26.60 -11.07 3.64
N GLN D 451 24.89 -12.15 4.62
CA GLN D 451 25.26 -13.43 4.01
C GLN D 451 24.76 -13.57 2.59
N SMC D 452 23.60 -12.97 2.30
CA SMC D 452 23.20 -12.83 0.91
CB SMC D 452 21.76 -12.30 0.73
SG SMC D 452 20.58 -13.57 1.30
CS SMC D 452 19.43 -12.66 2.27
C SMC D 452 24.10 -11.82 0.16
O SMC D 452 24.09 -11.73 -1.07
N GLY D 453 24.87 -11.05 0.93
CA GLY D 453 25.43 -9.80 0.47
C GLY D 453 26.40 -9.95 -0.66
N ALA D 454 27.49 -10.71 -0.49
CA ALA D 454 28.51 -10.78 -1.54
C ALA D 454 27.91 -11.20 -2.86
N SER D 455 27.08 -12.24 -2.87
CA SER D 455 26.49 -12.75 -4.09
C SER D 455 25.56 -11.74 -4.76
N ASN D 456 24.85 -10.93 -3.97
CA ASN D 456 23.92 -9.99 -4.57
C ASN D 456 24.55 -8.63 -4.90
N VAL D 457 25.82 -8.39 -4.59
CA VAL D 457 26.41 -7.10 -4.96
C VAL D 457 26.41 -6.91 -6.47
N PHE D 458 26.86 -7.92 -7.20
CA PHE D 458 27.04 -7.82 -8.66
C PHE D 458 26.05 -8.66 -9.45
N SER D 459 25.04 -9.20 -8.77
CA SER D 459 24.01 -9.93 -9.48
C SER D 459 23.31 -9.01 -10.46
N ILE D 460 22.75 -9.59 -11.52
CA ILE D 460 21.91 -8.85 -12.43
C ILE D 460 20.45 -9.35 -12.47
N ARG D 461 20.10 -10.26 -11.57
CA ARG D 461 18.76 -10.86 -11.64
C ARG D 461 17.67 -9.90 -11.13
N GLY D 462 16.45 -10.20 -11.53
CA GLY D 462 15.29 -9.34 -11.32
C GLY D 462 15.22 -8.57 -10.02
N ASP D 463 15.11 -9.29 -8.92
CA ASP D 463 15.00 -8.67 -7.60
C ASP D 463 16.29 -8.72 -6.80
N GLU D 464 17.41 -8.94 -7.50
CA GLU D 464 18.73 -8.94 -6.89
C GLU D 464 19.60 -7.80 -7.39
N GLY D 465 19.61 -7.59 -8.69
CA GLY D 465 20.58 -6.68 -9.27
C GLY D 465 20.11 -5.24 -9.31
N LEU D 466 20.95 -4.37 -8.76
CA LEU D 466 20.71 -2.92 -8.73
CA LEU D 466 20.69 -2.94 -8.73
C LEU D 466 21.95 -2.21 -8.27
N PRO D 467 22.35 -1.12 -8.95
CA PRO D 467 23.39 -0.26 -8.37
C PRO D 467 23.00 0.18 -6.98
N LEU D 468 24.00 0.34 -6.08
CA LEU D 468 23.71 0.69 -4.70
C LEU D 468 22.89 1.98 -4.59
N GLU D 469 23.18 2.98 -5.43
CA GLU D 469 22.49 4.26 -5.35
C GLU D 469 20.97 4.11 -5.48
N LEU D 470 20.54 3.11 -6.26
CA LEU D 470 19.11 2.85 -6.53
C LEU D 470 18.46 1.97 -5.46
N ARG D 471 19.27 1.24 -4.71
CA ARG D 471 18.73 0.45 -3.60
C ARG D 471 18.21 1.36 -2.50
N GLY D 472 17.46 0.79 -1.58
CA GLY D 472 16.88 1.50 -0.47
C GLY D 472 16.34 0.52 0.52
N PRO D 473 15.55 1.00 1.47
CA PRO D 473 14.97 0.14 2.51
C PRO D 473 13.98 -0.91 2.01
N ASN D 474 13.57 -0.86 0.74
CA ASN D 474 12.69 -1.85 0.19
C ASN D 474 13.40 -2.84 -0.71
N TYR D 475 14.70 -2.68 -0.93
CA TYR D 475 15.49 -3.73 -1.55
C TYR D 475 15.33 -4.98 -0.70
N PRO D 476 14.98 -6.14 -1.30
CA PRO D 476 14.41 -7.23 -0.47
C PRO D 476 15.30 -7.59 0.73
N ASN D 477 16.59 -7.79 0.50
CA ASN D 477 17.45 -8.22 1.57
C ASN D 477 17.55 -7.20 2.70
N TYR D 478 17.26 -5.92 2.39
CA TYR D 478 17.49 -4.82 3.30
C TYR D 478 16.23 -4.45 4.09
N ALA D 479 15.12 -5.11 3.86
CA ALA D 479 13.83 -4.57 4.28
C ALA D 479 13.56 -4.62 5.79
N MET D 480 14.37 -5.34 6.57
CA MET D 480 14.03 -5.66 7.96
C MET D 480 14.99 -5.10 9.01
N ASN D 481 16.28 -4.92 8.73
CA ASN D 481 17.24 -4.93 9.86
C ASN D 481 18.03 -3.64 10.05
N VAL D 482 18.23 -3.30 11.31
CA VAL D 482 19.00 -2.14 11.76
C VAL D 482 20.45 -2.27 11.35
N GLY D 483 21.18 -1.16 11.48
CA GLY D 483 22.62 -1.20 11.30
C GLY D 483 23.13 -1.42 9.91
N HIS D 484 22.32 -1.06 8.92
CA HIS D 484 22.74 -1.13 7.54
C HIS D 484 22.34 0.06 6.68
N GLN D 485 21.07 0.46 6.72
CA GLN D 485 20.49 1.35 5.70
C GLN D 485 21.18 2.71 5.67
N GLY D 486 21.34 3.36 6.81
CA GLY D 486 22.01 4.66 6.83
C GLY D 486 23.48 4.57 6.42
N GLU D 487 24.11 3.46 6.80
CA GLU D 487 25.48 3.21 6.39
C GLU D 487 25.59 3.02 4.86
N TYR D 488 24.62 2.34 4.26
CA TYR D 488 24.60 2.25 2.81
C TYR D 488 24.41 3.60 2.16
N ALA D 489 23.60 4.48 2.73
CA ALA D 489 23.49 5.83 2.17
C ALA D 489 24.88 6.50 2.21
N GLY D 490 25.64 6.32 3.27
CA GLY D 490 27.01 6.83 3.33
C GLY D 490 27.91 6.24 2.24
N ILE D 491 27.83 4.93 2.04
CA ILE D 491 28.64 4.30 1.01
C ILE D 491 28.23 4.82 -0.36
N SER D 492 26.94 5.08 -0.56
CA SER D 492 26.48 5.67 -1.80
CA SER D 492 26.53 5.61 -1.85
C SER D 492 27.06 7.05 -2.02
N GLN D 493 27.13 7.84 -0.96
CA GLN D 493 27.74 9.15 -1.04
C GLN D 493 29.25 9.10 -1.26
N ALA D 494 29.93 8.16 -0.63
CA ALA D 494 31.39 8.14 -0.58
C ALA D 494 32.13 8.35 -1.92
N PRO D 495 31.83 7.57 -2.96
CA PRO D 495 32.62 7.75 -4.19
C PRO D 495 32.32 9.09 -4.85
N HIS D 496 31.09 9.56 -4.71
CA HIS D 496 30.69 10.84 -5.28
C HIS D 496 31.37 11.99 -4.54
N ALA D 497 31.47 11.91 -3.23
CA ALA D 497 32.20 12.93 -2.48
C ALA D 497 33.67 12.90 -2.88
N ALA D 498 34.27 11.71 -2.99
CA ALA D 498 35.69 11.61 -3.40
C ALA D 498 35.91 12.19 -4.82
N ARG D 499 34.94 11.97 -5.72
CA ARG D 499 34.99 12.45 -7.10
C ARG D 499 34.73 13.93 -7.21
N GLY D 500 34.12 14.54 -6.19
CA GLY D 500 33.68 15.92 -6.23
C GLY D 500 32.35 16.12 -6.95
N ASP D 501 31.59 15.06 -7.16
CA ASP D 501 30.31 15.18 -7.82
C ASP D 501 29.29 15.99 -7.01
N ALA D 502 28.47 16.78 -7.71
CA ALA D 502 27.48 17.59 -7.04
C ALA D 502 26.32 16.78 -6.44
N PHE D 503 26.08 15.57 -6.96
CA PHE D 503 24.97 14.75 -6.50
C PHE D 503 25.32 13.29 -6.70
N VAL D 504 24.54 12.45 -6.02
CA VAL D 504 24.69 11.01 -6.03
C VAL D 504 23.75 10.29 -6.99
N PHE D 505 22.49 10.75 -7.05
CA PHE D 505 21.50 10.01 -7.81
C PHE D 505 20.44 10.91 -8.46
N ASN D 506 20.10 12.05 -7.86
CA ASN D 506 19.09 12.90 -8.49
C ASN D 506 19.39 14.38 -8.24
N PRO D 507 19.77 15.10 -9.31
CA PRO D 507 20.18 16.51 -9.13
C PRO D 507 19.02 17.36 -8.65
N LEU D 508 17.80 17.01 -9.01
CA LEU D 508 16.65 17.80 -8.59
C LEU D 508 16.46 17.70 -7.08
N VAL D 509 16.65 16.49 -6.54
CA VAL D 509 16.56 16.28 -5.10
C VAL D 509 17.66 17.08 -4.38
N LYS D 510 18.87 17.04 -4.92
CA LYS D 510 19.97 17.82 -4.32
C LYS D 510 19.61 19.30 -4.23
N ILE D 511 19.14 19.88 -5.35
CA ILE D 511 18.83 21.32 -5.35
C ILE D 511 17.65 21.62 -4.42
N ALA D 512 16.68 20.72 -4.36
CA ALA D 512 15.46 20.95 -3.65
C ALA D 512 15.64 21.13 -2.15
N PHE D 513 16.75 20.66 -1.58
CA PHE D 513 16.99 20.85 -0.14
C PHE D 513 18.05 21.91 0.14
N ALA D 514 18.48 22.65 -0.89
CA ALA D 514 19.46 23.73 -0.72
C ALA D 514 18.73 25.03 -0.40
N ASP D 515 18.09 25.09 0.76
CA ASP D 515 17.05 26.06 1.02
C ASP D 515 16.98 26.36 2.51
N ASP D 516 17.40 27.57 2.89
CA ASP D 516 17.39 27.95 4.31
C ASP D 516 16.01 28.29 4.85
N ASN D 517 14.98 28.24 4.00
CA ASN D 517 13.62 28.33 4.49
C ASN D 517 13.07 27.02 5.03
N LEU D 518 13.81 25.93 4.88
CA LEU D 518 13.49 24.70 5.59
C LEU D 518 13.58 24.93 7.08
N VAL D 519 12.87 24.15 7.89
CA VAL D 519 12.92 24.26 9.33
C VAL D 519 14.19 23.63 9.90
N PHE D 520 14.52 22.45 9.43
CA PHE D 520 15.76 21.74 9.75
C PHE D 520 16.87 22.23 8.82
N ASP D 521 18.08 22.37 9.35
CA ASP D 521 19.24 22.77 8.54
C ASP D 521 19.99 21.56 8.01
N PHE D 522 19.68 21.17 6.76
CA PHE D 522 20.25 19.98 6.18
C PHE D 522 21.73 20.10 5.85
N THR D 523 22.31 21.29 5.98
CA THR D 523 23.74 21.39 5.82
C THR D 523 24.52 20.85 7.01
N ASN D 524 23.87 20.75 8.18
CA ASN D 524 24.58 20.38 9.41
C ASN D 524 23.71 19.47 10.27
N VAL D 525 23.48 18.28 9.73
CA VAL D 525 22.58 17.31 10.34
C VAL D 525 23.03 16.97 11.77
N ARG D 526 24.32 16.69 11.99
CA ARG D 526 24.75 16.30 13.34
C ARG D 526 24.64 17.49 14.32
N GLY D 527 24.92 18.70 13.86
CA GLY D 527 24.72 19.86 14.70
C GLY D 527 23.26 20.03 15.10
N GLU D 528 22.35 19.76 14.16
CA GLU D 528 20.93 19.85 14.44
C GLU D 528 20.47 18.79 15.44
N PHE D 529 20.99 17.57 15.30
CA PHE D 529 20.63 16.52 16.25
C PHE D 529 21.06 16.93 17.67
N ALA D 530 22.24 17.54 17.78
CA ALA D 530 22.71 18.04 19.07
C ALA D 530 21.81 19.15 19.61
N LYS D 531 21.41 20.08 18.76
CA LYS D 531 20.52 21.15 19.17
C LYS D 531 19.18 20.61 19.66
N GLY D 532 18.64 19.61 18.96
CA GLY D 532 17.42 18.97 19.42
C GLY D 532 17.61 18.23 20.74
N ALA D 533 18.77 17.63 20.92
CA ALA D 533 19.02 16.88 22.14
C ALA D 533 18.98 17.81 23.34
N LEU D 534 19.53 19.01 23.15
CA LEU D 534 19.58 20.06 24.17
C LEU D 534 18.25 20.78 24.35
N ARG D 535 17.23 20.40 23.59
CA ARG D 535 15.88 20.98 23.69
C ARG D 535 15.90 22.44 23.25
N GLU D 536 16.74 22.71 22.23
CA GLU D 536 16.94 24.05 21.69
C GLU D 536 16.43 24.19 20.27
N PHE D 537 15.83 23.16 19.70
CA PHE D 537 15.31 23.19 18.34
C PHE D 537 13.84 23.61 18.34
N GLU D 538 13.48 24.47 17.39
CA GLU D 538 12.12 24.97 17.25
C GLU D 538 11.43 24.35 16.06
N PRO D 539 10.56 23.35 16.28
CA PRO D 539 9.87 22.70 15.16
C PRO D 539 8.66 23.49 14.68
N ALA D 540 8.19 23.14 13.49
CA ALA D 540 6.92 23.63 12.97
C ALA D 540 5.81 22.67 13.41
N GLY D 541 4.58 23.06 13.15
CA GLY D 541 3.46 22.15 13.30
C GLY D 541 2.74 22.14 14.63
N GLU D 542 3.19 22.95 15.58
CA GLU D 542 2.60 22.89 16.91
C GLU D 542 1.20 23.54 16.87
N ARG D 543 0.38 23.18 17.85
CA ARG D 543 -1.00 23.68 17.93
C ARG D 543 -1.20 24.76 19.05
N ALA D 544 -0.11 25.28 19.61
CA ALA D 544 -0.23 26.24 20.70
C ALA D 544 -1.18 27.42 20.44
N LEU D 545 -1.18 27.94 19.21
CA LEU D 545 -2.04 29.06 18.87
C LEU D 545 -3.52 28.75 19.01
N ILE D 546 -3.91 27.48 18.85
CA ILE D 546 -5.31 27.13 18.84
C ILE D 546 -5.70 26.30 20.04
N THR D 547 -4.91 26.35 21.11
CA THR D 547 -5.23 25.65 22.34
C THR D 547 -5.08 26.60 23.52
N PRO D 548 -5.59 26.21 24.71
CA PRO D 548 -5.52 27.12 25.86
C PRO D 548 -4.08 27.51 26.21
N ALA D 549 -3.96 28.70 26.80
CA ALA D 549 -2.66 29.22 27.24
C ALA D 549 -2.06 28.43 28.39
N ALA E 2 18.95 -32.41 -23.97
CA ALA E 2 19.33 -31.75 -25.21
C ALA E 2 20.08 -30.45 -24.96
N LYS E 3 19.48 -29.49 -24.23
CA LYS E 3 20.22 -28.27 -23.89
C LYS E 3 21.31 -28.60 -22.87
N PHE E 4 21.00 -29.48 -21.93
CA PHE E 4 21.95 -29.90 -20.91
C PHE E 4 22.17 -31.39 -21.07
N GLU E 5 23.39 -31.84 -20.80
CA GLU E 5 23.71 -33.26 -20.93
C GLU E 5 23.36 -34.11 -19.70
N ASP E 6 23.03 -33.47 -18.59
CA ASP E 6 22.86 -34.20 -17.33
C ASP E 6 21.70 -35.18 -17.35
N LYS E 7 21.94 -36.31 -16.72
CA LYS E 7 20.90 -37.30 -16.48
C LYS E 7 20.86 -37.61 -14.99
N VAL E 8 19.67 -37.94 -14.49
CA VAL E 8 19.52 -38.29 -13.08
C VAL E 8 18.69 -39.57 -12.94
N ASP E 9 18.95 -40.30 -11.87
CA ASP E 9 18.14 -41.45 -11.52
C ASP E 9 17.02 -41.02 -10.60
N LEU E 10 15.80 -41.48 -10.86
CA LEU E 10 14.64 -41.09 -10.06
C LEU E 10 14.08 -42.26 -9.25
N TYR E 11 13.67 -41.93 -8.03
CA TYR E 11 13.20 -42.88 -7.01
C TYR E 11 11.82 -42.51 -6.46
N ASP E 12 11.20 -43.45 -5.74
CA ASP E 12 9.94 -43.16 -5.05
C ASP E 12 10.22 -42.78 -3.60
N ASP E 13 9.17 -42.48 -2.82
CA ASP E 13 9.39 -41.99 -1.47
C ASP E 13 9.75 -43.11 -0.49
N ARG E 14 9.99 -44.31 -1.01
CA ARG E 14 10.49 -45.41 -0.19
C ARG E 14 11.97 -45.68 -0.51
N GLY E 15 12.57 -44.89 -1.40
CA GLY E 15 13.96 -45.08 -1.77
C GLY E 15 14.18 -46.14 -2.83
N ASN E 16 13.12 -46.57 -3.50
CA ASN E 16 13.20 -47.57 -4.57
C ASN E 16 13.35 -46.88 -5.92
N LEU E 17 14.25 -47.37 -6.77
CA LEU E 17 14.41 -46.83 -8.11
C LEU E 17 13.12 -46.93 -8.91
N VAL E 18 12.81 -45.85 -9.60
CA VAL E 18 11.71 -45.83 -10.53
C VAL E 18 12.21 -45.80 -11.98
N GLU E 19 13.13 -44.89 -12.29
CA GLU E 19 13.65 -44.78 -13.64
C GLU E 19 15.09 -44.24 -13.63
N GLU E 20 15.98 -44.94 -14.33
CA GLU E 20 17.37 -44.52 -14.46
C GLU E 20 17.58 -43.55 -15.60
N GLN E 21 18.58 -42.69 -15.42
CA GLN E 21 19.15 -41.85 -16.47
C GLN E 21 18.09 -41.06 -17.25
N VAL E 22 17.33 -40.29 -16.49
CA VAL E 22 16.33 -39.38 -17.03
C VAL E 22 17.02 -38.06 -17.33
N PRO E 23 16.84 -37.52 -18.55
CA PRO E 23 17.42 -36.21 -18.84
C PRO E 23 16.91 -35.15 -17.88
N LEU E 24 17.81 -34.29 -17.43
CA LEU E 24 17.47 -33.28 -16.44
C LEU E 24 16.24 -32.45 -16.82
N GLU E 25 16.16 -32.04 -18.08
CA GLU E 25 15.06 -31.17 -18.49
C GLU E 25 13.70 -31.87 -18.52
N ALA E 26 13.66 -33.20 -18.42
CA ALA E 26 12.39 -33.90 -18.23
C ALA E 26 11.74 -33.53 -16.88
N LEU E 27 12.52 -32.94 -15.97
CA LEU E 27 12.01 -32.47 -14.69
C LEU E 27 11.72 -30.97 -14.73
N SER E 28 11.99 -30.31 -15.83
CA SER E 28 11.78 -28.86 -15.89
C SER E 28 10.30 -28.51 -15.78
N PRO E 29 9.98 -27.47 -15.00
CA PRO E 29 8.60 -26.96 -15.02
C PRO E 29 8.13 -26.63 -16.43
N LEU E 30 9.07 -26.27 -17.30
CA LEU E 30 8.71 -25.88 -18.66
C LEU E 30 8.36 -27.07 -19.56
N ARG E 31 8.72 -28.28 -19.14
CA ARG E 31 8.58 -29.47 -19.99
C ARG E 31 7.75 -30.57 -19.38
N ASN E 32 7.75 -30.69 -18.07
CA ASN E 32 7.14 -31.82 -17.38
C ASN E 32 5.64 -31.65 -17.26
N PRO E 33 4.85 -32.53 -17.90
CA PRO E 33 3.40 -32.31 -17.88
C PRO E 33 2.77 -32.47 -16.49
N ALA E 34 3.39 -33.19 -15.56
CA ALA E 34 2.81 -33.30 -14.24
C ALA E 34 3.02 -32.00 -13.46
N ILE E 35 4.16 -31.33 -13.63
CA ILE E 35 4.33 -30.01 -13.00
C ILE E 35 3.31 -29.03 -13.57
N LYS E 36 3.07 -29.05 -14.87
CA LYS E 36 2.06 -28.20 -15.44
C LYS E 36 0.71 -28.50 -14.82
N SER E 37 0.38 -29.80 -14.67
CA SER E 37 -0.90 -30.16 -14.11
C SER E 37 -1.04 -29.71 -12.66
N ILE E 38 0.03 -29.85 -11.90
CA ILE E 38 0.02 -29.41 -10.51
C ILE E 38 -0.19 -27.89 -10.42
N VAL E 39 0.55 -27.13 -11.23
CA VAL E 39 0.49 -25.68 -11.17
C VAL E 39 -0.88 -25.18 -11.60
N GLN E 40 -1.39 -25.71 -12.72
CA GLN E 40 -2.74 -25.34 -13.13
C GLN E 40 -3.78 -25.76 -12.11
N GLY E 41 -3.56 -26.91 -11.46
CA GLY E 41 -4.44 -27.36 -10.41
C GLY E 41 -4.46 -26.38 -9.22
N ILE E 42 -3.28 -25.95 -8.81
CA ILE E 42 -3.14 -24.95 -7.73
CA ILE E 42 -3.24 -25.01 -7.70
C ILE E 42 -3.85 -23.65 -8.10
N LYS E 43 -3.73 -23.23 -9.35
CA LYS E 43 -4.43 -22.01 -9.79
C LYS E 43 -5.92 -22.17 -9.68
N ARG E 44 -6.44 -23.37 -9.97
CA ARG E 44 -7.87 -23.51 -10.23
C ARG E 44 -8.68 -24.11 -9.09
N THR E 45 -8.03 -24.55 -8.01
CA THR E 45 -8.72 -25.27 -6.96
C THR E 45 -9.10 -24.35 -5.79
N VAL E 46 -10.32 -24.53 -5.31
CA VAL E 46 -10.89 -23.77 -4.21
C VAL E 46 -11.56 -24.72 -3.22
N ALA E 47 -11.37 -24.45 -1.94
CA ALA E 47 -12.09 -25.12 -0.86
C ALA E 47 -13.27 -24.27 -0.44
N VAL E 48 -14.48 -24.82 -0.45
CA VAL E 48 -15.67 -24.10 -0.03
C VAL E 48 -16.16 -24.67 1.28
N ASN E 49 -16.28 -23.83 2.30
CA ASN E 49 -16.79 -24.26 3.58
C ASN E 49 -18.28 -23.95 3.71
N LEU E 50 -19.12 -24.89 3.25
CA LEU E 50 -20.57 -24.72 3.28
C LEU E 50 -21.09 -24.59 4.71
N GLU E 51 -20.54 -25.39 5.62
CA GLU E 51 -20.91 -25.26 7.03
C GLU E 51 -20.58 -23.85 7.55
N GLY E 52 -19.41 -23.36 7.21
CA GLY E 52 -18.98 -22.04 7.62
C GLY E 52 -19.88 -20.93 7.09
N ILE E 53 -20.27 -21.05 5.83
CA ILE E 53 -21.21 -20.10 5.24
C ILE E 53 -22.53 -20.13 6.00
N GLU E 54 -23.05 -21.34 6.23
CA GLU E 54 -24.29 -21.48 6.95
C GLU E 54 -24.24 -20.87 8.35
N ASN E 55 -23.17 -21.13 9.08
CA ASN E 55 -23.06 -20.62 10.42
C ASN E 55 -22.88 -19.09 10.43
N ALA E 56 -22.10 -18.55 9.49
CA ALA E 56 -21.94 -17.10 9.39
C ALA E 56 -23.30 -16.44 9.14
N LEU E 57 -24.10 -17.05 8.27
CA LEU E 57 -25.43 -16.48 8.01
C LEU E 57 -26.35 -16.55 9.23
N LYS E 58 -26.39 -17.70 9.90
CA LYS E 58 -27.28 -17.92 11.01
C LYS E 58 -27.03 -16.96 12.15
N THR E 59 -25.78 -16.55 12.30
CA THR E 59 -25.35 -15.69 13.39
C THR E 59 -25.14 -14.24 12.95
N ALA E 60 -25.18 -14.01 11.65
CA ALA E 60 -24.83 -12.72 11.01
C ALA E 60 -23.40 -12.29 11.35
N LYS E 61 -22.53 -13.24 11.59
CA LYS E 61 -21.11 -12.98 11.83
CA LYS E 61 -21.10 -12.99 11.82
C LYS E 61 -20.38 -13.01 10.49
N VAL E 62 -20.33 -11.84 9.86
CA VAL E 62 -19.72 -11.67 8.55
C VAL E 62 -18.79 -10.48 8.57
N GLY E 63 -17.77 -10.53 7.73
CA GLY E 63 -16.93 -9.36 7.51
C GLY E 63 -15.63 -9.32 8.26
N GLY E 64 -15.29 -10.38 8.98
CA GLY E 64 -14.00 -10.50 9.63
C GLY E 64 -14.12 -10.77 11.12
N PRO E 65 -12.97 -10.94 11.78
CA PRO E 65 -12.97 -11.37 13.17
C PRO E 65 -13.81 -10.45 14.07
N ALA E 66 -14.62 -11.11 14.87
CA ALA E 66 -15.50 -10.53 15.88
C ALA E 66 -16.63 -9.65 15.32
N CYS E 67 -16.78 -9.57 14.00
CA CYS E 67 -17.81 -8.74 13.39
C CYS E 67 -19.14 -9.46 13.39
N LYS E 68 -20.21 -8.69 13.52
CA LYS E 68 -21.58 -9.19 13.52
CA LYS E 68 -21.56 -9.18 13.54
C LYS E 68 -22.52 -8.05 13.21
N ILE E 69 -23.58 -8.34 12.45
CA ILE E 69 -24.62 -7.34 12.23
C ILE E 69 -25.93 -7.82 12.85
N MET E 70 -26.28 -7.30 14.02
CA MET E 70 -27.54 -7.67 14.67
C MET E 70 -28.72 -7.36 13.75
N GLY E 71 -29.66 -8.29 13.70
CA GLY E 71 -30.86 -8.14 12.89
C GLY E 71 -30.76 -8.72 11.50
N ARG E 72 -29.57 -9.12 11.06
CA ARG E 72 -29.36 -9.60 9.70
C ARG E 72 -29.34 -11.13 9.59
N GLU E 73 -29.56 -11.83 10.69
CA GLU E 73 -29.47 -13.30 10.72
C GLU E 73 -30.40 -13.93 9.69
N LEU E 74 -29.91 -14.98 9.04
CA LEU E 74 -30.65 -15.79 8.07
C LEU E 74 -30.36 -17.24 8.35
N ASP E 75 -31.40 -18.03 8.48
CA ASP E 75 -31.25 -19.43 8.86
C ASP E 75 -31.61 -20.30 7.65
N LEU E 76 -30.59 -20.76 6.93
CA LEU E 76 -30.76 -21.50 5.68
C LEU E 76 -30.14 -22.87 5.83
N ASP E 77 -30.83 -23.91 5.34
CA ASP E 77 -30.37 -25.29 5.49
C ASP E 77 -29.41 -25.65 4.34
N ILE E 78 -28.26 -24.99 4.34
CA ILE E 78 -27.29 -25.14 3.26
C ILE E 78 -26.68 -26.53 3.22
N VAL E 79 -26.16 -27.00 4.36
CA VAL E 79 -25.51 -28.30 4.35
C VAL E 79 -26.53 -29.40 4.03
N GLY E 80 -27.75 -29.29 4.53
CA GLY E 80 -28.79 -30.28 4.25
C GLY E 80 -29.20 -30.33 2.78
N ASN E 81 -28.96 -29.25 2.04
CA ASN E 81 -29.24 -29.19 0.61
C ASN E 81 -27.98 -29.05 -0.23
N ALA E 82 -26.86 -29.58 0.30
CA ALA E 82 -25.58 -29.36 -0.37
C ALA E 82 -25.53 -29.97 -1.75
N GLU E 83 -26.11 -31.15 -1.94
CA GLU E 83 -26.04 -31.77 -3.25
C GLU E 83 -26.64 -30.87 -4.35
N SER E 84 -27.82 -30.34 -4.08
CA SER E 84 -28.48 -29.47 -5.03
C SER E 84 -27.71 -28.18 -5.27
N ILE E 85 -27.22 -27.58 -4.19
CA ILE E 85 -26.47 -26.32 -4.27
C ILE E 85 -25.18 -26.51 -5.06
N ALA E 86 -24.45 -27.59 -4.76
CA ALA E 86 -23.21 -27.86 -5.47
C ALA E 86 -23.44 -28.14 -6.96
N ALA E 87 -24.51 -28.87 -7.28
CA ALA E 87 -24.80 -29.14 -8.68
C ALA E 87 -25.14 -27.85 -9.43
N ALA E 88 -25.93 -26.99 -8.79
CA ALA E 88 -26.29 -25.71 -9.39
C ALA E 88 -25.05 -24.82 -9.58
N ALA E 89 -24.17 -24.81 -8.59
CA ALA E 89 -22.92 -24.06 -8.69
C ALA E 89 -22.07 -24.61 -9.81
N LYS E 90 -21.99 -25.95 -9.94
CA LYS E 90 -21.19 -26.53 -10.99
C LYS E 90 -21.66 -26.09 -12.38
N GLU E 91 -22.98 -26.01 -12.57
CA GLU E 91 -23.50 -25.61 -13.88
C GLU E 91 -23.02 -24.21 -14.26
N MET E 92 -22.83 -23.34 -13.28
CA MET E 92 -22.34 -21.98 -13.53
C MET E 92 -20.82 -21.93 -13.67
N ILE E 93 -20.11 -22.79 -12.94
CA ILE E 93 -18.65 -22.78 -12.93
C ILE E 93 -18.06 -23.38 -14.20
N GLN E 94 -18.69 -24.44 -14.70
CA GLN E 94 -18.16 -25.12 -15.87
C GLN E 94 -18.23 -24.19 -17.10
N VAL E 95 -17.44 -24.51 -18.13
CA VAL E 95 -17.61 -23.89 -19.42
C VAL E 95 -18.51 -24.76 -20.28
N THR E 96 -18.21 -26.05 -20.35
CA THR E 96 -19.07 -27.02 -21.05
C THR E 96 -19.28 -28.23 -20.15
N GLU E 97 -20.31 -29.02 -20.47
CA GLU E 97 -20.76 -30.09 -19.58
C GLU E 97 -19.76 -31.24 -19.36
N ASP E 98 -18.82 -31.43 -20.27
CA ASP E 98 -17.85 -32.52 -20.09
C ASP E 98 -16.42 -32.05 -19.97
N ASP E 99 -16.25 -30.83 -19.47
CA ASP E 99 -14.91 -30.31 -19.29
C ASP E 99 -14.32 -30.74 -17.93
N ASP E 100 -13.19 -30.17 -17.55
CA ASP E 100 -12.46 -30.64 -16.39
C ASP E 100 -12.88 -29.91 -15.10
N THR E 101 -14.08 -29.37 -15.09
CA THR E 101 -14.66 -28.86 -13.83
C THR E 101 -14.93 -29.99 -12.88
N ASN E 102 -14.54 -29.83 -11.63
CA ASN E 102 -14.90 -30.78 -10.59
C ASN E 102 -15.55 -30.04 -9.44
N VAL E 103 -16.67 -30.55 -8.95
CA VAL E 103 -17.29 -30.06 -7.72
C VAL E 103 -17.68 -31.28 -6.92
N GLU E 104 -17.02 -31.51 -5.79
CA GLU E 104 -17.16 -32.73 -5.01
C GLU E 104 -17.41 -32.40 -3.56
N LEU E 105 -18.51 -32.92 -3.02
CA LEU E 105 -18.81 -32.72 -1.63
C LEU E 105 -17.96 -33.60 -0.73
N LEU E 106 -17.62 -33.06 0.43
CA LEU E 106 -16.82 -33.73 1.45
C LEU E 106 -17.47 -33.51 2.80
N GLY E 107 -17.21 -34.41 3.73
CA GLY E 107 -17.65 -34.22 5.10
C GLY E 107 -19.16 -34.12 5.26
N GLY E 108 -19.88 -34.96 4.53
CA GLY E 108 -21.32 -34.96 4.62
C GLY E 108 -21.97 -33.69 4.12
N GLY E 109 -21.29 -33.04 3.17
CA GLY E 109 -21.83 -31.82 2.58
C GLY E 109 -21.35 -30.56 3.28
N LYS E 110 -20.52 -30.67 4.30
CA LYS E 110 -20.01 -29.50 5.01
CA LYS E 110 -20.00 -29.50 5.00
C LYS E 110 -18.97 -28.73 4.20
N ARG E 111 -18.25 -29.43 3.32
CA ARG E 111 -17.18 -28.86 2.50
C ARG E 111 -17.39 -29.25 1.06
N ALA E 112 -16.85 -28.45 0.15
CA ALA E 112 -16.75 -28.82 -1.24
C ALA E 112 -15.38 -28.53 -1.79
N LEU E 113 -14.87 -29.51 -2.51
CA LEU E 113 -13.74 -29.37 -3.39
CA LEU E 113 -13.74 -29.38 -3.40
C LEU E 113 -14.22 -28.83 -4.72
N VAL E 114 -13.64 -27.71 -5.16
CA VAL E 114 -13.98 -27.12 -6.46
C VAL E 114 -12.72 -26.95 -7.28
N GLN E 115 -12.77 -27.43 -8.52
CA GLN E 115 -11.71 -27.19 -9.46
C GLN E 115 -12.37 -26.51 -10.67
N VAL E 116 -12.09 -25.23 -10.79
CA VAL E 116 -12.62 -24.38 -11.84
C VAL E 116 -11.99 -24.79 -13.16
N PRO E 117 -12.75 -24.82 -14.26
CA PRO E 117 -12.19 -25.37 -15.50
C PRO E 117 -10.96 -24.65 -16.00
N SER E 118 -9.99 -25.42 -16.44
CA SER E 118 -8.72 -24.90 -16.89
C SER E 118 -8.87 -23.86 -17.99
N ALA E 119 -9.89 -24.00 -18.84
CA ALA E 119 -10.12 -23.09 -19.94
C ALA E 119 -10.38 -21.65 -19.49
N ARG E 120 -10.95 -21.46 -18.31
CA ARG E 120 -11.14 -20.11 -17.84
C ARG E 120 -9.79 -19.42 -17.63
N PHE E 121 -8.75 -20.17 -17.25
CA PHE E 121 -7.44 -19.59 -16.95
C PHE E 121 -6.67 -19.34 -18.23
N ASP E 122 -6.98 -20.08 -19.28
CA ASP E 122 -6.32 -19.88 -20.56
C ASP E 122 -6.68 -18.55 -21.20
N VAL E 123 -7.80 -17.95 -20.78
CA VAL E 123 -8.23 -16.66 -21.31
C VAL E 123 -8.34 -15.62 -20.16
N ALA E 124 -7.52 -15.84 -19.15
CA ALA E 124 -7.39 -14.98 -17.98
C ALA E 124 -5.96 -14.51 -17.86
N ALA E 125 -5.77 -13.33 -17.25
CA ALA E 125 -4.44 -12.84 -16.98
C ALA E 125 -3.75 -13.62 -15.86
N GLU E 126 -4.52 -14.00 -14.84
CA GLU E 126 -3.93 -14.57 -13.63
C GLU E 126 -4.84 -15.67 -13.08
N TYR E 127 -5.02 -15.74 -11.77
CA TYR E 127 -5.59 -16.92 -11.13
C TYR E 127 -6.82 -16.63 -10.28
N SER E 128 -7.17 -15.35 -10.13
CA SER E 128 -8.27 -14.95 -9.26
C SER E 128 -9.62 -15.41 -9.76
N ALA E 129 -9.73 -15.83 -11.03
CA ALA E 129 -10.99 -16.42 -11.47
C ALA E 129 -11.37 -17.60 -10.58
N ALA E 130 -10.41 -18.32 -9.98
CA ALA E 130 -10.82 -19.48 -9.19
C ALA E 130 -11.70 -19.07 -7.98
N PRO E 131 -11.20 -18.22 -7.08
CA PRO E 131 -12.09 -17.85 -5.98
C PRO E 131 -13.29 -17.04 -6.45
N LEU E 132 -13.12 -16.16 -7.44
CA LEU E 132 -14.20 -15.23 -7.80
C LEU E 132 -15.35 -15.95 -8.54
N VAL E 133 -15.02 -16.85 -9.47
CA VAL E 133 -16.03 -17.62 -10.14
C VAL E 133 -16.70 -18.57 -9.15
N THR E 134 -15.90 -19.24 -8.33
CA THR E 134 -16.46 -20.15 -7.33
C THR E 134 -17.38 -19.41 -6.37
N ALA E 135 -16.93 -18.27 -5.86
CA ALA E 135 -17.72 -17.52 -4.89
C ALA E 135 -19.06 -17.13 -5.48
N THR E 136 -19.08 -16.54 -6.67
CA THR E 136 -20.35 -16.08 -7.17
C THR E 136 -21.27 -17.25 -7.56
N ALA E 137 -20.71 -18.34 -8.02
CA ALA E 137 -21.54 -19.51 -8.34
C ALA E 137 -22.20 -20.05 -7.07
N PHE E 138 -21.49 -20.11 -5.95
CA PHE E 138 -22.12 -20.56 -4.73
C PHE E 138 -23.05 -19.53 -4.11
N VAL E 139 -22.72 -18.24 -4.21
CA VAL E 139 -23.66 -17.22 -3.75
C VAL E 139 -25.00 -17.34 -4.50
N GLN E 140 -24.91 -17.40 -5.83
CA GLN E 140 -26.10 -17.51 -6.67
C GLN E 140 -26.83 -18.83 -6.40
N ALA E 141 -26.11 -19.93 -6.26
CA ALA E 141 -26.76 -21.21 -6.03
C ALA E 141 -27.50 -21.24 -4.70
N ILE E 142 -26.93 -20.61 -3.67
CA ILE E 142 -27.59 -20.55 -2.38
C ILE E 142 -28.83 -19.66 -2.46
N ILE E 143 -28.71 -18.48 -3.07
CA ILE E 143 -29.86 -17.60 -3.24
C ILE E 143 -30.96 -18.34 -3.97
N ASN E 144 -30.62 -19.04 -5.04
CA ASN E 144 -31.63 -19.70 -5.85
C ASN E 144 -32.24 -20.90 -5.14
N GLU E 145 -31.45 -21.60 -4.34
CA GLU E 145 -31.95 -22.78 -3.63
C GLU E 145 -33.08 -22.41 -2.68
N PHE E 146 -32.93 -21.28 -1.99
CA PHE E 146 -33.88 -20.90 -0.94
C PHE E 146 -34.74 -19.69 -1.30
N ASP E 147 -34.63 -19.22 -2.53
CA ASP E 147 -35.31 -18.01 -2.97
C ASP E 147 -35.06 -16.85 -2.00
N VAL E 148 -33.79 -16.64 -1.68
CA VAL E 148 -33.40 -15.52 -0.82
C VAL E 148 -33.77 -14.22 -1.51
N SER E 149 -34.39 -13.33 -0.77
CA SER E 149 -34.87 -12.09 -1.35
C SER E 149 -33.75 -11.14 -1.74
N MET E 150 -34.12 -10.20 -2.60
CA MET E 150 -33.25 -9.09 -2.95
C MET E 150 -32.72 -8.38 -1.70
N TYR E 151 -33.57 -8.28 -0.69
CA TYR E 151 -33.22 -7.50 0.51
C TYR E 151 -32.18 -8.19 1.38
N ASP E 152 -32.12 -9.50 1.30
CA ASP E 152 -31.26 -10.31 2.17
C ASP E 152 -30.05 -10.90 1.48
N ALA E 153 -30.05 -10.94 0.15
CA ALA E 153 -29.04 -11.72 -0.56
C ALA E 153 -27.61 -11.22 -0.32
N ASN E 154 -27.46 -9.93 -0.06
CA ASN E 154 -26.17 -9.34 0.22
C ASN E 154 -25.51 -9.96 1.44
N MET E 155 -26.29 -10.53 2.37
CA MET E 155 -25.69 -11.24 3.48
C MET E 155 -25.03 -12.54 3.03
N VAL E 156 -25.64 -13.23 2.06
CA VAL E 156 -25.03 -14.44 1.52
C VAL E 156 -23.67 -14.11 0.89
N LYS E 157 -23.64 -13.03 0.10
CA LYS E 157 -22.39 -12.56 -0.46
C LYS E 157 -21.34 -12.28 0.64
N ALA E 158 -21.74 -11.61 1.71
CA ALA E 158 -20.80 -11.32 2.80
C ALA E 158 -20.32 -12.62 3.47
N ALA E 159 -21.22 -13.60 3.62
CA ALA E 159 -20.83 -14.84 4.29
C ALA E 159 -19.86 -15.64 3.44
N VAL E 160 -19.96 -15.55 2.11
CA VAL E 160 -19.05 -16.29 1.25
C VAL E 160 -17.70 -15.61 1.09
N LEU E 161 -17.68 -14.33 0.74
CA LEU E 161 -16.44 -13.66 0.30
C LEU E 161 -15.97 -12.60 1.29
N GLY E 162 -16.71 -12.33 2.35
CA GLY E 162 -16.22 -11.45 3.39
C GLY E 162 -16.41 -9.96 3.11
N ARG E 163 -15.45 -9.15 3.59
CA ARG E 163 -15.54 -7.69 3.53
C ARG E 163 -15.06 -7.13 2.19
N TYR E 164 -14.64 -7.97 1.26
CA TYR E 164 -14.23 -7.52 -0.06
C TYR E 164 -15.48 -6.89 -0.72
N PRO E 165 -15.36 -5.70 -1.35
CA PRO E 165 -14.17 -4.97 -1.75
C PRO E 165 -13.77 -3.82 -0.82
N GLN E 166 -14.45 -3.61 0.31
CA GLN E 166 -13.93 -2.60 1.23
C GLN E 166 -12.52 -2.98 1.68
N SER E 167 -12.32 -4.24 2.11
CA SER E 167 -11.00 -4.79 2.26
C SER E 167 -10.47 -5.23 0.91
N VAL E 168 -9.15 -5.20 0.76
CA VAL E 168 -8.49 -5.68 -0.43
C VAL E 168 -8.57 -7.23 -0.50
N GLU E 169 -8.44 -7.89 0.64
CA GLU E 169 -8.54 -9.33 0.75
C GLU E 169 -9.98 -9.77 0.99
N TYR E 170 -10.19 -11.07 0.87
CA TYR E 170 -11.50 -11.66 1.09
C TYR E 170 -11.65 -11.88 2.60
N MET E 171 -11.77 -10.77 3.34
CA MET E 171 -11.65 -10.77 4.79
C MET E 171 -12.91 -11.30 5.45
N GLY E 172 -12.77 -12.46 6.10
CA GLY E 172 -13.93 -13.15 6.62
C GLY E 172 -14.54 -14.19 5.69
N ALA E 173 -13.91 -14.43 4.55
CA ALA E 173 -14.50 -15.36 3.59
C ALA E 173 -14.57 -16.77 4.17
N ASN E 174 -15.48 -17.55 3.59
CA ASN E 174 -15.62 -18.98 3.90
C ASN E 174 -15.28 -19.86 2.70
N ILE E 175 -14.35 -19.39 1.88
CA ILE E 175 -13.66 -20.16 0.89
C ILE E 175 -12.17 -19.98 1.12
N ALA E 176 -11.37 -20.93 0.62
CA ALA E 176 -9.92 -20.85 0.79
C ALA E 176 -9.21 -21.40 -0.42
N THR E 177 -8.04 -20.84 -0.69
CA THR E 177 -7.18 -21.30 -1.74
C THR E 177 -5.75 -21.40 -1.18
N MET E 178 -4.88 -22.18 -1.82
CA MET E 178 -3.46 -22.22 -1.45
CA MET E 178 -3.50 -22.19 -1.36
C MET E 178 -2.75 -20.95 -1.84
N LEU E 179 -3.15 -20.37 -2.99
CA LEU E 179 -2.66 -19.04 -3.43
C LEU E 179 -3.35 -17.93 -2.64
N ASP E 180 -2.74 -16.75 -2.66
CA ASP E 180 -3.26 -15.55 -2.04
C ASP E 180 -3.35 -14.48 -3.13
N ILE E 181 -3.99 -13.36 -2.82
CA ILE E 181 -4.40 -12.40 -3.85
C ILE E 181 -3.18 -11.76 -4.52
N PRO E 182 -3.35 -11.33 -5.77
CA PRO E 182 -2.19 -10.84 -6.53
C PRO E 182 -1.59 -9.57 -5.91
N GLN E 183 -2.37 -8.79 -5.18
CA GLN E 183 -1.83 -7.58 -4.61
C GLN E 183 -0.78 -7.83 -3.52
N LYS E 184 -0.77 -9.02 -2.93
CA LYS E 184 0.12 -9.33 -1.84
C LYS E 184 1.48 -9.86 -2.27
N LEU E 185 1.71 -9.98 -3.57
CA LEU E 185 3.00 -10.40 -4.10
CA LEU E 185 3.00 -10.41 -4.09
C LEU E 185 4.09 -9.40 -3.72
N GLU E 186 5.21 -9.89 -3.19
CA GLU E 186 6.35 -9.03 -2.94
C GLU E 186 6.96 -8.47 -4.22
N GLY E 187 6.87 -9.20 -5.30
CA GLY E 187 7.35 -8.77 -6.59
C GLY E 187 6.52 -9.46 -7.65
N PRO E 188 6.55 -8.94 -8.87
CA PRO E 188 5.92 -9.66 -9.97
C PRO E 188 6.55 -11.06 -10.06
N GLY E 189 5.73 -12.05 -10.40
CA GLY E 189 6.23 -13.41 -10.54
C GLY E 189 6.25 -14.25 -9.28
N TYR E 190 5.82 -13.68 -8.15
CA TYR E 190 5.90 -14.31 -6.85
C TYR E 190 4.70 -15.16 -6.44
N ALA E 191 3.67 -15.32 -7.26
CA ALA E 191 2.45 -15.89 -6.72
C ALA E 191 2.58 -17.33 -6.22
N LEU E 192 3.36 -18.17 -6.91
CA LEU E 192 3.53 -19.56 -6.46
C LEU E 192 4.41 -19.65 -5.23
N ARG E 193 5.01 -18.53 -4.81
CA ARG E 193 5.76 -18.47 -3.55
C ARG E 193 4.88 -18.09 -2.36
N ASN E 194 3.72 -17.47 -2.60
CA ASN E 194 2.90 -17.05 -1.47
C ASN E 194 1.90 -18.14 -1.10
N ILE E 195 2.48 -19.26 -0.67
CA ILE E 195 1.77 -20.48 -0.30
C ILE E 195 2.36 -20.89 1.03
N MET E 196 1.57 -20.77 2.09
CA MET E 196 2.03 -21.03 3.44
C MET E 196 2.63 -22.43 3.53
N VAL E 197 3.76 -22.56 4.23
CA VAL E 197 4.36 -23.87 4.45
C VAL E 197 3.35 -24.85 5.05
N ASN E 198 2.56 -24.39 6.02
CA ASN E 198 1.57 -25.27 6.63
C ASN E 198 0.59 -25.82 5.60
N HIS E 199 0.24 -25.04 4.57
CA HIS E 199 -0.67 -25.53 3.54
C HIS E 199 -0.06 -26.69 2.75
N VAL E 200 1.22 -26.59 2.43
CA VAL E 200 1.95 -27.65 1.73
C VAL E 200 1.99 -28.91 2.59
N VAL E 201 2.29 -28.75 3.86
CA VAL E 201 2.38 -29.90 4.78
C VAL E 201 0.99 -30.54 4.93
N ALA E 202 -0.05 -29.71 5.01
CA ALA E 202 -1.42 -30.18 5.09
C ALA E 202 -1.80 -30.99 3.87
N ALA E 203 -1.53 -30.46 2.67
CA ALA E 203 -1.93 -31.12 1.43
C ALA E 203 -1.25 -32.48 1.25
N THR E 204 -0.05 -32.61 1.77
CA THR E 204 0.75 -33.82 1.61
C THR E 204 0.69 -34.74 2.84
N LEU E 205 -0.22 -34.44 3.77
CA LEU E 205 -0.50 -35.31 4.92
C LEU E 205 0.78 -35.60 5.72
N LYS E 206 1.67 -34.63 5.80
CA LYS E 206 2.90 -34.69 6.59
C LYS E 206 3.86 -35.77 6.13
N ASN E 207 3.72 -36.25 4.90
CA ASN E 207 4.73 -37.14 4.33
C ASN E 207 5.94 -36.27 3.96
N THR E 208 7.06 -36.49 4.63
CA THR E 208 8.20 -35.57 4.59
C THR E 208 8.74 -35.37 3.18
N LEU E 209 8.98 -36.45 2.44
CA LEU E 209 9.49 -36.31 1.09
C LEU E 209 8.47 -35.67 0.16
N GLN E 210 7.19 -35.99 0.31
CA GLN E 210 6.18 -35.38 -0.55
C GLN E 210 6.04 -33.88 -0.28
N ALA E 211 6.10 -33.49 0.98
CA ALA E 211 6.06 -32.07 1.36
C ALA E 211 7.26 -31.34 0.76
N ALA E 212 8.45 -31.90 0.88
CA ALA E 212 9.63 -31.31 0.30
C ALA E 212 9.48 -31.19 -1.21
N ALA E 213 8.92 -32.22 -1.84
CA ALA E 213 8.75 -32.20 -3.30
C ALA E 213 7.74 -31.14 -3.71
N LEU E 214 6.58 -31.09 -3.06
CA LEU E 214 5.61 -30.08 -3.44
C LEU E 214 6.17 -28.67 -3.29
N SER E 215 6.82 -28.42 -2.16
CA SER E 215 7.42 -27.10 -1.92
C SER E 215 8.49 -26.76 -2.96
N THR E 216 9.36 -27.71 -3.30
CA THR E 216 10.39 -27.46 -4.29
C THR E 216 9.77 -27.22 -5.65
N ILE E 217 8.76 -27.99 -6.02
CA ILE E 217 8.12 -27.77 -7.30
C ILE E 217 7.56 -26.35 -7.38
N LEU E 218 6.86 -25.90 -6.33
CA LEU E 218 6.27 -24.58 -6.35
C LEU E 218 7.34 -23.49 -6.36
N GLU E 219 8.34 -23.64 -5.51
CA GLU E 219 9.44 -22.64 -5.44
C GLU E 219 10.20 -22.54 -6.75
N GLN E 220 10.64 -23.68 -7.29
CA GLN E 220 11.45 -23.63 -8.49
C GLN E 220 10.60 -23.25 -9.71
N THR E 221 9.30 -23.60 -9.73
CA THR E 221 8.45 -23.12 -10.82
C THR E 221 8.34 -21.57 -10.75
N ALA E 222 8.26 -21.03 -9.54
CA ALA E 222 8.25 -19.57 -9.39
C ALA E 222 9.54 -18.96 -9.93
N MET E 223 10.66 -19.65 -9.74
CA MET E 223 11.96 -19.15 -10.22
C MET E 223 11.94 -19.00 -11.74
N PHE E 224 11.21 -19.85 -12.46
CA PHE E 224 11.03 -19.67 -13.91
C PHE E 224 10.13 -18.46 -14.19
N GLU E 225 9.03 -18.32 -13.46
CA GLU E 225 8.10 -17.20 -13.68
C GLU E 225 8.80 -15.85 -13.41
N MET E 226 9.71 -15.83 -12.45
CA MET E 226 10.45 -14.65 -12.03
C MET E 226 11.59 -14.32 -12.99
N GLY E 227 11.92 -15.24 -13.89
CA GLY E 227 13.07 -15.09 -14.79
C GLY E 227 14.40 -15.47 -14.19
N ASP E 228 14.42 -15.91 -12.92
CA ASP E 228 15.68 -16.30 -12.29
C ASP E 228 16.28 -17.53 -12.92
N ALA E 229 15.47 -18.42 -13.44
CA ALA E 229 15.95 -19.66 -14.08
C ALA E 229 16.01 -19.53 -15.60
N VAL E 230 16.35 -18.34 -16.10
CA VAL E 230 16.52 -18.08 -17.51
C VAL E 230 18.00 -17.91 -17.80
N GLY E 231 18.47 -18.51 -18.88
CA GLY E 231 19.84 -18.27 -19.29
C GLY E 231 20.87 -18.91 -18.40
N ALA E 232 21.77 -18.09 -17.86
CA ALA E 232 22.94 -18.60 -17.15
C ALA E 232 22.61 -19.48 -15.94
N PHE E 233 21.47 -19.25 -15.30
CA PHE E 233 21.08 -19.81 -14.03
CA PHE E 233 21.24 -19.98 -14.04
C PHE E 233 20.19 -21.06 -14.17
N GLU E 234 19.76 -21.36 -15.39
CA GLU E 234 18.72 -22.36 -15.58
C GLU E 234 19.14 -23.72 -15.05
N ARG E 235 20.34 -24.17 -15.41
CA ARG E 235 20.80 -25.48 -15.00
C ARG E 235 20.93 -25.57 -13.47
N MET E 236 21.39 -24.52 -12.84
CA MET E 236 21.49 -24.47 -11.38
CA MET E 236 21.51 -24.55 -11.40
CA MET E 236 21.50 -24.50 -11.41
C MET E 236 20.14 -24.73 -10.74
N HIS E 237 19.11 -24.06 -11.26
CA HIS E 237 17.79 -24.22 -10.70
C HIS E 237 17.23 -25.63 -10.96
N LEU E 238 17.46 -26.15 -12.15
CA LEU E 238 16.98 -27.51 -12.46
C LEU E 238 17.68 -28.56 -11.58
N LEU E 239 18.98 -28.42 -11.42
CA LEU E 239 19.71 -29.35 -10.58
C LEU E 239 19.24 -29.24 -9.13
N GLY E 240 18.89 -28.04 -8.72
CA GLY E 240 18.40 -27.83 -7.36
C GLY E 240 17.05 -28.53 -7.17
N LEU E 241 16.15 -28.33 -8.12
CA LEU E 241 14.89 -29.04 -8.11
C LEU E 241 15.09 -30.55 -8.02
N ALA E 242 15.96 -31.07 -8.88
CA ALA E 242 16.18 -32.51 -8.94
C ALA E 242 16.75 -33.09 -7.63
N TYR E 243 17.87 -32.50 -7.17
CA TYR E 243 18.63 -33.09 -6.07
C TYR E 243 18.05 -32.70 -4.72
N GLN E 244 17.52 -31.49 -4.58
CA GLN E 244 16.99 -31.11 -3.27
C GLN E 244 15.53 -31.53 -3.07
N GLY E 245 14.72 -31.47 -4.14
CA GLY E 245 13.31 -31.73 -3.95
C GLY E 245 12.76 -33.01 -4.55
N MET E 246 13.50 -33.60 -5.49
N MET E 246 13.52 -33.65 -5.43
CA MET E 246 13.05 -34.84 -6.13
CA MET E 246 13.05 -34.89 -6.04
C MET E 246 13.90 -36.06 -5.74
C MET E 246 13.93 -36.07 -5.75
N ASN E 247 14.80 -35.92 -4.76
CA ASN E 247 15.64 -37.02 -4.29
C ASN E 247 16.39 -37.69 -5.44
N ALA E 248 16.90 -36.89 -6.37
CA ALA E 248 17.64 -37.43 -7.50
C ALA E 248 18.81 -38.25 -7.01
N ASP E 249 19.04 -39.37 -7.69
CA ASP E 249 20.13 -40.30 -7.38
C ASP E 249 20.05 -40.85 -5.96
N ASN E 250 18.88 -40.72 -5.34
CA ASN E 250 18.64 -41.16 -3.96
C ASN E 250 19.59 -40.49 -2.96
N LEU E 251 20.12 -39.30 -3.31
CA LEU E 251 21.17 -38.71 -2.48
C LEU E 251 20.61 -38.23 -1.13
N VAL E 252 19.51 -37.49 -1.13
CA VAL E 252 18.87 -37.13 0.13
C VAL E 252 18.55 -38.37 0.96
N PHE E 253 17.89 -39.35 0.33
CA PHE E 253 17.46 -40.54 1.04
C PHE E 253 18.65 -41.27 1.68
N ASP E 254 19.72 -41.44 0.92
CA ASP E 254 20.87 -42.18 1.42
C ASP E 254 21.62 -41.43 2.50
N LEU E 255 21.70 -40.09 2.40
CA LEU E 255 22.30 -39.34 3.48
C LEU E 255 21.47 -39.46 4.76
N VAL E 256 20.15 -39.41 4.64
CA VAL E 256 19.32 -39.58 5.83
C VAL E 256 19.50 -40.99 6.41
N LYS E 257 19.54 -42.00 5.55
CA LYS E 257 19.68 -43.37 6.04
C LYS E 257 21.00 -43.50 6.84
N ALA E 258 22.08 -42.93 6.33
CA ALA E 258 23.37 -43.07 6.97
C ALA E 258 23.51 -42.24 8.24
N ASN E 259 22.67 -41.24 8.41
CA ASN E 259 22.81 -40.30 9.55
C ASN E 259 21.63 -40.29 10.50
N GLY E 260 20.62 -41.10 10.21
CA GLY E 260 19.39 -41.00 10.94
C GLY E 260 19.46 -41.57 12.36
N LYS E 261 20.25 -42.62 12.54
CA LYS E 261 20.31 -43.25 13.84
C LYS E 261 20.97 -42.43 14.91
N GLU E 262 22.10 -41.81 14.58
CA GLU E 262 22.90 -41.10 15.57
C GLU E 262 23.44 -39.78 15.07
N GLY E 263 23.10 -39.40 13.84
CA GLY E 263 23.79 -38.29 13.19
C GLY E 263 23.31 -36.92 13.60
N THR E 264 24.07 -35.95 13.11
CA THR E 264 23.93 -34.54 13.39
C THR E 264 24.07 -33.79 12.07
N VAL E 265 23.89 -32.47 12.13
CA VAL E 265 24.14 -31.66 10.95
C VAL E 265 25.60 -31.88 10.50
N GLY E 266 26.54 -31.87 11.43
CA GLY E 266 27.93 -32.05 11.08
C GLY E 266 28.23 -33.40 10.42
N SER E 267 27.61 -34.47 10.89
CA SER E 267 27.91 -35.77 10.29
C SER E 267 27.33 -35.85 8.86
N VAL E 268 26.19 -35.20 8.64
CA VAL E 268 25.64 -35.14 7.28
C VAL E 268 26.59 -34.39 6.36
N ILE E 269 27.11 -33.25 6.82
CA ILE E 269 28.08 -32.51 6.03
C ILE E 269 29.26 -33.38 5.64
N ALA E 270 29.81 -34.11 6.60
CA ALA E 270 30.98 -34.92 6.32
C ALA E 270 30.67 -35.94 5.22
N ASP E 271 29.51 -36.59 5.32
CA ASP E 271 29.12 -37.55 4.31
C ASP E 271 28.89 -36.92 2.96
N LEU E 272 28.31 -35.71 2.93
CA LEU E 272 28.05 -35.08 1.65
C LEU E 272 29.37 -34.70 0.97
N VAL E 273 30.30 -34.14 1.73
CA VAL E 273 31.59 -33.78 1.14
C VAL E 273 32.29 -35.02 0.59
N GLU E 274 32.22 -36.13 1.33
CA GLU E 274 32.79 -37.40 0.86
C GLU E 274 32.18 -37.82 -0.46
N ARG E 275 30.86 -37.73 -0.53
CA ARG E 275 30.13 -38.15 -1.73
C ARG E 275 30.44 -37.24 -2.93
N ALA E 276 30.51 -35.93 -2.71
CA ALA E 276 30.89 -34.99 -3.77
C ALA E 276 32.28 -35.31 -4.32
N LEU E 277 33.19 -35.64 -3.41
CA LEU E 277 34.54 -35.98 -3.81
C LEU E 277 34.57 -37.30 -4.60
N GLU E 278 33.86 -38.31 -4.12
CA GLU E 278 33.84 -39.61 -4.79
C GLU E 278 33.23 -39.50 -6.19
N ASP E 279 32.24 -38.62 -6.34
CA ASP E 279 31.54 -38.47 -7.61
C ASP E 279 32.24 -37.52 -8.56
N GLY E 280 33.34 -36.93 -8.11
CA GLY E 280 34.11 -36.02 -8.94
C GLY E 280 33.50 -34.62 -9.07
N VAL E 281 32.57 -34.27 -8.20
CA VAL E 281 31.96 -32.95 -8.22
C VAL E 281 32.94 -31.90 -7.70
N ILE E 282 33.72 -32.26 -6.70
CA ILE E 282 34.75 -31.38 -6.14
C ILE E 282 36.06 -32.13 -6.13
N LYS E 283 37.14 -31.39 -5.96
CA LYS E 283 38.48 -31.94 -5.99
C LYS E 283 39.37 -31.02 -5.15
N VAL E 284 40.43 -31.56 -4.54
CA VAL E 284 41.33 -30.71 -3.78
C VAL E 284 42.09 -29.81 -4.75
N GLU E 285 42.02 -28.51 -4.51
CA GLU E 285 42.65 -27.49 -5.34
C GLU E 285 44.04 -27.10 -4.82
N LYS E 286 44.17 -27.04 -3.50
CA LYS E 286 45.36 -26.52 -2.83
C LYS E 286 45.42 -27.14 -1.44
N GLU E 287 46.64 -27.23 -0.88
CA GLU E 287 46.87 -27.70 0.48
C GLU E 287 47.41 -26.51 1.26
N LEU E 288 46.74 -26.15 2.35
CA LEU E 288 47.27 -25.21 3.31
C LEU E 288 47.90 -26.05 4.42
N THR E 289 48.08 -25.50 5.62
CA THR E 289 48.69 -26.29 6.70
C THR E 289 47.63 -27.20 7.30
N ASP E 290 47.74 -28.50 7.03
CA ASP E 290 46.81 -29.49 7.55
C ASP E 290 45.38 -29.13 7.20
N TYR E 291 45.16 -28.66 5.98
CA TYR E 291 43.83 -28.20 5.54
C TYR E 291 43.78 -28.23 4.02
N LYS E 292 42.82 -28.97 3.50
CA LYS E 292 42.59 -29.09 2.07
C LYS E 292 41.58 -28.07 1.58
N VAL E 293 41.94 -27.32 0.54
CA VAL E 293 41.05 -26.34 -0.07
C VAL E 293 40.41 -27.01 -1.26
N TYR E 294 39.10 -27.15 -1.26
CA TYR E 294 38.42 -27.80 -2.37
C TYR E 294 37.98 -26.81 -3.43
N GLY E 295 38.01 -27.28 -4.67
CA GLY E 295 37.52 -26.54 -5.81
C GLY E 295 36.51 -27.37 -6.58
N THR E 296 35.86 -26.73 -7.55
CA THR E 296 34.94 -27.45 -8.43
C THR E 296 35.00 -26.87 -9.83
N ASP E 297 34.79 -27.74 -10.81
CA ASP E 297 34.65 -27.28 -12.19
C ASP E 297 33.18 -27.17 -12.56
N ASP E 298 32.29 -27.39 -11.60
CA ASP E 298 30.86 -27.39 -11.88
C ASP E 298 30.10 -26.84 -10.68
N LEU E 299 30.08 -25.52 -10.58
CA LEU E 299 29.50 -24.90 -9.41
C LEU E 299 28.02 -25.23 -9.24
N ALA E 300 27.28 -25.34 -10.34
CA ALA E 300 25.86 -25.66 -10.24
C ALA E 300 25.65 -27.07 -9.65
N MET E 301 26.53 -28.01 -10.00
CA MET E 301 26.41 -29.37 -9.46
C MET E 301 26.87 -29.43 -8.00
N TRP E 302 27.94 -28.72 -7.65
CA TRP E 302 28.31 -28.62 -6.25
C TRP E 302 27.14 -28.03 -5.45
N ASN E 303 26.54 -26.97 -5.96
CA ASN E 303 25.43 -26.34 -5.27
C ASN E 303 24.29 -27.35 -5.03
N ALA E 304 24.01 -28.18 -6.04
CA ALA E 304 22.93 -29.15 -5.95
C ALA E 304 23.23 -30.26 -4.94
N TYR E 305 24.46 -30.77 -4.96
CA TYR E 305 24.88 -31.73 -3.95
C TYR E 305 24.75 -31.12 -2.57
N ALA E 306 25.27 -29.90 -2.41
CA ALA E 306 25.19 -29.25 -1.11
C ALA E 306 23.73 -29.06 -0.68
N ALA E 307 22.85 -28.74 -1.63
CA ALA E 307 21.43 -28.56 -1.36
C ALA E 307 20.78 -29.87 -0.92
N ALA E 308 21.17 -30.99 -1.55
CA ALA E 308 20.67 -32.29 -1.11
C ALA E 308 21.11 -32.58 0.34
N GLY E 309 22.38 -32.27 0.65
CA GLY E 309 22.86 -32.46 2.01
C GLY E 309 22.13 -31.55 3.00
N LEU E 310 21.77 -30.35 2.57
CA LEU E 310 21.04 -29.42 3.41
C LEU E 310 19.67 -29.98 3.80
N MET E 311 18.96 -30.53 2.81
CA MET E 311 17.69 -31.20 3.05
C MET E 311 17.87 -32.38 4.00
N ALA E 312 18.87 -33.23 3.74
CA ALA E 312 19.10 -34.36 4.61
C ALA E 312 19.44 -33.91 6.03
N ALA E 313 20.21 -32.83 6.17
CA ALA E 313 20.58 -32.32 7.49
C ALA E 313 19.35 -31.84 8.24
N THR E 314 18.41 -31.20 7.53
CA THR E 314 17.19 -30.78 8.16
C THR E 314 16.42 -32.01 8.62
N MET E 315 16.32 -33.02 7.76
CA MET E 315 15.57 -34.22 8.09
C MET E 315 16.18 -34.90 9.30
N VAL E 316 17.52 -34.95 9.36
CA VAL E 316 18.21 -35.59 10.48
C VAL E 316 18.08 -34.74 11.77
N ASN E 317 18.27 -33.42 11.67
CA ASN E 317 18.28 -32.60 12.87
C ASN E 317 16.85 -32.38 13.41
N GLN E 318 15.94 -31.90 12.58
CA GLN E 318 14.57 -31.67 13.02
C GLN E 318 13.81 -32.98 13.15
N GLY E 319 14.20 -34.01 12.38
CA GLY E 319 13.64 -35.35 12.56
C GLY E 319 14.01 -35.95 13.91
N ALA E 320 15.23 -35.73 14.34
CA ALA E 320 15.64 -36.28 15.64
C ALA E 320 14.90 -35.58 16.79
N ALA E 321 14.70 -34.26 16.68
CA ALA E 321 13.93 -33.52 17.70
C ALA E 321 12.41 -33.71 17.58
N ARG E 322 11.97 -34.17 16.40
CA ARG E 322 10.55 -34.17 16.02
CA ARG E 322 10.55 -34.15 16.01
C ARG E 322 9.93 -32.80 16.37
N ALA E 323 10.73 -31.75 16.14
CA ALA E 323 10.35 -30.38 16.47
C ALA E 323 10.93 -29.50 15.39
N ALA E 324 10.07 -28.71 14.74
CA ALA E 324 10.49 -27.99 13.54
C ALA E 324 11.37 -26.77 13.80
N GLN E 325 11.33 -26.18 14.99
CA GLN E 325 11.91 -24.85 15.16
C GLN E 325 13.36 -24.75 14.75
N GLY E 326 14.14 -25.80 14.97
CA GLY E 326 15.55 -25.74 14.66
C GLY E 326 15.89 -25.77 13.19
N VAL E 327 14.89 -25.86 12.30
CA VAL E 327 15.21 -25.75 10.88
C VAL E 327 15.87 -24.41 10.57
N SER E 328 15.55 -23.34 11.28
CA SER E 328 16.23 -22.06 11.00
C SER E 328 17.72 -22.16 11.32
N SER E 329 18.03 -22.89 12.37
CA SER E 329 19.42 -23.15 12.75
C SER E 329 20.14 -24.07 11.75
N THR E 330 19.48 -25.14 11.32
CA THR E 330 20.08 -26.05 10.35
C THR E 330 20.40 -25.31 9.04
N LEU E 331 19.44 -24.50 8.56
CA LEU E 331 19.63 -23.76 7.34
C LEU E 331 20.82 -22.81 7.44
N LEU E 332 21.08 -22.30 8.63
CA LEU E 332 22.19 -21.39 8.86
C LEU E 332 23.51 -22.20 8.94
N TYR E 333 23.62 -23.08 9.92
CA TYR E 333 24.92 -23.66 10.25
C TYR E 333 25.31 -24.81 9.33
N TYR E 334 24.39 -25.47 8.65
CA TYR E 334 24.83 -26.38 7.59
C TYR E 334 25.70 -25.61 6.60
N ASN E 335 25.21 -24.44 6.21
CA ASN E 335 25.89 -23.64 5.22
C ASN E 335 27.16 -22.97 5.75
N ASP E 336 27.11 -22.44 6.97
CA ASP E 336 28.28 -21.83 7.60
C ASP E 336 29.39 -22.88 7.76
N LEU E 337 29.04 -24.04 8.33
CA LEU E 337 29.99 -25.12 8.55
C LEU E 337 30.58 -25.58 7.23
N ILE E 338 29.77 -25.78 6.21
CA ILE E 338 30.31 -26.41 5.02
C ILE E 338 31.29 -25.50 4.31
N GLU E 339 31.13 -24.19 4.42
CA GLU E 339 32.12 -23.29 3.83
C GLU E 339 33.48 -23.40 4.51
N PHE E 340 33.50 -23.44 5.84
CA PHE E 340 34.79 -23.54 6.52
C PHE E 340 35.35 -24.96 6.52
N GLU E 341 34.51 -25.94 6.21
CA GLU E 341 34.95 -27.32 6.02
C GLU E 341 35.66 -27.51 4.68
N THR E 342 35.32 -26.70 3.68
CA THR E 342 35.74 -26.96 2.30
C THR E 342 36.47 -25.82 1.57
N GLY E 343 36.17 -24.57 1.90
CA GLY E 343 36.60 -23.47 1.08
C GLY E 343 35.74 -23.21 -0.16
N LEU E 344 34.58 -23.86 -0.21
CA LEU E 344 33.62 -23.65 -1.29
C LEU E 344 32.42 -22.88 -0.79
N PRO E 345 31.72 -22.17 -1.70
CA PRO E 345 30.53 -21.45 -1.27
C PRO E 345 29.36 -22.37 -0.93
N SER E 346 28.59 -21.93 0.04
CA SER E 346 27.42 -22.66 0.51
C SER E 346 26.23 -22.56 -0.47
N VAL E 347 25.12 -23.18 -0.10
CA VAL E 347 24.01 -23.33 -1.00
C VAL E 347 23.46 -21.95 -1.38
N ASP E 348 23.28 -21.74 -2.67
CA ASP E 348 22.75 -20.47 -3.20
C ASP E 348 23.73 -19.33 -2.85
N PHE E 349 25.00 -19.68 -2.77
CA PHE E 349 26.14 -18.76 -2.62
CA PHE E 349 26.11 -18.72 -2.65
C PHE E 349 25.97 -17.79 -1.45
N GLY E 350 25.48 -18.32 -0.33
CA GLY E 350 25.27 -17.56 0.89
C GLY E 350 23.82 -17.19 1.12
N LYS E 351 22.96 -17.30 0.11
CA LYS E 351 21.59 -16.82 0.27
CA LYS E 351 21.62 -16.79 0.30
C LYS E 351 20.76 -17.70 1.16
N VAL E 352 21.06 -19.00 1.24
CA VAL E 352 20.33 -19.81 2.22
C VAL E 352 20.77 -19.42 3.61
N GLU E 353 22.07 -19.28 3.83
CA GLU E 353 22.56 -18.87 5.13
C GLU E 353 21.95 -17.53 5.55
N GLY E 354 21.89 -16.58 4.65
CA GLY E 354 21.31 -15.28 4.99
C GLY E 354 19.82 -15.39 5.31
N THR E 355 19.07 -16.10 4.46
CA THR E 355 17.66 -16.36 4.74
C THR E 355 17.55 -16.94 6.16
N ALA E 356 18.42 -17.89 6.49
CA ALA E 356 18.35 -18.56 7.77
C ALA E 356 18.65 -17.64 8.96
N VAL E 357 19.55 -16.70 8.78
CA VAL E 357 19.84 -15.71 9.83
C VAL E 357 18.57 -14.96 10.18
N GLY E 358 17.90 -14.38 9.19
CA GLY E 358 16.70 -13.60 9.45
C GLY E 358 15.55 -14.49 9.90
N PHE E 359 15.43 -15.69 9.32
CA PHE E 359 14.38 -16.62 9.72
C PHE E 359 14.56 -17.06 11.18
N SER E 360 15.80 -17.33 11.59
CA SER E 360 16.07 -17.63 12.98
C SER E 360 15.59 -16.49 13.87
N PHE E 361 16.03 -15.27 13.54
CA PHE E 361 15.62 -14.09 14.29
C PHE E 361 14.09 -13.95 14.37
N PHE E 362 13.45 -14.03 13.21
CA PHE E 362 12.01 -13.82 13.14
C PHE E 362 11.21 -15.07 13.49
N SER E 363 11.84 -16.08 14.08
CA SER E 363 11.08 -17.18 14.68
C SER E 363 11.48 -17.38 16.14
N HIS E 364 12.23 -16.43 16.71
CA HIS E 364 12.63 -16.47 18.11
C HIS E 364 12.68 -15.09 18.76
N SER E 365 11.95 -14.11 18.20
CA SER E 365 12.02 -12.72 18.65
CA SER E 365 12.03 -12.74 18.67
C SER E 365 10.68 -12.05 18.74
N ILE E 366 10.69 -10.81 19.24
CA ILE E 366 9.44 -10.08 19.40
C ILE E 366 8.94 -9.43 18.10
N TYR E 367 9.76 -9.34 17.06
CA TYR E 367 9.54 -8.31 16.05
C TYR E 367 8.59 -8.69 14.94
N GLY E 368 8.34 -9.97 14.72
CA GLY E 368 7.50 -10.42 13.63
C GLY E 368 7.72 -11.88 13.42
N GLY E 369 7.38 -12.37 12.22
CA GLY E 369 7.52 -13.79 11.92
C GLY E 369 6.52 -14.64 12.69
N GLY E 370 7.01 -15.70 13.28
CA GLY E 370 6.18 -16.71 13.93
C GLY E 370 6.88 -18.05 13.89
N GLY E 371 6.10 -19.10 14.02
CA GLY E 371 6.64 -20.43 13.87
C GLY E 371 6.94 -20.79 12.42
N PRO E 372 7.73 -21.87 12.21
CA PRO E 372 8.17 -22.19 10.85
C PRO E 372 7.03 -22.30 9.82
N GLY E 373 5.89 -22.81 10.25
CA GLY E 373 4.80 -23.13 9.36
C GLY E 373 4.10 -21.94 8.72
N ILE E 374 4.27 -20.74 9.27
CA ILE E 374 3.58 -19.59 8.71
C ILE E 374 4.46 -18.87 7.67
N PHE E 375 5.70 -19.31 7.46
CA PHE E 375 6.51 -18.70 6.43
C PHE E 375 6.15 -19.25 5.06
N ASN E 376 6.77 -18.67 4.03
CA ASN E 376 6.52 -19.02 2.64
C ASN E 376 7.54 -18.26 1.81
N GLY E 377 7.68 -18.63 0.56
CA GLY E 377 8.64 -17.96 -0.30
C GLY E 377 8.37 -16.50 -0.63
N ASN E 378 7.17 -16.03 -0.37
CA ASN E 378 6.81 -14.63 -0.53
C ASN E 378 6.95 -13.83 0.75
N HIS E 379 7.21 -14.47 1.87
CA HIS E 379 7.34 -13.76 3.14
C HIS E 379 8.59 -12.92 3.06
N ILE E 380 8.55 -11.68 3.59
CA ILE E 380 9.73 -10.85 3.53
C ILE E 380 10.92 -11.50 4.19
N VAL E 381 10.73 -12.33 5.20
CA VAL E 381 11.83 -12.95 5.92
C VAL E 381 12.51 -14.02 5.07
N THR E 382 11.71 -14.75 4.30
CA THR E 382 12.18 -15.98 3.67
C THR E 382 12.13 -16.00 2.14
N ARG E 383 12.09 -14.82 1.52
CA ARG E 383 12.05 -14.74 0.06
C ARG E 383 13.43 -14.77 -0.61
N HIS E 384 14.51 -14.68 0.17
CA HIS E 384 15.80 -14.27 -0.39
C HIS E 384 16.52 -15.38 -1.14
N SER E 385 16.50 -16.59 -0.61
CA SER E 385 17.04 -17.74 -1.36
C SER E 385 16.06 -18.10 -2.45
N LYS E 386 16.62 -18.43 -3.61
CA LYS E 386 15.83 -18.67 -4.81
C LYS E 386 15.47 -20.15 -4.92
N GLY E 387 14.73 -20.59 -3.91
CA GLY E 387 14.10 -21.89 -3.89
C GLY E 387 14.73 -22.92 -2.98
N PHE E 388 15.86 -22.61 -2.37
CA PHE E 388 16.67 -23.61 -1.69
C PHE E 388 16.47 -23.68 -0.19
N ALA E 389 15.61 -22.82 0.37
CA ALA E 389 15.37 -22.78 1.82
C ALA E 389 13.98 -23.30 2.22
N ILE E 390 12.93 -22.78 1.61
CA ILE E 390 11.57 -23.09 2.04
C ILE E 390 11.26 -24.61 1.99
N PRO E 391 11.77 -25.36 0.98
CA PRO E 391 11.42 -26.80 1.01
C PRO E 391 11.92 -27.50 2.26
N CYS E 392 13.03 -27.05 2.84
CA CYS E 392 13.52 -27.61 4.09
C CYS E 392 12.58 -27.29 5.25
N VAL E 393 11.97 -26.11 5.20
CA VAL E 393 11.00 -25.73 6.22
C VAL E 393 9.76 -26.63 6.12
N ALA E 394 9.32 -26.93 4.90
CA ALA E 394 8.22 -27.87 4.70
C ALA E 394 8.56 -29.25 5.28
N ALA E 395 9.76 -29.74 4.99
CA ALA E 395 10.20 -31.03 5.53
C ALA E 395 10.17 -31.00 7.06
N ALA E 396 10.71 -29.93 7.66
CA ALA E 396 10.77 -29.85 9.11
C ALA E 396 9.37 -29.82 9.72
N MET E 397 8.44 -29.07 9.14
CA MET E 397 7.08 -29.03 9.67
C MET E 397 6.39 -30.38 9.48
N ALA E 398 6.67 -31.08 8.40
CA ALA E 398 6.12 -32.42 8.24
C ALA E 398 6.56 -33.34 9.38
N LEU E 399 7.78 -33.16 9.85
CA LEU E 399 8.39 -33.97 10.89
C LEU E 399 8.02 -33.53 12.30
N ASP E 400 7.29 -32.41 12.43
CA ASP E 400 6.98 -31.92 13.77
C ASP E 400 5.89 -32.77 14.41
N ALA E 401 6.15 -33.26 15.63
CA ALA E 401 5.20 -34.17 16.29
C ALA E 401 4.14 -33.47 17.14
N GLY E 402 4.15 -32.14 17.17
CA GLY E 402 3.15 -31.42 17.91
C GLY E 402 3.70 -30.34 18.82
N THR E 403 4.72 -29.60 18.37
CA THR E 403 5.35 -28.61 19.25
C THR E 403 4.92 -27.19 18.91
N GLN E 404 4.12 -27.03 17.86
CA GLN E 404 3.80 -25.73 17.29
C GLN E 404 2.39 -25.30 17.63
N MET E 405 2.23 -24.07 18.12
CA MET E 405 0.91 -23.49 18.29
C MET E 405 0.21 -23.24 16.95
N PHE E 406 0.94 -22.62 16.04
CA PHE E 406 0.41 -22.30 14.71
C PHE E 406 0.83 -23.41 13.75
N SER E 407 0.22 -24.57 14.02
CA SER E 407 0.42 -25.82 13.31
C SER E 407 -0.45 -25.87 12.07
N PRO E 408 -0.24 -26.86 11.20
CA PRO E 408 -1.16 -26.98 10.07
C PRO E 408 -2.60 -27.27 10.50
N GLU E 409 -2.76 -27.96 11.64
CA GLU E 409 -4.07 -28.22 12.18
C GLU E 409 -4.76 -26.88 12.54
N ALA E 410 -3.97 -25.91 12.98
CA ALA E 410 -4.52 -24.61 13.37
C ALA E 410 -4.77 -23.70 12.18
N THR E 411 -3.88 -23.70 11.19
CA THR E 411 -3.92 -22.70 10.12
C THR E 411 -4.51 -23.20 8.81
N SER E 412 -4.61 -24.53 8.65
CA SER E 412 -4.76 -25.08 7.32
C SER E 412 -5.76 -26.21 7.22
N GLY E 413 -6.69 -26.29 8.16
CA GLY E 413 -7.64 -27.39 8.21
C GLY E 413 -8.57 -27.48 7.00
N LEU E 414 -9.04 -26.34 6.51
CA LEU E 414 -9.92 -26.34 5.37
C LEU E 414 -9.12 -26.77 4.13
N ILE E 415 -7.91 -26.23 4.01
CA ILE E 415 -6.98 -26.61 2.94
CA ILE E 415 -7.08 -26.59 2.90
C ILE E 415 -6.70 -28.08 2.98
N LYS E 416 -6.41 -28.60 4.17
CA LYS E 416 -6.10 -30.02 4.31
C LYS E 416 -7.24 -30.88 3.75
N GLU E 417 -8.46 -30.63 4.21
CA GLU E 417 -9.57 -31.50 3.88
C GLU E 417 -9.78 -31.56 2.36
N VAL E 418 -9.66 -30.41 1.72
CA VAL E 418 -9.96 -30.34 0.31
C VAL E 418 -8.74 -30.68 -0.54
N PHE E 419 -7.61 -30.00 -0.32
CA PHE E 419 -6.49 -30.15 -1.23
C PHE E 419 -5.78 -31.51 -1.10
N SER E 420 -5.85 -32.15 0.07
CA SER E 420 -5.22 -33.48 0.16
C SER E 420 -6.02 -34.53 -0.64
N GLN E 421 -7.26 -34.23 -1.02
CA GLN E 421 -8.02 -35.16 -1.87
C GLN E 421 -7.40 -35.33 -3.24
N VAL E 422 -6.66 -34.33 -3.69
CA VAL E 422 -6.14 -34.30 -5.04
C VAL E 422 -4.82 -35.09 -5.09
N ASP E 423 -4.82 -36.19 -5.82
CA ASP E 423 -3.68 -37.10 -5.82
C ASP E 423 -2.37 -36.41 -6.19
N GLU E 424 -2.39 -35.54 -7.20
CA GLU E 424 -1.18 -34.91 -7.67
CA GLU E 424 -1.17 -34.90 -7.67
C GLU E 424 -0.66 -33.86 -6.67
N PHE E 425 -1.55 -33.30 -5.85
CA PHE E 425 -1.13 -32.37 -4.78
C PHE E 425 -0.53 -33.16 -3.60
N ARG E 426 -1.13 -34.31 -3.31
CA ARG E 426 -0.79 -35.08 -2.13
C ARG E 426 0.49 -35.87 -2.31
N GLU E 427 0.70 -36.36 -3.53
CA GLU E 427 1.85 -37.23 -3.85
C GLU E 427 2.56 -36.77 -5.11
N PRO E 428 3.00 -35.51 -5.12
CA PRO E 428 3.55 -34.96 -6.36
C PRO E 428 4.80 -35.63 -6.83
N LEU E 429 5.60 -36.18 -5.92
CA LEU E 429 6.86 -36.80 -6.33
C LEU E 429 6.55 -37.97 -7.26
N LYS E 430 5.49 -38.71 -6.94
CA LYS E 430 5.09 -39.81 -7.76
C LYS E 430 4.75 -39.39 -9.19
N TYR E 431 3.89 -38.38 -9.31
CA TYR E 431 3.41 -37.98 -10.62
C TYR E 431 4.46 -37.24 -11.44
N VAL E 432 5.31 -36.45 -10.79
CA VAL E 432 6.33 -35.74 -11.54
C VAL E 432 7.41 -36.73 -12.05
N VAL E 433 7.80 -37.68 -11.23
CA VAL E 433 8.74 -38.70 -11.68
C VAL E 433 8.15 -39.56 -12.82
N GLU E 434 6.90 -39.98 -12.67
CA GLU E 434 6.27 -40.75 -13.74
C GLU E 434 6.19 -39.97 -15.04
N ALA E 435 5.87 -38.68 -14.97
CA ALA E 435 5.82 -37.87 -16.18
C ALA E 435 7.20 -37.68 -16.80
N ALA E 436 8.22 -37.51 -15.96
CA ALA E 436 9.58 -37.37 -16.47
C ALA E 436 10.01 -38.61 -17.22
N ALA E 437 9.67 -39.77 -16.67
CA ALA E 437 10.00 -41.03 -17.30
C ALA E 437 9.29 -41.13 -18.64
N GLU E 438 8.03 -40.71 -18.68
CA GLU E 438 7.28 -40.76 -19.93
C GLU E 438 7.85 -39.90 -21.03
N ILE E 439 8.41 -38.73 -20.70
CA ILE E 439 8.88 -37.85 -21.76
C ILE E 439 10.38 -37.94 -21.97
N LYS E 440 11.02 -38.94 -21.34
CA LYS E 440 12.47 -38.94 -21.26
C LYS E 440 13.11 -38.95 -22.65
N ASN E 441 12.48 -39.59 -23.63
CA ASN E 441 13.10 -39.66 -24.94
C ASN E 441 12.63 -38.53 -25.88
N GLU E 442 11.89 -37.56 -25.35
CA GLU E 442 11.42 -36.41 -26.12
C GLU E 442 12.24 -35.14 -25.81
N ILE E 443 13.18 -35.27 -24.89
CA ILE E 443 14.04 -34.14 -24.48
C ILE E 443 15.26 -34.14 -25.39
N ALA F 2 36.94 -34.95 9.27
CA ALA F 2 36.51 -33.61 8.90
C ALA F 2 37.60 -32.60 9.30
N GLN F 3 37.59 -31.45 8.65
CA GLN F 3 38.59 -30.37 8.83
C GLN F 3 38.21 -29.27 9.82
N TYR F 4 36.94 -28.92 9.77
CA TYR F 4 36.27 -27.90 10.59
C TYR F 4 36.66 -26.45 10.39
N TYR F 5 37.95 -26.11 10.42
CA TYR F 5 38.34 -24.71 10.40
C TYR F 5 39.79 -24.59 9.98
N PRO F 6 40.12 -23.62 9.11
CA PRO F 6 41.51 -23.40 8.71
C PRO F 6 42.28 -22.60 9.75
N GLY F 7 43.60 -22.63 9.69
CA GLY F 7 44.41 -21.73 10.48
C GLY F 7 45.42 -22.48 11.28
N THR F 8 46.42 -21.75 11.74
CA THR F 8 47.60 -22.38 12.37
C THR F 8 47.87 -21.87 13.77
N THR F 9 46.94 -21.07 14.31
CA THR F 9 47.03 -20.54 15.66
C THR F 9 46.45 -21.51 16.71
N LYS F 10 46.73 -21.22 17.97
CA LYS F 10 46.03 -21.92 19.05
C LYS F 10 44.51 -21.68 18.95
N VAL F 11 44.11 -20.45 18.62
CA VAL F 11 42.69 -20.15 18.47
C VAL F 11 42.07 -21.10 17.45
N ALA F 12 42.71 -21.22 16.29
CA ALA F 12 42.13 -22.07 15.24
C ALA F 12 42.02 -23.51 15.68
N GLN F 13 43.05 -24.01 16.35
CA GLN F 13 43.02 -25.38 16.84
C GLN F 13 41.92 -25.57 17.87
N ASN F 14 41.73 -24.59 18.76
CA ASN F 14 40.67 -24.67 19.75
C ASN F 14 39.29 -24.64 19.11
N ARG F 15 39.13 -23.85 18.04
CA ARG F 15 37.87 -23.85 17.30
C ARG F 15 37.60 -25.22 16.69
N ARG F 16 38.62 -25.85 16.13
CA ARG F 16 38.45 -27.20 15.60
C ARG F 16 38.10 -28.18 16.72
N ASN F 17 38.82 -28.11 17.83
CA ASN F 17 38.56 -29.05 18.93
C ASN F 17 37.11 -28.97 19.44
N PHE F 18 36.59 -27.76 19.59
CA PHE F 18 35.22 -27.62 20.05
C PHE F 18 34.25 -28.26 19.06
N CYS F 19 34.53 -28.15 17.77
CA CYS F 19 33.63 -28.75 16.76
C CYS F 19 33.74 -30.25 16.63
N ASN F 20 34.92 -30.79 16.90
CA ASN F 20 35.21 -32.20 16.62
C ASN F 20 34.61 -33.11 17.68
N PRO F 21 33.59 -33.91 17.32
CA PRO F 21 32.97 -34.70 18.38
C PRO F 21 33.88 -35.80 18.94
N GLU F 22 35.01 -36.06 18.28
CA GLU F 22 36.01 -37.03 18.75
C GLU F 22 37.01 -36.39 19.70
N TYR F 23 37.03 -35.06 19.77
CA TYR F 23 37.88 -34.38 20.73
C TYR F 23 37.21 -34.42 22.11
N GLU F 24 37.91 -34.98 23.10
CA GLU F 24 37.36 -35.01 24.45
C GLU F 24 37.52 -33.67 25.14
N LEU F 25 36.40 -33.01 25.36
CA LEU F 25 36.37 -31.74 26.06
C LEU F 25 36.96 -31.91 27.45
N GLU F 26 37.84 -31.02 27.87
CA GLU F 26 38.41 -31.15 29.20
C GLU F 26 37.35 -30.84 30.25
N LYS F 27 37.19 -31.75 31.21
CA LYS F 27 36.28 -31.54 32.32
C LYS F 27 37.01 -30.80 33.43
N LEU F 28 36.43 -29.69 33.86
CA LEU F 28 37.09 -28.80 34.81
C LEU F 28 36.42 -28.76 36.17
N ARG F 29 35.19 -29.24 36.24
CA ARG F 29 34.42 -29.13 37.47
C ARG F 29 33.33 -30.19 37.49
N GLU F 30 32.92 -30.56 38.70
CA GLU F 30 31.85 -31.53 38.90
C GLU F 30 30.58 -30.82 39.35
N ILE F 31 29.48 -31.11 38.66
CA ILE F 31 28.20 -30.53 39.05
C ILE F 31 27.17 -31.66 39.14
N SER F 32 26.36 -31.66 40.19
CA SER F 32 25.39 -32.71 40.38
C SER F 32 24.24 -32.58 39.36
N ASP F 33 23.53 -33.67 39.09
CA ASP F 33 22.37 -33.61 38.20
C ASP F 33 21.34 -32.61 38.72
N GLU F 34 21.10 -32.63 40.02
CA GLU F 34 20.14 -31.73 40.64
C GLU F 34 20.53 -30.27 40.44
N ASP F 35 21.80 -29.97 40.57
CA ASP F 35 22.26 -28.60 40.40
C ASP F 35 22.18 -28.14 38.95
N VAL F 36 22.40 -29.03 37.97
CA VAL F 36 22.15 -28.64 36.57
C VAL F 36 20.66 -28.27 36.41
N VAL F 37 19.77 -29.09 36.95
CA VAL F 37 18.36 -28.79 36.87
C VAL F 37 18.01 -27.44 37.51
N LYS F 38 18.60 -27.15 38.67
CA LYS F 38 18.42 -25.88 39.35
C LYS F 38 18.92 -24.70 38.51
N ILE F 39 20.09 -24.86 37.90
CA ILE F 39 20.66 -23.80 37.06
C ILE F 39 19.75 -23.51 35.85
N LEU F 40 19.25 -24.57 35.22
CA LEU F 40 18.36 -24.40 34.09
C LEU F 40 17.08 -23.67 34.46
N GLY F 41 16.49 -24.05 35.58
CA GLY F 41 15.34 -23.33 36.11
C GLY F 41 14.01 -23.64 35.46
N HIS F 42 13.93 -24.74 34.70
CA HIS F 42 12.69 -25.10 34.01
C HIS F 42 11.76 -25.96 34.84
N ARG F 43 12.31 -26.77 35.72
CA ARG F 43 11.48 -27.61 36.59
C ARG F 43 12.20 -27.76 37.91
N ALA F 44 11.46 -28.18 38.93
CA ALA F 44 12.02 -28.36 40.26
C ALA F 44 12.59 -29.77 40.34
N PRO F 45 13.65 -29.96 41.13
CA PRO F 45 14.10 -31.34 41.30
C PRO F 45 12.97 -32.22 41.81
N GLY F 46 12.83 -33.40 41.22
CA GLY F 46 11.75 -34.31 41.58
C GLY F 46 10.43 -34.09 40.81
N GLU F 47 10.31 -32.98 40.10
CA GLU F 47 9.14 -32.70 39.25
C GLU F 47 9.21 -33.53 37.97
N GLU F 48 8.09 -34.14 37.58
CA GLU F 48 8.02 -34.90 36.32
C GLU F 48 8.24 -33.94 35.16
N TYR F 49 8.80 -34.44 34.06
CA TYR F 49 8.95 -33.64 32.85
C TYR F 49 7.57 -33.26 32.33
N PRO F 50 7.28 -31.96 32.14
CA PRO F 50 6.01 -31.62 31.51
C PRO F 50 6.01 -32.11 30.05
N SER F 51 4.87 -32.20 29.40
CA SER F 51 4.85 -32.61 28.00
C SER F 51 4.20 -31.56 27.14
N VAL F 52 4.63 -31.50 25.89
CA VAL F 52 3.98 -30.65 24.91
C VAL F 52 3.06 -31.48 23.97
N HIS F 53 3.30 -32.77 23.87
CA HIS F 53 2.42 -33.65 23.13
C HIS F 53 2.59 -35.06 23.69
N PRO F 54 1.69 -35.97 23.32
CA PRO F 54 1.82 -37.34 23.84
C PRO F 54 3.11 -38.04 23.38
N PRO F 55 3.50 -39.12 24.07
CA PRO F 55 4.65 -39.88 23.60
C PRO F 55 4.42 -40.36 22.17
N LEU F 56 5.48 -40.41 21.37
CA LEU F 56 5.35 -40.80 19.98
C LEU F 56 4.65 -42.15 19.82
N GLU F 57 4.93 -43.09 20.74
CA GLU F 57 4.28 -44.41 20.73
C GLU F 57 2.76 -44.34 20.78
N GLU F 58 2.24 -43.33 21.44
CA GLU F 58 0.80 -43.19 21.61
C GLU F 58 0.12 -42.56 20.40
N MET F 59 0.93 -42.02 19.49
CA MET F 59 0.44 -41.41 18.25
C MET F 59 0.34 -42.44 17.15
N ASP F 60 -0.54 -42.17 16.19
CA ASP F 60 -0.79 -43.09 15.10
C ASP F 60 -0.38 -42.44 13.79
N GLU F 61 0.93 -42.34 13.56
CA GLU F 61 1.45 -41.66 12.38
C GLU F 61 1.51 -42.62 11.19
N PRO F 62 1.23 -42.09 9.99
CA PRO F 62 1.28 -42.85 8.74
C PRO F 62 2.70 -43.11 8.31
N GLU F 63 2.86 -44.04 7.39
CA GLU F 63 4.16 -44.44 6.91
C GLU F 63 4.91 -43.25 6.33
N ASP F 64 6.16 -43.13 6.74
CA ASP F 64 7.05 -42.06 6.31
CA ASP F 64 7.04 -42.07 6.30
C ASP F 64 8.45 -42.59 6.40
N ALA F 65 9.09 -42.82 5.27
CA ALA F 65 10.43 -43.42 5.30
C ALA F 65 11.41 -42.55 6.07
N ILE F 66 11.26 -41.23 6.02
CA ILE F 66 12.20 -40.34 6.71
C ILE F 66 12.07 -40.53 8.22
N ARG F 67 10.84 -40.51 8.73
N ARG F 67 10.84 -40.54 8.70
CA ARG F 67 10.62 -40.77 10.14
CA ARG F 67 10.57 -40.76 10.10
C ARG F 67 11.24 -42.10 10.55
C ARG F 67 11.07 -42.11 10.60
N GLU F 68 10.99 -43.12 9.74
CA GLU F 68 11.46 -44.45 10.07
C GLU F 68 12.98 -44.50 10.18
N MET F 69 13.68 -43.71 9.37
CA MET F 69 15.12 -43.75 9.35
C MET F 69 15.78 -42.87 10.39
N VAL F 70 15.05 -41.87 10.86
CA VAL F 70 15.60 -40.91 11.81
C VAL F 70 15.12 -41.23 13.21
N GLU F 71 16.05 -41.71 14.03
CA GLU F 71 15.79 -42.02 15.43
C GLU F 71 15.50 -40.76 16.22
N PRO F 72 14.32 -40.69 16.85
CA PRO F 72 14.06 -39.52 17.70
C PRO F 72 14.93 -39.54 18.97
N ILE F 73 15.32 -38.37 19.43
CA ILE F 73 16.00 -38.25 20.71
C ILE F 73 15.05 -38.65 21.84
N ASP F 74 15.62 -39.00 22.98
CA ASP F 74 14.79 -39.57 24.06
C ASP F 74 13.66 -38.65 24.50
N GLY F 75 13.90 -37.34 24.54
CA GLY F 75 12.88 -36.43 24.98
C GLY F 75 11.80 -36.25 23.93
N ALA F 76 12.14 -36.47 22.66
CA ALA F 76 11.12 -36.44 21.62
C ALA F 76 10.20 -37.67 21.75
N LYS F 77 10.79 -38.83 22.01
CA LYS F 77 9.98 -40.04 22.23
C LYS F 77 8.98 -39.81 23.34
N ALA F 78 9.44 -39.16 24.41
CA ALA F 78 8.62 -38.89 25.58
C ALA F 78 7.60 -37.77 25.42
N GLY F 79 7.82 -36.86 24.48
CA GLY F 79 6.97 -35.69 24.32
C GLY F 79 7.33 -34.49 25.18
N ASP F 80 8.58 -34.41 25.63
CA ASP F 80 9.05 -33.31 26.43
C ASP F 80 8.88 -31.96 25.75
N ARG F 81 8.66 -30.94 26.56
CA ARG F 81 8.79 -29.55 26.11
CA ARG F 81 8.76 -29.57 26.08
C ARG F 81 10.16 -29.28 25.56
N VAL F 82 10.24 -28.32 24.66
CA VAL F 82 11.51 -27.79 24.20
C VAL F 82 11.93 -26.68 25.16
N ARG F 83 13.13 -26.76 25.73
CA ARG F 83 13.64 -25.74 26.64
C ARG F 83 15.06 -25.39 26.24
N TYR F 84 15.67 -24.45 26.95
CA TYR F 84 16.92 -23.81 26.49
C TYR F 84 17.99 -23.72 27.58
N ILE F 85 19.22 -23.54 27.14
CA ILE F 85 20.28 -23.00 27.99
C ILE F 85 21.03 -21.98 27.15
N GLN F 86 21.39 -20.87 27.77
CA GLN F 86 21.98 -19.74 27.07
C GLN F 86 23.20 -19.23 27.83
N PHE F 87 24.27 -18.98 27.08
CA PHE F 87 25.55 -18.50 27.62
C PHE F 87 25.99 -17.19 26.99
N THR F 88 26.61 -16.36 27.81
CA THR F 88 27.30 -15.15 27.41
C THR F 88 28.79 -15.37 27.64
N ASP F 89 29.64 -14.96 26.69
CA ASP F 89 31.08 -15.21 26.75
C ASP F 89 31.82 -13.89 26.65
N SER F 90 32.67 -13.60 27.62
CA SER F 90 33.45 -12.38 27.59
C SER F 90 34.43 -12.35 26.41
N MET F 91 34.54 -11.17 25.80
CA MET F 91 35.55 -10.93 24.79
C MET F 91 36.95 -10.88 25.39
N TYR F 92 37.05 -10.85 26.71
CA TYR F 92 38.37 -10.96 27.37
C TYR F 92 38.66 -12.46 27.59
N PHE F 93 38.80 -13.14 26.47
CA PHE F 93 39.43 -14.47 26.42
C PHE F 93 38.63 -15.59 27.07
N ALA F 94 37.29 -15.52 27.06
CA ALA F 94 36.52 -16.70 27.44
C ALA F 94 36.90 -17.86 26.50
N PRO F 95 36.80 -19.10 26.99
CA PRO F 95 37.24 -20.22 26.17
C PRO F 95 36.33 -20.44 24.95
N ALA F 96 35.01 -20.41 25.14
CA ALA F 96 34.07 -20.50 24.05
C ALA F 96 33.56 -19.12 23.70
N GLN F 97 33.01 -19.00 22.50
CA GLN F 97 32.52 -17.74 21.97
C GLN F 97 31.29 -18.08 21.12
N PRO F 98 30.52 -17.06 20.71
CA PRO F 98 29.18 -17.36 20.17
C PRO F 98 29.15 -18.26 18.90
N TYR F 99 29.85 -17.94 17.81
CA TYR F 99 29.75 -18.82 16.64
C TYR F 99 30.47 -20.13 16.87
N VAL F 100 31.53 -20.12 17.69
CA VAL F 100 32.20 -21.36 18.10
C VAL F 100 31.16 -22.34 18.68
N ARG F 101 30.30 -21.83 19.56
CA ARG F 101 29.29 -22.66 20.17
C ARG F 101 28.29 -23.19 19.15
N SER F 102 27.70 -22.32 18.34
CA SER F 102 26.66 -22.83 17.45
C SER F 102 27.22 -23.83 16.45
N ARG F 103 28.39 -23.55 15.92
CA ARG F 103 29.07 -24.46 15.00
C ARG F 103 29.31 -25.80 15.71
N ALA F 104 29.88 -25.74 16.90
CA ALA F 104 30.21 -26.96 17.63
C ALA F 104 28.93 -27.73 17.99
N TYR F 105 27.89 -27.02 18.39
CA TYR F 105 26.68 -27.71 18.86
C TYR F 105 26.05 -28.55 17.75
N LEU F 106 26.06 -28.04 16.51
CA LEU F 106 25.41 -28.77 15.42
C LEU F 106 26.34 -29.84 14.84
N CYS F 107 27.61 -29.89 15.28
CA CYS F 107 28.45 -31.05 15.03
C CYS F 107 28.29 -32.12 16.12
N ARG F 108 28.19 -31.69 17.38
CA ARG F 108 28.18 -32.63 18.50
C ARG F 108 26.83 -33.15 18.95
N TYR F 109 25.77 -32.36 18.79
CA TYR F 109 24.50 -32.67 19.41
C TYR F 109 23.39 -32.88 18.40
N ARG F 110 22.55 -33.88 18.68
CA ARG F 110 21.39 -34.18 17.86
C ARG F 110 20.21 -33.29 18.16
N GLY F 111 19.37 -33.05 17.16
CA GLY F 111 18.08 -32.41 17.44
C GLY F 111 18.17 -31.03 18.06
N ALA F 112 19.11 -30.22 17.57
CA ALA F 112 19.52 -28.96 18.21
C ALA F 112 19.09 -27.71 17.44
N ASP F 113 18.50 -26.77 18.15
CA ASP F 113 18.17 -25.43 17.62
C ASP F 113 19.14 -24.44 18.25
N ALA F 114 20.22 -24.09 17.55
CA ALA F 114 21.25 -23.19 18.08
C ALA F 114 21.10 -21.80 17.47
N GLY F 115 21.26 -20.77 18.30
CA GLY F 115 21.24 -19.40 17.83
C GLY F 115 22.41 -18.61 18.35
N THR F 116 22.98 -17.79 17.47
CA THR F 116 24.13 -16.95 17.82
C THR F 116 23.76 -15.48 17.78
N LEU F 117 24.20 -14.78 18.81
CA LEU F 117 24.11 -13.32 18.91
C LEU F 117 25.41 -12.83 19.50
N SER F 118 25.65 -11.52 19.48
CA SER F 118 26.94 -11.06 19.99
C SER F 118 27.04 -11.26 21.51
N GLY F 119 25.94 -11.07 22.20
CA GLY F 119 25.94 -11.07 23.64
C GLY F 119 25.38 -12.30 24.33
N ARG F 120 24.99 -13.30 23.54
CA ARG F 120 24.26 -14.48 24.04
C ARG F 120 24.29 -15.53 22.95
N GLN F 121 24.30 -16.80 23.35
CA GLN F 121 24.23 -17.92 22.43
C GLN F 121 23.37 -18.96 23.10
N ILE F 122 22.46 -19.56 22.34
CA ILE F 122 21.39 -20.39 22.90
C ILE F 122 21.29 -21.72 22.17
N ILE F 123 20.95 -22.76 22.93
CA ILE F 123 20.45 -24.02 22.35
C ILE F 123 19.10 -24.35 22.95
N GLU F 124 18.18 -24.74 22.07
CA GLU F 124 16.85 -25.23 22.46
C GLU F 124 16.72 -26.68 21.97
N THR F 125 16.34 -27.57 22.88
CA THR F 125 16.05 -28.95 22.49
C THR F 125 15.14 -29.57 23.55
N ARG F 126 14.75 -30.82 23.34
CA ARG F 126 13.84 -31.49 24.26
C ARG F 126 14.43 -31.55 25.67
N GLU F 127 13.59 -31.33 26.67
CA GLU F 127 14.05 -31.04 28.01
C GLU F 127 15.03 -32.09 28.59
N ARG F 128 14.72 -33.38 28.53
CA ARG F 128 15.63 -34.32 29.21
C ARG F 128 16.98 -34.36 28.48
N ASP F 129 16.95 -34.16 27.17
CA ASP F 129 18.19 -34.16 26.40
C ASP F 129 19.00 -32.91 26.69
N LEU F 130 18.30 -31.80 26.85
CA LEU F 130 18.91 -30.54 27.23
C LEU F 130 19.69 -30.71 28.54
N GLU F 131 19.12 -31.43 29.50
CA GLU F 131 19.76 -31.60 30.78
C GLU F 131 21.08 -32.32 30.62
N LYS F 132 21.11 -33.34 29.78
CA LYS F 132 22.37 -34.07 29.54
C LYS F 132 23.41 -33.20 28.84
N ILE F 133 23.00 -32.47 27.79
CA ILE F 133 23.92 -31.57 27.11
C ILE F 133 24.41 -30.48 28.04
N SER F 134 23.50 -29.93 28.85
CA SER F 134 23.86 -28.83 29.73
C SER F 134 24.93 -29.21 30.74
N LYS F 135 24.89 -30.45 31.21
CA LYS F 135 25.95 -30.90 32.12
C LYS F 135 27.32 -30.77 31.47
N GLU F 136 27.41 -31.20 30.23
CA GLU F 136 28.66 -31.12 29.50
C GLU F 136 29.05 -29.65 29.26
N LEU F 137 28.07 -28.82 28.88
CA LEU F 137 28.35 -27.39 28.64
C LEU F 137 28.83 -26.69 29.91
N LEU F 138 28.38 -27.15 31.07
CA LEU F 138 28.74 -26.50 32.33
C LEU F 138 30.00 -27.07 32.96
N GLU F 139 30.25 -28.36 32.78
CA GLU F 139 31.38 -29.02 33.46
C GLU F 139 32.70 -28.88 32.72
N THR F 140 32.64 -28.65 31.41
CA THR F 140 33.83 -28.69 30.57
C THR F 140 34.34 -27.29 30.24
N GLU F 141 35.41 -27.28 29.44
CA GLU F 141 36.05 -26.07 28.99
C GLU F 141 35.21 -25.20 28.07
N PHE F 142 33.99 -25.60 27.73
CA PHE F 142 33.04 -24.63 27.16
C PHE F 142 32.83 -23.47 28.12
N PHE F 143 32.99 -23.73 29.42
CA PHE F 143 32.58 -22.79 30.46
C PHE F 143 33.73 -22.40 31.37
N ASP F 144 33.85 -21.11 31.65
CA ASP F 144 34.65 -20.56 32.74
C ASP F 144 33.74 -19.77 33.62
N PRO F 145 33.78 -19.93 34.94
CA PRO F 145 32.74 -19.28 35.74
C PRO F 145 32.96 -17.77 35.97
N ALA F 146 34.12 -17.24 35.59
CA ALA F 146 34.34 -15.78 35.64
C ALA F 146 34.05 -15.12 34.29
N ARG F 147 34.51 -15.75 33.21
CA ARG F 147 34.46 -15.11 31.90
C ARG F 147 33.29 -15.60 31.04
N SER F 148 32.46 -16.50 31.58
CA SER F 148 31.26 -17.00 30.93
CA SER F 148 31.25 -16.96 30.91
C SER F 148 30.12 -16.90 31.93
N GLY F 149 28.90 -16.79 31.42
CA GLY F 149 27.72 -16.68 32.27
C GLY F 149 26.54 -17.42 31.70
N VAL F 150 25.76 -18.09 32.55
CA VAL F 150 24.51 -18.74 32.13
C VAL F 150 23.39 -17.72 32.30
N ARG F 151 22.79 -17.28 31.21
CA ARG F 151 21.88 -16.13 31.26
C ARG F 151 20.73 -16.25 30.27
N GLY F 152 19.51 -16.34 30.76
CA GLY F 152 18.34 -16.41 29.88
C GLY F 152 17.71 -15.06 29.57
N LYS F 153 18.21 -14.01 30.23
CA LYS F 153 17.79 -12.64 29.98
CA LYS F 153 17.76 -12.63 30.04
C LYS F 153 18.81 -11.69 30.60
N SER F 154 18.74 -10.43 30.18
CA SER F 154 19.57 -9.37 30.74
C SER F 154 21.03 -9.76 30.61
N VAL F 155 21.46 -9.93 29.37
CA VAL F 155 22.71 -10.62 29.02
C VAL F 155 23.94 -9.75 28.92
N HIS F 156 23.75 -8.42 28.94
CA HIS F 156 24.82 -7.42 28.83
C HIS F 156 26.08 -7.88 29.58
N GLY F 157 27.21 -7.74 28.92
CA GLY F 157 28.48 -8.02 29.58
C GLY F 157 29.57 -8.55 28.69
N HIS F 158 29.24 -9.11 27.54
CA HIS F 158 30.29 -9.73 26.72
C HIS F 158 31.40 -8.74 26.36
N SER F 159 30.99 -7.48 26.17
CA SER F 159 31.84 -6.42 25.70
C SER F 159 32.28 -5.46 26.79
N LEU F 160 31.93 -5.75 28.05
CA LEU F 160 32.27 -4.85 29.14
C LEU F 160 33.61 -5.18 29.76
N ARG F 161 34.20 -4.18 30.39
CA ARG F 161 35.37 -4.39 31.22
C ARG F 161 35.06 -5.36 32.35
N LEU F 162 36.05 -6.14 32.74
CA LEU F 162 35.91 -7.06 33.86
C LEU F 162 35.90 -6.28 35.16
N ASP F 163 35.34 -6.85 36.22
CA ASP F 163 35.43 -6.19 37.50
C ASP F 163 36.75 -6.55 38.19
N GLU F 164 36.96 -6.07 39.40
CA GLU F 164 38.28 -6.22 40.01
C GLU F 164 38.61 -7.66 40.37
N ASP F 165 37.60 -8.52 40.44
CA ASP F 165 37.82 -9.94 40.67
C ASP F 165 38.04 -10.72 39.39
N GLY F 166 37.99 -10.05 38.23
CA GLY F 166 38.09 -10.80 36.99
C GLY F 166 36.76 -11.34 36.48
N MET F 167 35.65 -10.94 37.11
CA MET F 167 34.34 -11.43 36.73
C MET F 167 33.69 -10.52 35.69
N MET F 168 33.03 -11.15 34.73
CA MET F 168 32.18 -10.40 33.80
C MET F 168 31.03 -9.74 34.52
N PHE F 169 30.65 -8.56 34.02
CA PHE F 169 29.45 -7.88 34.44
C PHE F 169 28.22 -8.75 34.30
N ASP F 170 27.36 -8.66 35.29
CA ASP F 170 26.01 -9.24 35.20
C ASP F 170 25.03 -8.32 35.89
N MET F 171 24.12 -7.73 35.12
CA MET F 171 23.09 -6.87 35.67
C MET F 171 22.35 -7.53 36.84
N LEU F 172 22.20 -8.85 36.77
CA LEU F 172 21.42 -9.60 37.75
C LEU F 172 22.31 -10.39 38.73
N ARG F 173 23.64 -10.28 38.59
CA ARG F 173 24.59 -10.90 39.52
C ARG F 173 24.26 -12.37 39.86
N ARG F 174 24.20 -13.20 38.83
CA ARG F 174 23.89 -14.61 39.02
C ARG F 174 25.06 -15.45 39.50
N GLN F 175 26.27 -15.00 39.24
CA GLN F 175 27.49 -15.71 39.59
C GLN F 175 28.35 -14.82 40.48
N ILE F 176 28.64 -15.31 41.67
CA ILE F 176 29.33 -14.49 42.65
C ILE F 176 30.71 -15.08 42.99
N TYR F 177 31.74 -14.27 42.82
CA TYR F 177 33.09 -14.69 43.19
C TYR F 177 33.27 -14.60 44.67
N ASN F 178 33.75 -15.70 45.25
CA ASN F 178 34.10 -15.81 46.67
C ASN F 178 35.58 -15.65 46.87
N LYS F 179 35.99 -14.53 47.42
CA LYS F 179 37.39 -14.28 47.73
C LYS F 179 37.98 -15.30 48.71
N ASP F 180 37.17 -15.83 49.62
CA ASP F 180 37.66 -16.72 50.66
C ASP F 180 38.02 -18.08 50.08
N THR F 181 37.32 -18.49 49.03
CA THR F 181 37.59 -19.79 48.42
C THR F 181 38.30 -19.63 47.10
N GLY F 182 38.14 -18.45 46.47
CA GLY F 182 38.67 -18.24 45.14
C GLY F 182 37.77 -18.94 44.13
N ARG F 183 36.58 -19.29 44.58
CA ARG F 183 35.62 -20.04 43.79
CA ARG F 183 35.64 -20.05 43.75
C ARG F 183 34.42 -19.17 43.47
N VAL F 184 33.74 -19.54 42.40
CA VAL F 184 32.53 -18.84 41.99
C VAL F 184 31.34 -19.71 42.38
N GLU F 185 30.30 -19.07 42.92
CA GLU F 185 29.04 -19.74 43.18
C GLU F 185 27.94 -19.17 42.30
N MET F 186 27.12 -20.07 41.76
CA MET F 186 25.89 -19.66 41.10
C MET F 186 24.82 -19.51 42.16
N VAL F 187 24.32 -18.30 42.35
CA VAL F 187 23.40 -17.98 43.42
C VAL F 187 21.98 -17.79 42.93
N LYS F 188 21.84 -17.73 41.61
CA LYS F 188 20.54 -17.60 40.94
C LYS F 188 20.53 -18.54 39.75
N ASN F 189 19.34 -18.93 39.27
CA ASN F 189 19.28 -19.72 38.04
C ASN F 189 19.45 -18.79 36.84
N GLN F 190 19.42 -19.37 35.64
CA GLN F 190 19.80 -18.60 34.47
C GLN F 190 18.81 -17.44 34.17
N ILE F 191 17.56 -17.50 34.67
CA ILE F 191 16.62 -16.40 34.44
C ILE F 191 16.71 -15.38 35.58
N GLY F 192 17.50 -15.66 36.61
CA GLY F 192 17.72 -14.70 37.67
C GLY F 192 16.97 -14.91 38.97
N ASP F 193 16.33 -16.07 39.13
CA ASP F 193 15.63 -16.30 40.38
C ASP F 193 16.57 -16.94 41.37
N GLU F 194 16.46 -16.53 42.62
CA GLU F 194 17.43 -17.02 43.60
C GLU F 194 17.30 -18.51 43.88
N LEU F 195 18.45 -19.15 44.00
CA LEU F 195 18.52 -20.55 44.41
C LEU F 195 18.49 -20.68 45.92
N ASP F 196 17.83 -21.72 46.42
CA ASP F 196 17.79 -21.95 47.87
C ASP F 196 19.19 -22.20 48.38
N GLU F 197 19.96 -22.94 47.60
CA GLU F 197 21.35 -23.24 47.92
C GLU F 197 22.23 -22.99 46.71
N PRO F 198 23.30 -22.22 46.88
CA PRO F 198 24.11 -21.94 45.69
C PRO F 198 24.82 -23.17 45.15
N VAL F 199 25.28 -23.08 43.91
CA VAL F 199 26.00 -24.14 43.24
C VAL F 199 27.46 -23.75 43.05
N ASP F 200 28.37 -24.56 43.56
CA ASP F 200 29.79 -24.38 43.31
C ASP F 200 30.15 -24.55 41.85
N LEU F 201 30.78 -23.53 41.26
CA LEU F 201 31.20 -23.62 39.87
C LEU F 201 32.74 -23.71 39.74
N GLY F 202 33.45 -23.83 40.86
CA GLY F 202 34.89 -23.96 40.82
C GLY F 202 35.63 -22.64 40.72
N GLU F 203 36.93 -22.75 40.56
CA GLU F 203 37.79 -21.60 40.39
C GLU F 203 37.80 -21.05 38.97
N PRO F 204 37.87 -19.72 38.83
CA PRO F 204 38.16 -19.18 37.51
C PRO F 204 39.47 -19.71 36.95
N LEU F 205 39.56 -19.92 35.65
CA LEU F 205 40.82 -20.24 34.99
C LEU F 205 41.78 -19.07 35.13
N ASP F 206 43.07 -19.37 35.32
CA ASP F 206 44.05 -18.31 35.43
C ASP F 206 44.36 -17.78 34.03
N GLU F 207 45.10 -16.68 33.96
CA GLU F 207 45.34 -16.02 32.69
C GLU F 207 46.03 -16.94 31.68
N GLU F 208 47.03 -17.67 32.13
CA GLU F 208 47.78 -18.56 31.28
C GLU F 208 46.85 -19.59 30.64
N THR F 209 45.95 -20.16 31.43
CA THR F 209 45.10 -21.21 30.94
C THR F 209 44.02 -20.62 30.02
N LEU F 210 43.52 -19.43 30.33
CA LEU F 210 42.55 -18.77 29.45
C LEU F 210 43.18 -18.59 28.08
N MET F 211 44.45 -18.20 28.05
CA MET F 211 45.10 -17.97 26.78
C MET F 211 45.30 -19.26 26.00
N GLU F 212 45.56 -20.36 26.71
CA GLU F 212 45.68 -21.66 26.08
C GLU F 212 44.40 -22.07 25.39
N LYS F 213 43.27 -21.71 26.01
CA LYS F 213 41.99 -22.31 25.67
C LYS F 213 41.11 -21.42 24.81
N THR F 214 41.45 -20.14 24.64
CA THR F 214 40.46 -19.22 24.06
C THR F 214 40.30 -19.42 22.57
N THR F 215 39.10 -19.05 22.12
CA THR F 215 38.75 -19.11 20.70
C THR F 215 38.50 -17.72 20.10
N ILE F 216 38.78 -16.65 20.85
CA ILE F 216 38.69 -15.29 20.27
C ILE F 216 40.09 -14.84 19.84
N TYR F 217 40.17 -14.26 18.66
CA TYR F 217 41.38 -13.59 18.20
C TYR F 217 41.41 -12.15 18.69
N ARG F 218 42.51 -11.70 19.28
CA ARG F 218 42.70 -10.30 19.69
C ARG F 218 44.16 -9.93 19.54
N VAL F 219 44.42 -8.64 19.38
CA VAL F 219 45.78 -8.14 19.20
C VAL F 219 46.65 -8.49 20.41
N ASP F 220 46.04 -8.57 21.59
CA ASP F 220 46.77 -8.88 22.82
C ASP F 220 46.74 -10.39 23.15
N GLY F 221 46.29 -11.18 22.18
CA GLY F 221 46.39 -12.63 22.20
C GLY F 221 47.03 -13.06 20.90
N GLU F 222 46.33 -13.85 20.11
CA GLU F 222 46.69 -14.12 18.73
C GLU F 222 45.74 -13.32 17.85
N ALA F 223 46.28 -12.44 17.01
CA ALA F 223 45.46 -11.62 16.12
C ALA F 223 45.02 -12.40 14.88
N TYR F 224 43.76 -12.19 14.47
CA TYR F 224 43.23 -12.87 13.30
C TYR F 224 44.07 -12.55 12.06
N ARG F 225 44.48 -11.29 11.93
CA ARG F 225 45.23 -10.88 10.75
C ARG F 225 46.56 -11.62 10.62
N ASP F 226 47.06 -12.17 11.73
CA ASP F 226 48.28 -12.95 11.71
C ASP F 226 48.02 -14.43 11.43
N ASP F 227 46.78 -14.88 11.43
CA ASP F 227 46.46 -16.25 11.06
C ASP F 227 46.15 -16.21 9.56
N VAL F 228 47.20 -16.08 8.77
CA VAL F 228 47.00 -15.68 7.38
C VAL F 228 46.23 -16.74 6.60
N GLU F 229 46.38 -18.01 6.98
CA GLU F 229 45.62 -19.04 6.27
C GLU F 229 44.10 -18.97 6.56
N ALA F 230 43.74 -18.62 7.79
CA ALA F 230 42.34 -18.45 8.12
C ALA F 230 41.74 -17.24 7.35
N VAL F 231 42.48 -16.14 7.26
CA VAL F 231 42.04 -14.97 6.53
C VAL F 231 41.90 -15.31 5.05
N GLU F 232 42.84 -16.06 4.51
CA GLU F 232 42.81 -16.46 3.13
C GLU F 232 41.51 -17.20 2.76
N ILE F 233 41.09 -18.12 3.61
CA ILE F 233 39.86 -18.86 3.34
C ILE F 233 38.62 -17.94 3.41
N MET F 234 38.57 -17.04 4.39
CA MET F 234 37.44 -16.10 4.43
C MET F 234 37.40 -15.26 3.16
N GLN F 235 38.54 -14.74 2.73
CA GLN F 235 38.56 -13.94 1.53
C GLN F 235 38.16 -14.76 0.30
N ARG F 236 38.58 -16.02 0.25
CA ARG F 236 38.19 -16.91 -0.83
C ARG F 236 36.69 -17.08 -0.92
N ILE F 237 36.05 -17.34 0.22
CA ILE F 237 34.60 -17.48 0.28
CA ILE F 237 34.60 -17.51 0.25
C ILE F 237 33.92 -16.22 -0.27
N HIS F 238 34.40 -15.06 0.15
CA HIS F 238 33.84 -13.79 -0.33
C HIS F 238 33.91 -13.72 -1.86
N VAL F 239 35.07 -14.02 -2.41
CA VAL F 239 35.26 -13.92 -3.85
C VAL F 239 34.42 -14.94 -4.61
N LEU F 240 34.39 -16.17 -4.14
CA LEU F 240 33.63 -17.20 -4.84
C LEU F 240 32.13 -16.91 -4.77
N ARG F 241 31.64 -16.45 -3.62
CA ARG F 241 30.23 -16.04 -3.54
C ARG F 241 29.92 -14.91 -4.51
N SER F 242 30.82 -13.93 -4.57
CA SER F 242 30.63 -12.77 -5.43
C SER F 242 30.51 -13.16 -6.91
N GLN F 243 31.43 -14.01 -7.34
CA GLN F 243 31.45 -14.45 -8.73
CA GLN F 243 31.44 -14.42 -8.75
C GLN F 243 30.24 -15.30 -9.05
N GLY F 244 29.90 -16.19 -8.13
CA GLY F 244 28.78 -17.08 -8.30
C GLY F 244 27.46 -16.35 -8.48
N GLY F 245 27.22 -15.30 -7.72
CA GLY F 245 25.98 -14.56 -7.82
C GLY F 245 25.84 -13.81 -9.13
N PHE F 246 26.97 -13.50 -9.75
CA PHE F 246 26.99 -12.81 -11.02
C PHE F 246 26.75 -13.76 -12.18
N ASN F 247 27.57 -14.80 -12.33
CA ASN F 247 27.43 -15.60 -13.53
C ASN F 247 27.84 -17.03 -13.36
N LEU F 248 27.88 -17.49 -12.13
CA LEU F 248 27.93 -18.91 -11.86
C LEU F 248 29.30 -19.47 -12.24
N GLU F 249 30.23 -18.56 -12.52
CA GLU F 249 31.62 -18.94 -12.73
C GLU F 249 32.31 -18.78 -11.38
MG MG G . 1.15 1.37 42.18
MG MG H . -13.59 13.60 29.61
NI F43 I . 17.62 -5.85 21.71
NA F43 I . 15.72 -5.01 21.88
CHA F43 I . 16.39 -2.93 20.83
C1A F43 I . 15.44 -3.78 21.61
C2A F43 I . 14.19 -3.25 22.27
C3A F43 I . 13.94 -4.36 23.31
C4A F43 I . 14.51 -5.57 22.55
C5A F43 I . 13.05 -3.10 21.23
C6A F43 I . 11.76 -2.57 21.84
O7A F43 I . 11.62 -1.37 22.06
N8A F43 I . 10.81 -3.45 22.09
C9A F43 I . 14.51 -1.88 22.91
CAA F43 I . 14.52 -4.17 24.71
CBA F43 I . 13.78 -3.15 25.57
CCA F43 I . 13.62 -3.61 26.99
ODA F43 I . 12.46 -3.62 27.46
OEA F43 I . 14.62 -3.95 27.65
NB F43 I . 16.80 -7.70 22.24
CHB F43 I . 14.81 -6.82 23.37
C1B F43 I . 15.36 -7.96 22.50
C2B F43 I . 15.31 -9.38 23.14
C3B F43 I . 16.77 -9.60 23.60
C4B F43 I . 17.52 -8.67 22.69
N5B F43 I . 14.56 -8.10 21.29
C6B F43 I . 14.27 -9.36 21.00
O7B F43 I . 13.57 -9.77 20.09
C8B F43 I . 14.95 -10.30 21.99
C9B F43 I . 14.25 -9.54 24.25
CAB F43 I . 17.03 -9.28 25.09
CBB F43 I . 18.50 -9.39 25.51
CCB F43 I . 18.64 -9.54 27.00
ODB F43 I . 19.48 -8.82 27.62
OEB F43 I . 17.94 -10.41 27.56
NC F43 I . 19.54 -6.56 21.76
CHC F43 I . 18.96 -8.81 22.51
C1C F43 I . 19.83 -7.86 22.11
C2C F43 I . 21.29 -8.17 21.98
C3C F43 I . 21.91 -6.80 21.94
C4C F43 I . 20.73 -5.90 21.59
C5C F43 I . 21.60 -8.98 20.72
C6C F43 I . 23.07 -9.34 20.68
O7C F43 I . 23.79 -8.94 19.71
O8C F43 I . 23.49 -10.06 21.60
C8C F43 I . 22.52 -6.34 23.28
C9C F43 I . 23.81 -7.08 23.59
CAC F43 I . 24.50 -6.61 24.86
OBC F43 I . 25.59 -7.15 25.17
OCC F43 I . 23.98 -5.75 25.60
ND F43 I . 18.47 -3.98 21.54
CHD F43 I . 20.83 -4.55 21.31
C5D F43 I . 21.12 -1.66 20.67
C6D F43 I . 22.36 -2.47 21.00
C7D F43 I . 22.14 -3.97 20.93
O8D F43 I . 23.13 -4.63 20.60
C9D F43 I . 18.22 -0.30 21.83
CAD F43 I . 18.83 0.92 21.16
OBD F43 I . 19.19 0.84 19.96
OCD F43 I . 19.03 1.94 21.88
C1D F43 I . 19.77 -3.67 21.41
C2D F43 I . 19.96 -2.16 21.49
C3D F43 I . 18.57 -1.64 21.19
C4D F43 I . 17.65 -2.76 21.66
N TP7 J . -8.01 11.07 -6.19
P TP7 J . -5.58 10.13 -9.95
O1P TP7 J . -4.96 8.81 -9.60
O2P TP7 J . -4.58 11.29 -9.97
O3P TP7 J . -6.46 10.07 -11.20
O4P TP7 J . -6.52 10.56 -8.72
CB TP7 J . -7.46 9.64 -8.17
C TP7 J . -6.07 9.63 -6.11
O TP7 J . -5.38 10.67 -5.88
OXT TP7 J . -5.65 8.45 -5.91
CA TP7 J . -7.49 9.80 -6.65
CG TP7 J . -8.84 9.88 -8.79
O1 TP7 J . -10.05 10.28 -5.67
C1 TP7 J . -9.24 11.19 -5.67
C2 TP7 J . -9.53 12.54 -5.06
C3 TP7 J . -10.62 12.48 -4.00
C4 TP7 J . -10.68 13.74 -3.17
C5 TP7 J . -10.94 15.01 -3.96
C6 TP7 J . -12.30 15.10 -4.71
C7 TP7 J . -13.43 15.01 -3.71
S7 TP7 J . -15.09 15.15 -4.45
MG MG K . 14.88 34.59 0.73
MG MG L . -31.04 38.15 12.75
NA NA M . -8.76 36.87 -2.53
MG MG N . 3.21 5.97 -13.04
MG MG O . -5.64 1.57 42.52
NA NA P . 8.34 -6.35 37.55
K K Q . 1.47 11.26 10.43
CL CL R . -4.21 37.98 -8.32
MG MG S . -27.32 -2.56 -44.32
MG MG T . -34.32 9.57 -36.53
CL CL U . -30.63 -12.72 -19.55
MG MG V . -28.34 39.23 -35.23
MG MG W . -49.62 18.70 -0.11
MG MG X . 19.06 28.19 9.23
NI F43 Y . -15.32 23.65 -5.21
NA F43 Y . -13.27 23.60 -4.63
CHA F43 Y . -13.79 22.79 -2.43
C1A F43 Y . -12.87 23.38 -3.45
C2A F43 Y . -11.47 23.89 -3.13
C3A F43 Y . -11.25 24.80 -4.38
C4A F43 Y . -12.10 24.05 -5.43
C5A F43 Y . -10.50 22.71 -3.07
C6A F43 Y . -9.07 23.12 -2.79
O7A F43 Y . -8.72 23.41 -1.64
N8A F43 Y . -8.26 23.24 -3.79
C9A F43 Y . -11.51 24.64 -1.79
CAA F43 Y . -11.66 26.30 -4.20
CBA F43 Y . -10.65 27.11 -3.37
CCA F43 Y . -10.37 28.46 -3.98
ODA F43 Y . -9.17 28.74 -4.19
OEA F43 Y . -11.32 29.24 -4.22
NB F43 Y . -14.71 23.94 -7.17
CHB F43 Y . -12.48 24.83 -6.68
C1B F43 Y . -13.31 23.99 -7.66
C2B F43 Y . -13.39 24.53 -9.12
C3B F43 Y . -14.78 25.15 -9.20
C4B F43 Y . -15.48 24.44 -8.08
N5B F43 Y . -12.70 22.67 -7.84
C6B F43 Y . -12.61 22.27 -9.10
O7B F43 Y . -12.06 21.25 -9.51
C8B F43 Y . -13.29 23.27 -10.01
C9B F43 Y . -12.22 25.43 -9.53
CAB F43 Y . -14.83 26.68 -8.94
CBB F43 Y . -16.24 27.30 -8.93
CCB F43 Y . -16.20 28.79 -9.12
ODB F43 Y . -16.84 29.53 -8.33
OEB F43 Y . -15.56 29.22 -10.10
NC F43 Y . -17.31 23.90 -5.69
CHC F43 Y . -16.95 24.40 -8.01
C1C F43 Y . -17.73 24.19 -6.94
C2C F43 Y . -19.23 24.29 -7.03
C3C F43 Y . -19.62 24.39 -5.56
C4C F43 Y . -18.36 23.94 -4.81
C5C F43 Y . -19.80 23.01 -7.70
C6C F43 Y . -21.30 23.16 -7.85
O7C F43 Y . -22.06 22.34 -7.25
O8C F43 Y . -21.70 24.10 -8.56
C8C F43 Y . -20.01 25.83 -5.10
C9C F43 Y . -21.35 26.29 -5.73
CAC F43 Y . -21.81 27.66 -5.29
OBC F43 Y . -22.92 28.09 -5.61
OCC F43 Y . -21.04 28.36 -4.60
ND F43 Y . -15.92 23.70 -3.27
CHD F43 Y . -18.32 23.75 -3.45
C5D F43 Y . -18.25 23.33 -0.50
C6D F43 Y . -19.56 23.76 -1.16
C7D F43 Y . -19.57 23.61 -2.67
O8D F43 Y . -20.68 23.37 -3.17
C9D F43 Y . -15.07 24.16 0.33
CAD F43 Y . -15.64 23.69 1.67
OBD F43 Y . -16.12 22.53 1.74
OCD F43 Y . -15.59 24.47 2.65
C1D F43 Y . -17.13 23.77 -2.74
C2D F43 Y . -17.08 23.97 -1.24
C3D F43 Y . -15.67 23.50 -0.89
C4D F43 Y . -14.91 23.77 -2.19
N TP7 Z . 8.57 -6.55 10.32
P TP7 Z . 5.56 -9.94 9.98
O1P TP7 Z . 6.25 -11.29 9.94
O2P TP7 Z . 4.73 -9.77 11.22
O3P TP7 Z . 4.80 -9.61 8.72
O4P TP7 Z . 6.71 -8.83 10.21
CB TP7 Z . 7.61 -8.48 9.12
C TP7 Z . 6.50 -6.26 9.13
O TP7 Z . 5.93 -6.06 8.02
OXT TP7 Z . 6.00 -5.88 10.23
CA TP7 Z . 7.82 -6.99 9.17
CG TP7 Z . 8.90 -9.29 9.23
O1 TP7 Z . 10.56 -6.35 9.24
C1 TP7 Z . 9.85 -6.18 10.25
C2 TP7 Z . 10.40 -5.51 11.48
C3 TP7 Z . 11.63 -4.64 11.19
C4 TP7 Z . 11.98 -3.74 12.36
C5 TP7 Z . 12.31 -4.47 13.67
C6 TP7 Z . 13.52 -5.39 13.60
C7 TP7 Z . 14.79 -4.59 13.31
S7 TP7 Z . 16.32 -5.57 13.30
MG MG AA . 37.56 10.36 32.71
NA NA BA . 13.42 -1.43 35.43
MG MG CA . 46.07 11.87 11.65
MG MG DA . 48.11 -33.80 3.90
MG MG EA . -37.01 -14.27 -5.14
MG MG FA . -4.04 -12.07 7.31
CL CL GA . 25.72 -24.46 -15.11
MG MG HA . -15.58 -32.62 -15.12
MG MG IA . 28.60 -36.31 38.00
#